data_2JSD
#
_entry.id   2JSD
#
loop_
_entity.id
_entity.type
_entity.pdbx_description
1 polymer 'Matrix metalloproteinase-20'
2 non-polymer 'CALCIUM ION'
3 non-polymer 'ZINC ION'
4 non-polymer 'N-ISOBUTYL-N-[4-METHOXYPHENYLSULFONYL]GLYCYL HYDROXAMIC ACID'
#
_entity_poly.entity_id   1
_entity_poly.type   'polypeptide(L)'
_entity_poly.pdbx_seq_one_letter_code
;GEPKWKKNTLTYRISKYTPSMSSVEVDKAVEMALQAWSSAVPLSFVRINSGEADIMISFENGDHGDSYPFDGPRGTLAHA
FAPGEGLGGDTHFDNAEKWTMGTNGFNLFTVAAHEFGHALGLAHSTDPSALMYPTYKYKNPYGFHLPKDDVKGIQALYGP
;
_entity_poly.pdbx_strand_id   A
#
loop_
_chem_comp.id
_chem_comp.type
_chem_comp.name
_chem_comp.formula
CA non-polymer 'CALCIUM ION' 'Ca 2'
NGH non-polymer 'N-ISOBUTYL-N-[4-METHOXYPHENYLSULFONYL]GLYCYL HYDROXAMIC ACID' 'C13 H20 N2 O5 S'
ZN non-polymer 'ZINC ION' 'Zn 2'
#
# COMPACT_ATOMS: atom_id res chain seq x y z
N GLY A 1 10.54 21.10 5.69
CA GLY A 1 9.09 20.82 5.53
C GLY A 1 8.78 19.46 6.09
N GLU A 2 7.72 18.79 5.67
CA GLU A 2 7.49 17.37 6.00
C GLU A 2 7.98 16.51 4.83
N PRO A 3 8.42 15.26 5.07
CA PRO A 3 9.00 14.38 4.04
C PRO A 3 7.99 13.82 3.04
N LYS A 4 6.70 14.05 3.28
CA LYS A 4 5.60 13.66 2.38
C LYS A 4 5.60 14.40 1.04
N TRP A 5 4.56 14.23 0.23
CA TRP A 5 4.60 14.66 -1.18
C TRP A 5 4.42 16.15 -1.46
N LYS A 6 5.18 16.66 -2.45
CA LYS A 6 5.07 18.02 -2.98
C LYS A 6 4.10 18.17 -4.18
N LYS A 7 3.59 17.05 -4.70
CA LYS A 7 2.55 17.00 -5.74
C LYS A 7 1.45 15.98 -5.38
N ASN A 8 0.33 16.05 -6.10
CA ASN A 8 -0.86 15.23 -5.84
C ASN A 8 -1.13 14.18 -6.93
N THR A 9 -0.46 14.31 -8.07
CA THR A 9 -0.44 13.35 -9.19
C THR A 9 0.81 12.49 -9.06
N LEU A 10 0.65 11.33 -8.44
CA LEU A 10 1.72 10.35 -8.22
C LEU A 10 1.77 9.32 -9.35
N THR A 11 2.92 8.71 -9.56
CA THR A 11 3.13 7.70 -10.61
C THR A 11 3.25 6.30 -10.02
N TYR A 12 2.74 5.28 -10.73
CA TYR A 12 3.02 3.88 -10.36
C TYR A 12 3.40 2.93 -11.51
N ARG A 13 4.33 2.01 -11.21
CA ARG A 13 4.70 0.89 -12.08
C ARG A 13 4.88 -0.42 -11.28
N ILE A 14 4.25 -1.49 -11.75
CA ILE A 14 4.43 -2.86 -11.26
C ILE A 14 5.68 -3.48 -11.93
N SER A 15 6.42 -4.34 -11.24
CA SER A 15 7.48 -5.16 -11.86
C SER A 15 7.36 -6.67 -11.57
N LYS A 16 6.50 -7.11 -10.64
CA LYS A 16 6.35 -8.52 -10.24
C LYS A 16 4.92 -8.78 -9.71
N TYR A 17 4.53 -10.06 -9.53
CA TYR A 17 3.26 -10.41 -8.87
C TYR A 17 3.33 -11.66 -7.97
N THR A 18 2.24 -11.92 -7.24
CA THR A 18 1.94 -13.18 -6.53
C THR A 18 1.58 -14.25 -7.57
N PRO A 19 1.81 -15.56 -7.33
CA PRO A 19 1.26 -16.61 -8.18
C PRO A 19 -0.26 -16.82 -7.98
N SER A 20 -0.83 -16.59 -6.79
CA SER A 20 -2.22 -16.96 -6.46
C SER A 20 -3.34 -16.21 -7.22
N MET A 21 -3.02 -15.07 -7.84
CA MET A 21 -3.91 -14.15 -8.52
C MET A 21 -3.29 -13.83 -9.89
N SER A 22 -4.08 -13.46 -10.89
CA SER A 22 -3.50 -12.97 -12.16
C SER A 22 -3.22 -11.47 -12.11
N SER A 23 -2.31 -10.98 -12.96
CA SER A 23 -1.86 -9.59 -13.03
C SER A 23 -3.00 -8.59 -13.05
N VAL A 24 -4.09 -8.93 -13.73
CA VAL A 24 -5.27 -8.07 -13.87
C VAL A 24 -6.08 -7.99 -12.57
N GLU A 25 -6.08 -9.09 -11.82
CA GLU A 25 -6.76 -9.29 -10.53
C GLU A 25 -5.99 -8.58 -9.43
N VAL A 26 -4.67 -8.55 -9.52
CA VAL A 26 -3.82 -7.76 -8.62
C VAL A 26 -3.99 -6.26 -8.90
N ASP A 27 -3.98 -5.82 -10.17
CA ASP A 27 -4.28 -4.41 -10.53
C ASP A 27 -5.71 -4.06 -10.04
N LYS A 28 -6.69 -4.93 -10.32
CA LYS A 28 -8.06 -4.79 -9.85
C LYS A 28 -8.19 -4.82 -8.30
N ALA A 29 -7.32 -5.53 -7.58
CA ALA A 29 -7.28 -5.54 -6.12
C ALA A 29 -6.72 -4.23 -5.54
N VAL A 30 -5.70 -3.64 -6.15
CA VAL A 30 -5.18 -2.33 -5.75
C VAL A 30 -6.08 -1.17 -6.16
N GLU A 31 -6.83 -1.23 -7.27
CA GLU A 31 -7.66 -0.11 -7.74
C GLU A 31 -8.59 0.44 -6.67
N MET A 32 -9.16 -0.47 -5.87
CA MET A 32 -10.07 -0.17 -4.77
C MET A 32 -9.37 0.55 -3.61
N ALA A 33 -8.09 0.26 -3.37
CA ALA A 33 -7.24 0.88 -2.36
C ALA A 33 -6.79 2.29 -2.74
N LEU A 34 -6.45 2.52 -4.03
CA LEU A 34 -6.14 3.83 -4.59
C LEU A 34 -7.33 4.78 -4.44
N GLN A 35 -8.52 4.33 -4.82
CA GLN A 35 -9.75 5.13 -4.74
C GLN A 35 -10.04 5.62 -3.32
N ALA A 36 -9.84 4.77 -2.32
CA ALA A 36 -10.09 5.12 -0.92
C ALA A 36 -9.31 6.38 -0.51
N TRP A 37 -8.03 6.49 -0.89
CA TRP A 37 -7.22 7.67 -0.65
C TRP A 37 -7.62 8.86 -1.54
N SER A 38 -7.95 8.61 -2.81
CA SER A 38 -8.52 9.63 -3.71
C SER A 38 -9.94 10.10 -3.32
N SER A 39 -10.55 9.48 -2.31
CA SER A 39 -11.79 9.89 -1.64
C SER A 39 -11.51 10.76 -0.39
N ALA A 40 -10.38 10.54 0.29
CA ALA A 40 -10.00 11.31 1.48
C ALA A 40 -9.32 12.65 1.16
N VAL A 41 -8.73 12.77 -0.04
CA VAL A 41 -8.08 13.99 -0.58
C VAL A 41 -8.09 14.04 -2.11
N PRO A 42 -7.94 15.26 -2.71
CA PRO A 42 -7.71 15.45 -4.13
C PRO A 42 -6.30 15.01 -4.51
N LEU A 43 -6.12 13.71 -4.72
CA LEU A 43 -4.91 13.12 -5.29
C LEU A 43 -5.27 12.07 -6.35
N SER A 44 -4.30 11.64 -7.13
CA SER A 44 -4.45 10.49 -8.02
C SER A 44 -3.13 9.78 -8.28
N PHE A 45 -3.24 8.47 -8.52
CA PHE A 45 -2.15 7.56 -8.85
C PHE A 45 -2.23 7.15 -10.33
N VAL A 46 -1.31 7.68 -11.15
CA VAL A 46 -1.28 7.49 -12.61
C VAL A 46 -0.28 6.41 -12.99
N ARG A 47 -0.80 5.34 -13.58
CA ARG A 47 0.00 4.18 -13.95
C ARG A 47 0.78 4.41 -15.25
N ILE A 48 2.11 4.20 -15.18
CA ILE A 48 3.08 4.54 -16.24
C ILE A 48 3.50 3.30 -17.04
N ASN A 49 4.17 3.54 -18.17
CA ASN A 49 4.81 2.53 -19.00
C ASN A 49 6.33 2.77 -19.22
N SER A 50 6.89 3.92 -18.88
CA SER A 50 8.32 4.24 -19.12
C SER A 50 8.94 5.29 -18.18
N GLY A 51 9.45 4.83 -17.02
CA GLY A 51 10.15 5.63 -16.01
C GLY A 51 9.95 5.16 -14.54
N GLU A 52 11.02 5.00 -13.77
CA GLU A 52 10.95 4.55 -12.38
C GLU A 52 10.07 5.48 -11.58
N ALA A 53 8.91 4.95 -11.22
CA ALA A 53 7.82 5.67 -10.63
C ALA A 53 8.16 6.20 -9.22
N ASP A 54 7.29 7.09 -8.74
CA ASP A 54 7.28 7.53 -7.37
C ASP A 54 7.02 6.28 -6.50
N ILE A 55 6.01 5.50 -6.90
CA ILE A 55 5.60 4.22 -6.29
C ILE A 55 5.86 3.08 -7.27
N MET A 56 6.87 2.26 -7.02
CA MET A 56 7.12 1.02 -7.72
C MET A 56 6.79 -0.16 -6.82
N ILE A 57 6.17 -1.20 -7.40
CA ILE A 57 5.68 -2.34 -6.62
C ILE A 57 6.14 -3.70 -7.14
N SER A 58 6.48 -4.57 -6.20
CA SER A 58 7.17 -5.83 -6.44
C SER A 58 6.97 -6.86 -5.33
N PHE A 59 7.22 -8.11 -5.68
CA PHE A 59 7.18 -9.26 -4.78
C PHE A 59 8.61 -9.76 -4.63
N GLU A 60 9.04 -9.94 -3.38
CA GLU A 60 10.42 -10.18 -3.00
C GLU A 60 10.44 -11.21 -1.85
N ASN A 61 11.57 -11.91 -1.71
CA ASN A 61 11.75 -13.02 -0.76
C ASN A 61 13.02 -12.85 0.09
N GLY A 62 12.80 -12.72 1.41
CA GLY A 62 13.83 -12.48 2.42
C GLY A 62 14.57 -11.19 2.13
N ASP A 63 15.91 -11.22 2.11
CA ASP A 63 16.74 -10.08 1.72
C ASP A 63 16.48 -9.65 0.27
N HIS A 64 16.42 -8.34 0.07
CA HIS A 64 16.04 -7.71 -1.19
C HIS A 64 16.68 -6.33 -1.35
N GLY A 65 17.84 -6.11 -0.69
CA GLY A 65 18.49 -4.80 -0.64
C GLY A 65 17.90 -3.83 0.39
N ASP A 66 17.17 -4.33 1.38
CA ASP A 66 16.73 -3.57 2.55
C ASP A 66 17.33 -4.26 3.80
N SER A 67 17.91 -3.51 4.73
CA SER A 67 18.30 -4.00 6.08
C SER A 67 17.10 -4.58 6.87
N TYR A 68 15.88 -4.45 6.34
CA TYR A 68 14.65 -5.05 6.82
C TYR A 68 14.19 -6.01 5.71
N PRO A 69 14.53 -7.31 5.81
CA PRO A 69 14.12 -8.35 4.84
C PRO A 69 12.66 -8.77 5.08
N PHE A 70 12.19 -9.78 4.33
CA PHE A 70 10.94 -10.47 4.64
C PHE A 70 11.16 -11.64 5.62
N ASP A 71 10.05 -12.10 6.21
CA ASP A 71 10.02 -12.96 7.40
C ASP A 71 9.33 -14.32 7.20
N GLY A 72 8.90 -14.63 5.98
CA GLY A 72 8.44 -15.96 5.62
C GLY A 72 6.91 -16.13 5.74
N PRO A 73 6.41 -17.27 6.26
CA PRO A 73 4.99 -17.67 6.20
C PRO A 73 3.97 -16.95 7.09
N ARG A 74 4.39 -15.98 7.91
CA ARG A 74 3.48 -15.13 8.69
C ARG A 74 4.02 -13.71 8.87
N GLY A 75 3.46 -12.95 9.80
CA GLY A 75 3.94 -11.65 10.28
C GLY A 75 3.70 -10.58 9.22
N THR A 76 4.80 -10.01 8.75
CA THR A 76 4.87 -8.94 7.74
C THR A 76 4.28 -9.39 6.42
N LEU A 77 3.05 -9.01 6.12
CA LEU A 77 2.43 -9.31 4.81
C LEU A 77 2.99 -8.41 3.72
N ALA A 78 3.07 -7.12 4.04
CA ALA A 78 3.49 -6.10 3.12
C ALA A 78 4.25 -5.05 3.90
N HIS A 79 5.42 -4.64 3.39
CA HIS A 79 6.13 -3.48 3.92
C HIS A 79 6.42 -2.49 2.79
N ALA A 80 5.89 -1.29 2.98
CA ALA A 80 6.07 -0.12 2.16
C ALA A 80 7.26 0.71 2.63
N PHE A 81 7.76 1.55 1.74
CA PHE A 81 8.67 2.62 2.10
C PHE A 81 7.86 3.84 2.54
N ALA A 82 8.52 4.72 3.30
CA ALA A 82 8.01 6.07 3.55
C ALA A 82 8.00 6.86 2.23
N PRO A 83 7.33 8.01 2.14
CA PRO A 83 7.46 8.92 1.00
C PRO A 83 8.93 9.29 0.76
N GLY A 84 9.28 9.49 -0.51
CA GLY A 84 10.63 9.90 -0.90
C GLY A 84 10.75 10.11 -2.40
N GLU A 85 11.73 9.43 -3.02
CA GLU A 85 11.96 9.44 -4.47
C GLU A 85 12.37 8.05 -4.94
N GLY A 86 13.57 7.60 -4.52
CA GLY A 86 14.24 6.36 -4.92
C GLY A 86 13.54 5.12 -4.40
N LEU A 87 14.02 4.48 -3.34
CA LEU A 87 13.28 3.42 -2.64
C LEU A 87 11.99 3.98 -2.02
N GLY A 88 12.03 5.25 -1.62
CA GLY A 88 10.87 6.06 -1.24
C GLY A 88 9.66 5.85 -2.13
N GLY A 89 8.50 5.69 -1.49
CA GLY A 89 7.22 5.40 -2.14
C GLY A 89 7.09 3.96 -2.64
N ASP A 90 8.14 3.15 -2.65
CA ASP A 90 8.09 1.82 -3.26
C ASP A 90 7.64 0.76 -2.26
N THR A 91 6.67 -0.05 -2.68
CA THR A 91 5.96 -0.99 -1.80
C THR A 91 6.26 -2.43 -2.18
N HIS A 92 6.67 -3.19 -1.17
CA HIS A 92 7.23 -4.53 -1.28
C HIS A 92 6.34 -5.56 -0.57
N PHE A 93 5.97 -6.63 -1.29
CA PHE A 93 5.07 -7.70 -0.82
C PHE A 93 5.83 -9.02 -0.66
N ASP A 94 5.44 -9.83 0.34
CA ASP A 94 6.12 -11.11 0.62
C ASP A 94 5.74 -12.24 -0.35
N ASN A 95 6.75 -12.80 -1.03
CA ASN A 95 6.62 -13.96 -1.93
C ASN A 95 6.76 -15.35 -1.22
N ALA A 96 7.02 -15.36 0.09
CA ALA A 96 7.18 -16.58 0.90
C ALA A 96 5.88 -17.11 1.55
N GLU A 97 4.74 -16.48 1.28
CA GLU A 97 3.43 -16.80 1.81
C GLU A 97 2.30 -16.68 0.79
N LYS A 98 1.04 -16.56 1.22
CA LYS A 98 -0.11 -16.78 0.33
C LYS A 98 -1.16 -15.70 0.36
N TRP A 99 -1.40 -15.21 -0.85
CA TRP A 99 -2.34 -14.15 -1.22
C TRP A 99 -3.64 -14.71 -1.81
N THR A 100 -4.73 -13.94 -1.73
CA THR A 100 -6.04 -14.23 -2.37
C THR A 100 -6.98 -13.02 -2.27
N MET A 101 -8.26 -13.23 -2.61
CA MET A 101 -9.40 -12.29 -2.49
C MET A 101 -10.33 -12.65 -1.31
N GLY A 102 -9.82 -13.44 -0.36
CA GLY A 102 -10.58 -14.00 0.78
C GLY A 102 -9.75 -14.16 2.05
N THR A 103 -10.41 -14.64 3.12
CA THR A 103 -9.89 -14.67 4.50
C THR A 103 -8.74 -15.65 4.74
N ASN A 104 -8.69 -16.78 4.02
CA ASN A 104 -7.70 -17.84 4.25
C ASN A 104 -6.27 -17.29 4.07
N GLY A 105 -5.89 -17.01 2.82
CA GLY A 105 -4.67 -16.24 2.53
C GLY A 105 -4.90 -14.75 2.81
N PHE A 106 -4.01 -13.92 2.30
CA PHE A 106 -3.99 -12.50 2.61
C PHE A 106 -4.78 -11.72 1.56
N ASN A 107 -5.84 -11.03 2.02
CA ASN A 107 -6.67 -10.14 1.19
C ASN A 107 -5.79 -9.00 0.67
N LEU A 108 -5.41 -9.09 -0.61
CA LEU A 108 -4.51 -8.09 -1.19
C LEU A 108 -5.12 -6.69 -1.09
N PHE A 109 -6.42 -6.53 -1.38
CA PHE A 109 -7.15 -5.29 -1.15
C PHE A 109 -6.97 -4.73 0.28
N THR A 110 -7.34 -5.49 1.32
CA THR A 110 -7.25 -5.10 2.74
C THR A 110 -5.83 -4.76 3.18
N VAL A 111 -4.83 -5.50 2.66
CA VAL A 111 -3.41 -5.22 2.88
C VAL A 111 -2.95 -3.94 2.17
N ALA A 112 -3.39 -3.75 0.92
CA ALA A 112 -2.90 -2.71 0.01
C ALA A 112 -3.24 -1.30 0.44
N ALA A 113 -4.49 -1.02 0.83
CA ALA A 113 -4.86 0.34 1.23
C ALA A 113 -4.01 0.85 2.39
N HIS A 114 -3.77 0.01 3.40
CA HIS A 114 -2.83 0.32 4.48
C HIS A 114 -1.42 0.65 3.93
N GLU A 115 -0.76 -0.21 3.14
CA GLU A 115 0.58 0.07 2.59
C GLU A 115 0.70 1.27 1.65
N PHE A 116 -0.32 1.55 0.84
CA PHE A 116 -0.33 2.82 0.12
C PHE A 116 -0.26 3.98 1.11
N GLY A 117 -1.00 3.87 2.24
CA GLY A 117 -0.97 4.77 3.38
C GLY A 117 0.41 5.12 3.92
N HIS A 118 1.38 4.21 3.83
CA HIS A 118 2.74 4.45 4.29
C HIS A 118 3.60 5.21 3.28
N ALA A 119 3.34 4.96 2.00
CA ALA A 119 4.04 5.64 0.90
C ALA A 119 3.62 7.12 0.81
N LEU A 120 2.48 7.48 1.39
CA LEU A 120 2.00 8.84 1.58
C LEU A 120 2.83 9.67 2.60
N GLY A 121 3.10 9.07 3.76
CA GLY A 121 3.66 9.68 4.99
C GLY A 121 3.08 9.25 6.34
N LEU A 122 2.03 8.40 6.38
CA LEU A 122 1.38 7.93 7.60
C LEU A 122 2.10 6.76 8.30
N ALA A 123 1.70 6.48 9.54
CA ALA A 123 2.32 5.47 10.41
C ALA A 123 1.27 4.55 11.04
N HIS A 124 1.73 3.44 11.63
CA HIS A 124 0.85 2.46 12.36
C HIS A 124 0.03 3.06 13.52
N SER A 125 -1.31 3.25 13.42
CA SER A 125 -2.04 4.05 14.37
C SER A 125 -2.49 3.20 15.55
N THR A 126 -2.94 1.93 15.33
CA THR A 126 -3.32 0.97 16.42
C THR A 126 -4.66 1.30 17.14
N ASP A 127 -5.34 2.33 16.66
CA ASP A 127 -6.67 2.83 17.02
C ASP A 127 -7.70 1.73 16.78
N PRO A 128 -8.66 1.49 17.70
CA PRO A 128 -9.55 0.32 17.67
C PRO A 128 -10.42 0.20 16.41
N SER A 129 -10.38 1.15 15.47
CA SER A 129 -11.03 1.05 14.18
C SER A 129 -10.16 1.46 12.97
N ALA A 130 -8.94 1.98 13.16
CA ALA A 130 -8.06 2.55 12.12
C ALA A 130 -7.62 1.54 11.05
N LEU A 131 -7.17 2.04 9.89
CA LEU A 131 -6.63 1.21 8.82
C LEU A 131 -5.14 0.93 8.96
N MET A 132 -4.34 1.89 9.47
CA MET A 132 -2.89 1.63 9.63
C MET A 132 -2.62 0.68 10.81
N TYR A 133 -3.67 0.12 11.44
CA TYR A 133 -3.54 -0.91 12.46
C TYR A 133 -2.44 -1.97 12.17
N PRO A 134 -1.40 -2.11 13.03
CA PRO A 134 -0.33 -3.08 12.87
C PRO A 134 -0.79 -4.49 13.33
N THR A 135 -1.58 -5.20 12.50
CA THR A 135 -1.99 -6.60 12.76
C THR A 135 -2.71 -7.30 11.60
N TYR A 136 -2.74 -6.71 10.40
CA TYR A 136 -3.57 -7.14 9.26
C TYR A 136 -5.07 -7.13 9.63
N LYS A 137 -5.60 -5.92 9.85
CA LYS A 137 -6.95 -5.78 10.43
C LYS A 137 -8.01 -5.92 9.35
N TYR A 138 -9.01 -6.71 9.71
CA TYR A 138 -10.03 -7.18 8.75
C TYR A 138 -11.21 -6.21 8.61
N LYS A 139 -11.13 -5.36 7.58
CA LYS A 139 -12.21 -4.47 7.16
C LYS A 139 -13.09 -5.11 6.08
N ASN A 140 -14.40 -5.00 6.22
CA ASN A 140 -15.41 -5.46 5.25
C ASN A 140 -15.16 -4.83 3.88
N PRO A 141 -14.84 -5.59 2.81
CA PRO A 141 -14.44 -5.03 1.52
C PRO A 141 -15.64 -4.59 0.66
N TYR A 142 -16.50 -3.71 1.19
CA TYR A 142 -17.77 -3.30 0.58
C TYR A 142 -17.92 -1.77 0.75
N GLY A 143 -17.14 -1.03 -0.05
CA GLY A 143 -17.19 0.44 -0.08
C GLY A 143 -16.61 1.15 1.16
N PHE A 144 -16.00 0.39 2.08
CA PHE A 144 -15.60 0.84 3.43
C PHE A 144 -14.56 1.97 3.49
N HIS A 145 -14.01 2.37 2.35
CA HIS A 145 -12.86 3.24 2.15
C HIS A 145 -11.86 3.22 3.34
N LEU A 146 -11.70 4.33 4.04
CA LEU A 146 -11.00 4.38 5.33
C LEU A 146 -12.05 4.36 6.47
N PRO A 147 -11.67 3.96 7.70
CA PRO A 147 -12.52 4.09 8.87
C PRO A 147 -12.82 5.57 9.15
N LYS A 148 -11.78 6.38 9.45
CA LYS A 148 -11.90 7.78 9.87
C LYS A 148 -10.55 8.48 10.03
N ASP A 149 -9.74 8.14 11.04
CA ASP A 149 -8.57 8.96 11.37
C ASP A 149 -7.50 9.00 10.27
N ASP A 150 -7.47 7.94 9.47
CA ASP A 150 -6.62 7.85 8.29
C ASP A 150 -6.98 8.93 7.26
N VAL A 151 -8.24 9.42 7.25
CA VAL A 151 -8.74 10.51 6.38
C VAL A 151 -8.20 11.86 6.88
N LYS A 152 -8.36 12.19 8.17
CA LYS A 152 -7.78 13.42 8.72
C LYS A 152 -6.25 13.45 8.60
N GLY A 153 -5.60 12.27 8.62
CA GLY A 153 -4.16 12.10 8.42
C GLY A 153 -3.73 12.48 7.01
N ILE A 154 -4.29 11.85 5.97
CA ILE A 154 -3.91 12.14 4.57
C ILE A 154 -4.20 13.58 4.14
N GLN A 155 -5.28 14.18 4.65
CA GLN A 155 -5.61 15.60 4.47
C GLN A 155 -4.46 16.51 4.88
N ALA A 156 -3.64 16.08 5.85
CA ALA A 156 -2.52 16.88 6.35
C ALA A 156 -1.26 16.81 5.44
N LEU A 157 -1.24 15.89 4.48
CA LEU A 157 -0.06 15.60 3.66
C LEU A 157 -0.14 16.27 2.29
N TYR A 158 -1.26 16.08 1.60
CA TYR A 158 -1.50 16.63 0.26
C TYR A 158 -2.07 18.05 0.31
N GLY A 159 -2.56 18.46 1.49
CA GLY A 159 -3.28 19.71 1.67
C GLY A 159 -4.78 19.43 1.55
N PRO A 160 -5.61 20.05 2.40
CA PRO A 160 -7.06 19.96 2.30
C PRO A 160 -7.59 20.62 1.03
CA CA B . 5.35 -12.64 5.68
CA CA C . 10.35 5.22 -6.24
ZN ZN D . 11.76 -3.51 1.18
ZN ZN E . 1.90 -0.86 8.11
C1 NGH F . -0.31 -5.04 8.74
C2 NGH F . -1.54 -4.52 8.34
C3 NGH F . -1.88 -4.48 6.99
C4 NGH F . -0.99 -4.99 6.06
C5 NGH F . 0.23 -5.51 6.46
C6 NGH F . 0.60 -5.50 7.79
O1 NGH F . -3.04 -3.92 6.52
C7 NGH F . -4.33 -4.29 7.07
S1 NGH F . 2.23 -6.07 8.24
O2 NGH F . 2.88 -6.45 7.00
O3 NGH F . 2.13 -7.10 9.26
N NGH F . 3.12 -4.83 8.90
C9 NGH F . 2.79 -4.24 10.26
C10 NGH F . 3.99 -4.03 7.99
C11 NGH F . 3.35 -2.83 7.34
N1 NGH F . 2.25 -3.07 6.62
O4 NGH F . 1.35 -2.20 6.48
O5 NGH F . 3.79 -1.70 7.51
C12 NGH F . 3.19 -5.27 11.36
C13 NGH F . 1.96 -5.87 12.06
C14 NGH F . 4.12 -4.59 12.38
H1 NGH F . -0.05 -5.02 9.79
H2 NGH F . -2.22 -4.13 9.08
H4 NGH F . -1.22 -4.96 5.00
H5 NGH F . 0.91 -5.85 5.69
H71 NGH F . -4.51 -5.33 6.84
H72 NGH F . -5.08 -3.67 6.60
H73 NGH F . -4.33 -4.13 8.16
H91 NGH F . 1.77 -3.91 10.38
H92 NGH F . 3.28 -3.28 10.42
H101 NGH F . 4.41 -4.65 7.20
H102 NGH F . 4.83 -3.68 8.59
HN1 NGH F . 2.24 -3.92 6.06
H12 NGH F . 3.71 -6.15 10.94
H131 NGH F . 1.15 -6.11 11.36
H132 NGH F . 1.58 -5.16 12.78
H133 NGH F . 2.24 -6.79 12.60
H141 NGH F . 5.05 -4.27 11.89
H142 NGH F . 4.41 -5.31 13.16
H143 NGH F . 3.65 -3.73 12.86
N GLY A 1 11.30 19.48 8.30
CA GLY A 1 10.29 18.43 8.54
C GLY A 1 9.42 18.27 7.31
N GLU A 2 8.16 17.86 7.47
CA GLU A 2 7.17 17.67 6.39
C GLU A 2 7.72 16.78 5.24
N PRO A 3 7.98 15.47 5.48
CA PRO A 3 8.48 14.58 4.43
C PRO A 3 7.43 14.28 3.36
N LYS A 4 6.15 14.56 3.63
CA LYS A 4 5.03 14.29 2.72
C LYS A 4 5.04 15.06 1.39
N TRP A 5 4.13 14.62 0.50
CA TRP A 5 4.09 15.03 -0.90
C TRP A 5 3.77 16.50 -1.18
N LYS A 6 4.47 17.04 -2.18
CA LYS A 6 4.26 18.36 -2.77
C LYS A 6 3.32 18.36 -4.00
N LYS A 7 2.83 17.20 -4.48
CA LYS A 7 1.90 17.13 -5.61
C LYS A 7 0.78 16.09 -5.38
N ASN A 8 -0.33 16.22 -6.09
CA ASN A 8 -1.54 15.39 -5.93
C ASN A 8 -1.64 14.30 -7.01
N THR A 9 -0.84 14.45 -8.06
CA THR A 9 -0.71 13.57 -9.22
C THR A 9 0.45 12.61 -9.01
N LEU A 10 0.14 11.43 -8.49
CA LEU A 10 1.14 10.44 -8.09
C LEU A 10 1.33 9.39 -9.18
N THR A 11 2.61 9.04 -9.42
CA THR A 11 3.03 8.24 -10.57
C THR A 11 3.74 6.99 -10.09
N TYR A 12 3.32 5.87 -10.67
CA TYR A 12 3.75 4.53 -10.25
C TYR A 12 4.18 3.66 -11.42
N ARG A 13 4.89 2.56 -11.16
CA ARG A 13 5.19 1.57 -12.18
C ARG A 13 5.40 0.16 -11.59
N ILE A 14 4.74 -0.84 -12.17
CA ILE A 14 4.78 -2.26 -11.76
C ILE A 14 5.98 -2.98 -12.40
N SER A 15 6.57 -3.96 -11.71
CA SER A 15 7.51 -4.92 -12.32
C SER A 15 7.31 -6.39 -11.81
N LYS A 16 6.27 -6.65 -11.00
CA LYS A 16 5.86 -8.01 -10.60
C LYS A 16 4.38 -8.18 -10.29
N TYR A 17 3.95 -9.44 -10.44
CA TYR A 17 2.68 -9.97 -9.94
C TYR A 17 2.99 -11.23 -9.08
N THR A 18 1.99 -11.78 -8.39
CA THR A 18 2.07 -12.99 -7.55
C THR A 18 1.46 -14.18 -8.31
N PRO A 19 1.90 -15.44 -8.10
CA PRO A 19 1.24 -16.61 -8.70
C PRO A 19 -0.16 -16.88 -8.12
N SER A 20 -0.43 -16.38 -6.91
CA SER A 20 -1.64 -16.63 -6.11
C SER A 20 -2.90 -15.96 -6.65
N MET A 21 -2.73 -14.84 -7.33
CA MET A 21 -3.75 -14.08 -8.06
C MET A 21 -3.13 -13.56 -9.36
N SER A 22 -3.80 -13.83 -10.47
CA SER A 22 -3.45 -13.34 -11.80
C SER A 22 -3.18 -11.84 -11.87
N SER A 23 -2.30 -11.43 -12.78
CA SER A 23 -1.99 -10.02 -13.03
C SER A 23 -3.17 -9.01 -12.94
N VAL A 24 -4.30 -9.39 -13.57
CA VAL A 24 -5.46 -8.53 -13.68
C VAL A 24 -6.16 -8.38 -12.35
N GLU A 25 -6.10 -9.41 -11.51
CA GLU A 25 -6.69 -9.48 -10.18
C GLU A 25 -5.90 -8.69 -9.16
N VAL A 26 -4.58 -8.76 -9.27
CA VAL A 26 -3.62 -7.95 -8.57
C VAL A 26 -3.80 -6.47 -8.88
N ASP A 27 -3.95 -6.10 -10.15
CA ASP A 27 -4.26 -4.71 -10.55
C ASP A 27 -5.60 -4.25 -9.99
N LYS A 28 -6.68 -4.98 -10.23
CA LYS A 28 -8.00 -4.57 -9.70
C LYS A 28 -8.09 -4.62 -8.16
N ALA A 29 -7.27 -5.44 -7.51
CA ALA A 29 -7.13 -5.45 -6.06
C ALA A 29 -6.45 -4.18 -5.53
N VAL A 30 -5.40 -3.68 -6.20
CA VAL A 30 -4.81 -2.40 -5.79
C VAL A 30 -5.71 -1.22 -6.14
N GLU A 31 -6.51 -1.27 -7.21
CA GLU A 31 -7.25 -0.08 -7.66
C GLU A 31 -8.25 0.45 -6.62
N MET A 32 -8.86 -0.46 -5.86
CA MET A 32 -9.82 -0.11 -4.81
C MET A 32 -9.14 0.64 -3.66
N ALA A 33 -7.85 0.36 -3.42
CA ALA A 33 -7.01 1.07 -2.48
C ALA A 33 -6.63 2.47 -2.99
N LEU A 34 -6.42 2.64 -4.31
CA LEU A 34 -6.11 3.94 -4.90
C LEU A 34 -7.27 4.91 -4.72
N GLN A 35 -8.46 4.45 -5.12
CA GLN A 35 -9.71 5.20 -4.99
C GLN A 35 -10.04 5.55 -3.54
N ALA A 36 -9.70 4.69 -2.57
CA ALA A 36 -9.96 4.97 -1.17
C ALA A 36 -9.28 6.26 -0.68
N TRP A 37 -7.99 6.49 -1.01
CA TRP A 37 -7.28 7.71 -0.63
C TRP A 37 -7.70 8.91 -1.50
N SER A 38 -8.01 8.65 -2.77
CA SER A 38 -8.63 9.68 -3.63
C SER A 38 -9.97 10.20 -3.07
N SER A 39 -10.65 9.43 -2.22
CA SER A 39 -11.89 9.81 -1.58
C SER A 39 -11.70 10.61 -0.28
N ALA A 40 -10.57 10.46 0.40
CA ALA A 40 -10.24 11.35 1.52
C ALA A 40 -9.77 12.72 1.04
N VAL A 41 -9.09 12.76 -0.11
CA VAL A 41 -8.38 13.97 -0.58
C VAL A 41 -8.28 14.03 -2.12
N PRO A 42 -8.27 15.24 -2.71
CA PRO A 42 -8.20 15.46 -4.15
C PRO A 42 -6.84 15.07 -4.72
N LEU A 43 -6.63 13.76 -4.89
CA LEU A 43 -5.43 13.17 -5.43
C LEU A 43 -5.75 11.95 -6.29
N SER A 44 -4.83 11.71 -7.21
CA SER A 44 -4.94 10.69 -8.26
C SER A 44 -3.64 9.91 -8.37
N PHE A 45 -3.76 8.58 -8.41
CA PHE A 45 -2.67 7.64 -8.53
C PHE A 45 -2.70 7.01 -9.94
N VAL A 46 -1.70 7.27 -10.78
CA VAL A 46 -1.61 6.68 -12.12
C VAL A 46 -0.37 5.80 -12.16
N ARG A 47 -0.54 4.55 -12.60
CA ARG A 47 0.57 3.64 -12.85
C ARG A 47 0.90 3.68 -14.34
N ILE A 48 2.03 4.28 -14.69
CA ILE A 48 2.46 4.46 -16.09
C ILE A 48 2.63 3.14 -16.86
N ASN A 49 2.97 2.06 -16.15
CA ASN A 49 3.21 0.70 -16.63
C ASN A 49 4.38 0.57 -17.65
N SER A 50 4.88 1.69 -18.19
CA SER A 50 6.11 1.74 -19.00
C SER A 50 6.79 3.08 -18.71
N GLY A 51 8.12 3.10 -18.49
CA GLY A 51 8.86 4.26 -17.98
C GLY A 51 9.24 4.16 -16.52
N GLU A 52 9.85 5.23 -16.02
CA GLU A 52 10.20 5.42 -14.62
C GLU A 52 9.17 6.34 -13.97
N ALA A 53 8.79 6.00 -12.74
CA ALA A 53 7.92 6.77 -11.85
C ALA A 53 8.49 7.00 -10.43
N ASP A 54 7.70 7.63 -9.54
CA ASP A 54 8.09 7.86 -8.16
C ASP A 54 7.89 6.58 -7.33
N ILE A 55 6.81 5.82 -7.58
CA ILE A 55 6.43 4.64 -6.79
C ILE A 55 6.58 3.36 -7.60
N MET A 56 7.61 2.56 -7.31
CA MET A 56 7.80 1.26 -7.93
C MET A 56 7.30 0.12 -7.02
N ILE A 57 6.52 -0.80 -7.60
CA ILE A 57 5.95 -1.95 -6.87
C ILE A 57 6.38 -3.32 -7.40
N SER A 58 6.78 -4.19 -6.47
CA SER A 58 7.10 -5.59 -6.75
C SER A 58 6.76 -6.56 -5.59
N PHE A 59 6.64 -7.84 -5.94
CA PHE A 59 6.53 -8.96 -4.99
C PHE A 59 7.91 -9.60 -4.89
N GLU A 60 8.45 -9.66 -3.67
CA GLU A 60 9.83 -10.06 -3.41
C GLU A 60 9.94 -11.18 -2.38
N ASN A 61 11.11 -11.83 -2.38
CA ASN A 61 11.51 -12.79 -1.35
C ASN A 61 12.03 -12.09 -0.08
N GLY A 62 12.31 -12.85 0.98
CA GLY A 62 12.70 -12.35 2.32
C GLY A 62 13.87 -11.37 2.26
N ASP A 63 15.07 -11.90 2.13
CA ASP A 63 16.34 -11.23 1.88
C ASP A 63 16.45 -10.58 0.48
N HIS A 64 15.46 -9.77 0.09
CA HIS A 64 15.52 -8.95 -1.14
C HIS A 64 16.47 -7.75 -1.06
N GLY A 65 16.96 -7.42 0.13
CA GLY A 65 17.84 -6.29 0.42
C GLY A 65 17.09 -5.11 1.02
N ASP A 66 17.35 -4.89 2.33
CA ASP A 66 17.03 -3.79 3.24
C ASP A 66 17.06 -4.26 4.71
N SER A 67 17.21 -3.34 5.68
CA SER A 67 17.33 -3.60 7.13
C SER A 67 16.05 -4.10 7.83
N TYR A 68 15.07 -4.60 7.08
CA TYR A 68 13.71 -4.97 7.53
C TYR A 68 13.00 -5.95 6.56
N PRO A 69 13.63 -7.12 6.29
CA PRO A 69 13.15 -8.12 5.33
C PRO A 69 11.86 -8.79 5.79
N PHE A 70 11.28 -9.63 4.92
CA PHE A 70 10.15 -10.49 5.29
C PHE A 70 10.58 -11.65 6.20
N ASP A 71 9.65 -12.55 6.52
CA ASP A 71 9.76 -13.58 7.57
C ASP A 71 9.25 -14.98 7.16
N GLY A 72 8.89 -15.19 5.89
CA GLY A 72 8.16 -16.39 5.46
C GLY A 72 6.67 -16.34 5.82
N PRO A 73 5.92 -17.46 5.71
CA PRO A 73 4.45 -17.49 5.79
C PRO A 73 3.89 -17.21 7.22
N ARG A 74 3.65 -15.93 7.53
CA ARG A 74 3.32 -15.32 8.85
C ARG A 74 3.69 -13.83 8.90
N GLY A 75 3.39 -13.22 10.07
CA GLY A 75 3.85 -11.91 10.55
C GLY A 75 3.73 -10.79 9.53
N THR A 76 4.89 -10.31 9.06
CA THR A 76 5.00 -9.19 8.09
C THR A 76 4.42 -9.60 6.76
N LEU A 77 3.20 -9.16 6.49
CA LEU A 77 2.51 -9.42 5.23
C LEU A 77 3.04 -8.53 4.09
N ALA A 78 3.28 -7.27 4.41
CA ALA A 78 3.68 -6.26 3.42
C ALA A 78 4.65 -5.23 4.02
N HIS A 79 5.44 -4.52 3.20
CA HIS A 79 6.25 -3.41 3.67
C HIS A 79 6.56 -2.34 2.61
N ALA A 80 6.25 -1.09 2.94
CA ALA A 80 6.43 0.10 2.12
C ALA A 80 7.39 1.12 2.76
N PHE A 81 7.98 1.95 1.90
CA PHE A 81 8.78 3.08 2.32
C PHE A 81 7.93 4.31 2.68
N ALA A 82 8.53 5.20 3.48
CA ALA A 82 7.98 6.53 3.75
C ALA A 82 8.14 7.44 2.51
N PRO A 83 7.41 8.58 2.42
CA PRO A 83 7.63 9.57 1.39
C PRO A 83 9.06 10.10 1.49
N GLY A 84 9.68 10.20 0.33
CA GLY A 84 11.09 10.58 0.17
C GLY A 84 11.54 10.43 -1.27
N GLU A 85 12.82 10.13 -1.46
CA GLU A 85 13.46 10.14 -2.77
C GLU A 85 13.73 8.73 -3.34
N GLY A 86 14.90 8.14 -3.09
CA GLY A 86 15.38 6.90 -3.75
C GLY A 86 14.45 5.70 -3.57
N LEU A 87 14.64 4.90 -2.51
CA LEU A 87 13.70 3.87 -2.12
C LEU A 87 12.36 4.45 -1.59
N GLY A 88 12.31 5.75 -1.30
CA GLY A 88 11.10 6.49 -0.93
C GLY A 88 9.88 6.13 -1.78
N GLY A 89 8.77 5.88 -1.06
CA GLY A 89 7.46 5.52 -1.60
C GLY A 89 7.38 4.11 -2.20
N ASP A 90 8.52 3.47 -2.51
CA ASP A 90 8.49 2.18 -3.18
C ASP A 90 7.94 1.12 -2.25
N THR A 91 7.07 0.24 -2.78
CA THR A 91 6.26 -0.67 -1.96
C THR A 91 6.48 -2.13 -2.35
N HIS A 92 6.75 -2.96 -1.35
CA HIS A 92 7.20 -4.36 -1.50
C HIS A 92 6.27 -5.35 -0.73
N PHE A 93 5.86 -6.47 -1.35
CA PHE A 93 5.01 -7.51 -0.74
C PHE A 93 5.75 -8.86 -0.64
N ASP A 94 5.49 -9.66 0.40
CA ASP A 94 6.13 -10.99 0.54
C ASP A 94 5.57 -12.03 -0.42
N ASN A 95 6.45 -12.67 -1.20
CA ASN A 95 6.14 -13.77 -2.08
C ASN A 95 5.99 -15.15 -1.35
N ALA A 96 6.56 -15.30 -0.16
CA ALA A 96 6.58 -16.59 0.57
C ALA A 96 5.23 -17.07 1.12
N GLU A 97 4.14 -16.35 0.83
CA GLU A 97 2.79 -16.61 1.28
C GLU A 97 1.75 -16.30 0.18
N LYS A 98 0.54 -16.81 0.40
CA LYS A 98 -0.62 -16.60 -0.49
C LYS A 98 -1.10 -15.14 -0.50
N TRP A 99 -1.75 -14.81 -1.61
CA TRP A 99 -2.50 -13.59 -1.83
C TRP A 99 -3.83 -13.91 -2.50
N THR A 100 -4.90 -13.41 -1.91
CA THR A 100 -6.27 -13.73 -2.29
C THR A 100 -7.25 -12.58 -2.06
N MET A 101 -8.53 -12.93 -2.21
CA MET A 101 -9.71 -12.15 -1.84
C MET A 101 -10.56 -12.87 -0.77
N GLY A 102 -10.20 -14.10 -0.35
CA GLY A 102 -10.93 -14.86 0.66
C GLY A 102 -10.34 -14.73 2.08
N THR A 103 -11.21 -14.63 3.09
CA THR A 103 -10.93 -14.61 4.55
C THR A 103 -10.00 -15.70 5.07
N ASN A 104 -9.80 -16.78 4.30
CA ASN A 104 -8.87 -17.86 4.64
C ASN A 104 -7.39 -17.46 4.41
N GLY A 105 -7.05 -17.05 3.19
CA GLY A 105 -5.73 -16.47 2.84
C GLY A 105 -5.57 -14.97 3.20
N PHE A 106 -4.49 -14.34 2.73
CA PHE A 106 -4.21 -12.92 2.99
C PHE A 106 -4.78 -12.05 1.87
N ASN A 107 -5.48 -10.98 2.24
CA ASN A 107 -6.11 -10.07 1.28
C ASN A 107 -5.14 -8.99 0.79
N LEU A 108 -4.84 -9.01 -0.52
CA LEU A 108 -3.96 -8.04 -1.15
C LEU A 108 -4.50 -6.63 -0.94
N PHE A 109 -5.71 -6.33 -1.45
CA PHE A 109 -6.39 -5.03 -1.29
C PHE A 109 -6.28 -4.48 0.15
N THR A 110 -6.62 -5.30 1.15
CA THR A 110 -6.58 -4.91 2.57
C THR A 110 -5.19 -4.54 3.08
N VAL A 111 -4.12 -5.20 2.62
CA VAL A 111 -2.73 -4.78 2.93
C VAL A 111 -2.24 -3.62 2.04
N ALA A 112 -2.75 -3.51 0.80
CA ALA A 112 -2.35 -2.50 -0.18
C ALA A 112 -2.62 -1.09 0.34
N ALA A 113 -3.83 -0.81 0.81
CA ALA A 113 -4.16 0.51 1.33
C ALA A 113 -3.39 0.86 2.63
N HIS A 114 -3.22 -0.08 3.59
CA HIS A 114 -2.31 0.12 4.73
C HIS A 114 -0.92 0.56 4.26
N GLU A 115 -0.27 -0.21 3.38
CA GLU A 115 1.10 0.07 2.98
C GLU A 115 1.26 1.30 2.08
N PHE A 116 0.29 1.61 1.21
CA PHE A 116 0.25 2.92 0.53
C PHE A 116 0.31 4.05 1.54
N GLY A 117 -0.46 3.94 2.63
CA GLY A 117 -0.50 4.85 3.77
C GLY A 117 0.89 5.23 4.28
N HIS A 118 1.87 4.33 4.23
CA HIS A 118 3.25 4.68 4.57
C HIS A 118 3.90 5.60 3.54
N ALA A 119 3.79 5.26 2.25
CA ALA A 119 4.29 6.06 1.14
C ALA A 119 3.61 7.43 1.03
N LEU A 120 2.38 7.60 1.52
CA LEU A 120 1.68 8.89 1.68
C LEU A 120 2.37 9.77 2.72
N GLY A 121 2.79 9.17 3.84
CA GLY A 121 3.32 9.81 5.03
C GLY A 121 2.66 9.38 6.35
N LEU A 122 1.71 8.45 6.32
CA LEU A 122 1.02 7.95 7.52
C LEU A 122 1.84 6.89 8.29
N ALA A 123 1.52 6.74 9.57
CA ALA A 123 2.21 5.85 10.51
C ALA A 123 1.31 4.65 10.89
N HIS A 124 1.83 3.61 11.58
CA HIS A 124 0.96 2.60 12.19
C HIS A 124 0.11 3.22 13.31
N SER A 125 -1.13 3.57 12.98
CA SER A 125 -2.03 4.19 13.93
C SER A 125 -2.54 3.17 14.93
N THR A 126 -2.23 3.36 16.22
CA THR A 126 -2.71 2.53 17.35
C THR A 126 -4.19 2.83 17.71
N ASP A 127 -4.99 3.27 16.74
CA ASP A 127 -6.39 3.66 16.92
C ASP A 127 -7.28 2.43 17.11
N PRO A 128 -8.46 2.51 17.75
CA PRO A 128 -9.38 1.36 17.76
C PRO A 128 -10.02 1.09 16.39
N SER A 129 -9.92 2.03 15.44
CA SER A 129 -10.57 1.95 14.13
C SER A 129 -9.76 2.73 13.07
N ALA A 130 -8.58 2.21 12.73
CA ALA A 130 -7.70 2.70 11.66
C ALA A 130 -7.28 1.56 10.73
N LEU A 131 -6.53 1.84 9.65
CA LEU A 131 -6.05 0.81 8.72
C LEU A 131 -4.55 0.55 8.77
N MET A 132 -3.72 1.55 9.08
CA MET A 132 -2.28 1.31 9.27
C MET A 132 -2.04 0.58 10.61
N TYR A 133 -3.08 0.32 11.42
CA TYR A 133 -2.96 -0.40 12.69
C TYR A 133 -1.95 -1.58 12.62
N PRO A 134 -0.97 -1.67 13.55
CA PRO A 134 0.11 -2.64 13.45
C PRO A 134 -0.32 -4.06 13.86
N THR A 135 -1.03 -4.74 12.93
CA THR A 135 -1.46 -6.15 12.99
C THR A 135 -2.20 -6.56 11.72
N TYR A 136 -2.28 -7.86 11.40
CA TYR A 136 -3.19 -8.33 10.34
C TYR A 136 -4.66 -8.15 10.76
N LYS A 137 -5.44 -7.50 9.90
CA LYS A 137 -6.90 -7.39 9.99
C LYS A 137 -7.55 -7.63 8.61
N TYR A 138 -8.79 -8.09 8.64
CA TYR A 138 -9.66 -8.19 7.47
C TYR A 138 -10.76 -7.12 7.51
N LYS A 139 -10.57 -6.04 6.76
CA LYS A 139 -11.66 -5.09 6.54
C LYS A 139 -12.47 -5.66 5.37
N ASN A 140 -13.80 -5.69 5.47
CA ASN A 140 -14.72 -6.20 4.44
C ASN A 140 -14.60 -5.40 3.13
N PRO A 141 -14.14 -6.02 2.02
CA PRO A 141 -13.83 -5.33 0.77
C PRO A 141 -15.12 -5.01 -0.01
N TYR A 142 -15.82 -3.96 0.42
CA TYR A 142 -17.17 -3.62 -0.03
C TYR A 142 -17.34 -2.09 -0.16
N GLY A 143 -16.31 -1.43 -0.72
CA GLY A 143 -16.30 0.03 -0.89
C GLY A 143 -16.02 0.81 0.40
N PHE A 144 -15.65 0.10 1.48
CA PHE A 144 -15.46 0.61 2.86
C PHE A 144 -14.45 1.76 3.01
N HIS A 145 -13.64 1.98 1.98
CA HIS A 145 -12.58 2.96 1.90
C HIS A 145 -11.64 2.96 3.12
N LEU A 146 -11.17 4.13 3.55
CA LEU A 146 -10.47 4.29 4.83
C LEU A 146 -11.46 4.21 6.01
N PRO A 147 -11.15 3.49 7.09
CA PRO A 147 -11.99 3.44 8.28
C PRO A 147 -12.34 4.81 8.85
N LYS A 148 -11.35 5.67 9.20
CA LYS A 148 -11.61 6.90 9.96
C LYS A 148 -10.34 7.77 10.09
N ASP A 149 -9.48 7.46 11.06
CA ASP A 149 -8.33 8.30 11.42
C ASP A 149 -7.44 8.63 10.22
N ASP A 150 -7.31 7.64 9.34
CA ASP A 150 -6.58 7.68 8.09
C ASP A 150 -6.99 8.89 7.24
N VAL A 151 -8.29 9.22 7.21
CA VAL A 151 -8.87 10.26 6.35
C VAL A 151 -8.39 11.63 6.80
N LYS A 152 -8.55 11.95 8.08
CA LYS A 152 -7.99 13.19 8.65
C LYS A 152 -6.46 13.19 8.68
N GLY A 153 -5.81 12.02 8.58
CA GLY A 153 -4.35 11.88 8.44
C GLY A 153 -3.89 12.32 7.05
N ILE A 154 -4.33 11.64 5.99
CA ILE A 154 -3.99 12.04 4.62
C ILE A 154 -4.44 13.48 4.25
N GLN A 155 -5.56 13.95 4.79
CA GLN A 155 -6.04 15.33 4.59
C GLN A 155 -5.08 16.38 5.15
N ALA A 156 -4.22 16.02 6.10
CA ALA A 156 -3.17 16.94 6.58
C ALA A 156 -2.01 17.07 5.60
N LEU A 157 -1.83 16.13 4.67
CA LEU A 157 -0.67 16.06 3.80
C LEU A 157 -0.94 16.84 2.51
N TYR A 158 -2.03 16.49 1.83
CA TYR A 158 -2.39 17.08 0.53
C TYR A 158 -3.38 18.25 0.67
N GLY A 159 -3.98 18.41 1.86
CA GLY A 159 -4.97 19.45 2.19
C GLY A 159 -4.60 20.56 3.20
N PRO A 160 -3.32 20.88 3.50
CA PRO A 160 -2.98 22.05 4.30
C PRO A 160 -3.25 23.35 3.52
CA CA B . 5.32 -12.83 5.66
CA CA C . 11.04 5.75 -5.56
ZN ZN D . 11.93 -3.80 0.92
ZN ZN E . 3.23 -1.46 7.47
C1 NGH F . -0.18 -5.97 8.62
C2 NGH F . -1.39 -5.55 8.08
C3 NGH F . -1.45 -4.81 6.90
C4 NGH F . -0.25 -4.45 6.28
C5 NGH F . 0.96 -4.78 6.86
C6 NGH F . 0.99 -5.58 7.99
O1 NGH F . -2.63 -4.35 6.37
C7 NGH F . -3.90 -4.44 7.06
S1 NGH F . 2.60 -6.10 8.51
O2 NGH F . 3.22 -6.53 7.27
O3 NGH F . 2.66 -6.97 9.68
N NGH F . 3.23 -4.64 8.87
C9 NGH F . 2.80 -3.96 10.12
C10 NGH F . 4.66 -4.44 8.51
C11 NGH F . 4.99 -3.05 8.09
N1 NGH F . 5.24 -2.77 6.83
O4 NGH F . 5.53 -1.58 6.59
O5 NGH F . 5.13 -2.15 8.86
C12 NGH F . 3.44 -4.62 11.37
C13 NGH F . 2.39 -5.35 12.22
C14 NGH F . 4.22 -3.59 12.20
H1 NGH F . -0.13 -6.56 9.52
H2 NGH F . -2.31 -5.85 8.57
H4 NGH F . -0.25 -3.89 5.34
H5 NGH F . 1.89 -4.42 6.46
H71 NGH F . -4.17 -5.49 7.18
H72 NGH F . -4.66 -3.92 6.48
H73 NGH F . -3.81 -3.95 8.04
H91 NGH F . 1.72 -3.89 10.25
H92 NGH F . 3.09 -2.92 10.02
H101 NGH F . 4.94 -5.07 7.66
H102 NGH F . 5.31 -4.72 9.33
HN1 NGH F . 4.99 -3.42 6.08
H12 NGH F . 4.14 -5.40 11.09
H131 NGH F . 1.63 -5.83 11.59
H132 NGH F . 1.91 -4.65 12.89
H133 NGH F . 2.87 -6.13 12.82
H141 NGH F . 5.04 -3.17 11.61
H142 NGH F . 4.65 -4.05 13.10
H143 NGH F . 3.57 -2.76 12.52
N GLY A 1 11.99 20.38 7.14
CA GLY A 1 12.04 18.99 6.67
C GLY A 1 10.94 18.74 5.67
N GLU A 2 9.83 18.17 6.14
CA GLU A 2 8.57 17.88 5.44
C GLU A 2 8.70 16.71 4.45
N PRO A 3 8.58 15.44 4.93
CA PRO A 3 8.78 14.26 4.11
C PRO A 3 7.54 13.83 3.31
N LYS A 4 6.36 14.41 3.57
CA LYS A 4 5.17 14.17 2.75
C LYS A 4 5.18 14.94 1.42
N TRP A 5 4.37 14.45 0.48
CA TRP A 5 4.38 14.90 -0.92
C TRP A 5 3.70 16.26 -1.11
N LYS A 6 4.22 17.03 -2.08
CA LYS A 6 3.76 18.39 -2.40
C LYS A 6 2.84 18.54 -3.60
N LYS A 7 2.70 17.48 -4.41
CA LYS A 7 1.68 17.44 -5.47
C LYS A 7 0.52 16.50 -5.12
N ASN A 8 -0.45 16.40 -6.02
CA ASN A 8 -1.61 15.52 -5.88
C ASN A 8 -1.62 14.39 -6.92
N THR A 9 -0.64 14.38 -7.82
CA THR A 9 -0.58 13.55 -9.02
C THR A 9 0.56 12.56 -8.89
N LEU A 10 0.23 11.32 -8.51
CA LEU A 10 1.24 10.27 -8.33
C LEU A 10 1.23 9.27 -9.48
N THR A 11 2.41 8.70 -9.75
CA THR A 11 2.64 7.71 -10.81
C THR A 11 3.07 6.40 -10.19
N TYR A 12 2.68 5.30 -10.83
CA TYR A 12 3.01 3.99 -10.28
C TYR A 12 3.26 2.90 -11.33
N ARG A 13 4.10 1.93 -10.96
CA ARG A 13 4.63 0.94 -11.90
C ARG A 13 4.74 -0.45 -11.26
N ILE A 14 3.87 -1.38 -11.65
CA ILE A 14 4.02 -2.78 -11.31
C ILE A 14 5.11 -3.36 -12.21
N SER A 15 6.07 -4.09 -11.69
CA SER A 15 7.01 -4.86 -12.53
C SER A 15 7.08 -6.35 -12.19
N LYS A 16 6.45 -6.77 -11.09
CA LYS A 16 6.49 -8.12 -10.56
C LYS A 16 5.14 -8.48 -9.89
N TYR A 17 4.75 -9.72 -10.11
CA TYR A 17 3.49 -10.31 -9.61
C TYR A 17 3.79 -11.46 -8.64
N THR A 18 2.77 -12.27 -8.31
CA THR A 18 2.87 -13.46 -7.46
C THR A 18 2.19 -14.62 -8.19
N PRO A 19 2.59 -15.90 -8.02
CA PRO A 19 1.87 -17.04 -8.59
C PRO A 19 0.44 -17.15 -8.05
N SER A 20 0.15 -16.57 -6.88
CA SER A 20 -1.12 -16.65 -6.15
C SER A 20 -2.39 -16.17 -6.86
N MET A 21 -2.26 -15.38 -7.92
CA MET A 21 -3.40 -14.79 -8.63
C MET A 21 -3.13 -14.45 -10.10
N SER A 22 -4.20 -14.49 -10.88
CA SER A 22 -4.27 -13.96 -12.25
C SER A 22 -3.89 -12.47 -12.26
N SER A 23 -2.99 -11.99 -13.12
CA SER A 23 -2.44 -10.63 -13.06
C SER A 23 -3.47 -9.49 -13.03
N VAL A 24 -4.67 -9.75 -13.55
CA VAL A 24 -5.80 -8.81 -13.60
C VAL A 24 -6.43 -8.58 -12.21
N GLU A 25 -6.30 -9.58 -11.33
CA GLU A 25 -6.77 -9.60 -9.96
C GLU A 25 -5.84 -8.74 -9.10
N VAL A 26 -4.53 -8.89 -9.30
CA VAL A 26 -3.49 -8.01 -8.74
C VAL A 26 -3.70 -6.56 -9.21
N ASP A 27 -3.91 -6.34 -10.52
CA ASP A 27 -4.25 -5.04 -11.13
C ASP A 27 -5.44 -4.42 -10.40
N LYS A 28 -6.63 -5.05 -10.50
CA LYS A 28 -7.83 -4.53 -9.82
C LYS A 28 -7.68 -4.42 -8.30
N ALA A 29 -6.89 -5.29 -7.64
CA ALA A 29 -6.68 -5.19 -6.21
C ALA A 29 -5.85 -3.97 -5.82
N VAL A 30 -4.82 -3.58 -6.60
CA VAL A 30 -4.02 -2.39 -6.24
C VAL A 30 -4.76 -1.10 -6.61
N GLU A 31 -5.55 -1.08 -7.69
CA GLU A 31 -6.37 0.06 -8.09
C GLU A 31 -7.25 0.51 -6.94
N MET A 32 -7.88 -0.44 -6.27
CA MET A 32 -8.85 -0.10 -5.24
C MET A 32 -8.19 0.58 -4.03
N ALA A 33 -6.93 0.23 -3.76
CA ALA A 33 -6.13 0.85 -2.72
C ALA A 33 -5.82 2.32 -3.03
N LEU A 34 -5.53 2.66 -4.30
CA LEU A 34 -5.46 4.06 -4.77
C LEU A 34 -6.74 4.83 -4.40
N GLN A 35 -7.90 4.24 -4.74
CA GLN A 35 -9.21 4.85 -4.55
C GLN A 35 -9.48 5.21 -3.07
N ALA A 36 -9.13 4.31 -2.13
CA ALA A 36 -9.34 4.52 -0.70
C ALA A 36 -8.69 5.81 -0.18
N TRP A 37 -7.54 6.21 -0.71
CA TRP A 37 -6.87 7.47 -0.37
C TRP A 37 -7.36 8.66 -1.22
N SER A 38 -7.58 8.42 -2.51
CA SER A 38 -8.17 9.36 -3.47
C SER A 38 -9.61 9.77 -3.10
N SER A 39 -10.22 9.07 -2.13
CA SER A 39 -11.49 9.44 -1.49
C SER A 39 -11.34 10.16 -0.14
N ALA A 40 -10.19 10.03 0.54
CA ALA A 40 -9.82 10.80 1.72
C ALA A 40 -9.30 12.20 1.37
N VAL A 41 -8.74 12.35 0.16
CA VAL A 41 -8.14 13.62 -0.34
C VAL A 41 -8.24 13.72 -1.87
N PRO A 42 -8.22 14.94 -2.43
CA PRO A 42 -8.26 15.19 -3.88
C PRO A 42 -7.03 14.70 -4.67
N LEU A 43 -6.22 13.76 -4.17
CA LEU A 43 -5.09 13.19 -4.89
C LEU A 43 -5.53 12.05 -5.82
N SER A 44 -4.71 11.76 -6.83
CA SER A 44 -4.94 10.68 -7.80
C SER A 44 -3.62 9.94 -8.10
N PHE A 45 -3.71 8.62 -8.33
CA PHE A 45 -2.58 7.79 -8.73
C PHE A 45 -2.85 7.25 -10.14
N VAL A 46 -1.90 7.36 -11.06
CA VAL A 46 -1.99 6.84 -12.43
C VAL A 46 -0.89 5.82 -12.69
N ARG A 47 -1.15 4.81 -13.53
CA ARG A 47 -0.13 3.81 -13.89
C ARG A 47 0.70 4.23 -15.11
N ILE A 48 2.03 4.21 -14.97
CA ILE A 48 2.97 4.45 -16.09
C ILE A 48 3.26 3.17 -16.87
N ASN A 49 3.33 2.03 -16.20
CA ASN A 49 3.78 0.73 -16.72
C ASN A 49 5.29 0.69 -17.04
N SER A 50 5.85 1.74 -17.63
CA SER A 50 7.30 1.85 -17.91
C SER A 50 7.88 3.20 -17.44
N GLY A 51 9.09 3.19 -16.88
CA GLY A 51 9.71 4.35 -16.24
C GLY A 51 9.94 4.12 -14.75
N GLU A 52 10.73 5.01 -14.15
CA GLU A 52 10.93 5.09 -12.70
C GLU A 52 9.90 6.05 -12.13
N ALA A 53 9.20 5.61 -11.08
CA ALA A 53 8.00 6.25 -10.57
C ALA A 53 8.16 6.87 -9.17
N ASP A 54 7.09 7.57 -8.79
CA ASP A 54 6.88 7.98 -7.42
C ASP A 54 6.84 6.66 -6.61
N ILE A 55 6.05 5.69 -7.09
CA ILE A 55 5.73 4.39 -6.49
C ILE A 55 5.97 3.20 -7.46
N MET A 56 7.03 2.42 -7.28
CA MET A 56 7.37 1.23 -8.06
C MET A 56 7.14 0.00 -7.20
N ILE A 57 6.38 -0.98 -7.70
CA ILE A 57 5.88 -2.07 -6.83
C ILE A 57 6.15 -3.49 -7.36
N SER A 58 6.41 -4.36 -6.38
CA SER A 58 6.94 -5.71 -6.57
C SER A 58 6.46 -6.71 -5.50
N PHE A 59 6.80 -8.00 -5.67
CA PHE A 59 6.59 -9.07 -4.68
C PHE A 59 7.92 -9.76 -4.39
N GLU A 60 8.39 -9.73 -3.14
CA GLU A 60 9.72 -10.20 -2.76
C GLU A 60 9.73 -11.26 -1.66
N ASN A 61 10.93 -11.78 -1.38
CA ASN A 61 11.19 -12.87 -0.44
C ASN A 61 12.16 -12.39 0.69
N GLY A 62 12.82 -13.35 1.37
CA GLY A 62 13.78 -13.12 2.44
C GLY A 62 15.13 -12.67 1.86
N ASP A 63 15.43 -11.37 2.04
CA ASP A 63 16.54 -10.60 1.44
C ASP A 63 16.17 -10.23 -0.02
N HIS A 64 16.22 -8.94 -0.34
CA HIS A 64 15.71 -8.37 -1.58
C HIS A 64 16.24 -6.95 -1.89
N GLY A 65 17.31 -6.51 -1.21
CA GLY A 65 17.95 -5.20 -1.44
C GLY A 65 17.73 -4.14 -0.37
N ASP A 66 17.55 -4.53 0.90
CA ASP A 66 17.39 -3.60 2.02
C ASP A 66 17.76 -4.23 3.41
N SER A 67 18.36 -3.43 4.30
CA SER A 67 18.67 -3.78 5.71
C SER A 67 17.43 -3.90 6.61
N TYR A 68 16.27 -4.18 6.03
CA TYR A 68 15.02 -4.55 6.69
C TYR A 68 14.28 -5.59 5.80
N PRO A 69 14.85 -6.80 5.64
CA PRO A 69 14.26 -7.87 4.82
C PRO A 69 12.97 -8.41 5.46
N PHE A 70 12.30 -9.34 4.77
CA PHE A 70 11.10 -10.03 5.25
C PHE A 70 11.38 -11.09 6.31
N ASP A 71 10.30 -11.72 6.77
CA ASP A 71 10.25 -12.55 7.99
C ASP A 71 9.73 -13.97 7.74
N GLY A 72 9.89 -14.45 6.49
CA GLY A 72 9.23 -15.67 6.00
C GLY A 72 7.69 -15.60 6.13
N PRO A 73 6.97 -16.71 6.41
CA PRO A 73 5.51 -16.69 6.59
C PRO A 73 5.15 -16.08 7.95
N ARG A 74 3.94 -15.54 8.08
CA ARG A 74 3.50 -14.76 9.24
C ARG A 74 4.22 -13.41 9.31
N GLY A 75 3.81 -12.59 10.29
CA GLY A 75 4.40 -11.30 10.62
C GLY A 75 3.95 -10.32 9.54
N THR A 76 4.96 -9.64 9.00
CA THR A 76 4.88 -8.66 7.92
C THR A 76 4.04 -9.21 6.77
N LEU A 77 2.87 -8.61 6.51
CA LEU A 77 2.06 -8.91 5.31
C LEU A 77 2.51 -8.09 4.11
N ALA A 78 2.86 -6.82 4.36
CA ALA A 78 3.49 -5.97 3.36
C ALA A 78 4.39 -4.92 4.01
N HIS A 79 5.26 -4.30 3.20
CA HIS A 79 5.97 -3.10 3.64
C HIS A 79 6.28 -2.13 2.48
N ALA A 80 5.83 -0.90 2.66
CA ALA A 80 6.02 0.21 1.74
C ALA A 80 7.14 1.11 2.28
N PHE A 81 7.91 1.73 1.39
CA PHE A 81 8.83 2.76 1.80
C PHE A 81 8.05 3.97 2.33
N ALA A 82 8.72 4.76 3.15
CA ALA A 82 8.24 6.09 3.52
C ALA A 82 8.09 6.93 2.22
N PRO A 83 7.29 8.02 2.21
CA PRO A 83 7.21 8.94 1.08
C PRO A 83 8.58 9.43 0.66
N GLY A 84 8.80 9.66 -0.64
CA GLY A 84 9.98 10.38 -1.07
C GLY A 84 10.37 10.20 -2.52
N GLU A 85 11.67 10.08 -2.69
CA GLU A 85 12.37 10.16 -3.98
C GLU A 85 12.68 8.77 -4.57
N GLY A 86 13.96 8.36 -4.58
CA GLY A 86 14.51 7.18 -5.26
C GLY A 86 13.79 5.90 -4.85
N LEU A 87 14.10 5.35 -3.68
CA LEU A 87 13.40 4.18 -3.11
C LEU A 87 12.07 4.56 -2.42
N GLY A 88 11.99 5.79 -1.90
CA GLY A 88 10.77 6.46 -1.40
C GLY A 88 9.51 6.17 -2.20
N GLY A 89 8.41 5.83 -1.51
CA GLY A 89 7.13 5.51 -2.12
C GLY A 89 7.08 4.13 -2.78
N ASP A 90 8.21 3.43 -2.95
CA ASP A 90 8.21 2.14 -3.65
C ASP A 90 7.82 1.02 -2.67
N THR A 91 6.84 0.17 -3.07
CA THR A 91 6.18 -0.78 -2.16
C THR A 91 6.42 -2.22 -2.54
N HIS A 92 6.54 -3.06 -1.50
CA HIS A 92 7.03 -4.44 -1.57
C HIS A 92 6.08 -5.38 -0.79
N PHE A 93 5.78 -6.57 -1.35
CA PHE A 93 4.83 -7.55 -0.77
C PHE A 93 5.50 -8.87 -0.42
N ASP A 94 5.21 -9.35 0.78
CA ASP A 94 5.72 -10.60 1.33
C ASP A 94 5.22 -11.81 0.55
N ASN A 95 6.06 -12.33 -0.35
CA ASN A 95 5.67 -13.42 -1.25
C ASN A 95 5.66 -14.81 -0.55
N ALA A 96 6.25 -14.94 0.65
CA ALA A 96 6.39 -16.19 1.41
C ALA A 96 5.07 -16.81 1.91
N GLU A 97 3.98 -16.02 1.92
CA GLU A 97 2.63 -16.40 2.33
C GLU A 97 1.64 -16.43 1.17
N LYS A 98 0.44 -16.95 1.46
CA LYS A 98 -0.69 -16.94 0.52
C LYS A 98 -1.26 -15.55 0.24
N TRP A 99 -1.81 -15.40 -0.96
CA TRP A 99 -2.49 -14.20 -1.40
C TRP A 99 -3.78 -14.56 -2.15
N THR A 100 -4.88 -13.99 -1.68
CA THR A 100 -6.18 -14.01 -2.38
C THR A 100 -6.84 -12.63 -2.41
N MET A 101 -8.05 -12.61 -2.97
CA MET A 101 -9.05 -11.54 -2.92
C MET A 101 -10.44 -12.09 -2.52
N GLY A 102 -10.53 -13.40 -2.24
CA GLY A 102 -11.78 -14.16 -2.04
C GLY A 102 -12.06 -14.67 -0.63
N THR A 103 -11.63 -13.96 0.43
CA THR A 103 -12.04 -14.24 1.83
C THR A 103 -11.63 -15.65 2.26
N ASN A 104 -10.34 -15.86 2.53
CA ASN A 104 -9.72 -17.11 3.06
C ASN A 104 -8.23 -16.90 3.39
N GLY A 105 -7.40 -16.68 2.37
CA GLY A 105 -6.00 -16.24 2.52
C GLY A 105 -5.90 -14.73 2.83
N PHE A 106 -4.69 -14.15 2.81
CA PHE A 106 -4.50 -12.71 3.02
C PHE A 106 -5.06 -11.91 1.82
N ASN A 107 -5.96 -10.95 2.08
CA ASN A 107 -6.53 -10.14 1.01
C ASN A 107 -5.60 -8.99 0.58
N LEU A 108 -5.20 -9.05 -0.69
CA LEU A 108 -4.29 -8.12 -1.36
C LEU A 108 -4.74 -6.66 -1.19
N PHE A 109 -5.93 -6.27 -1.65
CA PHE A 109 -6.49 -4.91 -1.47
C PHE A 109 -6.50 -4.43 0.00
N THR A 110 -6.99 -5.28 0.92
CA THR A 110 -7.08 -5.02 2.37
C THR A 110 -5.72 -4.69 2.98
N VAL A 111 -4.69 -5.47 2.65
CA VAL A 111 -3.29 -5.19 3.03
C VAL A 111 -2.78 -3.93 2.30
N ALA A 112 -3.03 -3.83 0.99
CA ALA A 112 -2.53 -2.78 0.12
C ALA A 112 -2.90 -1.38 0.61
N ALA A 113 -4.18 -1.10 0.86
CA ALA A 113 -4.58 0.24 1.30
C ALA A 113 -3.82 0.72 2.54
N HIS A 114 -3.50 -0.17 3.49
CA HIS A 114 -2.64 0.17 4.62
C HIS A 114 -1.19 0.52 4.18
N GLU A 115 -0.53 -0.26 3.31
CA GLU A 115 0.85 0.02 2.90
C GLU A 115 0.96 1.26 1.99
N PHE A 116 -0.02 1.53 1.13
CA PHE A 116 -0.11 2.81 0.42
C PHE A 116 -0.15 3.98 1.43
N GLY A 117 -0.86 3.81 2.55
CA GLY A 117 -0.91 4.73 3.69
C GLY A 117 0.44 5.04 4.35
N HIS A 118 1.40 4.12 4.27
CA HIS A 118 2.78 4.39 4.71
C HIS A 118 3.55 5.21 3.66
N ALA A 119 3.28 4.98 2.37
CA ALA A 119 3.94 5.70 1.28
C ALA A 119 3.53 7.17 1.20
N LEU A 120 2.53 7.59 1.98
CA LEU A 120 2.10 8.96 2.23
C LEU A 120 2.99 9.73 3.23
N GLY A 121 3.34 9.03 4.32
CA GLY A 121 3.99 9.56 5.53
C GLY A 121 3.41 9.14 6.89
N LEU A 122 2.44 8.22 6.93
CA LEU A 122 1.81 7.74 8.17
C LEU A 122 2.56 6.56 8.81
N ALA A 123 2.33 6.40 10.12
CA ALA A 123 2.87 5.33 10.98
C ALA A 123 1.78 4.32 11.34
N HIS A 124 2.13 3.27 12.10
CA HIS A 124 1.16 2.34 12.68
C HIS A 124 0.31 3.01 13.75
N SER A 125 -0.85 3.54 13.38
CA SER A 125 -1.84 4.17 14.22
C SER A 125 -2.46 3.09 15.09
N THR A 126 -1.96 2.87 16.31
CA THR A 126 -2.47 1.86 17.24
C THR A 126 -3.78 2.34 17.89
N ASP A 127 -4.65 2.90 17.05
CA ASP A 127 -5.89 3.60 17.40
C ASP A 127 -7.14 2.68 17.34
N PRO A 128 -8.19 2.94 18.17
CA PRO A 128 -9.41 2.14 18.20
C PRO A 128 -10.28 2.26 16.93
N SER A 129 -9.96 3.12 15.95
CA SER A 129 -10.63 3.14 14.61
C SER A 129 -9.72 3.61 13.46
N ALA A 130 -8.55 2.97 13.34
CA ALA A 130 -7.59 3.16 12.26
C ALA A 130 -7.44 1.91 11.37
N LEU A 131 -6.92 2.14 10.16
CA LEU A 131 -6.50 1.13 9.19
C LEU A 131 -5.03 0.82 9.38
N MET A 132 -4.21 1.84 9.65
CA MET A 132 -2.78 1.67 9.90
C MET A 132 -2.49 0.94 11.23
N TYR A 133 -3.51 0.55 11.98
CA TYR A 133 -3.38 -0.34 13.15
C TYR A 133 -2.42 -1.52 12.87
N PRO A 134 -1.44 -1.78 13.76
CA PRO A 134 -0.50 -2.87 13.56
C PRO A 134 -1.15 -4.21 13.95
N THR A 135 -1.86 -4.84 12.99
CA THR A 135 -2.37 -6.23 13.07
C THR A 135 -3.08 -6.65 11.78
N TYR A 136 -3.37 -7.94 11.63
CA TYR A 136 -4.24 -8.42 10.55
C TYR A 136 -5.75 -8.33 10.91
N LYS A 137 -6.50 -7.64 10.05
CA LYS A 137 -7.97 -7.64 10.05
C LYS A 137 -8.50 -7.75 8.61
N TYR A 138 -9.68 -8.34 8.44
CA TYR A 138 -10.36 -8.52 7.17
C TYR A 138 -11.51 -7.52 7.03
N LYS A 139 -11.22 -6.44 6.32
CA LYS A 139 -12.26 -5.48 5.91
C LYS A 139 -13.03 -6.03 4.70
N ASN A 140 -14.36 -6.01 4.83
CA ASN A 140 -15.30 -6.34 3.76
C ASN A 140 -15.05 -5.36 2.59
N PRO A 141 -14.59 -5.83 1.40
CA PRO A 141 -14.14 -4.94 0.34
C PRO A 141 -15.33 -4.45 -0.50
N TYR A 142 -16.08 -3.46 0.00
CA TYR A 142 -17.30 -2.96 -0.61
C TYR A 142 -17.54 -1.44 -0.48
N GLY A 143 -16.46 -0.64 -0.46
CA GLY A 143 -16.55 0.83 -0.34
C GLY A 143 -16.33 1.36 1.08
N PHE A 144 -15.73 0.52 1.95
CA PHE A 144 -15.40 0.84 3.33
C PHE A 144 -14.31 1.94 3.50
N HIS A 145 -13.72 2.34 2.37
CA HIS A 145 -12.51 3.18 2.24
C HIS A 145 -11.49 2.95 3.37
N LEU A 146 -11.30 3.97 4.21
CA LEU A 146 -10.59 3.93 5.48
C LEU A 146 -11.66 3.88 6.59
N PRO A 147 -11.34 3.41 7.81
CA PRO A 147 -12.25 3.53 8.94
C PRO A 147 -12.53 5.00 9.21
N LYS A 148 -11.53 5.86 9.47
CA LYS A 148 -11.74 7.25 9.89
C LYS A 148 -10.43 8.04 10.03
N ASP A 149 -9.65 7.78 11.09
CA ASP A 149 -8.53 8.64 11.49
C ASP A 149 -7.50 8.83 10.38
N ASP A 150 -7.29 7.76 9.62
CA ASP A 150 -6.32 7.70 8.54
C ASP A 150 -6.67 8.75 7.46
N VAL A 151 -7.95 9.17 7.35
CA VAL A 151 -8.43 10.24 6.45
C VAL A 151 -7.87 11.58 6.90
N LYS A 152 -8.02 11.95 8.18
CA LYS A 152 -7.43 13.19 8.72
C LYS A 152 -5.89 13.15 8.83
N GLY A 153 -5.29 11.96 8.72
CA GLY A 153 -3.84 11.74 8.59
C GLY A 153 -3.37 12.08 7.20
N ILE A 154 -3.92 11.50 6.14
CA ILE A 154 -3.59 11.89 4.75
C ILE A 154 -3.99 13.33 4.41
N GLN A 155 -5.10 13.84 4.96
CA GLN A 155 -5.57 15.19 4.66
C GLN A 155 -4.58 16.25 5.14
N ALA A 156 -3.81 15.94 6.19
CA ALA A 156 -2.83 16.86 6.76
C ALA A 156 -1.56 17.03 5.89
N LEU A 157 -1.46 16.26 4.80
CA LEU A 157 -0.31 16.25 3.89
C LEU A 157 -0.62 17.09 2.65
N TYR A 158 -1.79 16.84 2.05
CA TYR A 158 -2.27 17.41 0.79
C TYR A 158 -3.29 18.55 0.98
N GLY A 159 -3.85 18.72 2.18
CA GLY A 159 -4.95 19.63 2.50
C GLY A 159 -4.60 20.81 3.45
N PRO A 160 -5.12 20.88 4.70
CA PRO A 160 -5.05 22.04 5.60
C PRO A 160 -3.93 21.94 6.68
CA CA B . 5.83 -12.29 5.91
CA CA C . 10.31 6.02 -6.00
ZN ZN D . 11.60 -4.31 1.13
ZN ZN E . 2.04 -1.07 8.47
C1 NGH F . -0.39 -4.82 9.16
C2 NGH F . -1.65 -4.35 8.82
C3 NGH F . -2.04 -4.27 7.49
C4 NGH F . -1.12 -4.55 6.49
C5 NGH F . 0.16 -4.98 6.83
C6 NGH F . 0.52 -5.14 8.17
O1 NGH F . -3.33 -3.90 7.14
C7 NGH F . -4.45 -4.62 7.68
S1 NGH F . 2.11 -5.83 8.51
O2 NGH F . 2.74 -5.99 7.20
O3 NGH F . 2.01 -6.99 9.37
N NGH F . 3.05 -4.74 9.28
C9 NGH F . 2.70 -4.25 10.65
C10 NGH F . 4.09 -4.00 8.51
C11 NGH F . 3.64 -2.77 7.74
N1 NGH F . 2.72 -2.99 6.79
O4 NGH F . 2.04 -2.02 6.35
O5 NGH F . 4.06 -1.65 7.92
C12 NGH F . 2.97 -5.32 11.74
C13 NGH F . 1.66 -5.75 12.44
C14 NGH F . 3.97 -4.77 12.77
H1 NGH F . -0.13 -4.96 10.22
H2 NGH F . -2.35 -4.09 9.61
H4 NGH F . -1.37 -4.51 5.44
H5 NGH F . 0.85 -5.21 6.03
H71 NGH F . -4.35 -5.66 7.41
H72 NGH F . -5.36 -4.20 7.25
H73 NGH F . -4.47 -4.50 8.77
H91 NGH F . 1.67 -3.89 10.70
H92 NGH F . 3.28 -3.38 10.88
H101 NGH F . 4.56 -4.66 7.77
H102 NGH F . 4.89 -3.70 9.17
HN1 NGH F . 2.70 -3.90 6.34
H12 NGH F . 3.41 -6.22 11.30
H131 NGH F . 0.97 -6.21 11.73
H132 NGH F . 1.18 -4.89 12.88
H133 NGH F . 1.86 -6.47 13.23
H141 NGH F . 4.91 -4.48 12.28
H142 NGH F . 4.22 -5.52 13.51
H143 NGH F . 3.57 -3.89 13.28
N GLY A 1 10.24 21.18 5.25
CA GLY A 1 8.85 20.79 5.60
C GLY A 1 8.78 19.31 5.90
N GLU A 2 7.63 18.79 6.35
CA GLU A 2 7.47 17.33 6.55
C GLU A 2 7.76 16.59 5.21
N PRO A 3 8.37 15.38 5.24
CA PRO A 3 8.89 14.67 4.06
C PRO A 3 7.87 14.15 3.03
N LYS A 4 6.58 14.34 3.28
CA LYS A 4 5.49 13.97 2.36
C LYS A 4 5.57 14.66 0.98
N TRP A 5 4.75 14.20 0.05
CA TRP A 5 4.85 14.57 -1.36
C TRP A 5 4.65 16.06 -1.68
N LYS A 6 5.56 16.64 -2.49
CA LYS A 6 5.43 18.02 -2.96
C LYS A 6 4.19 18.25 -3.84
N LYS A 7 3.64 17.19 -4.46
CA LYS A 7 2.45 17.30 -5.29
C LYS A 7 1.40 16.22 -4.99
N ASN A 8 0.21 16.41 -5.56
CA ASN A 8 -0.97 15.55 -5.39
C ASN A 8 -1.11 14.49 -6.51
N THR A 9 -0.46 14.72 -7.66
CA THR A 9 -0.52 13.91 -8.88
C THR A 9 0.69 12.97 -8.94
N LEU A 10 0.45 11.68 -8.67
CA LEU A 10 1.48 10.66 -8.45
C LEU A 10 1.28 9.41 -9.33
N THR A 11 2.39 8.69 -9.57
CA THR A 11 2.50 7.63 -10.56
C THR A 11 3.14 6.38 -9.98
N TYR A 12 2.74 5.22 -10.49
CA TYR A 12 3.14 3.91 -9.98
C TYR A 12 3.65 2.98 -11.09
N ARG A 13 4.33 1.88 -10.76
CA ARG A 13 4.82 0.90 -11.74
C ARG A 13 4.96 -0.51 -11.16
N ILE A 14 4.42 -1.50 -11.85
CA ILE A 14 4.63 -2.93 -11.54
C ILE A 14 5.83 -3.54 -12.30
N SER A 15 6.78 -4.14 -11.57
CA SER A 15 7.82 -4.98 -12.19
C SER A 15 7.42 -6.47 -12.11
N LYS A 16 6.79 -6.89 -11.02
CA LYS A 16 6.54 -8.31 -10.73
C LYS A 16 5.29 -8.49 -9.83
N TYR A 17 4.66 -9.67 -9.88
CA TYR A 17 3.42 -9.98 -9.19
C TYR A 17 3.59 -11.14 -8.18
N THR A 18 2.50 -11.53 -7.52
CA THR A 18 2.41 -12.78 -6.76
C THR A 18 1.85 -13.86 -7.71
N PRO A 19 2.35 -15.11 -7.71
CA PRO A 19 1.80 -16.20 -8.51
C PRO A 19 0.46 -16.72 -7.94
N SER A 20 0.14 -16.32 -6.71
CA SER A 20 -1.05 -16.73 -5.95
C SER A 20 -2.38 -16.22 -6.54
N MET A 21 -2.37 -15.08 -7.25
CA MET A 21 -3.51 -14.48 -7.95
C MET A 21 -3.09 -14.00 -9.35
N SER A 22 -4.02 -13.93 -10.29
CA SER A 22 -3.72 -13.36 -11.61
C SER A 22 -3.37 -11.87 -11.50
N SER A 23 -2.41 -11.43 -12.33
CA SER A 23 -1.95 -10.04 -12.44
C SER A 23 -3.08 -8.98 -12.42
N VAL A 24 -4.22 -9.30 -13.01
CA VAL A 24 -5.36 -8.38 -13.15
C VAL A 24 -6.21 -8.34 -11.89
N GLU A 25 -6.32 -9.46 -11.16
CA GLU A 25 -6.94 -9.55 -9.84
C GLU A 25 -6.10 -8.73 -8.86
N VAL A 26 -4.76 -8.82 -8.96
CA VAL A 26 -3.81 -8.02 -8.18
C VAL A 26 -4.00 -6.52 -8.47
N ASP A 27 -4.00 -6.12 -9.75
CA ASP A 27 -4.36 -4.74 -10.15
C ASP A 27 -5.71 -4.30 -9.57
N LYS A 28 -6.76 -5.07 -9.88
CA LYS A 28 -8.11 -4.77 -9.44
C LYS A 28 -8.26 -4.77 -7.90
N ALA A 29 -7.43 -5.52 -7.18
CA ALA A 29 -7.35 -5.49 -5.71
C ALA A 29 -6.63 -4.25 -5.20
N VAL A 30 -5.59 -3.73 -5.87
CA VAL A 30 -4.97 -2.45 -5.50
C VAL A 30 -5.77 -1.23 -5.95
N GLU A 31 -6.57 -1.30 -7.02
CA GLU A 31 -7.22 -0.11 -7.58
C GLU A 31 -8.14 0.55 -6.55
N MET A 32 -8.90 -0.28 -5.85
CA MET A 32 -9.81 0.09 -4.78
C MET A 32 -9.12 0.86 -3.65
N ALA A 33 -7.86 0.51 -3.36
CA ALA A 33 -7.05 1.10 -2.33
C ALA A 33 -6.55 2.49 -2.72
N LEU A 34 -6.18 2.66 -3.99
CA LEU A 34 -5.76 3.94 -4.56
C LEU A 34 -6.95 4.92 -4.60
N GLN A 35 -8.10 4.41 -5.04
CA GLN A 35 -9.32 5.20 -5.13
C GLN A 35 -9.79 5.66 -3.76
N ALA A 36 -9.69 4.84 -2.70
CA ALA A 36 -10.06 5.25 -1.34
C ALA A 36 -9.28 6.48 -0.83
N TRP A 37 -7.98 6.60 -1.13
CA TRP A 37 -7.19 7.80 -0.81
C TRP A 37 -7.59 9.01 -1.66
N SER A 38 -7.88 8.78 -2.94
CA SER A 38 -8.47 9.79 -3.81
C SER A 38 -9.93 10.17 -3.39
N SER A 39 -10.47 9.56 -2.32
CA SER A 39 -11.71 9.98 -1.66
C SER A 39 -11.38 10.83 -0.42
N ALA A 40 -10.32 10.49 0.33
CA ALA A 40 -9.86 11.19 1.51
C ALA A 40 -9.24 12.57 1.21
N VAL A 41 -8.72 12.78 -0.01
CA VAL A 41 -8.09 14.04 -0.45
C VAL A 41 -8.14 14.14 -1.97
N PRO A 42 -7.95 15.35 -2.51
CA PRO A 42 -7.73 15.61 -3.93
C PRO A 42 -6.31 15.18 -4.38
N LEU A 43 -6.11 13.88 -4.59
CA LEU A 43 -4.88 13.29 -5.15
C LEU A 43 -5.17 12.30 -6.28
N SER A 44 -4.13 11.94 -7.03
CA SER A 44 -4.19 11.03 -8.15
C SER A 44 -3.07 10.03 -8.00
N PHE A 45 -3.41 8.74 -8.13
CA PHE A 45 -2.47 7.64 -8.17
C PHE A 45 -2.66 6.87 -9.48
N VAL A 46 -1.71 6.99 -10.42
CA VAL A 46 -1.82 6.27 -11.71
C VAL A 46 -0.64 5.36 -11.98
N ARG A 47 -0.92 4.05 -12.07
CA ARG A 47 0.04 3.08 -12.54
C ARG A 47 0.32 3.29 -14.03
N ILE A 48 1.58 3.61 -14.34
CA ILE A 48 2.02 3.90 -15.71
C ILE A 48 2.34 2.64 -16.51
N ASN A 49 2.59 2.83 -17.81
CA ASN A 49 2.92 1.76 -18.76
C ASN A 49 4.38 1.80 -19.31
N SER A 50 5.18 2.80 -18.93
CA SER A 50 6.50 3.09 -19.53
C SER A 50 7.21 4.23 -18.76
N GLY A 51 8.50 4.07 -18.39
CA GLY A 51 9.29 5.03 -17.61
C GLY A 51 9.40 4.67 -16.12
N GLU A 52 10.06 5.57 -15.39
CA GLU A 52 10.06 5.52 -13.92
C GLU A 52 8.82 6.24 -13.40
N ALA A 53 8.21 5.66 -12.38
CA ALA A 53 7.10 6.18 -11.60
C ALA A 53 7.51 6.28 -10.15
N ASP A 54 6.77 7.04 -9.33
CA ASP A 54 7.25 7.30 -7.98
C ASP A 54 6.99 6.14 -7.04
N ILE A 55 6.01 5.30 -7.34
CA ILE A 55 5.64 4.20 -6.47
C ILE A 55 5.75 2.86 -7.21
N MET A 56 6.91 2.23 -7.08
CA MET A 56 7.19 0.93 -7.67
C MET A 56 6.66 -0.17 -6.74
N ILE A 57 5.82 -1.05 -7.28
CA ILE A 57 5.24 -2.21 -6.57
C ILE A 57 5.89 -3.51 -7.07
N SER A 58 6.44 -4.30 -6.14
CA SER A 58 7.11 -5.57 -6.44
C SER A 58 6.92 -6.64 -5.36
N PHE A 59 7.02 -7.94 -5.74
CA PHE A 59 6.79 -9.07 -4.84
C PHE A 59 8.10 -9.79 -4.59
N GLU A 60 8.64 -9.61 -3.40
CA GLU A 60 9.99 -10.04 -3.06
C GLU A 60 10.01 -11.20 -2.05
N ASN A 61 10.95 -12.12 -2.29
CA ASN A 61 10.97 -13.44 -1.70
C ASN A 61 11.89 -13.54 -0.47
N GLY A 62 11.44 -12.92 0.63
CA GLY A 62 12.11 -12.87 1.94
C GLY A 62 13.02 -11.65 2.02
N ASP A 63 14.32 -11.88 1.95
CA ASP A 63 15.27 -10.80 1.74
C ASP A 63 15.14 -10.28 0.28
N HIS A 64 15.98 -9.31 -0.06
CA HIS A 64 15.98 -8.61 -1.36
C HIS A 64 17.13 -7.60 -1.46
N GLY A 65 17.49 -6.96 -0.33
CA GLY A 65 18.63 -6.05 -0.21
C GLY A 65 18.17 -4.65 0.18
N ASP A 66 17.82 -4.49 1.45
CA ASP A 66 17.45 -3.20 2.07
C ASP A 66 18.20 -2.95 3.40
N SER A 67 18.25 -4.00 4.23
CA SER A 67 18.60 -4.16 5.64
C SER A 67 17.55 -5.18 6.10
N TYR A 68 16.29 -4.72 6.00
CA TYR A 68 15.09 -5.45 6.42
C TYR A 68 14.61 -6.46 5.36
N PRO A 69 14.69 -7.77 5.64
CA PRO A 69 14.00 -8.79 4.84
C PRO A 69 12.53 -8.81 5.29
N PHE A 70 11.77 -9.83 4.87
CA PHE A 70 10.49 -10.15 5.48
C PHE A 70 10.69 -11.20 6.61
N ASP A 71 9.87 -12.25 6.61
CA ASP A 71 9.76 -13.20 7.73
C ASP A 71 8.97 -14.48 7.39
N GLY A 72 9.00 -14.91 6.13
CA GLY A 72 8.40 -16.19 5.72
C GLY A 72 6.86 -16.18 5.86
N PRO A 73 6.21 -17.33 6.17
CA PRO A 73 4.76 -17.43 6.31
C PRO A 73 4.29 -16.86 7.64
N ARG A 74 3.39 -15.87 7.53
CA ARG A 74 2.83 -14.97 8.58
C ARG A 74 3.77 -13.77 8.81
N GLY A 75 3.47 -12.99 9.84
CA GLY A 75 4.22 -11.84 10.32
C GLY A 75 3.96 -10.62 9.43
N THR A 76 5.06 -10.06 8.94
CA THR A 76 5.12 -8.89 8.05
C THR A 76 4.50 -9.27 6.71
N LEU A 77 3.27 -8.82 6.48
CA LEU A 77 2.58 -9.04 5.20
C LEU A 77 3.12 -8.13 4.08
N ALA A 78 3.48 -6.91 4.45
CA ALA A 78 3.96 -5.91 3.50
C ALA A 78 4.84 -4.87 4.18
N HIS A 79 5.73 -4.22 3.43
CA HIS A 79 6.45 -3.05 3.90
C HIS A 79 6.71 -2.05 2.77
N ALA A 80 6.00 -0.93 2.88
CA ALA A 80 6.19 0.23 2.08
C ALA A 80 7.32 1.07 2.70
N PHE A 81 7.86 1.97 1.89
CA PHE A 81 8.74 3.01 2.37
C PHE A 81 7.89 4.18 2.86
N ALA A 82 8.50 5.03 3.70
CA ALA A 82 7.96 6.36 3.98
C ALA A 82 8.01 7.15 2.65
N PRO A 83 7.28 8.27 2.47
CA PRO A 83 7.45 9.15 1.31
C PRO A 83 8.90 9.60 1.16
N GLY A 84 9.33 9.85 -0.08
CA GLY A 84 10.64 10.45 -0.34
C GLY A 84 11.09 10.32 -1.79
N GLU A 85 12.39 10.14 -1.93
CA GLU A 85 13.11 10.15 -3.21
C GLU A 85 13.08 8.77 -3.93
N GLY A 86 14.22 8.05 -3.99
CA GLY A 86 14.40 6.80 -4.74
C GLY A 86 13.47 5.69 -4.27
N LEU A 87 13.89 4.89 -3.28
CA LEU A 87 13.04 3.90 -2.60
C LEU A 87 11.86 4.53 -1.84
N GLY A 88 12.00 5.80 -1.44
CA GLY A 88 10.92 6.59 -0.81
C GLY A 88 9.62 6.60 -1.59
N GLY A 89 8.54 6.18 -0.92
CA GLY A 89 7.23 6.01 -1.53
C GLY A 89 7.00 4.66 -2.19
N ASP A 90 8.01 3.80 -2.28
CA ASP A 90 7.91 2.55 -3.02
C ASP A 90 7.30 1.47 -2.11
N THR A 91 6.82 0.37 -2.71
CA THR A 91 6.04 -0.66 -2.00
C THR A 91 6.51 -2.08 -2.31
N HIS A 92 6.86 -2.80 -1.25
CA HIS A 92 7.36 -4.17 -1.31
C HIS A 92 6.44 -5.13 -0.53
N PHE A 93 6.02 -6.22 -1.19
CA PHE A 93 5.16 -7.27 -0.63
C PHE A 93 5.90 -8.61 -0.52
N ASP A 94 5.61 -9.42 0.50
CA ASP A 94 6.26 -10.73 0.65
C ASP A 94 5.69 -11.82 -0.27
N ASN A 95 6.58 -12.40 -1.09
CA ASN A 95 6.32 -13.56 -1.95
C ASN A 95 6.47 -14.91 -1.19
N ALA A 96 7.00 -14.90 0.05
CA ALA A 96 7.17 -16.09 0.89
C ALA A 96 5.89 -16.61 1.56
N GLU A 97 4.72 -16.06 1.22
CA GLU A 97 3.40 -16.38 1.76
C GLU A 97 2.27 -16.18 0.73
N LYS A 98 1.02 -16.41 1.15
CA LYS A 98 -0.13 -16.58 0.23
C LYS A 98 -1.07 -15.38 0.17
N TRP A 99 -1.83 -15.33 -0.92
CA TRP A 99 -2.62 -14.16 -1.34
C TRP A 99 -3.88 -14.49 -2.17
N THR A 100 -5.02 -13.92 -1.76
CA THR A 100 -6.32 -13.99 -2.45
C THR A 100 -7.18 -12.75 -2.15
N MET A 101 -8.40 -12.68 -2.70
CA MET A 101 -9.44 -11.69 -2.33
C MET A 101 -10.51 -12.29 -1.39
N GLY A 102 -10.27 -13.52 -0.92
CA GLY A 102 -11.14 -14.32 -0.06
C GLY A 102 -10.91 -14.09 1.44
N THR A 103 -10.85 -15.20 2.19
CA THR A 103 -10.88 -15.29 3.67
C THR A 103 -9.68 -16.05 4.25
N ASN A 104 -9.47 -17.30 3.81
CA ASN A 104 -8.51 -18.26 4.38
C ASN A 104 -7.07 -17.86 4.08
N GLY A 105 -6.81 -17.65 2.80
CA GLY A 105 -5.57 -16.98 2.30
C GLY A 105 -5.65 -15.47 2.58
N PHE A 106 -4.53 -14.76 2.50
CA PHE A 106 -4.45 -13.36 2.99
C PHE A 106 -5.07 -12.39 1.98
N ASN A 107 -5.80 -11.41 2.49
CA ASN A 107 -6.63 -10.51 1.67
C ASN A 107 -5.83 -9.32 1.12
N LEU A 108 -5.45 -9.36 -0.17
CA LEU A 108 -4.53 -8.39 -0.78
C LEU A 108 -5.03 -6.95 -0.62
N PHE A 109 -6.25 -6.63 -1.06
CA PHE A 109 -6.82 -5.26 -0.99
C PHE A 109 -6.72 -4.64 0.42
N THR A 110 -7.20 -5.35 1.47
CA THR A 110 -7.13 -4.86 2.86
C THR A 110 -5.69 -4.55 3.31
N VAL A 111 -4.68 -5.27 2.80
CA VAL A 111 -3.25 -4.96 3.04
C VAL A 111 -2.74 -3.80 2.16
N ALA A 112 -3.21 -3.69 0.91
CA ALA A 112 -2.74 -2.71 -0.08
C ALA A 112 -2.96 -1.26 0.36
N ALA A 113 -4.19 -0.91 0.78
CA ALA A 113 -4.51 0.47 1.16
C ALA A 113 -3.72 0.95 2.38
N HIS A 114 -3.43 0.03 3.31
CA HIS A 114 -2.54 0.28 4.44
C HIS A 114 -1.10 0.60 3.97
N GLU A 115 -0.47 -0.22 3.12
CA GLU A 115 0.86 0.07 2.57
C GLU A 115 0.97 1.43 1.89
N PHE A 116 0.01 1.78 1.02
CA PHE A 116 0.01 3.10 0.42
C PHE A 116 -0.02 4.18 1.48
N GLY A 117 -0.80 3.97 2.56
CA GLY A 117 -0.86 4.77 3.78
C GLY A 117 0.49 5.17 4.36
N HIS A 118 1.49 4.29 4.30
CA HIS A 118 2.86 4.59 4.74
C HIS A 118 3.62 5.43 3.73
N ALA A 119 3.40 5.16 2.44
CA ALA A 119 4.08 5.87 1.34
C ALA A 119 3.56 7.30 1.18
N LEU A 120 2.40 7.63 1.76
CA LEU A 120 1.87 8.98 1.91
C LEU A 120 2.72 9.85 2.85
N GLY A 121 3.06 9.25 4.00
CA GLY A 121 3.62 9.83 5.22
C GLY A 121 3.19 9.22 6.55
N LEU A 122 2.27 8.25 6.61
CA LEU A 122 1.72 7.78 7.90
C LEU A 122 2.50 6.65 8.62
N ALA A 123 2.15 6.50 9.90
CA ALA A 123 2.61 5.48 10.86
C ALA A 123 1.45 4.52 11.23
N HIS A 124 1.72 3.45 12.00
CA HIS A 124 0.69 2.55 12.54
C HIS A 124 -0.27 3.27 13.51
N SER A 125 -1.49 3.59 13.05
CA SER A 125 -2.46 4.37 13.79
C SER A 125 -3.04 3.65 15.02
N THR A 126 -2.96 2.31 15.06
CA THR A 126 -3.26 1.40 16.21
C THR A 126 -4.65 1.58 16.84
N ASP A 127 -5.54 2.33 16.19
CA ASP A 127 -6.91 2.56 16.59
C ASP A 127 -7.83 1.47 16.01
N PRO A 128 -8.78 0.92 16.80
CA PRO A 128 -9.54 -0.29 16.41
C PRO A 128 -10.50 -0.13 15.22
N SER A 129 -10.58 1.06 14.60
CA SER A 129 -11.36 1.31 13.39
C SER A 129 -10.42 1.54 12.20
N ALA A 130 -9.21 2.07 12.48
CA ALA A 130 -8.19 2.58 11.56
C ALA A 130 -7.76 1.59 10.48
N LEU A 131 -7.19 2.12 9.40
CA LEU A 131 -6.59 1.34 8.33
C LEU A 131 -5.09 1.07 8.57
N MET A 132 -4.33 2.02 9.13
CA MET A 132 -2.97 1.75 9.59
C MET A 132 -2.92 1.02 10.94
N TYR A 133 -4.04 0.47 11.43
CA TYR A 133 -3.97 -0.52 12.54
C TYR A 133 -2.90 -1.60 12.23
N PRO A 134 -1.89 -1.83 13.11
CA PRO A 134 -0.84 -2.84 12.92
C PRO A 134 -1.39 -4.25 13.19
N THR A 135 -0.76 -5.24 12.56
CA THR A 135 -1.15 -6.66 12.43
C THR A 135 -2.27 -6.83 11.39
N TYR A 136 -2.46 -8.07 10.97
CA TYR A 136 -3.58 -8.44 10.12
C TYR A 136 -4.94 -8.24 10.83
N LYS A 137 -5.73 -7.29 10.34
CA LYS A 137 -7.11 -7.08 10.71
C LYS A 137 -7.95 -6.98 9.44
N TYR A 138 -9.04 -7.73 9.46
CA TYR A 138 -9.97 -7.79 8.34
C TYR A 138 -10.97 -6.64 8.40
N LYS A 139 -11.22 -6.04 7.25
CA LYS A 139 -12.13 -4.91 7.09
C LYS A 139 -13.36 -5.32 6.28
N ASN A 140 -13.44 -4.86 5.04
CA ASN A 140 -14.57 -5.03 4.08
C ASN A 140 -14.09 -4.84 2.63
N PRO A 141 -13.58 -5.89 1.95
CA PRO A 141 -12.92 -5.79 0.64
C PRO A 141 -13.93 -5.76 -0.52
N TYR A 142 -14.93 -4.89 -0.41
CA TYR A 142 -15.99 -4.63 -1.38
C TYR A 142 -15.96 -3.14 -1.80
N GLY A 143 -14.84 -2.45 -1.59
CA GLY A 143 -14.61 -1.04 -1.93
C GLY A 143 -14.73 -0.09 -0.75
N PHE A 144 -14.56 -0.59 0.48
CA PHE A 144 -14.60 0.23 1.70
C PHE A 144 -13.67 1.45 1.61
N HIS A 145 -14.16 2.61 2.02
CA HIS A 145 -13.32 3.80 2.21
C HIS A 145 -12.83 3.91 3.69
N LEU A 146 -12.09 4.99 4.02
CA LEU A 146 -11.42 5.09 5.31
C LEU A 146 -12.35 5.41 6.48
N PRO A 147 -12.00 4.97 7.70
CA PRO A 147 -12.80 5.16 8.90
C PRO A 147 -12.81 6.64 9.31
N LYS A 148 -11.66 7.23 9.66
CA LYS A 148 -11.59 8.59 10.21
C LYS A 148 -10.18 9.10 10.34
N ASP A 149 -9.39 8.56 11.27
CA ASP A 149 -8.05 9.14 11.55
C ASP A 149 -7.09 9.09 10.34
N ASP A 150 -7.24 8.08 9.49
CA ASP A 150 -6.40 7.91 8.33
C ASP A 150 -6.74 9.03 7.33
N VAL A 151 -7.99 9.52 7.28
CA VAL A 151 -8.42 10.60 6.38
C VAL A 151 -7.83 11.93 6.89
N LYS A 152 -7.96 12.25 8.19
CA LYS A 152 -7.32 13.50 8.67
C LYS A 152 -5.79 13.41 8.65
N GLY A 153 -5.22 12.19 8.70
CA GLY A 153 -3.77 11.96 8.56
C GLY A 153 -3.27 12.38 7.17
N ILE A 154 -3.86 11.83 6.09
CA ILE A 154 -3.52 12.22 4.71
C ILE A 154 -3.88 13.67 4.37
N GLN A 155 -4.99 14.19 4.90
CA GLN A 155 -5.40 15.58 4.68
C GLN A 155 -4.38 16.56 5.25
N ALA A 156 -3.59 16.16 6.26
CA ALA A 156 -2.50 16.99 6.79
C ALA A 156 -1.25 17.04 5.87
N LEU A 157 -1.18 16.15 4.86
CA LEU A 157 -0.02 15.98 3.99
C LEU A 157 -0.25 16.70 2.65
N TYR A 158 -1.38 16.40 2.00
CA TYR A 158 -1.71 16.94 0.68
C TYR A 158 -2.62 18.18 0.74
N GLY A 159 -3.26 18.46 1.89
CA GLY A 159 -4.29 19.50 2.02
C GLY A 159 -4.03 20.65 3.00
N PRO A 160 -2.85 21.33 3.01
CA PRO A 160 -2.58 22.50 3.85
C PRO A 160 -3.09 23.85 3.28
CA CA B . 5.56 -12.60 5.86
CA CA C . 10.04 6.81 -5.33
ZN ZN D . 11.96 -3.66 0.92
ZN ZN E . 1.99 -0.88 8.42
C1 NGH F . 0.12 -4.89 9.08
C2 NGH F . -1.16 -4.53 8.68
C3 NGH F . -1.50 -4.52 7.33
C4 NGH F . -0.52 -4.80 6.39
C5 NGH F . 0.75 -5.15 6.78
C6 NGH F . 1.07 -5.22 8.13
O1 NGH F . -2.77 -4.21 6.91
C7 NGH F . -3.93 -4.71 7.61
S1 NGH F . 2.68 -5.80 8.61
O2 NGH F . 3.36 -6.16 7.37
O3 NGH F . 2.57 -6.84 9.63
N NGH F . 3.58 -4.61 9.31
C9 NGH F . 3.21 -4.02 10.63
C10 NGH F . 4.49 -3.82 8.45
C11 NGH F . 3.86 -2.63 7.78
N1 NGH F . 3.00 -2.90 6.79
O4 NGH F . 1.96 -2.20 6.63
O5 NGH F . 4.05 -1.49 8.15
C12 NGH F . 3.72 -4.92 11.80
C13 NGH F . 2.54 -5.59 12.53
C14 NGH F . 4.53 -4.07 12.79
H1 NGH F . 0.40 -4.94 10.12
H2 NGH F . -1.91 -4.28 9.44
H4 NGH F . -0.75 -4.77 5.33
H5 NGH F . 1.50 -5.37 6.01
H71 NGH F . -3.86 -5.80 7.65
H72 NGH F . -4.82 -4.42 7.05
H73 NGH F . -3.96 -4.29 8.62
H91 NGH F . 2.13 -3.85 10.72
H92 NGH F . 3.63 -3.03 10.75
H101 NGH F . 4.94 -4.43 7.67
H102 NGH F . 5.36 -3.48 9.04
HN1 NGH F . 3.12 -3.77 6.27
H12 NGH F . 4.38 -5.71 11.41
H131 NGH F . 1.90 -6.14 11.83
H132 NGH F . 1.92 -4.84 13.02
H133 NGH F . 2.89 -6.28 13.28
H141 NGH F . 5.40 -3.64 12.29
H142 NGH F . 4.90 -4.68 13.61
H143 NGH F . 3.94 -3.25 13.20
N GLY A 1 10.93 15.44 9.45
CA GLY A 1 10.36 14.18 10.00
C GLY A 1 9.14 13.77 9.18
N GLU A 2 8.56 12.57 9.38
CA GLU A 2 7.49 11.93 8.57
C GLU A 2 6.90 12.87 7.50
N PRO A 3 7.61 13.04 6.36
CA PRO A 3 7.35 14.11 5.41
C PRO A 3 6.21 13.75 4.47
N LYS A 4 5.96 14.65 3.52
CA LYS A 4 4.88 14.53 2.52
C LYS A 4 5.26 14.97 1.12
N TRP A 5 4.45 14.53 0.16
CA TRP A 5 4.60 14.88 -1.25
C TRP A 5 4.27 16.35 -1.55
N LYS A 6 5.08 16.94 -2.43
CA LYS A 6 4.85 18.28 -2.99
C LYS A 6 3.78 18.32 -4.11
N LYS A 7 3.15 17.19 -4.49
CA LYS A 7 2.11 17.15 -5.53
C LYS A 7 0.97 16.13 -5.24
N ASN A 8 -0.17 16.27 -5.92
CA ASN A 8 -1.33 15.35 -5.80
C ASN A 8 -1.34 14.17 -6.81
N THR A 9 -0.57 14.24 -7.90
CA THR A 9 -0.55 13.22 -8.93
C THR A 9 0.55 12.23 -8.57
N LEU A 10 0.17 11.02 -8.15
CA LEU A 10 1.17 9.98 -7.85
C LEU A 10 1.26 8.97 -8.97
N THR A 11 2.48 8.54 -9.29
CA THR A 11 2.75 7.60 -10.37
C THR A 11 2.98 6.22 -9.79
N TYR A 12 2.42 5.19 -10.43
CA TYR A 12 2.72 3.82 -10.01
C TYR A 12 2.92 2.83 -11.15
N ARG A 13 3.73 1.80 -10.87
CA ARG A 13 4.13 0.80 -11.87
C ARG A 13 4.33 -0.56 -11.19
N ILE A 14 3.62 -1.60 -11.63
CA ILE A 14 3.84 -2.96 -11.13
C ILE A 14 5.01 -3.53 -11.91
N SER A 15 6.09 -3.90 -11.21
CA SER A 15 7.28 -4.46 -11.89
C SER A 15 7.38 -5.98 -11.73
N LYS A 16 6.86 -6.50 -10.62
CA LYS A 16 6.75 -7.92 -10.31
C LYS A 16 5.42 -8.19 -9.58
N TYR A 17 4.77 -9.32 -9.87
CA TYR A 17 3.44 -9.66 -9.32
C TYR A 17 3.54 -10.86 -8.37
N THR A 18 2.41 -11.18 -7.71
CA THR A 18 2.17 -12.39 -6.90
C THR A 18 1.76 -13.57 -7.79
N PRO A 19 2.02 -14.84 -7.42
CA PRO A 19 1.48 -16.00 -8.16
C PRO A 19 -0.03 -16.20 -7.95
N SER A 20 -0.62 -15.70 -6.85
CA SER A 20 -2.01 -16.01 -6.45
C SER A 20 -3.14 -15.48 -7.35
N MET A 21 -2.92 -14.35 -8.00
CA MET A 21 -3.93 -13.56 -8.70
C MET A 21 -3.31 -12.98 -9.95
N SER A 22 -4.07 -13.00 -11.04
CA SER A 22 -3.63 -12.52 -12.33
C SER A 22 -3.35 -11.02 -12.33
N SER A 23 -2.52 -10.58 -13.28
CA SER A 23 -2.18 -9.17 -13.45
C SER A 23 -3.39 -8.24 -13.44
N VAL A 24 -4.52 -8.65 -14.02
CA VAL A 24 -5.76 -7.85 -14.09
C VAL A 24 -6.52 -7.82 -12.74
N GLU A 25 -6.45 -8.93 -11.99
CA GLU A 25 -7.01 -9.10 -10.65
C GLU A 25 -6.20 -8.33 -9.62
N VAL A 26 -4.88 -8.26 -9.77
CA VAL A 26 -4.02 -7.43 -8.91
C VAL A 26 -4.35 -5.95 -9.14
N ASP A 27 -4.37 -5.48 -10.39
CA ASP A 27 -4.86 -4.11 -10.71
C ASP A 27 -6.26 -3.84 -10.11
N LYS A 28 -7.25 -4.68 -10.45
CA LYS A 28 -8.61 -4.53 -9.98
C LYS A 28 -8.73 -4.66 -8.45
N ALA A 29 -7.88 -5.45 -7.79
CA ALA A 29 -7.80 -5.50 -6.32
C ALA A 29 -7.27 -4.18 -5.75
N VAL A 30 -6.26 -3.56 -6.38
CA VAL A 30 -5.65 -2.33 -5.85
C VAL A 30 -6.45 -1.08 -6.17
N GLU A 31 -7.27 -1.05 -7.22
CA GLU A 31 -8.04 0.13 -7.60
C GLU A 31 -8.85 0.70 -6.42
N MET A 32 -9.39 -0.21 -5.61
CA MET A 32 -10.14 0.08 -4.38
C MET A 32 -9.28 0.78 -3.33
N ALA A 33 -8.01 0.41 -3.18
CA ALA A 33 -7.08 1.02 -2.25
C ALA A 33 -6.77 2.49 -2.61
N LEU A 34 -6.60 2.76 -3.91
CA LEU A 34 -6.34 4.09 -4.46
C LEU A 34 -7.55 5.01 -4.25
N GLN A 35 -8.76 4.51 -4.53
CA GLN A 35 -10.00 5.26 -4.33
C GLN A 35 -10.18 5.66 -2.88
N ALA A 36 -9.84 4.79 -1.94
CA ALA A 36 -9.97 5.10 -0.51
C ALA A 36 -9.27 6.43 -0.15
N TRP A 37 -8.05 6.65 -0.66
CA TRP A 37 -7.31 7.89 -0.43
C TRP A 37 -7.82 9.07 -1.27
N SER A 38 -8.31 8.86 -2.50
CA SER A 38 -8.92 9.90 -3.33
C SER A 38 -10.23 10.46 -2.74
N SER A 39 -10.78 9.76 -1.75
CA SER A 39 -11.96 10.15 -0.98
C SER A 39 -11.60 10.94 0.29
N ALA A 40 -10.40 10.77 0.85
CA ALA A 40 -9.92 11.57 1.99
C ALA A 40 -9.24 12.89 1.57
N VAL A 41 -8.73 12.96 0.34
CA VAL A 41 -8.06 14.16 -0.22
C VAL A 41 -8.15 14.17 -1.75
N PRO A 42 -8.02 15.36 -2.40
CA PRO A 42 -8.03 15.52 -3.86
C PRO A 42 -6.79 14.97 -4.61
N LEU A 43 -6.12 13.93 -4.07
CA LEU A 43 -5.03 13.23 -4.78
C LEU A 43 -5.58 12.13 -5.69
N SER A 44 -4.74 11.70 -6.63
CA SER A 44 -5.01 10.46 -7.37
C SER A 44 -3.72 9.75 -7.76
N PHE A 45 -3.79 8.43 -7.88
CA PHE A 45 -2.69 7.58 -8.35
C PHE A 45 -2.92 7.17 -9.80
N VAL A 46 -1.93 7.38 -10.66
CA VAL A 46 -1.95 7.06 -12.09
C VAL A 46 -0.95 5.97 -12.42
N ARG A 47 -1.41 4.94 -13.13
CA ARG A 47 -0.54 3.87 -13.60
C ARG A 47 0.14 4.21 -14.92
N ILE A 48 1.46 4.01 -14.97
CA ILE A 48 2.34 4.29 -16.12
C ILE A 48 2.78 2.99 -16.82
N ASN A 49 3.11 3.06 -18.11
CA ASN A 49 3.62 1.90 -18.87
C ASN A 49 5.06 2.10 -19.39
N SER A 50 5.70 3.24 -19.10
CA SER A 50 7.07 3.59 -19.48
C SER A 50 7.57 4.70 -18.53
N GLY A 51 8.87 4.72 -18.17
CA GLY A 51 9.43 5.59 -17.12
C GLY A 51 9.55 4.93 -15.74
N GLU A 52 10.25 5.58 -14.81
CA GLU A 52 10.37 5.14 -13.41
C GLU A 52 9.53 6.05 -12.50
N ALA A 53 8.72 5.42 -11.64
CA ALA A 53 7.69 6.04 -10.80
C ALA A 53 8.09 6.45 -9.36
N ASP A 54 7.17 7.18 -8.72
CA ASP A 54 7.18 7.49 -7.31
C ASP A 54 7.05 6.15 -6.57
N ILE A 55 6.07 5.35 -6.99
CA ILE A 55 5.68 4.06 -6.38
C ILE A 55 5.83 2.89 -7.36
N MET A 56 6.86 2.07 -7.21
CA MET A 56 7.03 0.79 -7.87
C MET A 56 6.52 -0.25 -6.88
N ILE A 57 5.54 -1.05 -7.28
CA ILE A 57 5.10 -2.21 -6.48
C ILE A 57 5.67 -3.50 -7.06
N SER A 58 6.15 -4.34 -6.14
CA SER A 58 6.92 -5.54 -6.43
C SER A 58 6.76 -6.54 -5.27
N PHE A 59 7.10 -7.80 -5.50
CA PHE A 59 7.17 -8.82 -4.44
C PHE A 59 8.64 -9.20 -4.21
N GLU A 60 8.99 -9.57 -2.99
CA GLU A 60 10.33 -9.99 -2.55
C GLU A 60 10.17 -11.17 -1.57
N ASN A 61 11.24 -11.90 -1.24
CA ASN A 61 11.11 -13.16 -0.50
C ASN A 61 12.18 -13.37 0.57
N GLY A 62 11.75 -13.29 1.84
CA GLY A 62 12.53 -13.62 3.05
C GLY A 62 13.85 -12.86 3.10
N ASP A 63 13.73 -11.61 3.54
CA ASP A 63 14.75 -10.54 3.50
C ASP A 63 14.62 -9.75 2.18
N HIS A 64 15.65 -9.00 1.71
CA HIS A 64 15.74 -8.27 0.41
C HIS A 64 16.74 -7.09 0.42
N GLY A 65 17.65 -7.05 1.40
CA GLY A 65 18.78 -6.10 1.42
C GLY A 65 18.53 -4.76 2.10
N ASP A 66 17.27 -4.37 2.37
CA ASP A 66 17.00 -3.21 3.20
C ASP A 66 17.32 -3.56 4.67
N SER A 67 17.28 -2.58 5.55
CA SER A 67 17.35 -2.76 7.02
C SER A 67 16.06 -3.38 7.63
N TYR A 68 15.02 -3.59 6.81
CA TYR A 68 13.78 -4.29 7.16
C TYR A 68 13.61 -5.52 6.23
N PRO A 69 13.89 -6.74 6.74
CA PRO A 69 13.68 -8.00 6.02
C PRO A 69 12.22 -8.50 6.10
N PHE A 70 11.94 -9.74 5.67
CA PHE A 70 10.66 -10.39 5.97
C PHE A 70 10.85 -11.44 7.09
N ASP A 71 10.05 -12.51 7.06
CA ASP A 71 9.88 -13.47 8.16
C ASP A 71 9.07 -14.73 7.77
N GLY A 72 9.01 -15.13 6.49
CA GLY A 72 8.33 -16.36 6.08
C GLY A 72 6.80 -16.25 6.17
N PRO A 73 6.07 -17.38 6.31
CA PRO A 73 4.60 -17.48 6.21
C PRO A 73 3.85 -17.10 7.50
N ARG A 74 4.00 -15.83 7.85
CA ARG A 74 3.63 -15.15 9.10
C ARG A 74 4.30 -13.78 9.18
N GLY A 75 4.02 -12.99 10.22
CA GLY A 75 4.69 -11.73 10.57
C GLY A 75 4.36 -10.59 9.58
N THR A 76 5.43 -9.94 9.11
CA THR A 76 5.45 -8.84 8.14
C THR A 76 4.84 -9.30 6.84
N LEU A 77 3.55 -9.05 6.62
CA LEU A 77 2.89 -9.30 5.34
C LEU A 77 3.36 -8.37 4.22
N ALA A 78 3.66 -7.13 4.59
CA ALA A 78 4.01 -6.10 3.63
C ALA A 78 4.91 -5.02 4.24
N HIS A 79 5.72 -4.37 3.41
CA HIS A 79 6.45 -3.16 3.76
C HIS A 79 6.65 -2.24 2.54
N ALA A 80 6.18 -1.02 2.69
CA ALA A 80 6.37 0.14 1.83
C ALA A 80 7.50 1.04 2.35
N PHE A 81 8.04 1.88 1.46
CA PHE A 81 8.91 2.97 1.84
C PHE A 81 8.09 4.20 2.24
N ALA A 82 8.72 5.06 3.04
CA ALA A 82 8.21 6.42 3.27
C ALA A 82 8.30 7.19 1.94
N PRO A 83 7.60 8.33 1.76
CA PRO A 83 7.78 9.18 0.59
C PRO A 83 9.23 9.60 0.42
N GLY A 84 9.58 9.79 -0.85
CA GLY A 84 10.92 10.01 -1.32
C GLY A 84 11.01 9.62 -2.79
N GLU A 85 12.20 9.77 -3.35
CA GLU A 85 12.46 9.63 -4.79
C GLU A 85 12.72 8.17 -5.23
N GLY A 86 13.90 7.65 -4.83
CA GLY A 86 14.53 6.38 -5.30
C GLY A 86 13.75 5.18 -4.81
N LEU A 87 14.20 4.45 -3.78
CA LEU A 87 13.36 3.43 -3.13
C LEU A 87 12.15 4.08 -2.43
N GLY A 88 12.29 5.36 -2.11
CA GLY A 88 11.21 6.27 -1.70
C GLY A 88 9.92 5.97 -2.42
N GLY A 89 8.84 5.78 -1.66
CA GLY A 89 7.51 5.45 -2.18
C GLY A 89 7.36 4.04 -2.78
N ASP A 90 8.43 3.28 -3.01
CA ASP A 90 8.34 1.93 -3.56
C ASP A 90 7.98 0.91 -2.48
N THR A 91 7.22 -0.11 -2.90
CA THR A 91 6.56 -1.04 -1.99
C THR A 91 6.85 -2.50 -2.31
N HIS A 92 7.19 -3.23 -1.25
CA HIS A 92 7.72 -4.60 -1.26
C HIS A 92 6.84 -5.58 -0.42
N PHE A 93 6.18 -6.51 -1.11
CA PHE A 93 5.27 -7.52 -0.53
C PHE A 93 5.94 -8.90 -0.44
N ASP A 94 5.58 -9.71 0.57
CA ASP A 94 6.23 -11.01 0.78
C ASP A 94 5.68 -12.17 -0.09
N ASN A 95 6.62 -12.82 -0.75
CA ASN A 95 6.41 -13.97 -1.64
C ASN A 95 6.51 -15.30 -0.89
N ALA A 96 6.90 -15.31 0.38
CA ALA A 96 6.91 -16.52 1.25
C ALA A 96 5.51 -16.90 1.83
N GLU A 97 4.45 -16.24 1.35
CA GLU A 97 3.09 -16.27 1.90
C GLU A 97 2.00 -16.53 0.85
N LYS A 98 0.76 -16.41 1.29
CA LYS A 98 -0.44 -16.74 0.55
C LYS A 98 -1.34 -15.52 0.51
N TRP A 99 -2.13 -15.54 -0.53
CA TRP A 99 -2.96 -14.45 -1.01
C TRP A 99 -4.14 -15.05 -1.80
N THR A 100 -5.34 -14.45 -1.73
CA THR A 100 -6.52 -14.87 -2.52
C THR A 100 -7.57 -13.78 -2.49
N MET A 101 -8.50 -13.80 -3.45
CA MET A 101 -9.72 -12.99 -3.47
C MET A 101 -10.79 -13.59 -2.55
N GLY A 102 -10.77 -13.18 -1.27
CA GLY A 102 -11.79 -13.57 -0.28
C GLY A 102 -11.34 -13.35 1.15
N THR A 103 -12.08 -13.92 2.10
CA THR A 103 -11.71 -13.96 3.53
C THR A 103 -10.36 -14.68 3.70
N ASN A 104 -10.18 -15.79 2.97
CA ASN A 104 -9.04 -16.69 3.10
C ASN A 104 -7.66 -16.06 2.87
N GLY A 105 -6.67 -16.82 3.31
CA GLY A 105 -5.26 -16.42 3.15
C GLY A 105 -5.01 -15.05 3.79
N PHE A 106 -4.33 -14.21 3.03
CA PHE A 106 -4.16 -12.78 3.30
C PHE A 106 -4.77 -11.95 2.15
N ASN A 107 -5.35 -10.79 2.48
CA ASN A 107 -6.15 -9.98 1.56
C ASN A 107 -5.29 -8.91 0.85
N LEU A 108 -5.05 -9.09 -0.46
CA LEU A 108 -4.23 -8.14 -1.24
C LEU A 108 -4.75 -6.70 -1.16
N PHE A 109 -6.05 -6.46 -1.44
CA PHE A 109 -6.67 -5.14 -1.30
C PHE A 109 -6.49 -4.55 0.13
N THR A 110 -6.94 -5.28 1.16
CA THR A 110 -6.92 -4.85 2.58
C THR A 110 -5.50 -4.57 3.06
N VAL A 111 -4.49 -5.30 2.59
CA VAL A 111 -3.06 -4.99 2.80
C VAL A 111 -2.54 -3.83 1.92
N ALA A 112 -3.00 -3.73 0.66
CA ALA A 112 -2.52 -2.75 -0.32
C ALA A 112 -2.79 -1.32 0.16
N ALA A 113 -4.02 -1.02 0.57
CA ALA A 113 -4.39 0.33 0.99
C ALA A 113 -3.54 0.84 2.15
N HIS A 114 -3.33 0.00 3.17
CA HIS A 114 -2.45 0.30 4.30
C HIS A 114 -1.05 0.66 3.78
N GLU A 115 -0.34 -0.21 3.05
CA GLU A 115 1.01 0.10 2.58
C GLU A 115 1.11 1.25 1.56
N PHE A 116 0.09 1.51 0.73
CA PHE A 116 0.05 2.74 -0.07
C PHE A 116 0.12 3.96 0.84
N GLY A 117 -0.59 3.95 1.96
CA GLY A 117 -0.63 4.99 2.98
C GLY A 117 0.72 5.41 3.52
N HIS A 118 1.71 4.52 3.55
CA HIS A 118 3.06 4.86 4.01
C HIS A 118 3.89 5.60 2.95
N ALA A 119 3.67 5.27 1.67
CA ALA A 119 4.36 5.91 0.54
C ALA A 119 3.89 7.35 0.31
N LEU A 120 2.85 7.76 1.04
CA LEU A 120 2.35 9.12 1.14
C LEU A 120 3.12 9.99 2.13
N GLY A 121 3.43 9.41 3.30
CA GLY A 121 3.97 10.05 4.50
C GLY A 121 3.68 9.33 5.83
N LEU A 122 2.69 8.45 5.85
CA LEU A 122 2.16 7.89 7.13
C LEU A 122 2.98 6.77 7.80
N ALA A 123 2.57 6.44 9.04
CA ALA A 123 3.13 5.44 9.95
C ALA A 123 2.01 4.81 10.82
N HIS A 124 2.31 3.67 11.44
CA HIS A 124 1.35 2.83 12.18
C HIS A 124 0.66 3.57 13.34
N SER A 125 -0.66 3.74 13.27
CA SER A 125 -1.48 4.29 14.37
C SER A 125 -2.01 3.21 15.34
N THR A 126 -2.74 3.59 16.38
CA THR A 126 -3.35 2.64 17.35
C THR A 126 -4.85 3.01 17.53
N ASP A 127 -5.48 3.57 16.48
CA ASP A 127 -6.92 3.82 16.45
C ASP A 127 -7.73 2.52 16.34
N PRO A 128 -8.87 2.36 17.05
CA PRO A 128 -9.64 1.11 17.17
C PRO A 128 -10.49 0.79 15.92
N SER A 129 -9.80 0.78 14.78
CA SER A 129 -10.30 0.59 13.40
C SER A 129 -9.24 0.84 12.33
N ALA A 130 -8.24 1.69 12.62
CA ALA A 130 -7.26 2.26 11.68
C ALA A 130 -6.77 1.29 10.58
N LEU A 131 -6.57 1.84 9.40
CA LEU A 131 -5.95 1.10 8.29
C LEU A 131 -4.43 1.03 8.48
N MET A 132 -3.82 2.05 9.07
CA MET A 132 -2.44 2.06 9.58
C MET A 132 -2.28 1.18 10.84
N TYR A 133 -3.35 0.61 11.41
CA TYR A 133 -3.18 -0.24 12.60
C TYR A 133 -2.21 -1.43 12.37
N PRO A 134 -1.21 -1.65 13.25
CA PRO A 134 -0.20 -2.69 13.08
C PRO A 134 -0.71 -4.07 13.52
N THR A 135 -1.48 -4.73 12.64
CA THR A 135 -1.88 -6.15 12.71
C THR A 135 -2.58 -6.53 11.43
N TYR A 136 -2.54 -7.81 11.05
CA TYR A 136 -3.42 -8.27 9.99
C TYR A 136 -4.86 -8.38 10.53
N LYS A 137 -5.81 -7.73 9.84
CA LYS A 137 -7.20 -7.65 10.25
C LYS A 137 -8.16 -7.78 9.07
N TYR A 138 -9.44 -8.03 9.37
CA TYR A 138 -10.42 -8.34 8.36
C TYR A 138 -11.32 -7.14 8.05
N LYS A 139 -11.16 -6.62 6.84
CA LYS A 139 -12.10 -5.71 6.22
C LYS A 139 -12.61 -6.44 4.97
N ASN A 140 -13.92 -6.63 4.93
CA ASN A 140 -14.63 -7.26 3.83
C ASN A 140 -14.30 -6.54 2.50
N PRO A 141 -13.70 -7.20 1.50
CA PRO A 141 -13.17 -6.56 0.31
C PRO A 141 -14.24 -6.41 -0.80
N TYR A 142 -15.24 -5.55 -0.53
CA TYR A 142 -16.39 -5.29 -1.42
C TYR A 142 -16.55 -3.81 -1.86
N GLY A 143 -15.61 -2.94 -1.47
CA GLY A 143 -15.65 -1.49 -1.71
C GLY A 143 -15.70 -0.60 -0.45
N PHE A 144 -15.13 -1.09 0.66
CA PHE A 144 -14.87 -0.28 1.86
C PHE A 144 -13.78 0.79 1.57
N HIS A 145 -13.64 1.78 2.46
CA HIS A 145 -12.53 2.76 2.45
C HIS A 145 -12.00 2.96 3.88
N LEU A 146 -11.05 3.90 4.09
CA LEU A 146 -10.41 4.07 5.41
C LEU A 146 -11.34 4.60 6.53
N PRO A 147 -11.21 4.12 7.79
CA PRO A 147 -12.15 4.33 8.90
C PRO A 147 -12.35 5.78 9.35
N LYS A 148 -11.29 6.45 9.84
CA LYS A 148 -11.32 7.86 10.23
C LYS A 148 -9.96 8.44 10.58
N ASP A 149 -9.14 7.68 11.31
CA ASP A 149 -7.72 7.99 11.63
C ASP A 149 -6.90 8.38 10.39
N ASP A 150 -7.01 7.56 9.34
CA ASP A 150 -6.14 7.63 8.20
C ASP A 150 -6.54 8.79 7.26
N VAL A 151 -7.82 9.19 7.34
CA VAL A 151 -8.38 10.38 6.66
C VAL A 151 -7.72 11.67 7.17
N LYS A 152 -7.45 11.74 8.48
CA LYS A 152 -6.65 12.80 9.11
C LYS A 152 -5.20 12.70 8.62
N GLY A 153 -4.64 11.50 8.70
CA GLY A 153 -3.24 11.26 8.35
C GLY A 153 -2.94 11.79 6.96
N ILE A 154 -3.70 11.37 5.95
CA ILE A 154 -3.53 11.87 4.59
C ILE A 154 -3.89 13.36 4.41
N GLN A 155 -4.87 13.89 5.13
CA GLN A 155 -5.22 15.31 5.09
C GLN A 155 -4.02 16.19 5.48
N ALA A 156 -3.14 15.70 6.37
CA ALA A 156 -1.95 16.45 6.79
C ALA A 156 -0.93 16.62 5.66
N LEU A 157 -0.98 15.73 4.65
CA LEU A 157 0.05 15.61 3.63
C LEU A 157 -0.31 16.46 2.43
N TYR A 158 -1.54 16.33 1.92
CA TYR A 158 -1.96 17.02 0.69
C TYR A 158 -2.66 18.37 0.98
N GLY A 159 -3.04 18.63 2.25
CA GLY A 159 -3.48 19.93 2.78
C GLY A 159 -4.51 20.74 1.96
N PRO A 160 -5.73 20.25 1.73
CA PRO A 160 -6.86 20.98 1.11
C PRO A 160 -7.64 21.87 2.11
CA CA B . 5.78 -12.41 6.14
CA CA C . 10.46 5.24 -6.41
ZN ZN D . 12.07 -2.87 1.01
ZN ZN E . 2.45 -0.85 7.32
C1 NGH F . 0.18 -5.28 9.16
C2 NGH F . -1.08 -4.88 8.71
C3 NGH F . -1.40 -4.94 7.36
C4 NGH F . -0.45 -5.35 6.45
C5 NGH F . 0.80 -5.76 6.89
C6 NGH F . 1.13 -5.72 8.24
O1 NGH F . -2.60 -4.49 6.87
C7 NGH F . -3.85 -4.86 7.48
S1 NGH F . 2.79 -6.15 8.72
O2 NGH F . 3.47 -6.37 7.44
O3 NGH F . 2.79 -7.25 9.67
N NGH F . 3.61 -4.89 9.41
C9 NGH F . 3.18 -4.26 10.69
C10 NGH F . 4.62 -4.14 8.62
C11 NGH F . 4.06 -3.01 7.79
N1 NGH F . 3.05 -3.39 7.01
O4 NGH F . 1.88 -3.05 7.36
O5 NGH F . 4.41 -1.85 7.91
C12 NGH F . 3.50 -5.18 11.91
C13 NGH F . 2.23 -5.77 12.54
C14 NGH F . 4.33 -4.40 12.96
H1 NGH F . 0.45 -5.21 10.21
H2 NGH F . -1.79 -4.45 9.41
H4 NGH F . -0.65 -5.31 5.40
H5 NGH F . 1.54 -6.02 6.14
H71 NGH F . -3.92 -5.96 7.50
H72 NGH F . -4.66 -4.45 6.88
H73 NGH F . -3.91 -4.45 8.50
H91 NGH F . 2.13 -3.95 10.70
H92 NGH F . 3.70 -3.31 10.83
H101 NGH F . 5.16 -4.80 7.94
H102 NGH F . 5.34 -3.71 9.30
HN1 NGH F . 3.18 -4.31 6.60
H12 NGH F . 4.11 -6.03 11.59
H131 NGH F . 1.65 -6.35 11.81
H132 NGH F . 1.61 -4.97 12.92
H133 NGH F . 2.49 -6.43 13.37
H141 NGH F . 5.26 -4.05 12.54
H142 NGH F . 4.56 -5.05 13.81
H143 NGH F . 3.76 -3.55 13.33
N GLY A 1 9.62 23.01 5.44
CA GLY A 1 8.54 22.19 4.85
C GLY A 1 8.65 20.73 5.29
N GLU A 2 7.66 19.90 4.97
CA GLU A 2 7.56 18.50 5.43
C GLU A 2 8.03 17.49 4.36
N PRO A 3 8.34 16.23 4.74
CA PRO A 3 8.77 15.20 3.80
C PRO A 3 7.66 14.63 2.92
N LYS A 4 6.39 14.77 3.31
CA LYS A 4 5.25 14.30 2.51
C LYS A 4 5.21 14.90 1.09
N TRP A 5 4.50 14.20 0.21
CA TRP A 5 4.54 14.44 -1.23
C TRP A 5 4.13 15.85 -1.63
N LYS A 6 4.90 16.39 -2.57
CA LYS A 6 4.72 17.75 -3.06
C LYS A 6 3.61 17.86 -4.13
N LYS A 7 3.14 16.73 -4.69
CA LYS A 7 2.07 16.74 -5.68
C LYS A 7 0.98 15.71 -5.40
N ASN A 8 -0.14 15.87 -6.10
CA ASN A 8 -1.36 15.04 -6.00
C ASN A 8 -1.37 13.83 -6.93
N THR A 9 -0.76 13.96 -8.12
CA THR A 9 -0.62 12.95 -9.17
C THR A 9 0.61 12.07 -8.93
N LEU A 10 0.38 10.92 -8.28
CA LEU A 10 1.46 10.00 -7.90
C LEU A 10 1.71 8.89 -8.93
N THR A 11 2.99 8.55 -9.15
CA THR A 11 3.45 7.65 -10.21
C THR A 11 3.70 6.26 -9.67
N TYR A 12 3.01 5.28 -10.26
CA TYR A 12 3.22 3.89 -9.88
C TYR A 12 3.64 2.99 -11.03
N ARG A 13 4.35 1.91 -10.71
CA ARG A 13 4.69 0.89 -11.71
C ARG A 13 4.85 -0.50 -11.08
N ILE A 14 4.16 -1.48 -11.66
CA ILE A 14 4.30 -2.91 -11.35
C ILE A 14 5.58 -3.43 -12.02
N SER A 15 6.36 -4.23 -11.30
CA SER A 15 7.44 -5.03 -11.88
C SER A 15 7.17 -6.54 -11.70
N LYS A 16 6.34 -6.94 -10.72
CA LYS A 16 6.23 -8.35 -10.29
C LYS A 16 4.82 -8.68 -9.73
N TYR A 17 4.36 -9.91 -9.98
CA TYR A 17 3.08 -10.46 -9.48
C TYR A 17 3.29 -11.60 -8.45
N THR A 18 2.24 -12.40 -8.18
CA THR A 18 2.20 -13.51 -7.19
C THR A 18 1.50 -14.72 -7.83
N PRO A 19 1.91 -15.97 -7.53
CA PRO A 19 1.42 -17.16 -8.24
C PRO A 19 -0.06 -17.47 -8.01
N SER A 20 -0.59 -17.24 -6.80
CA SER A 20 -1.98 -17.61 -6.52
C SER A 20 -3.04 -16.86 -7.36
N MET A 21 -2.67 -15.70 -7.92
CA MET A 21 -3.59 -14.81 -8.64
C MET A 21 -3.25 -14.73 -10.14
N SER A 22 -4.22 -14.24 -10.90
CA SER A 22 -4.05 -13.80 -12.29
C SER A 22 -3.73 -12.31 -12.24
N SER A 23 -2.79 -11.83 -13.06
CA SER A 23 -2.29 -10.44 -13.01
C SER A 23 -3.40 -9.40 -12.97
N VAL A 24 -4.48 -9.65 -13.70
CA VAL A 24 -5.56 -8.66 -13.89
C VAL A 24 -6.32 -8.48 -12.57
N GLU A 25 -6.43 -9.54 -11.76
CA GLU A 25 -7.01 -9.53 -10.43
C GLU A 25 -6.13 -8.69 -9.49
N VAL A 26 -4.81 -8.76 -9.63
CA VAL A 26 -3.85 -7.98 -8.84
C VAL A 26 -4.01 -6.49 -9.14
N ASP A 27 -4.05 -6.13 -10.43
CA ASP A 27 -4.31 -4.74 -10.87
C ASP A 27 -5.69 -4.22 -10.43
N LYS A 28 -6.75 -5.00 -10.65
CA LYS A 28 -8.10 -4.70 -10.17
C LYS A 28 -8.16 -4.61 -8.62
N ALA A 29 -7.44 -5.47 -7.90
CA ALA A 29 -7.40 -5.47 -6.44
C ALA A 29 -6.64 -4.27 -5.88
N VAL A 30 -5.61 -3.76 -6.58
CA VAL A 30 -4.96 -2.51 -6.12
C VAL A 30 -5.79 -1.26 -6.40
N GLU A 31 -6.62 -1.23 -7.46
CA GLU A 31 -7.35 -0.01 -7.86
C GLU A 31 -8.21 0.54 -6.72
N MET A 32 -8.85 -0.38 -6.01
CA MET A 32 -9.70 -0.12 -4.85
C MET A 32 -8.92 0.47 -3.66
N ALA A 33 -7.65 0.10 -3.47
CA ALA A 33 -6.79 0.66 -2.43
C ALA A 33 -6.34 2.09 -2.74
N LEU A 34 -6.15 2.42 -4.03
CA LEU A 34 -5.87 3.78 -4.50
C LEU A 34 -7.09 4.69 -4.33
N GLN A 35 -8.27 4.19 -4.69
CA GLN A 35 -9.53 4.92 -4.54
C GLN A 35 -9.86 5.27 -3.09
N ALA A 36 -9.61 4.34 -2.16
CA ALA A 36 -9.80 4.60 -0.73
C ALA A 36 -9.09 5.89 -0.27
N TRP A 37 -7.88 6.14 -0.74
CA TRP A 37 -7.14 7.38 -0.42
C TRP A 37 -7.60 8.59 -1.22
N SER A 38 -7.97 8.44 -2.50
CA SER A 38 -8.61 9.52 -3.26
C SER A 38 -10.01 9.88 -2.75
N SER A 39 -10.58 9.13 -1.80
CA SER A 39 -11.81 9.50 -1.10
C SER A 39 -11.49 10.32 0.17
N ALA A 40 -10.35 10.07 0.83
CA ALA A 40 -9.92 10.81 2.00
C ALA A 40 -9.30 12.18 1.68
N VAL A 41 -8.81 12.36 0.45
CA VAL A 41 -8.32 13.64 -0.09
C VAL A 41 -8.40 13.66 -1.62
N PRO A 42 -8.43 14.85 -2.24
CA PRO A 42 -8.27 15.04 -3.68
C PRO A 42 -6.82 14.76 -4.12
N LEU A 43 -6.47 13.47 -4.27
CA LEU A 43 -5.25 13.01 -4.92
C LEU A 43 -5.55 11.92 -5.97
N SER A 44 -4.58 11.55 -6.79
CA SER A 44 -4.72 10.50 -7.79
C SER A 44 -3.43 9.69 -7.96
N PHE A 45 -3.61 8.40 -8.23
CA PHE A 45 -2.53 7.46 -8.55
C PHE A 45 -2.63 7.07 -10.02
N VAL A 46 -1.57 7.30 -10.78
CA VAL A 46 -1.49 6.98 -12.22
C VAL A 46 -0.25 6.16 -12.46
N ARG A 47 -0.39 5.10 -13.25
CA ARG A 47 0.73 4.27 -13.64
C ARG A 47 1.58 4.94 -14.73
N ILE A 48 2.89 4.74 -14.71
CA ILE A 48 3.78 5.15 -15.82
C ILE A 48 4.16 3.95 -16.71
N ASN A 49 4.56 4.20 -17.95
CA ASN A 49 4.98 3.11 -18.87
C ASN A 49 6.34 3.39 -19.55
N SER A 50 7.03 4.36 -18.98
CA SER A 50 8.41 4.76 -19.28
C SER A 50 9.04 5.25 -17.98
N GLY A 51 10.27 4.88 -17.73
CA GLY A 51 10.89 5.26 -16.44
C GLY A 51 10.60 4.30 -15.27
N GLU A 52 11.45 4.45 -14.23
CA GLU A 52 11.10 3.98 -12.91
C GLU A 52 10.26 4.98 -12.07
N ALA A 53 9.19 4.45 -11.45
CA ALA A 53 8.20 5.27 -10.78
C ALA A 53 8.69 5.73 -9.43
N ASP A 54 7.88 6.51 -8.72
CA ASP A 54 8.14 6.74 -7.31
C ASP A 54 7.43 5.76 -6.36
N ILE A 55 6.42 5.05 -6.87
CA ILE A 55 5.78 3.95 -6.16
C ILE A 55 5.87 2.67 -7.03
N MET A 56 6.98 1.96 -6.90
CA MET A 56 7.17 0.64 -7.50
C MET A 56 6.42 -0.43 -6.69
N ILE A 57 5.84 -1.44 -7.35
CA ILE A 57 5.25 -2.59 -6.64
C ILE A 57 5.70 -3.94 -7.17
N SER A 58 5.88 -4.87 -6.24
CA SER A 58 6.43 -6.21 -6.41
C SER A 58 6.04 -7.13 -5.24
N PHE A 59 5.88 -8.42 -5.50
CA PHE A 59 5.75 -9.43 -4.45
C PHE A 59 7.10 -10.11 -4.27
N GLU A 60 7.73 -9.96 -3.10
CA GLU A 60 9.13 -10.30 -2.83
C GLU A 60 9.23 -11.22 -1.63
N ASN A 61 9.97 -12.33 -1.73
CA ASN A 61 10.18 -13.27 -0.63
C ASN A 61 11.47 -12.88 0.11
N GLY A 62 11.39 -12.44 1.38
CA GLY A 62 12.54 -12.12 2.23
C GLY A 62 13.42 -11.01 1.67
N ASP A 63 14.58 -11.36 1.11
CA ASP A 63 15.55 -10.40 0.55
C ASP A 63 15.09 -9.75 -0.77
N HIS A 64 15.29 -8.43 -0.87
CA HIS A 64 14.73 -7.56 -1.92
C HIS A 64 15.50 -6.22 -2.14
N GLY A 65 16.84 -6.27 -2.15
CA GLY A 65 17.72 -5.13 -2.52
C GLY A 65 17.51 -3.84 -1.73
N ASP A 66 17.21 -3.94 -0.42
CA ASP A 66 16.71 -2.85 0.42
C ASP A 66 17.15 -3.08 1.90
N SER A 67 16.93 -2.08 2.77
CA SER A 67 17.18 -2.13 4.23
C SER A 67 16.51 -3.28 4.99
N TYR A 68 15.49 -3.93 4.42
CA TYR A 68 14.83 -5.11 4.98
C TYR A 68 15.20 -6.33 4.10
N PRO A 69 16.34 -7.00 4.34
CA PRO A 69 16.79 -8.18 3.58
C PRO A 69 16.12 -9.46 4.13
N PHE A 70 14.80 -9.36 4.29
CA PHE A 70 13.85 -10.25 4.97
C PHE A 70 12.39 -9.75 4.92
N ASP A 71 11.49 -10.62 5.44
CA ASP A 71 10.10 -10.36 5.79
C ASP A 71 9.58 -11.56 6.61
N GLY A 72 9.81 -12.76 6.06
CA GLY A 72 9.50 -14.06 6.68
C GLY A 72 8.03 -14.50 6.53
N PRO A 73 7.73 -15.81 6.56
CA PRO A 73 6.36 -16.33 6.58
C PRO A 73 5.61 -15.89 7.84
N ARG A 74 4.37 -15.47 7.64
CA ARG A 74 3.50 -14.81 8.63
C ARG A 74 4.01 -13.41 8.99
N GLY A 75 3.48 -12.88 10.10
CA GLY A 75 3.88 -11.65 10.79
C GLY A 75 3.45 -10.46 9.96
N THR A 76 4.47 -9.69 9.56
CA THR A 76 4.41 -8.62 8.56
C THR A 76 3.68 -9.21 7.37
N LEU A 77 2.42 -8.88 7.09
CA LEU A 77 1.80 -9.30 5.83
C LEU A 77 2.48 -8.59 4.66
N ALA A 78 2.67 -7.28 4.80
CA ALA A 78 3.19 -6.43 3.75
C ALA A 78 3.80 -5.14 4.31
N HIS A 79 4.71 -4.52 3.56
CA HIS A 79 5.52 -3.40 4.01
C HIS A 79 5.91 -2.44 2.86
N ALA A 80 5.65 -1.15 3.08
CA ALA A 80 6.08 -0.06 2.21
C ALA A 80 7.11 0.87 2.85
N PHE A 81 7.72 1.71 2.01
CA PHE A 81 8.57 2.83 2.43
C PHE A 81 7.76 4.03 2.91
N ALA A 82 8.46 4.95 3.59
CA ALA A 82 7.97 6.29 3.90
C ALA A 82 8.24 7.22 2.70
N PRO A 83 7.64 8.43 2.60
CA PRO A 83 8.00 9.38 1.56
C PRO A 83 9.49 9.75 1.61
N GLY A 84 10.07 9.89 0.42
CA GLY A 84 11.50 10.03 0.16
C GLY A 84 11.71 10.05 -1.35
N GLU A 85 12.84 9.52 -1.84
CA GLU A 85 13.22 9.58 -3.27
C GLU A 85 13.39 8.14 -3.80
N GLY A 86 14.63 7.64 -3.91
CA GLY A 86 14.98 6.35 -4.52
C GLY A 86 14.09 5.22 -4.03
N LEU A 87 14.23 4.83 -2.75
CA LEU A 87 13.41 3.81 -2.05
C LEU A 87 12.07 4.33 -1.50
N GLY A 88 12.01 5.64 -1.24
CA GLY A 88 10.82 6.34 -0.72
C GLY A 88 9.59 6.15 -1.59
N GLY A 89 8.44 5.97 -0.91
CA GLY A 89 7.18 5.65 -1.64
C GLY A 89 7.05 4.20 -2.14
N ASP A 90 8.09 3.37 -2.07
CA ASP A 90 8.06 2.05 -2.72
C ASP A 90 7.46 0.95 -1.83
N THR A 91 6.48 0.21 -2.39
CA THR A 91 5.68 -0.81 -1.70
C THR A 91 6.06 -2.26 -2.07
N HIS A 92 6.30 -3.07 -1.05
CA HIS A 92 6.91 -4.42 -1.13
C HIS A 92 6.04 -5.47 -0.37
N PHE A 93 5.34 -6.34 -1.12
CA PHE A 93 4.40 -7.34 -0.59
C PHE A 93 5.12 -8.67 -0.37
N ASP A 94 4.86 -9.43 0.69
CA ASP A 94 5.65 -10.66 0.89
C ASP A 94 5.19 -11.85 0.03
N ASN A 95 6.13 -12.48 -0.69
CA ASN A 95 5.87 -13.71 -1.43
C ASN A 95 6.26 -15.01 -0.71
N ALA A 96 6.66 -14.96 0.57
CA ALA A 96 6.85 -16.16 1.40
C ALA A 96 5.55 -16.92 1.75
N GLU A 97 4.38 -16.36 1.38
CA GLU A 97 3.05 -16.75 1.83
C GLU A 97 1.97 -16.58 0.74
N LYS A 98 0.76 -17.07 1.02
CA LYS A 98 -0.36 -17.09 0.06
C LYS A 98 -1.22 -15.83 0.01
N TRP A 99 -1.64 -15.50 -1.20
CA TRP A 99 -2.59 -14.45 -1.52
C TRP A 99 -3.82 -15.06 -2.17
N THR A 100 -4.98 -14.88 -1.57
CA THR A 100 -6.27 -15.23 -2.21
C THR A 100 -7.19 -14.01 -2.30
N MET A 101 -8.34 -14.19 -2.93
CA MET A 101 -9.45 -13.22 -2.95
C MET A 101 -10.58 -13.59 -1.94
N GLY A 102 -10.47 -14.76 -1.29
CA GLY A 102 -11.33 -15.20 -0.18
C GLY A 102 -10.75 -14.89 1.22
N THR A 103 -11.10 -15.73 2.20
CA THR A 103 -10.84 -15.49 3.64
C THR A 103 -9.71 -16.34 4.23
N ASN A 104 -9.39 -17.48 3.62
CA ASN A 104 -8.46 -18.50 4.13
C ASN A 104 -7.01 -18.00 4.17
N GLY A 105 -6.61 -17.44 3.03
CA GLY A 105 -5.35 -16.69 2.82
C GLY A 105 -5.59 -15.18 2.83
N PHE A 106 -4.51 -14.41 2.71
CA PHE A 106 -4.51 -12.95 2.83
C PHE A 106 -5.01 -12.25 1.57
N ASN A 107 -5.83 -11.20 1.76
CA ASN A 107 -6.57 -10.49 0.72
C ASN A 107 -5.92 -9.14 0.36
N LEU A 108 -5.36 -9.09 -0.86
CA LEU A 108 -4.52 -8.01 -1.40
C LEU A 108 -5.06 -6.60 -1.06
N PHE A 109 -6.20 -6.19 -1.63
CA PHE A 109 -6.87 -4.88 -1.44
C PHE A 109 -6.74 -4.31 0.00
N THR A 110 -7.21 -5.05 1.01
CA THR A 110 -7.21 -4.67 2.44
C THR A 110 -5.82 -4.35 2.98
N VAL A 111 -4.82 -5.16 2.60
CA VAL A 111 -3.41 -4.99 2.99
C VAL A 111 -2.73 -3.87 2.19
N ALA A 112 -2.99 -3.78 0.88
CA ALA A 112 -2.41 -2.79 -0.03
C ALA A 112 -2.74 -1.36 0.36
N ALA A 113 -3.99 -1.09 0.75
CA ALA A 113 -4.37 0.26 1.17
C ALA A 113 -3.58 0.71 2.39
N HIS A 114 -3.42 -0.15 3.40
CA HIS A 114 -2.62 0.16 4.57
C HIS A 114 -1.16 0.48 4.19
N GLU A 115 -0.44 -0.38 3.44
CA GLU A 115 0.90 -0.06 2.96
C GLU A 115 1.03 1.25 2.17
N PHE A 116 0.11 1.54 1.23
CA PHE A 116 0.07 2.81 0.52
C PHE A 116 0.06 3.98 1.50
N GLY A 117 -0.65 3.85 2.63
CA GLY A 117 -0.70 4.80 3.73
C GLY A 117 0.65 5.20 4.30
N HIS A 118 1.63 4.30 4.28
CA HIS A 118 2.99 4.61 4.73
C HIS A 118 3.74 5.44 3.68
N ALA A 119 3.49 5.15 2.40
CA ALA A 119 4.13 5.83 1.28
C ALA A 119 3.70 7.30 1.17
N LEU A 120 2.57 7.68 1.80
CA LEU A 120 2.05 9.03 1.90
C LEU A 120 2.83 9.91 2.88
N GLY A 121 3.16 9.32 4.03
CA GLY A 121 3.70 9.95 5.23
C GLY A 121 3.26 9.34 6.56
N LEU A 122 2.30 8.39 6.62
CA LEU A 122 1.78 7.88 7.90
C LEU A 122 2.62 6.74 8.52
N ALA A 123 2.36 6.50 9.82
CA ALA A 123 2.95 5.46 10.68
C ALA A 123 1.86 4.51 11.23
N HIS A 124 2.18 3.46 12.02
CA HIS A 124 1.16 2.59 12.63
C HIS A 124 0.37 3.31 13.73
N SER A 125 -0.83 3.80 13.43
CA SER A 125 -1.71 4.40 14.44
C SER A 125 -2.27 3.34 15.39
N THR A 126 -2.15 3.52 16.71
CA THR A 126 -2.65 2.56 17.73
C THR A 126 -4.15 2.74 17.98
N ASP A 127 -4.88 3.33 17.05
CA ASP A 127 -6.28 3.74 17.24
C ASP A 127 -7.33 2.67 16.85
N PRO A 128 -8.46 2.57 17.60
CA PRO A 128 -9.55 1.64 17.32
C PRO A 128 -10.40 2.00 16.08
N SER A 129 -10.06 3.06 15.37
CA SER A 129 -10.66 3.49 14.09
C SER A 129 -9.60 4.07 13.14
N ALA A 130 -8.50 3.32 13.01
CA ALA A 130 -7.41 3.57 12.07
C ALA A 130 -7.24 2.35 11.16
N LEU A 131 -6.85 2.60 9.91
CA LEU A 131 -6.40 1.59 8.97
C LEU A 131 -4.93 1.26 9.21
N MET A 132 -4.11 2.22 9.64
CA MET A 132 -2.72 1.91 10.00
C MET A 132 -2.64 1.12 11.32
N TYR A 133 -3.78 0.80 11.97
CA TYR A 133 -3.82 -0.10 13.12
C TYR A 133 -2.95 -1.36 12.94
N PRO A 134 -1.89 -1.56 13.77
CA PRO A 134 -0.89 -2.59 13.53
C PRO A 134 -1.42 -3.97 13.94
N THR A 135 -2.12 -4.62 13.00
CA THR A 135 -2.65 -6.02 13.02
C THR A 135 -3.57 -6.28 11.82
N TYR A 136 -3.92 -7.54 11.59
CA TYR A 136 -4.75 -7.93 10.45
C TYR A 136 -6.26 -7.89 10.76
N LYS A 137 -6.96 -6.85 10.29
CA LYS A 137 -8.42 -6.71 10.40
C LYS A 137 -9.06 -6.98 9.03
N TYR A 138 -10.24 -7.58 9.01
CA TYR A 138 -10.90 -7.99 7.75
C TYR A 138 -12.06 -7.04 7.42
N LYS A 139 -11.76 -5.97 6.68
CA LYS A 139 -12.80 -5.13 6.08
C LYS A 139 -13.37 -5.80 4.82
N ASN A 140 -14.69 -5.72 4.69
CA ASN A 140 -15.49 -6.24 3.58
C ASN A 140 -15.08 -5.56 2.24
N PRO A 141 -14.60 -6.32 1.24
CA PRO A 141 -14.06 -5.74 0.02
C PRO A 141 -15.18 -5.37 -0.96
N TYR A 142 -15.89 -4.29 -0.66
CA TYR A 142 -17.03 -3.75 -1.40
C TYR A 142 -17.00 -2.21 -1.48
N GLY A 143 -15.80 -1.63 -1.61
CA GLY A 143 -15.61 -0.18 -1.77
C GLY A 143 -15.57 0.61 -0.46
N PHE A 144 -15.29 -0.07 0.65
CA PHE A 144 -14.97 0.58 1.91
C PHE A 144 -13.77 1.52 1.70
N HIS A 145 -13.78 2.69 2.33
CA HIS A 145 -12.58 3.54 2.40
C HIS A 145 -12.02 3.57 3.85
N LEU A 146 -11.08 4.46 4.14
CA LEU A 146 -10.46 4.60 5.46
C LEU A 146 -11.49 4.77 6.59
N PRO A 147 -11.25 4.21 7.79
CA PRO A 147 -12.19 4.28 8.90
C PRO A 147 -12.39 5.71 9.39
N LYS A 148 -11.31 6.42 9.80
CA LYS A 148 -11.40 7.72 10.48
C LYS A 148 -10.05 8.42 10.71
N ASP A 149 -9.14 7.84 11.49
CA ASP A 149 -7.89 8.52 11.84
C ASP A 149 -7.06 8.86 10.60
N ASP A 150 -6.99 7.92 9.67
CA ASP A 150 -6.14 8.00 8.49
C ASP A 150 -6.70 9.04 7.51
N VAL A 151 -8.01 9.29 7.53
CA VAL A 151 -8.64 10.35 6.72
C VAL A 151 -8.14 11.72 7.15
N LYS A 152 -8.22 12.05 8.45
CA LYS A 152 -7.65 13.30 8.97
C LYS A 152 -6.09 13.33 8.96
N GLY A 153 -5.45 12.16 8.84
CA GLY A 153 -4.00 12.03 8.65
C GLY A 153 -3.57 12.41 7.23
N ILE A 154 -4.09 11.75 6.20
CA ILE A 154 -3.79 12.09 4.80
C ILE A 154 -4.25 13.52 4.41
N GLN A 155 -5.33 13.99 5.00
CA GLN A 155 -5.86 15.35 4.82
C GLN A 155 -4.87 16.42 5.29
N ALA A 156 -3.94 16.12 6.19
CA ALA A 156 -2.89 17.08 6.57
C ALA A 156 -1.71 17.13 5.56
N LEU A 157 -1.52 16.06 4.77
CA LEU A 157 -0.38 15.90 3.87
C LEU A 157 -0.64 16.63 2.55
N TYR A 158 -1.80 16.37 1.95
CA TYR A 158 -2.19 16.96 0.66
C TYR A 158 -3.05 18.22 0.84
N GLY A 159 -3.41 18.57 2.08
CA GLY A 159 -4.25 19.73 2.44
C GLY A 159 -3.58 20.80 3.32
N PRO A 160 -2.67 21.64 2.78
CA PRO A 160 -2.18 22.86 3.43
C PRO A 160 -3.17 24.03 3.24
CA CA B . 5.17 -12.08 5.64
CA CA C . 10.65 5.70 -5.19
ZN ZN D . 11.28 -3.18 1.50
ZN ZN E . 1.73 -0.75 8.63
C1 NGH F . -0.68 -4.80 9.40
C2 NGH F . -1.93 -4.34 9.03
C3 NGH F . -2.34 -4.38 7.70
C4 NGH F . -1.48 -4.85 6.73
C5 NGH F . -0.21 -5.27 7.07
C6 NGH F . 0.19 -5.25 8.40
O1 NGH F . -3.60 -3.93 7.34
C7 NGH F . -4.76 -4.68 7.71
S1 NGH F . 1.78 -5.89 8.79
O2 NGH F . 2.41 -6.21 7.52
O3 NGH F . 1.68 -6.95 9.78
N NGH F . 2.72 -4.70 9.44
C9 NGH F . 2.46 -4.16 10.81
C10 NGH F . 3.68 -3.96 8.57
C11 NGH F . 3.17 -2.72 7.86
N1 NGH F . 2.16 -2.88 7.00
O4 NGH F . 1.55 -1.85 6.59
O5 NGH F . 3.64 -1.61 8.01
C12 NGH F . 2.82 -5.15 11.94
C13 NGH F . 1.56 -5.58 12.72
C14 NGH F . 3.84 -4.51 12.90
H1 NGH F . -0.38 -4.83 10.45
H2 NGH F . -2.60 -3.95 9.79
H4 NGH F . -1.76 -4.90 5.69
H5 NGH F . 0.44 -5.64 6.29
H71 NGH F . -4.69 -5.69 7.28
H72 NGH F . -5.64 -4.18 7.31
H73 NGH F . -4.82 -4.73 8.79
H91 NGH F . 1.43 -3.80 10.92
H92 NGH F . 3.06 -3.27 10.96
H101 NGH F . 4.08 -4.62 7.80
H102 NGH F . 4.53 -3.66 9.17
HN1 NGH F . 2.05 -3.79 6.54
H12 NGH F . 3.28 -6.05 11.52
H131 NGH F . 0.82 -6.04 12.07
H132 NGH F . 1.10 -4.72 13.19
H133 NGH F . 1.82 -6.30 13.50
H141 NGH F . 4.76 -4.24 12.38
H142 NGH F . 4.11 -5.21 13.70
H143 NGH F . 3.43 -3.61 13.36
N GLY A 1 8.68 23.36 5.54
CA GLY A 1 8.58 22.05 4.85
C GLY A 1 8.05 20.96 5.77
N GLU A 2 7.84 19.76 5.23
CA GLU A 2 7.33 18.55 5.88
C GLU A 2 7.73 17.34 5.00
N PRO A 3 7.71 16.08 5.49
CA PRO A 3 8.31 14.95 4.77
C PRO A 3 7.49 14.42 3.60
N LYS A 4 6.19 14.70 3.59
CA LYS A 4 5.25 14.29 2.56
C LYS A 4 5.51 14.95 1.19
N TRP A 5 4.88 14.37 0.18
CA TRP A 5 5.13 14.74 -1.23
C TRP A 5 4.80 16.21 -1.55
N LYS A 6 5.56 16.81 -2.48
CA LYS A 6 5.34 18.16 -2.99
C LYS A 6 4.08 18.27 -3.89
N LYS A 7 3.63 17.17 -4.49
CA LYS A 7 2.53 17.14 -5.48
C LYS A 7 1.43 16.13 -5.14
N ASN A 8 0.31 16.15 -5.89
CA ASN A 8 -0.91 15.37 -5.68
C ASN A 8 -1.07 14.19 -6.70
N THR A 9 -0.45 14.37 -7.86
CA THR A 9 -0.38 13.39 -8.98
C THR A 9 0.84 12.53 -8.80
N LEU A 10 0.65 11.30 -8.33
CA LEU A 10 1.74 10.36 -8.09
C LEU A 10 1.89 9.39 -9.25
N THR A 11 3.15 9.16 -9.62
CA THR A 11 3.56 8.32 -10.73
C THR A 11 3.84 6.94 -10.18
N TYR A 12 3.27 5.93 -10.84
CA TYR A 12 3.43 4.55 -10.38
C TYR A 12 3.68 3.54 -11.49
N ARG A 13 4.24 2.39 -11.10
CA ARG A 13 4.50 1.29 -12.01
C ARG A 13 4.37 -0.07 -11.31
N ILE A 14 3.49 -0.93 -11.82
CA ILE A 14 3.43 -2.35 -11.46
C ILE A 14 4.38 -3.07 -12.42
N SER A 15 5.22 -3.97 -11.92
CA SER A 15 6.04 -4.79 -12.83
C SER A 15 6.38 -6.19 -12.30
N LYS A 16 5.56 -6.76 -11.40
CA LYS A 16 5.82 -8.09 -10.87
C LYS A 16 4.57 -9.00 -10.83
N TYR A 17 3.59 -8.57 -10.04
CA TYR A 17 2.34 -9.28 -9.71
C TYR A 17 2.63 -10.52 -8.84
N THR A 18 1.62 -11.33 -8.48
CA THR A 18 1.81 -12.57 -7.70
C THR A 18 1.06 -13.71 -8.37
N PRO A 19 1.64 -14.92 -8.49
CA PRO A 19 1.05 -16.08 -9.17
C PRO A 19 -0.03 -16.76 -8.33
N SER A 20 -0.17 -16.42 -7.04
CA SER A 20 -1.28 -16.89 -6.20
C SER A 20 -2.68 -16.51 -6.73
N MET A 21 -2.84 -15.34 -7.36
CA MET A 21 -4.12 -14.82 -7.84
C MET A 21 -4.01 -14.65 -9.36
N SER A 22 -5.14 -14.57 -10.06
CA SER A 22 -5.13 -14.25 -11.49
C SER A 22 -4.57 -12.84 -11.73
N SER A 23 -3.93 -12.59 -12.88
CA SER A 23 -3.32 -11.30 -13.21
C SER A 23 -4.33 -10.13 -13.18
N VAL A 24 -5.59 -10.39 -13.54
CA VAL A 24 -6.68 -9.40 -13.43
C VAL A 24 -7.08 -9.18 -11.97
N GLU A 25 -7.06 -10.23 -11.12
CA GLU A 25 -7.40 -10.19 -9.70
C GLU A 25 -6.37 -9.40 -8.87
N VAL A 26 -5.07 -9.56 -9.15
CA VAL A 26 -4.03 -8.70 -8.53
C VAL A 26 -4.23 -7.23 -8.94
N ASP A 27 -4.36 -6.91 -10.26
CA ASP A 27 -4.57 -5.52 -10.72
C ASP A 27 -5.86 -4.94 -10.10
N LYS A 28 -6.96 -5.68 -10.17
CA LYS A 28 -8.23 -5.32 -9.54
C LYS A 28 -8.07 -5.17 -8.01
N ALA A 29 -7.33 -6.04 -7.32
CA ALA A 29 -7.15 -5.95 -5.87
C ALA A 29 -6.37 -4.70 -5.47
N VAL A 30 -5.39 -4.25 -6.26
CA VAL A 30 -4.69 -2.99 -5.95
C VAL A 30 -5.54 -1.76 -6.28
N GLU A 31 -6.39 -1.80 -7.32
CA GLU A 31 -7.16 -0.63 -7.76
C GLU A 31 -8.08 -0.06 -6.66
N MET A 32 -8.59 -0.95 -5.82
CA MET A 32 -9.49 -0.58 -4.73
C MET A 32 -8.77 0.21 -3.63
N ALA A 33 -7.47 -0.01 -3.46
CA ALA A 33 -6.58 0.69 -2.53
C ALA A 33 -6.18 2.10 -3.01
N LEU A 34 -5.85 2.26 -4.29
CA LEU A 34 -5.67 3.57 -4.93
C LEU A 34 -6.89 4.46 -4.69
N GLN A 35 -8.07 3.89 -4.94
CA GLN A 35 -9.36 4.55 -4.78
C GLN A 35 -9.58 5.00 -3.34
N ALA A 36 -9.27 4.15 -2.37
CA ALA A 36 -9.48 4.40 -0.95
C ALA A 36 -8.79 5.68 -0.45
N TRP A 37 -7.67 6.10 -1.05
CA TRP A 37 -7.00 7.36 -0.71
C TRP A 37 -7.43 8.52 -1.61
N SER A 38 -7.72 8.25 -2.88
CA SER A 38 -8.39 9.22 -3.76
C SER A 38 -9.80 9.57 -3.24
N SER A 39 -10.34 8.78 -2.31
CA SER A 39 -11.61 8.98 -1.60
C SER A 39 -11.54 10.03 -0.49
N ALA A 40 -10.41 10.12 0.21
CA ALA A 40 -10.18 11.10 1.25
C ALA A 40 -9.71 12.46 0.70
N VAL A 41 -8.97 12.41 -0.41
CA VAL A 41 -8.22 13.57 -0.93
C VAL A 41 -8.21 13.65 -2.45
N PRO A 42 -8.29 14.87 -3.05
CA PRO A 42 -8.16 15.15 -4.49
C PRO A 42 -6.75 14.92 -5.05
N LEU A 43 -6.13 13.80 -4.67
CA LEU A 43 -4.90 13.29 -5.28
C LEU A 43 -5.25 12.44 -6.50
N SER A 44 -4.25 11.85 -7.13
CA SER A 44 -4.45 10.95 -8.25
C SER A 44 -3.24 10.04 -8.40
N PHE A 45 -3.49 8.74 -8.59
CA PHE A 45 -2.47 7.77 -8.97
C PHE A 45 -2.48 7.59 -10.50
N VAL A 46 -1.38 7.93 -11.16
CA VAL A 46 -1.18 7.78 -12.62
C VAL A 46 -0.06 6.80 -12.88
N ARG A 47 -0.31 5.88 -13.80
CA ARG A 47 0.69 4.90 -14.19
C ARG A 47 1.56 5.39 -15.36
N ILE A 48 2.87 5.18 -15.21
CA ILE A 48 3.88 5.36 -16.27
C ILE A 48 4.07 4.01 -16.97
N ASN A 49 4.32 3.99 -18.28
CA ASN A 49 4.61 2.75 -19.02
C ASN A 49 6.13 2.51 -19.19
N SER A 50 6.97 3.46 -18.78
CA SER A 50 8.41 3.43 -19.05
C SER A 50 9.14 4.32 -18.04
N GLY A 51 10.25 3.85 -17.47
CA GLY A 51 11.03 4.57 -16.44
C GLY A 51 10.81 4.01 -15.02
N GLU A 52 11.53 4.60 -14.07
CA GLU A 52 11.46 4.31 -12.64
C GLU A 52 10.76 5.47 -11.91
N ALA A 53 9.79 5.09 -11.07
CA ALA A 53 8.74 5.95 -10.49
C ALA A 53 8.96 6.34 -9.04
N ASP A 54 8.08 7.18 -8.50
CA ASP A 54 8.01 7.46 -7.09
C ASP A 54 7.46 6.20 -6.40
N ILE A 55 6.41 5.61 -6.95
CA ILE A 55 5.80 4.37 -6.44
C ILE A 55 5.93 3.18 -7.43
N MET A 56 6.89 2.30 -7.17
CA MET A 56 6.96 1.01 -7.82
C MET A 56 6.39 0.00 -6.84
N ILE A 57 5.50 -0.87 -7.32
CA ILE A 57 4.90 -1.94 -6.51
C ILE A 57 5.37 -3.31 -7.02
N SER A 58 5.91 -4.11 -6.10
CA SER A 58 6.60 -5.36 -6.42
C SER A 58 6.50 -6.41 -5.30
N PHE A 59 6.64 -7.70 -5.65
CA PHE A 59 6.40 -8.88 -4.79
C PHE A 59 7.71 -9.68 -4.63
N GLU A 60 8.30 -9.59 -3.44
CA GLU A 60 9.68 -10.03 -3.16
C GLU A 60 9.74 -11.12 -2.05
N ASN A 61 10.56 -12.17 -2.24
CA ASN A 61 10.50 -13.39 -1.44
C ASN A 61 11.50 -13.43 -0.26
N GLY A 62 11.00 -13.03 0.93
CA GLY A 62 11.82 -12.93 2.15
C GLY A 62 12.78 -11.76 2.08
N ASP A 63 14.01 -12.02 1.64
CA ASP A 63 15.04 -11.01 1.44
C ASP A 63 14.85 -10.22 0.13
N HIS A 64 15.45 -9.03 0.10
CA HIS A 64 15.49 -8.15 -1.08
C HIS A 64 16.58 -7.06 -0.99
N GLY A 65 17.13 -6.73 0.20
CA GLY A 65 18.32 -5.86 0.33
C GLY A 65 18.10 -4.38 0.75
N ASP A 66 16.87 -3.95 1.07
CA ASP A 66 16.60 -2.53 1.38
C ASP A 66 17.34 -2.02 2.65
N SER A 67 17.69 -2.94 3.55
CA SER A 67 18.16 -2.85 4.92
C SER A 67 17.27 -3.82 5.69
N TYR A 68 15.95 -3.65 5.51
CA TYR A 68 14.90 -4.45 6.15
C TYR A 68 14.43 -5.58 5.20
N PRO A 69 14.82 -6.84 5.44
CA PRO A 69 14.20 -7.99 4.80
C PRO A 69 12.82 -8.24 5.44
N PHE A 70 12.12 -9.26 4.96
CA PHE A 70 10.91 -9.75 5.62
C PHE A 70 11.20 -10.77 6.72
N ASP A 71 10.38 -11.84 6.82
CA ASP A 71 10.33 -12.76 7.95
C ASP A 71 9.86 -14.21 7.62
N GLY A 72 9.78 -14.58 6.34
CA GLY A 72 9.20 -15.87 5.93
C GLY A 72 7.67 -15.86 6.10
N PRO A 73 7.01 -17.00 6.41
CA PRO A 73 5.55 -17.10 6.43
C PRO A 73 4.93 -16.37 7.63
N ARG A 74 3.74 -15.77 7.39
CA ARG A 74 2.96 -14.97 8.36
C ARG A 74 3.72 -13.68 8.79
N GLY A 75 3.30 -13.01 9.87
CA GLY A 75 3.94 -11.84 10.45
C GLY A 75 3.70 -10.62 9.56
N THR A 76 4.82 -10.04 9.14
CA THR A 76 4.90 -8.92 8.18
C THR A 76 4.21 -9.34 6.90
N LEU A 77 3.07 -8.74 6.57
CA LEU A 77 2.35 -9.04 5.31
C LEU A 77 2.79 -8.10 4.18
N ALA A 78 3.05 -6.85 4.52
CA ALA A 78 3.43 -5.83 3.54
C ALA A 78 4.35 -4.79 4.17
N HIS A 79 5.05 -4.05 3.32
CA HIS A 79 5.78 -2.85 3.71
C HIS A 79 6.05 -1.94 2.50
N ALA A 80 5.64 -0.70 2.65
CA ALA A 80 5.94 0.40 1.75
C ALA A 80 7.14 1.20 2.27
N PHE A 81 7.76 1.95 1.36
CA PHE A 81 8.64 3.05 1.77
C PHE A 81 7.81 4.28 2.18
N ALA A 82 8.39 5.08 3.06
CA ALA A 82 7.89 6.42 3.37
C ALA A 82 7.99 7.40 2.15
N PRO A 83 7.31 8.56 2.15
CA PRO A 83 7.58 9.59 1.17
C PRO A 83 9.04 10.03 1.35
N GLY A 84 9.75 10.22 0.22
CA GLY A 84 11.16 10.64 0.24
C GLY A 84 11.89 10.59 -1.09
N GLU A 85 13.18 10.27 -1.03
CA GLU A 85 14.12 10.36 -2.09
C GLU A 85 14.69 8.95 -2.26
N GLY A 86 14.72 8.57 -3.53
CA GLY A 86 15.19 7.28 -4.07
C GLY A 86 14.10 6.21 -3.96
N LEU A 87 14.30 5.27 -3.04
CA LEU A 87 13.39 4.14 -2.77
C LEU A 87 12.00 4.74 -2.46
N GLY A 88 11.90 5.70 -1.51
CA GLY A 88 10.75 6.59 -1.23
C GLY A 88 9.51 6.41 -2.10
N GLY A 89 8.41 6.02 -1.47
CA GLY A 89 7.21 5.53 -2.14
C GLY A 89 7.26 4.11 -2.72
N ASP A 90 8.42 3.45 -2.84
CA ASP A 90 8.48 2.08 -3.44
C ASP A 90 8.02 1.02 -2.42
N THR A 91 7.13 0.13 -2.88
CA THR A 91 6.38 -0.79 -2.02
C THR A 91 6.58 -2.22 -2.42
N HIS A 92 6.68 -3.04 -1.37
CA HIS A 92 7.13 -4.41 -1.39
C HIS A 92 6.17 -5.38 -0.64
N PHE A 93 5.83 -6.49 -1.31
CA PHE A 93 4.89 -7.51 -0.83
C PHE A 93 5.59 -8.83 -0.60
N ASP A 94 5.27 -9.44 0.54
CA ASP A 94 5.90 -10.64 1.06
C ASP A 94 5.49 -11.89 0.25
N ASN A 95 6.37 -12.35 -0.63
CA ASN A 95 6.10 -13.49 -1.54
C ASN A 95 6.20 -14.87 -0.83
N ALA A 96 6.56 -14.92 0.45
CA ALA A 96 6.79 -16.16 1.19
C ALA A 96 5.50 -16.94 1.58
N GLU A 97 4.34 -16.29 1.45
CA GLU A 97 3.00 -16.71 1.83
C GLU A 97 2.02 -16.75 0.62
N LYS A 98 0.81 -17.29 0.84
CA LYS A 98 -0.31 -17.20 -0.11
C LYS A 98 -0.96 -15.82 -0.17
N TRP A 99 -1.50 -15.47 -1.34
CA TRP A 99 -2.29 -14.26 -1.53
C TRP A 99 -3.66 -14.61 -2.10
N THR A 100 -4.72 -14.31 -1.36
CA THR A 100 -6.11 -14.41 -1.81
C THR A 100 -6.67 -13.04 -2.18
N MET A 101 -7.62 -13.09 -3.11
CA MET A 101 -8.47 -11.97 -3.52
C MET A 101 -9.52 -11.68 -2.42
N GLY A 102 -10.28 -12.70 -2.00
CA GLY A 102 -11.29 -12.61 -0.95
C GLY A 102 -11.39 -13.86 -0.05
N THR A 103 -10.95 -13.70 1.20
CA THR A 103 -11.10 -14.61 2.36
C THR A 103 -10.33 -15.91 2.20
N ASN A 104 -10.37 -16.76 3.24
CA ASN A 104 -9.63 -18.00 3.42
C ASN A 104 -8.13 -17.75 3.73
N GLY A 105 -7.39 -17.21 2.76
CA GLY A 105 -5.97 -16.83 2.88
C GLY A 105 -5.76 -15.38 3.33
N PHE A 106 -4.54 -14.85 3.12
CA PHE A 106 -4.18 -13.44 3.40
C PHE A 106 -4.58 -12.51 2.23
N ASN A 107 -5.33 -11.45 2.53
CA ASN A 107 -6.05 -10.60 1.55
C ASN A 107 -5.34 -9.33 1.03
N LEU A 108 -5.07 -9.33 -0.28
CA LEU A 108 -4.26 -8.29 -0.94
C LEU A 108 -4.81 -6.87 -0.75
N PHE A 109 -6.08 -6.61 -1.08
CA PHE A 109 -6.68 -5.26 -1.02
C PHE A 109 -6.53 -4.61 0.38
N THR A 110 -6.76 -5.38 1.45
CA THR A 110 -6.60 -4.93 2.84
C THR A 110 -5.15 -4.56 3.14
N VAL A 111 -4.19 -5.40 2.77
CA VAL A 111 -2.77 -5.09 3.03
C VAL A 111 -2.25 -3.97 2.13
N ALA A 112 -2.84 -3.80 0.94
CA ALA A 112 -2.52 -2.77 -0.05
C ALA A 112 -2.88 -1.38 0.47
N ALA A 113 -4.15 -1.14 0.82
CA ALA A 113 -4.53 0.19 1.33
C ALA A 113 -3.76 0.58 2.60
N HIS A 114 -3.40 -0.39 3.46
CA HIS A 114 -2.47 -0.16 4.57
C HIS A 114 -1.09 0.33 4.08
N GLU A 115 -0.43 -0.33 3.11
CA GLU A 115 0.89 0.11 2.63
C GLU A 115 0.83 1.49 1.97
N PHE A 116 -0.25 1.79 1.22
CA PHE A 116 -0.31 3.05 0.50
C PHE A 116 -0.28 4.21 1.49
N GLY A 117 -0.98 4.08 2.63
CA GLY A 117 -0.99 5.02 3.75
C GLY A 117 0.39 5.43 4.24
N HIS A 118 1.38 4.53 4.15
CA HIS A 118 2.78 4.82 4.50
C HIS A 118 3.56 5.55 3.40
N ALA A 119 3.22 5.30 2.13
CA ALA A 119 3.84 6.00 0.99
C ALA A 119 3.30 7.44 0.82
N LEU A 120 2.31 7.82 1.63
CA LEU A 120 1.81 9.18 1.78
C LEU A 120 2.66 10.02 2.77
N GLY A 121 3.01 9.38 3.88
CA GLY A 121 3.61 9.97 5.09
C GLY A 121 3.14 9.40 6.45
N LEU A 122 2.14 8.50 6.49
CA LEU A 122 1.52 8.04 7.76
C LEU A 122 2.21 6.82 8.41
N ALA A 123 1.77 6.43 9.63
CA ALA A 123 2.35 5.38 10.47
C ALA A 123 1.25 4.59 11.25
N HIS A 124 1.60 3.42 11.80
CA HIS A 124 0.68 2.56 12.58
C HIS A 124 -0.01 3.30 13.73
N SER A 125 -1.28 3.67 13.53
CA SER A 125 -2.06 4.31 14.58
C SER A 125 -2.45 3.30 15.66
N THR A 126 -2.53 3.72 16.92
CA THR A 126 -3.04 2.87 18.03
C THR A 126 -4.56 2.83 18.10
N ASP A 127 -5.26 3.39 17.10
CA ASP A 127 -6.71 3.31 17.00
C ASP A 127 -7.13 1.84 16.85
N PRO A 128 -8.05 1.31 17.69
CA PRO A 128 -8.62 -0.01 17.49
C PRO A 128 -9.50 -0.07 16.24
N SER A 129 -9.80 1.09 15.60
CA SER A 129 -10.73 1.16 14.47
C SER A 129 -10.04 1.40 13.12
N ALA A 130 -8.77 1.82 13.10
CA ALA A 130 -8.02 2.28 11.92
C ALA A 130 -7.72 1.17 10.88
N LEU A 131 -6.83 1.42 9.91
CA LEU A 131 -6.48 0.47 8.85
C LEU A 131 -5.00 0.17 8.82
N MET A 132 -4.16 1.19 8.96
CA MET A 132 -2.72 1.02 9.10
C MET A 132 -2.29 0.59 10.49
N TYR A 133 -3.22 0.38 11.42
CA TYR A 133 -2.96 -0.13 12.77
C TYR A 133 -1.95 -1.31 12.84
N PRO A 134 -1.20 -1.45 13.95
CA PRO A 134 -0.12 -2.43 14.09
C PRO A 134 -0.68 -3.83 14.45
N THR A 135 -1.46 -4.41 13.53
CA THR A 135 -1.99 -5.78 13.61
C THR A 135 -2.72 -6.18 12.33
N TYR A 136 -2.77 -7.47 12.03
CA TYR A 136 -3.58 -8.02 10.93
C TYR A 136 -5.02 -8.32 11.37
N LYS A 137 -5.98 -7.63 10.73
CA LYS A 137 -7.42 -7.88 10.78
C LYS A 137 -8.05 -7.64 9.40
N TYR A 138 -9.09 -8.42 9.14
CA TYR A 138 -9.85 -8.48 7.89
C TYR A 138 -10.94 -7.41 7.82
N LYS A 139 -10.66 -6.26 7.18
CA LYS A 139 -11.72 -5.30 6.86
C LYS A 139 -12.56 -5.86 5.71
N ASN A 140 -13.87 -5.74 5.86
CA ASN A 140 -14.89 -6.17 4.90
C ASN A 140 -14.77 -5.32 3.61
N PRO A 141 -14.52 -5.92 2.43
CA PRO A 141 -14.19 -5.19 1.20
C PRO A 141 -15.45 -4.74 0.45
N TYR A 142 -16.25 -3.86 1.07
CA TYR A 142 -17.49 -3.32 0.55
C TYR A 142 -17.48 -1.82 0.85
N GLY A 143 -16.86 -1.03 -0.04
CA GLY A 143 -16.89 0.44 0.02
C GLY A 143 -16.16 1.10 1.20
N PHE A 144 -15.51 0.32 2.09
CA PHE A 144 -14.99 0.79 3.37
C PHE A 144 -13.89 1.86 3.32
N HIS A 145 -13.38 2.20 2.14
CA HIS A 145 -12.19 3.00 1.88
C HIS A 145 -11.19 3.06 3.05
N LEU A 146 -11.12 4.19 3.74
CA LEU A 146 -10.45 4.29 5.04
C LEU A 146 -11.50 4.19 6.14
N PRO A 147 -11.16 3.60 7.30
CA PRO A 147 -11.97 3.63 8.50
C PRO A 147 -12.38 5.06 8.84
N LYS A 148 -11.46 5.94 9.25
CA LYS A 148 -11.77 7.28 9.71
C LYS A 148 -10.56 8.17 9.92
N ASP A 149 -9.79 7.92 10.98
CA ASP A 149 -8.76 8.87 11.44
C ASP A 149 -7.62 9.04 10.43
N ASP A 150 -7.44 7.99 9.65
CA ASP A 150 -6.60 7.86 8.46
C ASP A 150 -6.93 8.95 7.39
N VAL A 151 -8.21 9.35 7.25
CA VAL A 151 -8.70 10.36 6.28
C VAL A 151 -8.15 11.76 6.63
N LYS A 152 -8.30 12.19 7.89
CA LYS A 152 -7.75 13.46 8.35
C LYS A 152 -6.21 13.45 8.42
N GLY A 153 -5.57 12.28 8.31
CA GLY A 153 -4.12 12.14 8.12
C GLY A 153 -3.74 12.48 6.70
N ILE A 154 -4.35 11.84 5.69
CA ILE A 154 -4.01 12.13 4.29
C ILE A 154 -4.43 13.53 3.81
N GLN A 155 -5.56 14.07 4.30
CA GLN A 155 -5.99 15.45 4.01
C GLN A 155 -4.96 16.48 4.47
N ALA A 156 -4.15 16.15 5.48
CA ALA A 156 -3.10 17.07 5.97
C ALA A 156 -1.88 17.17 5.03
N LEU A 157 -1.75 16.25 4.07
CA LEU A 157 -0.56 16.08 3.24
C LEU A 157 -0.73 16.76 1.89
N TYR A 158 -1.87 16.55 1.23
CA TYR A 158 -2.09 17.14 -0.10
C TYR A 158 -3.05 18.34 -0.12
N GLY A 159 -3.79 18.59 0.98
CA GLY A 159 -4.58 19.80 1.21
C GLY A 159 -5.98 19.82 0.56
N PRO A 160 -7.04 20.26 1.28
CA PRO A 160 -8.40 20.42 0.75
C PRO A 160 -8.72 21.80 0.11
CA CA B . 5.67 -12.55 5.86
CA CA C . 10.67 5.30 -5.67
ZN ZN D . 11.57 -3.25 1.01
ZN ZN E . 2.30 -0.74 8.48
C1 NGH F . -0.44 -5.34 9.16
C2 NGH F . -1.75 -5.07 8.73
C3 NGH F . -2.03 -4.92 7.37
C4 NGH F . -0.99 -4.95 6.45
C5 NGH F . 0.30 -5.22 6.86
C6 NGH F . 0.57 -5.45 8.21
O1 NGH F . -3.29 -4.57 6.90
C7 NGH F . -4.41 -4.25 7.78
S1 NGH F . 2.22 -5.95 8.65
O2 NGH F . 2.90 -6.13 7.37
O3 NGH F . 2.28 -6.99 9.66
N NGH F . 2.91 -4.65 9.34
C9 NGH F . 2.48 -4.09 10.66
C10 NGH F . 4.13 -4.05 8.73
C11 NGH F . 3.82 -2.80 7.95
N1 NGH F . 2.92 -2.95 6.97
O4 NGH F . 2.33 -1.94 6.49
O5 NGH F . 4.28 -1.71 8.17
C12 NGH F . 2.99 -4.96 11.84
C13 NGH F . 1.83 -5.65 12.57
C14 NGH F . 3.80 -4.10 12.82
H1 NGH F . -0.21 -5.44 10.22
H2 NGH F . -2.54 -5.00 9.45
H4 NGH F . -1.16 -4.76 5.39
H5 NGH F . 1.09 -5.26 6.12
H71 NGH F . -4.73 -5.14 8.31
H72 NGH F . -5.22 -3.86 7.17
H73 NGH F . -4.11 -3.48 8.49
H91 NGH F . 1.40 -3.94 10.73
H92 NGH F . 2.85 -3.09 10.76
H101 NGH F . 4.59 -4.73 8.02
H102 NGH F . 4.90 -3.85 9.47
HN1 NGH F . 2.85 -3.86 6.51
H12 NGH F . 3.64 -5.76 11.48
H131 NGH F . 1.25 -6.28 11.89
H132 NGH F . 1.15 -4.91 12.99
H133 NGH F . 2.19 -6.29 13.37
H141 NGH F . 4.64 -3.64 12.31
H142 NGH F . 4.19 -4.71 13.65
H143 NGH F . 3.18 -3.30 13.25
N GLY A 1 13.23 12.62 9.60
CA GLY A 1 11.90 13.12 9.95
C GLY A 1 10.81 12.22 9.41
N GLU A 2 9.60 12.76 9.35
CA GLU A 2 8.43 12.12 8.74
C GLU A 2 7.90 13.00 7.58
N PRO A 3 8.14 12.64 6.31
CA PRO A 3 7.83 13.48 5.16
C PRO A 3 6.53 13.06 4.45
N LYS A 4 6.04 13.93 3.56
CA LYS A 4 4.93 13.70 2.63
C LYS A 4 5.19 14.26 1.23
N TRP A 5 4.33 13.93 0.25
CA TRP A 5 4.46 14.46 -1.11
C TRP A 5 3.93 15.88 -1.27
N LYS A 6 4.63 16.71 -2.06
CA LYS A 6 4.33 18.14 -2.27
C LYS A 6 3.34 18.47 -3.40
N LYS A 7 2.85 17.45 -4.12
CA LYS A 7 1.81 17.59 -5.15
C LYS A 7 0.66 16.58 -4.96
N ASN A 8 -0.35 16.68 -5.81
CA ASN A 8 -1.57 15.86 -5.74
C ASN A 8 -1.62 14.79 -6.85
N THR A 9 -0.64 14.81 -7.73
CA THR A 9 -0.50 13.99 -8.94
C THR A 9 0.62 12.98 -8.76
N LEU A 10 0.27 11.78 -8.31
CA LEU A 10 1.23 10.70 -8.08
C LEU A 10 1.35 9.81 -9.31
N THR A 11 2.47 9.10 -9.43
CA THR A 11 2.70 8.07 -10.45
C THR A 11 2.89 6.72 -9.78
N TYR A 12 2.35 5.65 -10.36
CA TYR A 12 2.61 4.30 -9.87
C TYR A 12 2.89 3.28 -10.97
N ARG A 13 3.54 2.17 -10.61
CA ARG A 13 4.00 1.15 -11.59
C ARG A 13 4.20 -0.23 -10.97
N ILE A 14 3.65 -1.28 -11.58
CA ILE A 14 3.91 -2.69 -11.24
C ILE A 14 5.15 -3.16 -12.02
N SER A 15 6.04 -3.92 -11.40
CA SER A 15 7.13 -4.60 -12.11
C SER A 15 7.16 -6.11 -11.90
N LYS A 16 6.55 -6.58 -10.81
CA LYS A 16 6.59 -7.97 -10.33
C LYS A 16 5.30 -8.26 -9.56
N TYR A 17 4.77 -9.47 -9.71
CA TYR A 17 3.51 -9.92 -9.09
C TYR A 17 3.75 -11.05 -8.06
N THR A 18 2.69 -11.46 -7.34
CA THR A 18 2.65 -12.69 -6.53
C THR A 18 2.35 -13.86 -7.47
N PRO A 19 2.75 -15.11 -7.20
CA PRO A 19 2.28 -16.30 -7.93
C PRO A 19 0.82 -16.66 -7.60
N SER A 20 0.31 -16.14 -6.47
CA SER A 20 -1.00 -16.50 -5.90
C SER A 20 -2.19 -15.78 -6.53
N MET A 21 -2.17 -14.44 -6.54
CA MET A 21 -3.14 -13.67 -7.32
C MET A 21 -2.64 -13.54 -8.74
N SER A 22 -3.59 -13.45 -9.66
CA SER A 22 -3.32 -13.11 -11.04
C SER A 22 -3.05 -11.61 -11.22
N SER A 23 -2.35 -11.28 -12.30
CA SER A 23 -2.02 -9.88 -12.63
C SER A 23 -3.27 -8.99 -12.63
N VAL A 24 -4.41 -9.48 -13.14
CA VAL A 24 -5.65 -8.69 -13.26
C VAL A 24 -6.31 -8.48 -11.88
N GLU A 25 -6.10 -9.44 -11.00
CA GLU A 25 -6.58 -9.45 -9.64
C GLU A 25 -5.77 -8.51 -8.78
N VAL A 26 -4.44 -8.52 -8.89
CA VAL A 26 -3.59 -7.50 -8.26
C VAL A 26 -3.98 -6.11 -8.75
N ASP A 27 -4.07 -5.91 -10.09
CA ASP A 27 -4.55 -4.68 -10.78
C ASP A 27 -5.87 -4.16 -10.17
N LYS A 28 -6.92 -4.98 -10.16
CA LYS A 28 -8.21 -4.59 -9.59
C LYS A 28 -8.19 -4.51 -8.03
N ALA A 29 -7.39 -5.32 -7.33
CA ALA A 29 -7.30 -5.29 -5.86
C ALA A 29 -6.54 -4.07 -5.33
N VAL A 30 -5.55 -3.55 -6.06
CA VAL A 30 -4.89 -2.30 -5.69
C VAL A 30 -5.75 -1.08 -6.07
N GLU A 31 -6.61 -1.15 -7.11
CA GLU A 31 -7.51 -0.06 -7.49
C GLU A 31 -8.32 0.51 -6.32
N MET A 32 -8.93 -0.37 -5.52
CA MET A 32 -9.64 -0.05 -4.29
C MET A 32 -8.80 0.82 -3.34
N ALA A 33 -7.50 0.53 -3.25
CA ALA A 33 -6.55 1.29 -2.44
C ALA A 33 -6.33 2.72 -2.98
N LEU A 34 -6.07 2.87 -4.29
CA LEU A 34 -5.98 4.17 -4.96
C LEU A 34 -7.26 4.98 -4.73
N GLN A 35 -8.40 4.39 -5.02
CA GLN A 35 -9.69 5.05 -5.01
C GLN A 35 -10.11 5.47 -3.60
N ALA A 36 -9.75 4.70 -2.56
CA ALA A 36 -10.01 5.03 -1.17
C ALA A 36 -9.33 6.34 -0.72
N TRP A 37 -8.05 6.56 -1.05
CA TRP A 37 -7.34 7.80 -0.75
C TRP A 37 -7.84 8.99 -1.60
N SER A 38 -8.17 8.72 -2.87
CA SER A 38 -8.81 9.71 -3.75
C SER A 38 -10.28 9.98 -3.37
N SER A 39 -10.84 9.22 -2.43
CA SER A 39 -12.13 9.44 -1.77
C SER A 39 -11.99 10.25 -0.48
N ALA A 40 -10.83 10.19 0.19
CA ALA A 40 -10.50 10.98 1.38
C ALA A 40 -10.09 12.41 1.04
N VAL A 41 -9.43 12.63 -0.10
CA VAL A 41 -8.94 13.93 -0.60
C VAL A 41 -8.85 13.98 -2.13
N PRO A 42 -8.80 15.18 -2.74
CA PRO A 42 -8.61 15.38 -4.18
C PRO A 42 -7.17 15.11 -4.66
N LEU A 43 -6.76 13.84 -4.69
CA LEU A 43 -5.50 13.41 -5.33
C LEU A 43 -5.75 12.34 -6.40
N SER A 44 -4.71 11.99 -7.16
CA SER A 44 -4.80 10.91 -8.13
C SER A 44 -3.46 10.24 -8.38
N PHE A 45 -3.51 8.95 -8.70
CA PHE A 45 -2.39 8.09 -9.07
C PHE A 45 -2.42 7.73 -10.58
N VAL A 46 -1.45 8.25 -11.36
CA VAL A 46 -1.28 8.01 -12.80
C VAL A 46 -0.41 6.78 -13.03
N ARG A 47 -0.93 5.83 -13.76
CA ARG A 47 -0.20 4.60 -14.05
C ARG A 47 0.71 4.76 -15.27
N ILE A 48 2.01 4.49 -15.09
CA ILE A 48 3.08 4.73 -16.11
C ILE A 48 3.59 3.43 -16.75
N ASN A 49 4.26 3.52 -17.91
CA ASN A 49 4.99 2.38 -18.49
C ASN A 49 6.46 2.32 -18.03
N SER A 50 7.13 3.45 -17.87
CA SER A 50 8.57 3.54 -17.69
C SER A 50 8.99 4.93 -17.18
N GLY A 51 10.16 5.06 -16.54
CA GLY A 51 10.68 6.37 -16.05
C GLY A 51 10.74 6.57 -14.53
N GLU A 52 10.77 5.46 -13.78
CA GLU A 52 10.68 5.32 -12.32
C GLU A 52 9.59 6.17 -11.62
N ALA A 53 8.56 5.44 -11.19
CA ALA A 53 7.46 5.98 -10.43
C ALA A 53 7.84 6.51 -9.03
N ASP A 54 6.95 7.38 -8.54
CA ASP A 54 6.94 7.82 -7.17
C ASP A 54 6.73 6.58 -6.30
N ILE A 55 5.81 5.72 -6.71
CA ILE A 55 5.39 4.46 -6.07
C ILE A 55 5.51 3.25 -7.02
N MET A 56 6.46 2.35 -6.79
CA MET A 56 6.55 1.06 -7.48
C MET A 56 6.04 -0.06 -6.59
N ILE A 57 5.34 -1.05 -7.17
CA ILE A 57 4.97 -2.29 -6.45
C ILE A 57 5.62 -3.54 -7.06
N SER A 58 6.20 -4.35 -6.17
CA SER A 58 6.78 -5.66 -6.43
C SER A 58 6.57 -6.61 -5.24
N PHE A 59 6.87 -7.91 -5.43
CA PHE A 59 6.83 -8.94 -4.38
C PHE A 59 8.23 -9.57 -4.25
N GLU A 60 8.72 -9.74 -3.02
CA GLU A 60 10.09 -10.17 -2.71
C GLU A 60 10.16 -11.20 -1.56
N ASN A 61 11.38 -11.63 -1.21
CA ASN A 61 11.62 -12.78 -0.31
C ASN A 61 12.35 -12.45 1.03
N GLY A 62 12.94 -13.49 1.64
CA GLY A 62 13.64 -13.48 2.92
C GLY A 62 15.04 -12.87 2.88
N ASP A 63 15.56 -12.51 1.72
CA ASP A 63 16.82 -11.75 1.52
C ASP A 63 16.46 -10.30 1.13
N HIS A 64 15.67 -10.16 0.04
CA HIS A 64 14.90 -8.98 -0.38
C HIS A 64 15.74 -7.86 -1.01
N GLY A 65 17.01 -7.73 -0.62
CA GLY A 65 17.99 -6.78 -1.18
C GLY A 65 18.04 -5.41 -0.52
N ASP A 66 17.16 -5.11 0.43
CA ASP A 66 17.09 -3.79 1.08
C ASP A 66 18.10 -3.71 2.29
N SER A 67 17.72 -4.43 3.36
CA SER A 67 18.15 -4.33 4.77
C SER A 67 17.08 -4.96 5.68
N TYR A 68 15.81 -4.77 5.28
CA TYR A 68 14.57 -5.24 5.88
C TYR A 68 13.90 -6.27 4.95
N PRO A 69 14.39 -7.53 5.05
CA PRO A 69 13.63 -8.68 4.51
C PRO A 69 12.34 -9.00 5.28
N PHE A 70 11.64 -10.04 4.84
CA PHE A 70 10.50 -10.60 5.57
C PHE A 70 10.89 -11.70 6.58
N ASP A 71 9.94 -12.58 6.90
CA ASP A 71 9.96 -13.51 8.05
C ASP A 71 9.26 -14.85 7.79
N GLY A 72 9.16 -15.27 6.52
CA GLY A 72 8.43 -16.47 6.11
C GLY A 72 6.91 -16.30 6.26
N PRO A 73 6.10 -17.39 6.23
CA PRO A 73 4.63 -17.31 6.15
C PRO A 73 3.97 -17.03 7.50
N ARG A 74 4.03 -15.78 7.94
CA ARG A 74 3.53 -15.19 9.20
C ARG A 74 4.01 -13.74 9.36
N GLY A 75 3.66 -13.12 10.47
CA GLY A 75 4.18 -11.85 11.00
C GLY A 75 3.98 -10.69 10.03
N THR A 76 5.07 -10.17 9.49
CA THR A 76 5.11 -9.07 8.51
C THR A 76 4.47 -9.58 7.24
N LEU A 77 3.20 -9.24 7.03
CA LEU A 77 2.45 -9.49 5.80
C LEU A 77 2.95 -8.60 4.65
N ALA A 78 3.19 -7.32 4.94
CA ALA A 78 3.59 -6.33 3.93
C ALA A 78 4.65 -5.33 4.43
N HIS A 79 5.14 -4.47 3.55
CA HIS A 79 5.97 -3.31 3.91
C HIS A 79 6.22 -2.33 2.74
N ALA A 80 6.10 -1.03 3.05
CA ALA A 80 6.37 0.08 2.17
C ALA A 80 7.36 1.10 2.76
N PHE A 81 7.98 1.87 1.87
CA PHE A 81 8.78 3.04 2.17
C PHE A 81 7.90 4.26 2.45
N ALA A 82 8.45 5.21 3.21
CA ALA A 82 7.88 6.56 3.32
C ALA A 82 8.11 7.26 1.97
N PRO A 83 7.44 8.38 1.65
CA PRO A 83 7.83 9.17 0.49
C PRO A 83 9.26 9.68 0.67
N GLY A 84 9.93 9.89 -0.46
CA GLY A 84 11.36 10.23 -0.51
C GLY A 84 11.74 10.65 -1.91
N GLU A 85 12.75 9.97 -2.48
CA GLU A 85 13.15 10.08 -3.88
C GLU A 85 13.14 8.69 -4.56
N GLY A 86 14.30 8.01 -4.66
CA GLY A 86 14.49 6.74 -5.34
C GLY A 86 13.64 5.62 -4.76
N LEU A 87 14.09 4.98 -3.67
CA LEU A 87 13.38 3.89 -2.96
C LEU A 87 12.12 4.36 -2.22
N GLY A 88 12.12 5.62 -1.80
CA GLY A 88 10.95 6.34 -1.29
C GLY A 88 9.69 6.10 -2.11
N GLY A 89 8.58 5.92 -1.41
CA GLY A 89 7.25 5.69 -1.98
C GLY A 89 7.05 4.27 -2.50
N ASP A 90 8.10 3.44 -2.59
CA ASP A 90 7.97 2.09 -3.16
C ASP A 90 7.58 1.03 -2.13
N THR A 91 6.76 0.07 -2.58
CA THR A 91 6.10 -0.93 -1.74
C THR A 91 6.53 -2.33 -2.15
N HIS A 92 6.84 -3.14 -1.13
CA HIS A 92 7.33 -4.51 -1.25
C HIS A 92 6.48 -5.48 -0.42
N PHE A 93 5.86 -6.46 -1.07
CA PHE A 93 4.97 -7.44 -0.44
C PHE A 93 5.66 -8.80 -0.28
N ASP A 94 5.24 -9.62 0.68
CA ASP A 94 5.82 -10.96 0.84
C ASP A 94 5.40 -11.97 -0.25
N ASN A 95 6.37 -12.80 -0.64
CA ASN A 95 6.22 -13.98 -1.48
C ASN A 95 5.69 -15.23 -0.72
N ALA A 96 5.99 -15.36 0.58
CA ALA A 96 5.74 -16.57 1.36
C ALA A 96 4.25 -16.87 1.58
N GLU A 97 3.49 -15.89 2.05
CA GLU A 97 2.05 -16.01 2.25
C GLU A 97 1.27 -15.90 0.93
N LYS A 98 0.15 -16.63 0.93
CA LYS A 98 -0.87 -16.60 -0.11
C LYS A 98 -1.63 -15.29 -0.16
N TRP A 99 -2.06 -14.94 -1.35
CA TRP A 99 -2.84 -13.76 -1.66
C TRP A 99 -3.99 -14.17 -2.60
N THR A 100 -5.23 -14.20 -2.09
CA THR A 100 -6.42 -14.71 -2.82
C THR A 100 -7.64 -13.80 -2.70
N MET A 101 -8.56 -13.90 -3.66
CA MET A 101 -9.90 -13.30 -3.61
C MET A 101 -10.90 -14.24 -2.92
N GLY A 102 -10.73 -14.39 -1.61
CA GLY A 102 -11.51 -15.27 -0.71
C GLY A 102 -11.09 -15.15 0.76
N THR A 103 -11.57 -16.07 1.62
CA THR A 103 -11.24 -16.14 3.06
C THR A 103 -10.25 -17.23 3.44
N ASN A 104 -10.08 -18.28 2.63
CA ASN A 104 -9.12 -19.34 2.97
C ASN A 104 -7.67 -18.82 3.07
N GLY A 105 -7.21 -18.12 2.03
CA GLY A 105 -6.00 -17.29 2.04
C GLY A 105 -6.32 -15.83 2.40
N PHE A 106 -5.30 -14.96 2.41
CA PHE A 106 -5.46 -13.53 2.75
C PHE A 106 -5.84 -12.68 1.53
N ASN A 107 -6.76 -11.71 1.71
CA ASN A 107 -7.00 -10.66 0.70
C ASN A 107 -5.79 -9.71 0.62
N LEU A 108 -5.50 -9.17 -0.56
CA LEU A 108 -4.49 -8.13 -0.73
C LEU A 108 -4.98 -6.74 -0.29
N PHE A 109 -6.21 -6.35 -0.67
CA PHE A 109 -6.74 -4.99 -0.52
C PHE A 109 -6.53 -4.40 0.89
N THR A 110 -6.85 -5.18 1.94
CA THR A 110 -6.53 -4.91 3.36
C THR A 110 -5.08 -4.44 3.56
N VAL A 111 -4.08 -5.19 3.09
CA VAL A 111 -2.67 -4.77 3.23
C VAL A 111 -2.31 -3.66 2.23
N ALA A 112 -2.92 -3.65 1.04
CA ALA A 112 -2.57 -2.73 -0.05
C ALA A 112 -2.88 -1.27 0.29
N ALA A 113 -4.08 -0.98 0.82
CA ALA A 113 -4.43 0.38 1.21
C ALA A 113 -3.64 0.87 2.42
N HIS A 114 -3.37 -0.01 3.40
CA HIS A 114 -2.44 0.28 4.50
C HIS A 114 -1.06 0.66 3.94
N GLU A 115 -0.38 -0.20 3.15
CA GLU A 115 0.96 0.10 2.62
C GLU A 115 1.00 1.30 1.66
N PHE A 116 -0.05 1.55 0.88
CA PHE A 116 -0.15 2.79 0.12
C PHE A 116 -0.02 4.00 1.04
N GLY A 117 -0.68 3.97 2.20
CA GLY A 117 -0.59 5.03 3.20
C GLY A 117 0.83 5.35 3.66
N HIS A 118 1.75 4.37 3.69
CA HIS A 118 3.15 4.65 4.02
C HIS A 118 3.76 5.60 2.99
N ALA A 119 3.54 5.26 1.71
CA ALA A 119 4.06 5.99 0.57
C ALA A 119 3.43 7.38 0.39
N LEU A 120 2.34 7.74 1.09
CA LEU A 120 1.84 9.11 1.15
C LEU A 120 2.62 9.98 2.13
N GLY A 121 3.04 9.38 3.25
CA GLY A 121 3.61 10.03 4.43
C GLY A 121 3.03 9.57 5.77
N LEU A 122 2.17 8.56 5.79
CA LEU A 122 1.64 7.97 7.01
C LEU A 122 2.59 6.87 7.55
N ALA A 123 2.25 6.32 8.73
CA ALA A 123 2.99 5.24 9.43
C ALA A 123 2.09 4.48 10.42
N HIS A 124 2.52 3.35 10.99
CA HIS A 124 1.64 2.47 11.78
C HIS A 124 1.03 3.20 12.99
N SER A 125 -0.25 3.57 12.91
CA SER A 125 -0.91 4.33 13.95
C SER A 125 -1.46 3.45 15.07
N THR A 126 -1.65 4.02 16.26
CA THR A 126 -2.15 3.34 17.46
C THR A 126 -3.65 3.56 17.68
N ASP A 127 -4.39 3.84 16.60
CA ASP A 127 -5.82 4.17 16.66
C ASP A 127 -6.70 2.92 16.48
N PRO A 128 -7.73 2.70 17.32
CA PRO A 128 -8.61 1.53 17.21
C PRO A 128 -9.48 1.51 15.94
N SER A 129 -9.44 2.59 15.15
CA SER A 129 -10.10 2.73 13.85
C SER A 129 -9.17 3.46 12.87
N ALA A 130 -7.94 2.96 12.78
CA ALA A 130 -6.96 3.33 11.77
C ALA A 130 -6.59 2.12 10.89
N LEU A 131 -6.41 2.38 9.61
CA LEU A 131 -6.02 1.36 8.63
C LEU A 131 -4.53 1.03 8.72
N MET A 132 -3.71 2.00 9.12
CA MET A 132 -2.29 1.75 9.31
C MET A 132 -2.02 0.95 10.60
N TYR A 133 -3.04 0.66 11.41
CA TYR A 133 -2.83 -0.08 12.67
C TYR A 133 -2.05 -1.40 12.47
N PRO A 134 -0.95 -1.62 13.23
CA PRO A 134 -0.13 -2.80 13.06
C PRO A 134 -0.84 -3.98 13.75
N THR A 135 -1.51 -4.84 12.96
CA THR A 135 -2.23 -6.04 13.48
C THR A 135 -2.67 -7.02 12.40
N TYR A 136 -3.41 -6.51 11.41
CA TYR A 136 -4.15 -7.21 10.36
C TYR A 136 -5.46 -7.82 10.88
N LYS A 137 -6.58 -7.27 10.39
CA LYS A 137 -7.93 -7.77 10.67
C LYS A 137 -8.79 -7.61 9.43
N TYR A 138 -9.72 -8.55 9.24
CA TYR A 138 -10.50 -8.69 8.01
C TYR A 138 -11.63 -7.66 7.89
N LYS A 139 -11.42 -6.69 7.00
CA LYS A 139 -12.50 -5.82 6.55
C LYS A 139 -13.08 -6.43 5.27
N ASN A 140 -14.40 -6.47 5.20
CA ASN A 140 -15.16 -7.00 4.06
C ASN A 140 -14.91 -6.12 2.81
N PRO A 141 -14.35 -6.67 1.71
CA PRO A 141 -13.87 -5.91 0.56
C PRO A 141 -15.02 -5.43 -0.33
N TYR A 142 -15.79 -4.46 0.18
CA TYR A 142 -17.02 -3.98 -0.47
C TYR A 142 -17.03 -2.46 -0.68
N GLY A 143 -15.87 -1.82 -0.54
CA GLY A 143 -15.71 -0.36 -0.53
C GLY A 143 -15.61 0.25 0.87
N PHE A 144 -15.18 -0.52 1.88
CA PHE A 144 -14.90 -0.01 3.24
C PHE A 144 -13.90 1.18 3.29
N HIS A 145 -13.18 1.45 2.20
CA HIS A 145 -12.24 2.56 2.02
C HIS A 145 -11.23 2.62 3.17
N LEU A 146 -11.07 3.79 3.81
CA LEU A 146 -10.39 3.90 5.11
C LEU A 146 -11.45 3.78 6.20
N PRO A 147 -11.13 3.32 7.42
CA PRO A 147 -12.05 3.38 8.55
C PRO A 147 -12.49 4.83 8.80
N LYS A 148 -11.52 5.75 8.99
CA LYS A 148 -11.73 7.16 9.31
C LYS A 148 -10.45 7.94 9.57
N ASP A 149 -9.68 7.56 10.58
CA ASP A 149 -8.62 8.45 11.10
C ASP A 149 -7.55 8.78 10.06
N ASP A 150 -7.31 7.85 9.15
CA ASP A 150 -6.34 8.01 8.10
C ASP A 150 -6.77 9.12 7.12
N VAL A 151 -8.06 9.47 7.07
CA VAL A 151 -8.64 10.57 6.26
C VAL A 151 -8.19 11.93 6.82
N LYS A 152 -8.07 12.05 8.15
CA LYS A 152 -7.49 13.27 8.76
C LYS A 152 -5.94 13.32 8.71
N GLY A 153 -5.26 12.18 8.55
CA GLY A 153 -3.82 12.12 8.28
C GLY A 153 -3.52 12.57 6.85
N ILE A 154 -4.14 11.93 5.85
CA ILE A 154 -3.98 12.31 4.43
C ILE A 154 -4.33 13.77 4.08
N GLN A 155 -5.37 14.40 4.66
CA GLN A 155 -5.63 15.81 4.34
C GLN A 155 -4.62 16.77 4.94
N ALA A 156 -3.85 16.36 5.97
CA ALA A 156 -2.71 17.15 6.43
C ALA A 156 -1.57 17.20 5.40
N LEU A 157 -1.57 16.29 4.41
CA LEU A 157 -0.53 16.14 3.40
C LEU A 157 -0.87 16.90 2.11
N TYR A 158 -2.09 16.72 1.60
CA TYR A 158 -2.53 17.33 0.32
C TYR A 158 -3.51 18.50 0.48
N GLY A 159 -4.00 18.76 1.70
CA GLY A 159 -4.77 19.96 2.00
C GLY A 159 -3.95 21.28 2.01
N PRO A 160 -2.82 21.41 2.73
CA PRO A 160 -2.14 22.69 2.98
C PRO A 160 -0.98 23.08 2.03
CA CA B . 5.57 -12.80 6.10
CA CA C . 10.00 5.65 -5.93
ZN ZN D . 11.67 -3.52 0.95
ZN ZN E . 2.74 -1.43 6.92
C1 NGH F . -0.47 -5.58 9.43
C2 NGH F . -1.67 -5.03 9.00
C3 NGH F . -1.87 -4.74 7.65
C4 NGH F . -0.83 -4.94 6.75
C5 NGH F . 0.38 -5.44 7.17
C6 NGH F . 0.55 -5.78 8.49
O1 NGH F . -3.05 -4.19 7.19
C7 NGH F . -4.09 -3.70 8.07
S1 NGH F . 2.09 -6.48 8.98
O2 NGH F . 2.87 -6.65 7.76
O3 NGH F . 1.93 -7.61 9.89
N NGH F . 2.84 -5.30 9.80
C9 NGH F . 2.44 -4.74 11.11
C10 NGH F . 4.08 -4.75 9.27
C11 NGH F . 3.80 -3.82 8.11
N1 NGH F . 4.91 -3.39 7.49
O4 NGH F . 4.97 -2.23 7.00
O5 NGH F . 2.68 -3.40 7.89
C12 NGH F . 2.99 -5.57 12.29
C13 NGH F . 4.23 -6.43 11.99
C14 NGH F . 1.88 -6.38 12.98
H1 NGH F . -0.29 -5.84 10.47
H2 NGH F . -2.45 -4.87 9.71
H4 NGH F . -0.91 -4.74 5.69
H5 NGH F . 1.19 -5.57 6.45
H71 NGH F . -4.53 -4.56 8.59
H72 NGH F . -4.85 -3.20 7.47
H73 NGH F . -3.66 -3.01 8.80
H91 NGH F . 1.37 -4.53 11.20
H92 NGH F . 2.87 -3.74 11.17
H101 NGH F . 4.73 -5.58 9.05
H102 NGH F . 4.62 -4.17 10.00
HN1 NGH F . 5.54 -4.11 7.16
H12 NGH F . 3.36 -4.82 12.97
H131 NGH F . 5.05 -5.80 11.61
H132 NGH F . 4.04 -7.23 11.28
H133 NGH F . 4.58 -6.90 12.92
H141 NGH F . 1.09 -5.71 13.32
H142 NGH F . 2.26 -6.91 13.85
H143 NGH F . 1.43 -7.11 12.30
N GLY A 1 12.30 21.89 5.16
CA GLY A 1 11.35 21.18 4.29
C GLY A 1 10.63 20.08 5.06
N GLU A 2 10.10 19.06 4.40
CA GLU A 2 9.41 17.91 4.99
C GLU A 2 9.71 16.69 4.07
N PRO A 3 9.49 15.45 4.54
CA PRO A 3 9.69 14.24 3.74
C PRO A 3 8.48 13.87 2.88
N LYS A 4 7.30 14.39 3.19
CA LYS A 4 6.08 14.06 2.44
C LYS A 4 5.98 14.80 1.08
N TRP A 5 5.04 14.33 0.27
CA TRP A 5 4.91 14.71 -1.14
C TRP A 5 4.62 16.18 -1.38
N LYS A 6 5.27 16.75 -2.41
CA LYS A 6 5.07 18.13 -2.88
C LYS A 6 3.92 18.27 -3.93
N LYS A 7 3.35 17.16 -4.41
CA LYS A 7 2.35 17.21 -5.48
C LYS A 7 1.17 16.25 -5.25
N ASN A 8 0.11 16.40 -6.05
CA ASN A 8 -1.10 15.60 -5.91
C ASN A 8 -1.19 14.42 -6.89
N THR A 9 -0.48 14.50 -8.03
CA THR A 9 -0.43 13.43 -9.03
C THR A 9 0.73 12.50 -8.72
N LEU A 10 0.42 11.30 -8.25
CA LEU A 10 1.43 10.28 -7.95
C LEU A 10 1.50 9.26 -9.09
N THR A 11 2.69 8.70 -9.34
CA THR A 11 2.90 7.75 -10.43
C THR A 11 3.18 6.36 -9.90
N TYR A 12 2.64 5.37 -10.60
CA TYR A 12 2.83 3.95 -10.24
C TYR A 12 3.08 2.99 -11.41
N ARG A 13 3.84 1.94 -11.11
CA ARG A 13 4.20 0.89 -12.07
C ARG A 13 4.25 -0.45 -11.35
N ILE A 14 3.56 -1.46 -11.86
CA ILE A 14 3.78 -2.85 -11.40
C ILE A 14 5.08 -3.35 -12.06
N SER A 15 6.03 -3.88 -11.29
CA SER A 15 7.16 -4.60 -11.88
C SER A 15 7.20 -6.09 -11.53
N LYS A 16 6.43 -6.60 -10.56
CA LYS A 16 6.34 -8.04 -10.25
C LYS A 16 4.95 -8.47 -9.74
N TYR A 17 4.51 -9.65 -10.18
CA TYR A 17 3.25 -10.31 -9.76
C TYR A 17 3.49 -11.57 -8.89
N THR A 18 2.40 -12.22 -8.48
CA THR A 18 2.36 -13.36 -7.52
C THR A 18 1.52 -14.51 -8.09
N PRO A 19 1.83 -15.80 -7.84
CA PRO A 19 1.09 -16.94 -8.40
C PRO A 19 -0.35 -17.06 -7.89
N SER A 20 -0.68 -16.43 -6.76
CA SER A 20 -2.02 -16.46 -6.16
C SER A 20 -3.10 -15.62 -6.87
N MET A 21 -2.73 -14.68 -7.73
CA MET A 21 -3.66 -13.78 -8.41
C MET A 21 -3.08 -13.24 -9.71
N SER A 22 -3.90 -13.29 -10.76
CA SER A 22 -3.50 -12.84 -12.10
C SER A 22 -3.18 -11.35 -12.15
N SER A 23 -2.48 -10.94 -13.20
CA SER A 23 -2.00 -9.58 -13.39
C SER A 23 -3.11 -8.53 -13.32
N VAL A 24 -4.32 -8.88 -13.75
CA VAL A 24 -5.49 -8.00 -13.66
C VAL A 24 -6.12 -7.97 -12.26
N GLU A 25 -6.07 -9.08 -11.51
CA GLU A 25 -6.63 -9.19 -10.17
C GLU A 25 -5.75 -8.44 -9.18
N VAL A 26 -4.42 -8.49 -9.36
CA VAL A 26 -3.51 -7.63 -8.62
C VAL A 26 -3.73 -6.14 -8.94
N ASP A 27 -3.78 -5.75 -10.22
CA ASP A 27 -4.07 -4.35 -10.63
C ASP A 27 -5.41 -3.86 -10.07
N LYS A 28 -6.48 -4.61 -10.33
CA LYS A 28 -7.81 -4.32 -9.80
C LYS A 28 -7.85 -4.34 -8.25
N ALA A 29 -7.05 -5.15 -7.56
CA ALA A 29 -6.94 -5.09 -6.10
C ALA A 29 -6.27 -3.78 -5.61
N VAL A 30 -5.22 -3.30 -6.29
CA VAL A 30 -4.61 -2.01 -5.93
C VAL A 30 -5.47 -0.79 -6.30
N GLU A 31 -6.41 -0.87 -7.25
CA GLU A 31 -7.22 0.27 -7.65
C GLU A 31 -8.02 0.78 -6.45
N MET A 32 -8.54 -0.16 -5.64
CA MET A 32 -9.27 0.10 -4.42
C MET A 32 -8.46 0.86 -3.37
N ALA A 33 -7.17 0.56 -3.27
CA ALA A 33 -6.23 1.13 -2.33
C ALA A 33 -5.94 2.61 -2.64
N LEU A 34 -5.40 2.92 -3.83
CA LEU A 34 -5.03 4.25 -4.22
C LEU A 34 -6.24 5.18 -4.36
N GLN A 35 -7.39 4.63 -4.78
CA GLN A 35 -8.65 5.35 -4.87
C GLN A 35 -9.29 5.67 -3.50
N ALA A 36 -9.09 4.84 -2.46
CA ALA A 36 -9.46 5.13 -1.06
C ALA A 36 -8.79 6.41 -0.51
N TRP A 37 -7.50 6.61 -0.79
CA TRP A 37 -6.76 7.82 -0.39
C TRP A 37 -7.19 9.05 -1.18
N SER A 38 -7.53 8.84 -2.45
CA SER A 38 -8.16 9.85 -3.30
C SER A 38 -9.59 10.20 -2.84
N SER A 39 -10.16 9.40 -1.94
CA SER A 39 -11.42 9.70 -1.24
C SER A 39 -11.21 10.56 0.00
N ALA A 40 -10.07 10.42 0.68
CA ALA A 40 -9.70 11.25 1.83
C ALA A 40 -9.09 12.61 1.49
N VAL A 41 -8.54 12.77 0.29
CA VAL A 41 -7.90 14.04 -0.16
C VAL A 41 -7.91 14.20 -1.68
N PRO A 42 -7.79 15.44 -2.18
CA PRO A 42 -7.68 15.80 -3.60
C PRO A 42 -6.37 15.37 -4.28
N LEU A 43 -6.02 14.07 -4.21
CA LEU A 43 -4.88 13.47 -4.92
C LEU A 43 -5.34 12.32 -5.80
N SER A 44 -4.53 11.96 -6.78
CA SER A 44 -4.78 10.79 -7.63
C SER A 44 -3.45 10.08 -8.00
N PHE A 45 -3.44 8.75 -7.89
CA PHE A 45 -2.36 7.91 -8.38
C PHE A 45 -2.72 7.52 -9.82
N VAL A 46 -1.84 7.82 -10.76
CA VAL A 46 -1.95 7.44 -12.16
C VAL A 46 -0.88 6.39 -12.44
N ARG A 47 -1.21 5.40 -13.27
CA ARG A 47 -0.20 4.45 -13.75
C ARG A 47 0.64 5.04 -14.88
N ILE A 48 1.91 4.62 -14.97
CA ILE A 48 2.78 4.85 -16.13
C ILE A 48 2.96 3.51 -16.86
N ASN A 49 3.21 3.53 -18.18
CA ASN A 49 3.62 2.31 -18.90
C ASN A 49 5.16 2.20 -18.95
N SER A 50 5.87 3.34 -18.89
CA SER A 50 7.29 3.47 -19.17
C SER A 50 7.89 4.51 -18.21
N GLY A 51 9.18 4.35 -17.89
CA GLY A 51 9.83 5.07 -16.80
C GLY A 51 9.80 4.29 -15.49
N GLU A 52 10.62 4.75 -14.55
CA GLU A 52 10.62 4.25 -13.19
C GLU A 52 9.73 5.16 -12.34
N ALA A 53 8.94 4.57 -11.44
CA ALA A 53 7.89 5.29 -10.72
C ALA A 53 8.32 5.82 -9.35
N ASP A 54 7.42 6.61 -8.78
CA ASP A 54 7.44 7.04 -7.39
C ASP A 54 6.99 5.84 -6.54
N ILE A 55 5.89 5.18 -6.92
CA ILE A 55 5.40 3.92 -6.36
C ILE A 55 5.56 2.76 -7.35
N MET A 56 6.57 1.93 -7.14
CA MET A 56 6.70 0.68 -7.86
C MET A 56 6.21 -0.45 -6.96
N ILE A 57 5.29 -1.30 -7.44
CA ILE A 57 4.83 -2.46 -6.66
C ILE A 57 5.44 -3.78 -7.17
N SER A 58 5.94 -4.58 -6.24
CA SER A 58 6.67 -5.80 -6.54
C SER A 58 6.70 -6.78 -5.36
N PHE A 59 6.24 -8.03 -5.55
CA PHE A 59 6.33 -9.05 -4.50
C PHE A 59 7.80 -9.45 -4.34
N GLU A 60 8.31 -9.59 -3.10
CA GLU A 60 9.74 -9.75 -2.79
C GLU A 60 9.97 -10.71 -1.60
N ASN A 61 11.17 -11.30 -1.56
CA ASN A 61 11.65 -12.23 -0.55
C ASN A 61 12.85 -11.67 0.25
N GLY A 62 12.86 -11.91 1.57
CA GLY A 62 13.94 -11.59 2.54
C GLY A 62 14.77 -10.35 2.17
N ASP A 63 16.06 -10.55 1.88
CA ASP A 63 17.00 -9.49 1.46
C ASP A 63 16.76 -9.04 0.01
N HIS A 64 15.89 -8.05 -0.20
CA HIS A 64 15.47 -7.56 -1.52
C HIS A 64 15.82 -6.08 -1.76
N GLY A 65 16.91 -5.63 -1.15
CA GLY A 65 17.48 -4.29 -1.36
C GLY A 65 16.93 -3.23 -0.41
N ASP A 66 16.68 -3.56 0.87
CA ASP A 66 16.38 -2.58 1.90
C ASP A 66 16.70 -3.08 3.33
N SER A 67 16.96 -2.08 4.17
CA SER A 67 17.26 -2.12 5.60
C SER A 67 16.10 -2.65 6.48
N TYR A 68 14.99 -3.04 5.85
CA TYR A 68 13.80 -3.64 6.45
C TYR A 68 13.27 -4.80 5.57
N PRO A 69 13.93 -5.98 5.61
CA PRO A 69 13.54 -7.15 4.84
C PRO A 69 12.17 -7.68 5.27
N PHE A 70 11.72 -8.78 4.65
CA PHE A 70 10.51 -9.48 5.09
C PHE A 70 10.77 -10.36 6.32
N ASP A 71 9.93 -11.35 6.60
CA ASP A 71 10.13 -12.23 7.78
C ASP A 71 9.69 -13.70 7.64
N GLY A 72 9.35 -14.17 6.45
CA GLY A 72 8.94 -15.57 6.21
C GLY A 72 7.44 -15.78 6.49
N PRO A 73 6.94 -17.00 6.74
CA PRO A 73 5.50 -17.22 6.96
C PRO A 73 5.04 -16.60 8.29
N ARG A 74 3.90 -15.90 8.26
CA ARG A 74 3.22 -15.13 9.35
C ARG A 74 3.82 -13.73 9.51
N GLY A 75 3.34 -12.97 10.49
CA GLY A 75 3.92 -11.71 10.97
C GLY A 75 3.63 -10.57 10.00
N THR A 76 4.70 -9.97 9.52
CA THR A 76 4.72 -8.86 8.56
C THR A 76 4.05 -9.30 7.28
N LEU A 77 2.86 -8.80 6.96
CA LEU A 77 2.11 -9.17 5.75
C LEU A 77 2.59 -8.38 4.54
N ALA A 78 2.85 -7.10 4.75
CA ALA A 78 3.23 -6.17 3.68
C ALA A 78 4.14 -5.07 4.23
N HIS A 79 4.90 -4.42 3.35
CA HIS A 79 5.64 -3.22 3.70
C HIS A 79 5.97 -2.39 2.46
N ALA A 80 5.71 -1.10 2.57
CA ALA A 80 6.12 -0.10 1.62
C ALA A 80 7.37 0.63 2.10
N PHE A 81 8.02 1.35 1.19
CA PHE A 81 9.02 2.35 1.56
C PHE A 81 8.27 3.60 2.07
N ALA A 82 8.98 4.42 2.84
CA ALA A 82 8.50 5.76 3.19
C ALA A 82 8.48 6.65 1.92
N PRO A 83 7.81 7.82 1.93
CA PRO A 83 7.93 8.80 0.86
C PRO A 83 9.40 9.15 0.60
N GLY A 84 9.72 9.38 -0.66
CA GLY A 84 11.09 9.64 -1.09
C GLY A 84 11.22 9.60 -2.60
N GLU A 85 12.45 9.60 -3.11
CA GLU A 85 12.73 9.82 -4.53
C GLU A 85 13.18 8.52 -5.23
N GLY A 86 14.17 7.84 -4.65
CA GLY A 86 14.75 6.58 -5.18
C GLY A 86 13.86 5.39 -4.88
N LEU A 87 14.32 4.52 -3.99
CA LEU A 87 13.56 3.40 -3.39
C LEU A 87 12.26 3.90 -2.70
N GLY A 88 12.29 5.15 -2.23
CA GLY A 88 11.13 5.93 -1.76
C GLY A 88 9.83 5.62 -2.50
N GLY A 89 8.73 5.35 -1.77
CA GLY A 89 7.40 5.03 -2.27
C GLY A 89 7.26 3.63 -2.86
N ASP A 90 8.37 2.88 -3.05
CA ASP A 90 8.33 1.55 -3.68
C ASP A 90 7.91 0.46 -2.67
N THR A 91 6.95 -0.37 -3.07
CA THR A 91 6.19 -1.26 -2.19
C THR A 91 6.38 -2.74 -2.45
N HIS A 92 6.37 -3.50 -1.35
CA HIS A 92 6.77 -4.89 -1.28
C HIS A 92 5.80 -5.77 -0.45
N PHE A 93 5.42 -6.92 -1.01
CA PHE A 93 4.59 -7.94 -0.37
C PHE A 93 5.42 -9.20 -0.11
N ASP A 94 5.21 -9.79 1.08
CA ASP A 94 5.92 -10.99 1.48
C ASP A 94 5.49 -12.23 0.67
N ASN A 95 6.49 -12.93 0.11
CA ASN A 95 6.29 -14.04 -0.83
C ASN A 95 6.20 -15.45 -0.19
N ALA A 96 6.41 -15.61 1.12
CA ALA A 96 6.42 -16.92 1.79
C ALA A 96 5.02 -17.47 2.16
N GLU A 97 3.99 -16.65 1.94
CA GLU A 97 2.62 -16.85 2.37
C GLU A 97 1.63 -16.61 1.21
N LYS A 98 0.38 -17.04 1.41
CA LYS A 98 -0.71 -17.01 0.42
C LYS A 98 -1.36 -15.65 0.25
N TRP A 99 -2.04 -15.54 -0.89
CA TRP A 99 -2.78 -14.35 -1.31
C TRP A 99 -4.09 -14.73 -2.00
N THR A 100 -5.12 -13.90 -1.81
CA THR A 100 -6.46 -14.02 -2.45
C THR A 100 -7.24 -12.70 -2.32
N MET A 101 -8.53 -12.75 -2.62
CA MET A 101 -9.57 -11.75 -2.29
C MET A 101 -10.80 -12.42 -1.63
N GLY A 102 -10.79 -13.77 -1.54
CA GLY A 102 -11.84 -14.70 -1.06
C GLY A 102 -12.06 -14.70 0.46
N THR A 103 -11.39 -15.62 1.19
CA THR A 103 -11.42 -15.77 2.69
C THR A 103 -10.33 -16.66 3.29
N ASN A 104 -9.98 -17.78 2.64
CA ASN A 104 -9.03 -18.75 3.20
C ASN A 104 -7.59 -18.21 3.26
N GLY A 105 -7.10 -17.73 2.11
CA GLY A 105 -5.84 -16.96 2.00
C GLY A 105 -6.00 -15.52 2.51
N PHE A 106 -4.92 -14.73 2.45
CA PHE A 106 -4.92 -13.35 2.92
C PHE A 106 -5.40 -12.40 1.80
N ASN A 107 -6.24 -11.43 2.14
CA ASN A 107 -6.75 -10.46 1.16
C ASN A 107 -5.68 -9.43 0.78
N LEU A 108 -5.33 -9.35 -0.51
CA LEU A 108 -4.43 -8.29 -0.99
C LEU A 108 -4.99 -6.91 -0.67
N PHE A 109 -6.23 -6.56 -1.06
CA PHE A 109 -6.78 -5.21 -0.87
C PHE A 109 -6.65 -4.70 0.57
N THR A 110 -6.99 -5.52 1.57
CA THR A 110 -6.80 -5.17 3.00
C THR A 110 -5.38 -4.74 3.32
N VAL A 111 -4.37 -5.51 2.90
CA VAL A 111 -2.97 -5.16 3.17
C VAL A 111 -2.47 -4.03 2.27
N ALA A 112 -3.05 -3.89 1.06
CA ALA A 112 -2.69 -2.94 0.03
C ALA A 112 -2.92 -1.49 0.47
N ALA A 113 -4.15 -1.12 0.84
CA ALA A 113 -4.42 0.27 1.23
C ALA A 113 -3.49 0.74 2.37
N HIS A 114 -3.20 -0.16 3.32
CA HIS A 114 -2.25 0.08 4.39
C HIS A 114 -0.79 0.31 3.90
N GLU A 115 -0.26 -0.41 2.89
CA GLU A 115 1.07 -0.13 2.34
C GLU A 115 1.14 1.24 1.65
N PHE A 116 0.11 1.59 0.88
CA PHE A 116 0.05 2.86 0.15
C PHE A 116 0.16 4.01 1.14
N GLY A 117 -0.56 3.90 2.26
CA GLY A 117 -0.57 4.82 3.39
C GLY A 117 0.81 5.16 3.95
N HIS A 118 1.75 4.22 3.88
CA HIS A 118 3.13 4.45 4.31
C HIS A 118 3.98 5.13 3.23
N ALA A 119 3.67 4.87 1.96
CA ALA A 119 4.35 5.53 0.84
C ALA A 119 4.00 7.02 0.75
N LEU A 120 2.83 7.41 1.25
CA LEU A 120 2.41 8.80 1.47
C LEU A 120 3.28 9.55 2.49
N GLY A 121 3.62 8.84 3.58
CA GLY A 121 4.25 9.37 4.79
C GLY A 121 3.69 8.95 6.16
N LEU A 122 2.64 8.13 6.26
CA LEU A 122 2.00 7.78 7.56
C LEU A 122 2.74 6.75 8.43
N ALA A 123 2.24 6.62 9.66
CA ALA A 123 2.62 5.62 10.65
C ALA A 123 1.39 4.93 11.27
N HIS A 124 1.61 3.83 12.01
CA HIS A 124 0.53 3.05 12.66
C HIS A 124 -0.12 3.82 13.82
N SER A 125 -1.43 4.07 13.72
CA SER A 125 -2.27 4.69 14.79
C SER A 125 -2.68 3.69 15.91
N THR A 126 -3.64 4.10 16.75
CA THR A 126 -4.26 3.37 17.87
C THR A 126 -5.80 3.33 17.72
N ASP A 127 -6.36 3.75 16.58
CA ASP A 127 -7.81 3.93 16.44
C ASP A 127 -8.53 2.57 16.33
N PRO A 128 -9.72 2.42 16.96
CA PRO A 128 -10.41 1.13 17.09
C PRO A 128 -10.91 0.55 15.77
N SER A 129 -10.86 1.31 14.68
CA SER A 129 -11.31 0.87 13.34
C SER A 129 -10.23 1.03 12.25
N ALA A 130 -9.12 1.73 12.54
CA ALA A 130 -8.06 2.18 11.63
C ALA A 130 -7.57 1.13 10.63
N LEU A 131 -7.18 1.62 9.45
CA LEU A 131 -6.54 0.82 8.42
C LEU A 131 -5.09 0.58 8.79
N MET A 132 -4.37 1.63 9.21
CA MET A 132 -2.97 1.57 9.66
C MET A 132 -2.85 0.95 11.05
N TYR A 133 -3.95 0.61 11.73
CA TYR A 133 -3.86 -0.11 13.02
C TYR A 133 -2.83 -1.29 12.98
N PRO A 134 -1.86 -1.37 13.92
CA PRO A 134 -0.75 -2.31 13.82
C PRO A 134 -1.13 -3.72 14.31
N THR A 135 -1.77 -4.49 13.42
CA THR A 135 -2.10 -5.92 13.56
C THR A 135 -2.59 -6.51 12.24
N TYR A 136 -2.92 -7.80 12.25
CA TYR A 136 -3.63 -8.49 11.18
C TYR A 136 -5.15 -8.55 11.43
N LYS A 137 -5.93 -8.19 10.41
CA LYS A 137 -7.39 -8.45 10.39
C LYS A 137 -7.91 -8.43 8.94
N TYR A 138 -9.12 -8.92 8.75
CA TYR A 138 -9.82 -8.88 7.45
C TYR A 138 -10.81 -7.71 7.41
N LYS A 139 -10.44 -6.57 6.81
CA LYS A 139 -11.43 -5.52 6.52
C LYS A 139 -12.19 -5.93 5.25
N ASN A 140 -13.51 -5.91 5.31
CA ASN A 140 -14.41 -6.43 4.27
C ASN A 140 -14.20 -5.73 2.90
N PRO A 141 -13.93 -6.44 1.80
CA PRO A 141 -13.50 -5.85 0.52
C PRO A 141 -14.66 -5.25 -0.32
N TYR A 142 -15.66 -4.65 0.34
CA TYR A 142 -16.89 -4.15 -0.30
C TYR A 142 -16.92 -2.61 -0.27
N GLY A 143 -15.75 -1.98 -0.43
CA GLY A 143 -15.65 -0.51 -0.49
C GLY A 143 -15.45 0.17 0.87
N PHE A 144 -14.74 -0.49 1.80
CA PHE A 144 -14.48 0.03 3.15
C PHE A 144 -13.57 1.27 3.19
N HIS A 145 -12.88 1.57 2.09
CA HIS A 145 -11.81 2.57 1.93
C HIS A 145 -10.91 2.73 3.18
N LEU A 146 -11.09 3.81 3.95
CA LEU A 146 -10.51 3.99 5.27
C LEU A 146 -11.50 4.68 6.25
N PRO A 147 -11.42 4.39 7.56
CA PRO A 147 -12.43 4.73 8.56
C PRO A 147 -12.55 6.21 8.95
N LYS A 148 -11.49 6.81 9.53
CA LYS A 148 -11.47 8.17 10.08
C LYS A 148 -10.04 8.64 10.33
N ASP A 149 -9.29 7.92 11.17
CA ASP A 149 -7.89 8.23 11.46
C ASP A 149 -7.10 8.37 10.17
N ASP A 150 -7.27 7.45 9.23
CA ASP A 150 -6.37 7.38 8.08
C ASP A 150 -6.72 8.49 7.08
N VAL A 151 -7.99 8.94 7.12
CA VAL A 151 -8.49 10.11 6.40
C VAL A 151 -7.81 11.38 6.93
N LYS A 152 -7.90 11.64 8.25
CA LYS A 152 -7.18 12.79 8.82
C LYS A 152 -5.66 12.65 8.73
N GLY A 153 -5.13 11.41 8.62
CA GLY A 153 -3.71 11.10 8.50
C GLY A 153 -3.18 11.61 7.18
N ILE A 154 -3.76 11.18 6.06
CA ILE A 154 -3.37 11.70 4.73
C ILE A 154 -3.67 13.19 4.54
N GLN A 155 -4.71 13.73 5.21
CA GLN A 155 -4.99 15.16 5.17
C GLN A 155 -3.89 16.01 5.84
N ALA A 156 -3.10 15.39 6.71
CA ALA A 156 -1.92 15.98 7.35
C ALA A 156 -0.64 15.94 6.49
N LEU A 157 -0.74 15.46 5.26
CA LEU A 157 0.34 15.40 4.26
C LEU A 157 0.01 16.21 2.99
N TYR A 158 -1.22 16.11 2.47
CA TYR A 158 -1.64 16.84 1.26
C TYR A 158 -2.48 18.08 1.57
N GLY A 159 -2.79 18.33 2.85
CA GLY A 159 -3.42 19.55 3.37
C GLY A 159 -2.41 20.65 3.73
N PRO A 160 -1.31 20.38 4.47
CA PRO A 160 -0.29 21.38 4.79
C PRO A 160 0.65 21.77 3.65
CA CA B . 5.42 -12.54 6.40
CA CA C . 10.31 5.18 -6.34
ZN ZN D . 11.21 -4.04 0.97
ZN ZN E . 2.02 -0.77 8.44
C1 NGH F . -0.48 -4.86 9.18
C2 NGH F . -1.76 -4.50 8.72
C3 NGH F . -2.04 -4.47 7.36
C4 NGH F . -1.02 -4.72 6.45
C5 NGH F . 0.24 -5.05 6.89
C6 NGH F . 0.52 -5.14 8.26
O1 NGH F . -3.30 -4.18 6.87
C7 NGH F . -4.48 -4.18 7.69
S1 NGH F . 2.11 -5.73 8.77
O2 NGH F . 2.79 -6.06 7.51
O3 NGH F . 2.05 -6.78 9.79
N NGH F . 2.93 -4.48 9.43
C9 NGH F . 2.49 -3.79 10.67
C10 NGH F . 4.06 -3.86 8.68
C11 NGH F . 3.67 -2.62 7.92
N1 NGH F . 2.82 -2.81 6.90
O4 NGH F . 2.21 -1.84 6.38
O5 NGH F . 4.05 -1.51 8.21
C12 NGH F . 2.89 -4.58 11.95
C13 NGH F . 1.65 -5.18 12.64
C14 NGH F . 3.62 -3.65 12.93
H1 NGH F . -0.27 -4.92 10.25
H2 NGH F . -2.53 -4.29 9.44
H4 NGH F . -1.20 -4.71 5.39
H5 NGH F . 1.02 -5.26 6.16
H71 NGH F . -4.59 -5.16 8.17
H72 NGH F . -5.34 -3.97 7.07
H73 NGH F . -4.39 -3.40 8.45
H91 NGH F . 1.41 -3.58 10.67
H92 NGH F . 2.92 -2.80 10.74
H101 NGH F . 4.49 -4.55 7.95
H102 NGH F . 4.85 -3.61 9.36
HN1 NGH F . 2.74 -3.75 6.49
H12 NGH F . 3.57 -5.40 11.69
H131 NGH F . 1.11 -5.86 11.97
H132 NGH F . 0.98 -4.38 12.95
H133 NGH F . 1.94 -5.75 13.53
H141 NGH F . 4.56 -3.30 12.49
H142 NGH F . 3.85 -4.18 13.86
H143 NGH F . 3.02 -2.76 13.17
N GLY A 1 10.65 9.46 11.38
CA GLY A 1 9.94 10.72 11.12
C GLY A 1 8.84 10.48 10.10
N GLU A 2 7.81 11.32 10.10
CA GLU A 2 6.66 11.27 9.18
C GLU A 2 6.66 12.51 8.23
N PRO A 3 7.44 12.51 7.13
CA PRO A 3 7.38 13.50 6.05
C PRO A 3 6.31 13.11 5.02
N LYS A 4 6.16 13.92 3.94
CA LYS A 4 5.16 13.75 2.88
C LYS A 4 5.40 14.62 1.61
N TRP A 5 4.65 14.36 0.54
CA TRP A 5 4.91 14.93 -0.81
C TRP A 5 4.48 16.38 -1.03
N LYS A 6 5.09 17.06 -2.04
CA LYS A 6 4.69 18.39 -2.50
C LYS A 6 3.37 18.41 -3.31
N LYS A 7 3.15 17.40 -4.14
CA LYS A 7 2.01 17.32 -5.09
C LYS A 7 0.97 16.28 -4.70
N ASN A 8 -0.08 16.18 -5.53
CA ASN A 8 -1.21 15.26 -5.41
C ASN A 8 -1.20 14.14 -6.47
N THR A 9 -0.30 14.25 -7.44
CA THR A 9 -0.17 13.43 -8.64
C THR A 9 0.96 12.45 -8.47
N LEU A 10 0.62 11.22 -8.09
CA LEU A 10 1.58 10.18 -7.75
C LEU A 10 1.65 9.10 -8.85
N THR A 11 2.83 8.50 -9.05
CA THR A 11 3.05 7.56 -10.16
C THR A 11 3.44 6.21 -9.61
N TYR A 12 2.96 5.14 -10.25
CA TYR A 12 3.29 3.78 -9.84
C TYR A 12 3.65 2.86 -11.01
N ARG A 13 4.41 1.80 -10.73
CA ARG A 13 4.76 0.79 -11.73
C ARG A 13 4.62 -0.57 -11.06
N ILE A 14 3.78 -1.42 -11.64
CA ILE A 14 3.74 -2.84 -11.31
C ILE A 14 4.77 -3.51 -12.21
N SER A 15 5.79 -4.17 -11.67
CA SER A 15 6.66 -5.03 -12.50
C SER A 15 6.48 -6.53 -12.21
N LYS A 16 5.61 -6.90 -11.26
CA LYS A 16 5.40 -8.27 -10.80
C LYS A 16 4.12 -8.41 -9.95
N TYR A 17 3.52 -9.60 -10.00
CA TYR A 17 2.36 -10.03 -9.20
C TYR A 17 2.71 -11.30 -8.42
N THR A 18 1.96 -11.57 -7.33
CA THR A 18 2.01 -12.86 -6.61
C THR A 18 1.30 -13.92 -7.45
N PRO A 19 1.83 -15.16 -7.58
CA PRO A 19 1.22 -16.24 -8.35
C PRO A 19 -0.01 -16.84 -7.65
N SER A 20 -0.26 -16.45 -6.40
CA SER A 20 -1.43 -16.91 -5.63
C SER A 20 -2.77 -16.47 -6.23
N MET A 21 -2.81 -15.25 -6.76
CA MET A 21 -3.93 -14.73 -7.55
C MET A 21 -3.51 -14.58 -9.01
N SER A 22 -4.48 -14.42 -9.91
CA SER A 22 -4.14 -14.02 -11.28
C SER A 22 -3.83 -12.52 -11.28
N SER A 23 -2.84 -12.12 -12.06
CA SER A 23 -2.38 -10.72 -12.27
C SER A 23 -3.51 -9.70 -12.37
N VAL A 24 -4.57 -10.04 -13.12
CA VAL A 24 -5.70 -9.15 -13.42
C VAL A 24 -6.50 -8.90 -12.14
N GLU A 25 -6.70 -9.94 -11.32
CA GLU A 25 -7.38 -9.81 -10.03
C GLU A 25 -6.55 -8.89 -9.12
N VAL A 26 -5.21 -8.96 -9.19
CA VAL A 26 -4.32 -8.14 -8.37
C VAL A 26 -4.29 -6.68 -8.82
N ASP A 27 -4.30 -6.45 -10.13
CA ASP A 27 -4.42 -5.11 -10.74
C ASP A 27 -5.68 -4.40 -10.22
N LYS A 28 -6.84 -5.10 -10.17
CA LYS A 28 -8.05 -4.54 -9.53
C LYS A 28 -7.88 -4.38 -8.01
N ALA A 29 -7.28 -5.36 -7.32
CA ALA A 29 -7.05 -5.28 -5.88
C ALA A 29 -6.22 -4.06 -5.45
N VAL A 30 -5.23 -3.63 -6.25
CA VAL A 30 -4.52 -2.37 -6.00
C VAL A 30 -5.28 -1.12 -6.46
N GLU A 31 -6.11 -1.17 -7.53
CA GLU A 31 -6.96 -0.08 -7.99
C GLU A 31 -7.88 0.41 -6.87
N MET A 32 -8.54 -0.54 -6.20
CA MET A 32 -9.45 -0.24 -5.10
C MET A 32 -8.76 0.55 -3.97
N ALA A 33 -7.45 0.29 -3.76
CA ALA A 33 -6.61 0.97 -2.79
C ALA A 33 -6.18 2.39 -3.22
N LEU A 34 -6.03 2.68 -4.52
CA LEU A 34 -5.83 4.05 -4.99
C LEU A 34 -7.04 4.91 -4.61
N GLN A 35 -8.23 4.37 -4.89
CA GLN A 35 -9.51 5.06 -4.71
C GLN A 35 -9.78 5.42 -3.26
N ALA A 36 -9.48 4.50 -2.33
CA ALA A 36 -9.65 4.71 -0.89
C ALA A 36 -9.08 6.07 -0.45
N TRP A 37 -7.91 6.44 -0.97
CA TRP A 37 -7.29 7.73 -0.71
C TRP A 37 -7.88 8.90 -1.52
N SER A 38 -8.22 8.72 -2.81
CA SER A 38 -8.83 9.77 -3.63
C SER A 38 -10.25 10.18 -3.20
N SER A 39 -10.81 9.41 -2.27
CA SER A 39 -12.02 9.74 -1.52
C SER A 39 -11.67 10.75 -0.40
N ALA A 40 -10.62 10.50 0.39
CA ALA A 40 -10.23 11.33 1.55
C ALA A 40 -9.56 12.64 1.17
N VAL A 41 -8.91 12.69 0.00
CA VAL A 41 -8.20 13.88 -0.50
C VAL A 41 -8.25 13.95 -2.03
N PRO A 42 -8.09 15.15 -2.62
CA PRO A 42 -8.00 15.35 -4.06
C PRO A 42 -6.67 14.85 -4.66
N LEU A 43 -6.22 13.62 -4.33
CA LEU A 43 -5.01 13.03 -4.90
C LEU A 43 -5.35 11.88 -5.85
N SER A 44 -4.44 11.57 -6.76
CA SER A 44 -4.60 10.49 -7.72
C SER A 44 -3.28 9.77 -7.96
N PHE A 45 -3.30 8.44 -7.98
CA PHE A 45 -2.17 7.61 -8.39
C PHE A 45 -2.41 7.12 -9.83
N VAL A 46 -1.39 7.17 -10.69
CA VAL A 46 -1.49 6.67 -12.09
C VAL A 46 -0.34 5.74 -12.46
N ARG A 47 -0.62 4.69 -13.27
CA ARG A 47 0.41 3.75 -13.69
C ARG A 47 1.29 4.33 -14.84
N ILE A 48 2.61 4.38 -14.67
CA ILE A 48 3.49 4.94 -15.73
C ILE A 48 3.75 4.02 -16.90
N ASN A 49 3.89 2.70 -16.65
CA ASN A 49 4.33 1.65 -17.59
C ASN A 49 5.74 1.86 -18.19
N SER A 50 6.22 3.08 -18.36
CA SER A 50 7.54 3.43 -18.92
C SER A 50 8.34 4.21 -17.88
N GLY A 51 9.55 3.74 -17.56
CA GLY A 51 10.33 4.21 -16.44
C GLY A 51 10.14 3.31 -15.22
N GLU A 52 10.82 3.72 -14.15
CA GLU A 52 10.72 3.20 -12.79
C GLU A 52 10.12 4.34 -11.96
N ALA A 53 9.04 4.03 -11.24
CA ALA A 53 8.16 4.96 -10.59
C ALA A 53 8.67 5.46 -9.23
N ASP A 54 7.91 6.38 -8.64
CA ASP A 54 8.16 6.76 -7.24
C ASP A 54 7.51 5.73 -6.30
N ILE A 55 6.44 5.08 -6.75
CA ILE A 55 5.81 3.95 -6.06
C ILE A 55 5.93 2.69 -6.92
N MET A 56 6.99 1.91 -6.71
CA MET A 56 7.14 0.61 -7.36
C MET A 56 6.35 -0.41 -6.57
N ILE A 57 5.76 -1.41 -7.22
CA ILE A 57 5.19 -2.60 -6.56
C ILE A 57 5.56 -3.88 -7.30
N SER A 58 5.91 -4.89 -6.51
CA SER A 58 6.26 -6.25 -6.92
C SER A 58 5.90 -7.24 -5.79
N PHE A 59 6.16 -8.56 -5.96
CA PHE A 59 5.95 -9.58 -4.91
C PHE A 59 7.25 -10.39 -4.72
N GLU A 60 7.88 -10.14 -3.57
CA GLU A 60 9.26 -10.48 -3.25
C GLU A 60 9.45 -11.54 -2.14
N ASN A 61 10.72 -11.83 -1.84
CA ASN A 61 11.21 -12.80 -0.87
C ASN A 61 12.05 -12.07 0.21
N GLY A 62 12.65 -12.78 1.17
CA GLY A 62 13.48 -12.14 2.22
C GLY A 62 14.88 -11.71 1.79
N ASP A 63 15.05 -11.23 0.55
CA ASP A 63 16.29 -10.58 0.08
C ASP A 63 15.97 -9.67 -1.13
N HIS A 64 15.31 -8.55 -0.83
CA HIS A 64 14.80 -7.61 -1.86
C HIS A 64 15.33 -6.17 -1.74
N GLY A 65 16.52 -5.95 -1.13
CA GLY A 65 17.29 -4.71 -1.16
C GLY A 65 16.72 -3.46 -0.46
N ASP A 66 16.66 -3.46 0.88
CA ASP A 66 16.35 -2.28 1.73
C ASP A 66 16.69 -2.50 3.22
N SER A 67 16.31 -1.61 4.15
CA SER A 67 16.63 -1.63 5.60
C SER A 67 16.18 -2.90 6.36
N TYR A 68 15.33 -3.70 5.72
CA TYR A 68 14.52 -4.80 6.24
C TYR A 68 14.21 -5.74 5.05
N PRO A 69 15.24 -6.50 4.57
CA PRO A 69 15.16 -7.24 3.31
C PRO A 69 14.45 -8.59 3.43
N PHE A 70 14.44 -9.16 4.63
CA PHE A 70 13.68 -10.32 5.08
C PHE A 70 12.15 -10.15 5.05
N ASP A 71 11.42 -11.23 5.38
CA ASP A 71 9.96 -11.22 5.57
C ASP A 71 9.40 -12.40 6.40
N GLY A 72 9.99 -13.60 6.29
CA GLY A 72 9.63 -14.81 7.06
C GLY A 72 8.32 -15.50 6.62
N PRO A 73 8.10 -16.79 6.94
CA PRO A 73 6.87 -17.53 6.61
C PRO A 73 5.73 -17.26 7.61
N ARG A 74 5.34 -15.98 7.69
CA ARG A 74 4.43 -15.28 8.61
C ARG A 74 4.87 -13.80 8.78
N GLY A 75 4.45 -13.20 9.89
CA GLY A 75 4.93 -11.93 10.45
C GLY A 75 4.42 -10.79 9.61
N THR A 76 5.37 -10.05 9.03
CA THR A 76 5.12 -9.05 8.00
C THR A 76 4.34 -9.74 6.88
N LEU A 77 3.23 -9.16 6.48
CA LEU A 77 2.47 -9.51 5.27
C LEU A 77 2.82 -8.52 4.15
N ALA A 78 2.98 -7.24 4.50
CA ALA A 78 3.52 -6.25 3.57
C ALA A 78 4.22 -5.09 4.28
N HIS A 79 5.21 -4.48 3.62
CA HIS A 79 5.84 -3.26 4.12
C HIS A 79 6.28 -2.34 2.97
N ALA A 80 6.06 -1.04 3.12
CA ALA A 80 6.43 0.00 2.19
C ALA A 80 7.28 1.07 2.88
N PHE A 81 7.91 1.94 2.07
CA PHE A 81 8.75 3.06 2.51
C PHE A 81 7.92 4.26 2.91
N ALA A 82 8.48 5.06 3.82
CA ALA A 82 7.98 6.39 4.07
C ALA A 82 8.30 7.22 2.81
N PRO A 83 7.59 8.32 2.50
CA PRO A 83 7.93 9.22 1.40
C PRO A 83 9.32 9.83 1.58
N GLY A 84 10.00 10.04 0.44
CA GLY A 84 11.43 10.39 0.44
C GLY A 84 11.94 10.71 -0.96
N GLU A 85 13.21 10.47 -1.15
CA GLU A 85 13.90 10.83 -2.40
C GLU A 85 13.99 9.66 -3.43
N GLY A 86 15.09 8.86 -3.39
CA GLY A 86 15.26 7.59 -4.05
C GLY A 86 14.19 6.55 -3.63
N LEU A 87 14.50 5.84 -2.59
CA LEU A 87 13.76 4.66 -2.12
C LEU A 87 12.35 5.13 -1.75
N GLY A 88 12.21 6.32 -1.09
CA GLY A 88 10.99 6.79 -0.45
C GLY A 88 9.72 6.62 -1.28
N GLY A 89 8.67 6.11 -0.68
CA GLY A 89 7.41 5.82 -1.37
C GLY A 89 7.40 4.49 -2.11
N ASP A 90 8.52 3.76 -2.19
CA ASP A 90 8.49 2.43 -2.82
C ASP A 90 7.81 1.37 -1.93
N THR A 91 6.97 0.52 -2.51
CA THR A 91 6.13 -0.47 -1.80
C THR A 91 6.58 -1.89 -2.12
N HIS A 92 6.69 -2.71 -1.06
CA HIS A 92 7.11 -4.12 -1.13
C HIS A 92 6.01 -5.04 -0.53
N PHE A 93 5.66 -6.11 -1.23
CA PHE A 93 4.82 -7.21 -0.72
C PHE A 93 5.63 -8.50 -0.71
N ASP A 94 5.30 -9.46 0.17
CA ASP A 94 6.00 -10.73 0.23
C ASP A 94 5.22 -11.98 -0.24
N ASN A 95 5.98 -12.97 -0.70
CA ASN A 95 5.53 -14.16 -1.42
C ASN A 95 5.90 -15.49 -0.72
N ALA A 96 6.48 -15.44 0.49
CA ALA A 96 6.67 -16.60 1.36
C ALA A 96 5.34 -17.30 1.77
N GLU A 97 4.23 -16.58 1.59
CA GLU A 97 2.86 -16.83 2.05
C GLU A 97 1.85 -16.62 0.93
N LYS A 98 0.56 -16.39 1.26
CA LYS A 98 -0.51 -16.64 0.29
C LYS A 98 -1.61 -15.57 0.24
N TRP A 99 -1.93 -15.24 -0.98
CA TRP A 99 -2.77 -14.09 -1.34
C TRP A 99 -4.09 -14.45 -2.01
N THR A 100 -5.14 -13.69 -1.67
CA THR A 100 -6.51 -13.94 -2.08
C THR A 100 -7.36 -12.66 -2.04
N MET A 101 -8.60 -12.82 -2.49
CA MET A 101 -9.69 -11.84 -2.32
C MET A 101 -10.71 -12.32 -1.27
N GLY A 102 -10.81 -13.64 -1.05
CA GLY A 102 -11.69 -14.23 -0.04
C GLY A 102 -10.94 -14.59 1.25
N THR A 103 -11.35 -15.71 1.83
CA THR A 103 -10.83 -16.28 3.07
C THR A 103 -9.61 -17.20 2.82
N ASN A 104 -9.12 -17.80 3.92
CA ASN A 104 -8.15 -18.89 4.06
C ASN A 104 -6.71 -18.39 3.90
N GLY A 105 -6.55 -17.62 2.82
CA GLY A 105 -5.37 -16.77 2.54
C GLY A 105 -5.54 -15.34 3.07
N PHE A 106 -4.64 -14.42 2.72
CA PHE A 106 -4.69 -13.01 3.15
C PHE A 106 -5.21 -12.07 2.05
N ASN A 107 -6.02 -11.05 2.43
CA ASN A 107 -6.73 -10.17 1.49
C ASN A 107 -5.82 -9.08 0.88
N LEU A 108 -5.60 -9.18 -0.42
CA LEU A 108 -4.71 -8.28 -1.18
C LEU A 108 -5.07 -6.80 -0.97
N PHE A 109 -6.23 -6.38 -1.49
CA PHE A 109 -6.74 -5.00 -1.42
C PHE A 109 -6.60 -4.36 -0.01
N THR A 110 -7.02 -5.09 1.04
CA THR A 110 -6.97 -4.64 2.44
C THR A 110 -5.56 -4.30 2.93
N VAL A 111 -4.53 -5.06 2.50
CA VAL A 111 -3.13 -4.67 2.75
C VAL A 111 -2.58 -3.64 1.73
N ALA A 112 -3.08 -3.62 0.49
CA ALA A 112 -2.62 -2.67 -0.52
C ALA A 112 -2.92 -1.22 -0.10
N ALA A 113 -4.13 -0.94 0.39
CA ALA A 113 -4.46 0.38 0.92
C ALA A 113 -3.60 0.74 2.13
N HIS A 114 -3.43 -0.19 3.08
CA HIS A 114 -2.60 0.02 4.25
C HIS A 114 -1.17 0.45 3.86
N GLU A 115 -0.43 -0.31 3.04
CA GLU A 115 0.93 0.03 2.63
C GLU A 115 1.03 1.19 1.66
N PHE A 116 0.00 1.52 0.86
CA PHE A 116 0.00 2.81 0.15
C PHE A 116 0.14 3.94 1.16
N GLY A 117 -0.59 3.85 2.28
CA GLY A 117 -0.49 4.73 3.45
C GLY A 117 0.92 4.99 3.93
N HIS A 118 1.82 4.01 3.86
CA HIS A 118 3.23 4.23 4.24
C HIS A 118 3.89 5.24 3.28
N ALA A 119 3.72 5.00 1.98
CA ALA A 119 4.27 5.85 0.91
C ALA A 119 3.66 7.24 0.87
N LEU A 120 2.47 7.46 1.44
CA LEU A 120 1.88 8.79 1.63
C LEU A 120 2.66 9.64 2.63
N GLY A 121 3.06 9.02 3.74
CA GLY A 121 3.62 9.68 4.92
C GLY A 121 3.05 9.16 6.24
N LEU A 122 2.09 8.24 6.18
CA LEU A 122 1.48 7.64 7.36
C LEU A 122 2.34 6.51 7.96
N ALA A 123 2.03 6.15 9.20
CA ALA A 123 2.63 5.04 9.93
C ALA A 123 1.53 4.16 10.56
N HIS A 124 1.88 3.08 11.28
CA HIS A 124 0.92 2.16 11.89
C HIS A 124 0.00 2.82 12.95
N SER A 125 -1.24 3.17 12.61
CA SER A 125 -2.18 3.89 13.45
C SER A 125 -2.74 2.98 14.55
N THR A 126 -2.50 3.29 15.82
CA THR A 126 -2.86 2.45 16.98
C THR A 126 -4.36 2.37 17.25
N ASP A 127 -5.22 2.79 16.33
CA ASP A 127 -6.64 2.99 16.65
C ASP A 127 -7.53 1.77 16.36
N PRO A 128 -8.54 1.48 17.22
CA PRO A 128 -9.54 0.45 16.96
C PRO A 128 -10.48 0.83 15.79
N SER A 129 -10.34 2.03 15.20
CA SER A 129 -11.09 2.44 14.00
C SER A 129 -10.16 3.05 12.91
N ALA A 130 -8.96 2.48 12.73
CA ALA A 130 -7.94 2.90 11.75
C ALA A 130 -7.57 1.80 10.74
N LEU A 131 -6.85 2.15 9.66
CA LEU A 131 -6.47 1.25 8.58
C LEU A 131 -4.98 0.92 8.54
N MET A 132 -4.08 1.86 8.85
CA MET A 132 -2.66 1.48 9.01
C MET A 132 -2.45 0.63 10.27
N TYR A 133 -3.48 0.46 11.12
CA TYR A 133 -3.44 -0.43 12.28
C TYR A 133 -2.61 -1.73 12.08
N PRO A 134 -1.65 -2.03 12.99
CA PRO A 134 -0.68 -3.11 12.83
C PRO A 134 -1.23 -4.46 13.30
N THR A 135 -2.11 -5.06 12.49
CA THR A 135 -2.58 -6.46 12.58
C THR A 135 -3.35 -6.79 11.32
N TYR A 136 -3.41 -8.07 10.95
CA TYR A 136 -4.31 -8.52 9.89
C TYR A 136 -5.77 -8.36 10.32
N LYS A 137 -6.58 -7.64 9.54
CA LYS A 137 -7.96 -7.36 9.89
C LYS A 137 -8.83 -7.26 8.64
N TYR A 138 -9.99 -7.87 8.73
CA TYR A 138 -10.95 -8.05 7.63
C TYR A 138 -11.91 -6.85 7.51
N LYS A 139 -11.41 -5.72 7.00
CA LYS A 139 -12.27 -4.60 6.57
C LYS A 139 -13.10 -5.05 5.35
N ASN A 140 -14.41 -4.84 5.41
CA ASN A 140 -15.40 -5.27 4.39
C ASN A 140 -15.09 -4.61 3.02
N PRO A 141 -14.72 -5.37 1.96
CA PRO A 141 -14.33 -4.79 0.67
C PRO A 141 -15.55 -4.44 -0.19
N TYR A 142 -16.34 -3.45 0.26
CA TYR A 142 -17.61 -3.01 -0.34
C TYR A 142 -17.77 -1.48 -0.38
N GLY A 143 -16.67 -0.79 -0.69
CA GLY A 143 -16.58 0.69 -0.73
C GLY A 143 -16.08 1.32 0.57
N PHE A 144 -15.41 0.57 1.47
CA PHE A 144 -15.07 1.03 2.82
C PHE A 144 -14.02 2.17 2.90
N HIS A 145 -13.44 2.54 1.76
CA HIS A 145 -12.32 3.50 1.63
C HIS A 145 -11.36 3.40 2.82
N LEU A 146 -11.30 4.45 3.65
CA LEU A 146 -10.66 4.45 4.97
C LEU A 146 -11.73 4.44 6.06
N PRO A 147 -11.43 3.92 7.27
CA PRO A 147 -12.32 3.99 8.41
C PRO A 147 -12.43 5.42 8.95
N LYS A 148 -11.32 6.10 9.28
CA LYS A 148 -11.33 7.38 10.00
C LYS A 148 -9.92 8.02 10.12
N ASP A 149 -9.07 7.50 11.01
CA ASP A 149 -7.82 8.19 11.41
C ASP A 149 -6.89 8.53 10.26
N ASP A 150 -6.92 7.66 9.28
CA ASP A 150 -6.15 7.72 8.07
C ASP A 150 -6.65 8.86 7.15
N VAL A 151 -7.93 9.27 7.25
CA VAL A 151 -8.54 10.42 6.53
C VAL A 151 -8.05 11.74 7.11
N LYS A 152 -8.04 11.89 8.44
CA LYS A 152 -7.41 13.04 9.08
C LYS A 152 -5.88 13.02 8.88
N GLY A 153 -5.24 11.84 8.80
CA GLY A 153 -3.79 11.71 8.59
C GLY A 153 -3.39 12.14 7.18
N ILE A 154 -3.98 11.55 6.15
CA ILE A 154 -3.74 11.91 4.75
C ILE A 154 -4.04 13.38 4.42
N GLN A 155 -5.12 13.96 4.96
CA GLN A 155 -5.45 15.35 4.66
C GLN A 155 -4.42 16.30 5.27
N ALA A 156 -3.63 15.88 6.28
CA ALA A 156 -2.50 16.65 6.82
C ALA A 156 -1.24 16.64 5.91
N LEU A 157 -1.27 15.86 4.83
CA LEU A 157 -0.15 15.71 3.91
C LEU A 157 -0.34 16.60 2.67
N TYR A 158 -1.52 16.47 2.05
CA TYR A 158 -1.89 17.16 0.80
C TYR A 158 -2.76 18.40 1.07
N GLY A 159 -3.19 18.60 2.33
CA GLY A 159 -3.95 19.77 2.81
C GLY A 159 -3.21 20.53 3.92
N PRO A 160 -2.15 21.30 3.60
CA PRO A 160 -1.49 22.19 4.53
C PRO A 160 -2.38 23.39 4.90
CA CA B . 5.89 -12.79 5.30
CA CA C . 10.60 6.25 -4.83
ZN ZN D . 11.64 -4.17 1.76
ZN ZN E . 2.34 -1.43 7.44
C1 NGH F . -0.45 -5.47 9.37
C2 NGH F . -1.67 -4.94 8.98
C3 NGH F . -2.09 -5.05 7.66
C4 NGH F . -1.27 -5.64 6.73
C5 NGH F . -0.03 -6.11 7.09
C6 NGH F . 0.40 -6.04 8.41
O1 NGH F . -3.30 -4.53 7.29
C7 NGH F . -4.42 -5.43 7.22
S1 NGH F . 2.07 -6.56 8.79
O2 NGH F . 2.71 -6.68 7.48
O3 NGH F . 2.07 -7.77 9.60
N NGH F . 2.96 -5.43 9.58
C9 NGH F . 2.64 -4.86 10.92
C10 NGH F . 4.03 -4.71 8.84
C11 NGH F . 3.59 -3.58 7.94
N1 NGH F . 2.37 -3.70 7.42
O4 NGH F . 1.37 -3.32 8.11
O5 NGH F . 4.30 -2.64 7.69
C12 NGH F . 2.91 -5.94 12.01
C13 NGH F . 1.60 -6.57 12.54
C14 NGH F . 3.73 -5.34 13.17
H1 NGH F . -0.13 -5.42 10.40
H2 NGH F . -2.31 -4.43 9.69
H4 NGH F . -1.58 -5.71 5.70
H5 NGH F . 0.63 -6.51 6.32
H71 NGH F . -4.19 -6.24 6.50
H72 NGH F . -5.31 -4.88 6.89
H73 NGH F . -4.58 -5.84 8.22
H91 NGH F . 1.60 -4.51 10.97
H92 NGH F . 3.24 -3.97 11.13
H101 NGH F . 4.56 -5.42 8.21
H102 NGH F . 4.74 -4.30 9.52
HN1 NGH F . 2.35 -3.54 6.40
H12 NGH F . 3.50 -6.74 11.58
H131 NGH F . 0.96 -6.93 11.72
H132 NGH F . 1.05 -5.82 13.09
H133 NGH F . 1.82 -7.41 13.20
H141 NGH F . 4.69 -4.97 12.79
H142 NGH F . 3.93 -6.11 13.93
H143 NGH F . 3.20 -4.51 13.64
N GLY A 1 9.94 19.04 10.31
CA GLY A 1 9.52 19.45 8.95
C GLY A 1 8.70 18.34 8.28
N GLU A 2 8.09 18.59 7.13
CA GLU A 2 7.08 17.70 6.52
C GLU A 2 7.72 16.87 5.40
N PRO A 3 7.87 15.53 5.56
CA PRO A 3 8.60 14.69 4.61
C PRO A 3 7.78 14.27 3.40
N LYS A 4 6.46 14.53 3.39
CA LYS A 4 5.54 14.09 2.35
C LYS A 4 5.81 14.71 0.97
N TRP A 5 5.02 14.28 -0.02
CA TRP A 5 5.15 14.78 -1.40
C TRP A 5 4.79 16.27 -1.56
N LYS A 6 5.49 17.01 -2.44
CA LYS A 6 5.17 18.41 -2.79
C LYS A 6 4.22 18.55 -4.01
N LYS A 7 3.49 17.49 -4.34
CA LYS A 7 2.39 17.49 -5.30
C LYS A 7 1.36 16.41 -4.96
N ASN A 8 0.23 16.39 -5.66
CA ASN A 8 -0.87 15.45 -5.41
C ASN A 8 -0.93 14.25 -6.39
N THR A 9 -0.19 14.30 -7.51
CA THR A 9 -0.14 13.32 -8.61
C THR A 9 1.10 12.40 -8.51
N LEU A 10 0.85 11.11 -8.30
CA LEU A 10 1.89 10.06 -8.16
C LEU A 10 1.80 8.88 -9.14
N THR A 11 2.97 8.39 -9.57
CA THR A 11 3.18 7.38 -10.63
C THR A 11 3.84 6.12 -10.08
N TYR A 12 3.37 4.97 -10.56
CA TYR A 12 3.72 3.63 -10.10
C TYR A 12 4.13 2.69 -11.24
N ARG A 13 4.73 1.54 -10.96
CA ARG A 13 5.07 0.55 -12.00
C ARG A 13 5.14 -0.88 -11.47
N ILE A 14 4.28 -1.78 -11.97
CA ILE A 14 4.41 -3.22 -11.70
C ILE A 14 5.61 -3.77 -12.48
N SER A 15 6.55 -4.36 -11.76
CA SER A 15 7.72 -5.10 -12.28
C SER A 15 7.52 -6.62 -12.21
N LYS A 16 6.73 -7.12 -11.25
CA LYS A 16 6.61 -8.54 -10.88
C LYS A 16 5.30 -8.84 -10.12
N TYR A 17 4.90 -10.12 -10.06
CA TYR A 17 3.60 -10.55 -9.51
C TYR A 17 3.71 -11.79 -8.61
N THR A 18 2.63 -12.04 -7.86
CA THR A 18 2.35 -13.24 -7.05
C THR A 18 1.64 -14.33 -7.89
N PRO A 19 1.85 -15.63 -7.65
CA PRO A 19 1.18 -16.72 -8.39
C PRO A 19 -0.33 -16.84 -8.08
N SER A 20 -0.81 -16.19 -7.01
CA SER A 20 -2.23 -16.12 -6.68
C SER A 20 -3.16 -15.57 -7.77
N MET A 21 -2.87 -14.34 -8.19
CA MET A 21 -3.74 -13.50 -9.02
C MET A 21 -3.06 -13.03 -10.31
N SER A 22 -3.84 -13.01 -11.39
CA SER A 22 -3.36 -12.55 -12.72
C SER A 22 -2.91 -11.10 -12.70
N SER A 23 -2.10 -10.69 -13.68
CA SER A 23 -1.70 -9.27 -13.82
C SER A 23 -2.90 -8.34 -13.74
N VAL A 24 -4.01 -8.68 -14.41
CA VAL A 24 -5.20 -7.83 -14.42
C VAL A 24 -5.83 -7.76 -13.03
N GLU A 25 -5.86 -8.90 -12.31
CA GLU A 25 -6.47 -9.10 -11.00
C GLU A 25 -5.66 -8.39 -9.92
N VAL A 26 -4.31 -8.45 -9.99
CA VAL A 26 -3.39 -7.70 -9.10
C VAL A 26 -3.56 -6.20 -9.30
N ASP A 27 -3.44 -5.72 -10.54
CA ASP A 27 -3.60 -4.28 -10.85
C ASP A 27 -4.99 -3.79 -10.40
N LYS A 28 -6.04 -4.58 -10.69
CA LYS A 28 -7.40 -4.25 -10.23
C LYS A 28 -7.52 -4.30 -8.70
N ALA A 29 -6.87 -5.25 -8.02
CA ALA A 29 -6.88 -5.38 -6.57
C ALA A 29 -6.18 -4.20 -5.89
N VAL A 30 -5.15 -3.62 -6.50
CA VAL A 30 -4.58 -2.35 -5.99
C VAL A 30 -5.43 -1.12 -6.37
N GLU A 31 -6.15 -1.11 -7.50
CA GLU A 31 -6.81 0.10 -7.98
C GLU A 31 -7.95 0.53 -7.06
N MET A 32 -8.66 -0.45 -6.48
CA MET A 32 -9.72 -0.23 -5.49
C MET A 32 -9.20 0.43 -4.20
N ALA A 33 -7.95 0.16 -3.85
CA ALA A 33 -7.24 0.82 -2.75
C ALA A 33 -6.89 2.29 -3.05
N LEU A 34 -6.62 2.65 -4.31
CA LEU A 34 -6.36 4.04 -4.71
C LEU A 34 -7.59 4.91 -4.48
N GLN A 35 -8.77 4.38 -4.78
CA GLN A 35 -10.05 5.04 -4.54
C GLN A 35 -10.28 5.37 -3.06
N ALA A 36 -9.93 4.47 -2.15
CA ALA A 36 -10.08 4.65 -0.70
C ALA A 36 -9.41 5.94 -0.18
N TRP A 37 -8.22 6.29 -0.68
CA TRP A 37 -7.51 7.52 -0.34
C TRP A 37 -7.96 8.71 -1.20
N SER A 38 -8.31 8.50 -2.47
CA SER A 38 -8.84 9.55 -3.34
C SER A 38 -10.27 9.97 -2.96
N SER A 39 -10.90 9.25 -2.03
CA SER A 39 -12.10 9.68 -1.34
C SER A 39 -11.71 10.67 -0.22
N ALA A 40 -10.71 10.33 0.62
CA ALA A 40 -10.29 11.15 1.74
C ALA A 40 -9.76 12.52 1.30
N VAL A 41 -9.12 12.57 0.13
CA VAL A 41 -8.37 13.74 -0.35
C VAL A 41 -8.30 13.83 -1.88
N PRO A 42 -8.14 15.06 -2.42
CA PRO A 42 -7.82 15.32 -3.81
C PRO A 42 -6.37 14.87 -4.07
N LEU A 43 -6.21 13.63 -4.51
CA LEU A 43 -4.95 13.10 -5.03
C LEU A 43 -5.17 12.17 -6.22
N SER A 44 -4.09 11.65 -6.80
CA SER A 44 -4.15 10.74 -7.93
C SER A 44 -2.95 9.78 -7.90
N PHE A 45 -3.24 8.48 -7.98
CA PHE A 45 -2.28 7.39 -8.10
C PHE A 45 -2.52 6.70 -9.45
N VAL A 46 -1.50 6.62 -10.32
CA VAL A 46 -1.58 5.90 -11.61
C VAL A 46 -0.38 5.00 -11.80
N ARG A 47 -0.55 3.82 -12.40
CA ARG A 47 0.56 2.93 -12.74
C ARG A 47 0.94 3.10 -14.20
N ILE A 48 2.14 3.66 -14.44
CA ILE A 48 2.67 3.84 -15.81
C ILE A 48 2.92 2.51 -16.52
N ASN A 49 3.07 1.41 -15.76
CA ASN A 49 3.37 0.04 -16.22
C ASN A 49 4.68 -0.08 -17.04
N SER A 50 5.36 1.05 -17.33
CA SER A 50 6.49 1.12 -18.24
C SER A 50 7.17 2.48 -18.06
N GLY A 51 8.50 2.50 -18.07
CA GLY A 51 9.35 3.64 -17.71
C GLY A 51 9.75 3.57 -16.23
N GLU A 52 10.30 4.69 -15.74
CA GLU A 52 10.59 4.90 -14.32
C GLU A 52 9.45 5.66 -13.63
N ALA A 53 8.83 4.97 -12.67
CA ALA A 53 7.85 5.51 -11.73
C ALA A 53 8.49 5.94 -10.41
N ASP A 54 7.70 6.57 -9.54
CA ASP A 54 8.14 6.78 -8.18
C ASP A 54 7.85 5.58 -7.30
N ILE A 55 6.83 4.76 -7.60
CA ILE A 55 6.35 3.69 -6.70
C ILE A 55 6.31 2.32 -7.40
N MET A 56 7.36 1.50 -7.23
CA MET A 56 7.47 0.21 -7.89
C MET A 56 6.90 -0.94 -7.04
N ILE A 57 5.61 -1.25 -7.22
CA ILE A 57 4.99 -2.42 -6.56
C ILE A 57 5.65 -3.71 -7.05
N SER A 58 6.35 -4.39 -6.15
CA SER A 58 7.13 -5.59 -6.46
C SER A 58 6.99 -6.61 -5.31
N PHE A 59 6.85 -7.91 -5.63
CA PHE A 59 6.60 -8.97 -4.65
C PHE A 59 7.93 -9.60 -4.24
N GLU A 60 8.26 -9.57 -2.94
CA GLU A 60 9.60 -9.85 -2.43
C GLU A 60 9.58 -10.77 -1.19
N ASN A 61 10.68 -11.47 -0.90
CA ASN A 61 10.74 -12.41 0.25
C ASN A 61 12.17 -12.55 0.81
N GLY A 62 12.53 -11.65 1.74
CA GLY A 62 13.87 -11.50 2.34
C GLY A 62 15.00 -11.11 1.37
N ASP A 63 16.11 -10.60 1.90
CA ASP A 63 17.32 -10.18 1.17
C ASP A 63 17.09 -9.38 -0.14
N HIS A 64 15.94 -8.70 -0.22
CA HIS A 64 15.36 -8.14 -1.44
C HIS A 64 15.80 -6.72 -1.87
N GLY A 65 17.00 -6.27 -1.47
CA GLY A 65 17.60 -5.04 -2.02
C GLY A 65 17.17 -3.73 -1.36
N ASP A 66 16.95 -3.73 -0.04
CA ASP A 66 16.67 -2.56 0.79
C ASP A 66 17.05 -2.83 2.26
N SER A 67 16.97 -1.82 3.15
CA SER A 67 17.40 -1.99 4.55
C SER A 67 16.57 -2.99 5.39
N TYR A 68 15.48 -3.55 4.85
CA TYR A 68 14.73 -4.67 5.47
C TYR A 68 14.97 -6.01 4.72
N PRO A 69 16.16 -6.64 4.86
CA PRO A 69 16.54 -7.90 4.21
C PRO A 69 15.83 -9.17 4.75
N PHE A 70 14.57 -9.02 5.10
CA PHE A 70 13.65 -10.00 5.66
C PHE A 70 12.22 -9.80 5.12
N ASP A 71 11.33 -10.71 5.51
CA ASP A 71 9.88 -10.65 5.29
C ASP A 71 9.13 -11.62 6.23
N GLY A 72 9.68 -12.83 6.40
CA GLY A 72 9.24 -13.86 7.33
C GLY A 72 8.03 -14.69 6.84
N PRO A 73 7.92 -15.98 7.22
CA PRO A 73 6.71 -16.77 7.03
C PRO A 73 5.56 -16.09 7.77
N ARG A 74 4.50 -15.82 7.02
CA ARG A 74 3.39 -14.95 7.40
C ARG A 74 3.83 -13.65 8.13
N GLY A 75 3.16 -13.34 9.24
CA GLY A 75 3.45 -12.24 10.18
C GLY A 75 3.17 -10.92 9.50
N THR A 76 4.27 -10.24 9.14
CA THR A 76 4.29 -9.06 8.27
C THR A 76 3.64 -9.44 6.93
N LEU A 77 2.39 -9.06 6.70
CA LEU A 77 1.71 -9.37 5.43
C LEU A 77 2.21 -8.54 4.27
N ALA A 78 2.66 -7.31 4.53
CA ALA A 78 2.97 -6.34 3.50
C ALA A 78 3.80 -5.19 4.08
N HIS A 79 4.56 -4.50 3.25
CA HIS A 79 5.44 -3.43 3.69
C HIS A 79 5.87 -2.52 2.53
N ALA A 80 5.54 -1.25 2.67
CA ALA A 80 6.04 -0.17 1.83
C ALA A 80 7.06 0.67 2.60
N PHE A 81 7.65 1.63 1.89
CA PHE A 81 8.50 2.70 2.44
C PHE A 81 7.70 3.93 2.90
N ALA A 82 8.33 4.77 3.72
CA ALA A 82 7.85 6.14 4.00
C ALA A 82 8.06 6.99 2.72
N PRO A 83 7.34 8.12 2.51
CA PRO A 83 7.60 9.03 1.40
C PRO A 83 9.03 9.56 1.49
N GLY A 84 9.70 9.76 0.35
CA GLY A 84 11.06 10.29 0.34
C GLY A 84 11.44 10.79 -1.03
N GLU A 85 12.48 10.16 -1.57
CA GLU A 85 12.98 10.28 -2.94
C GLU A 85 13.18 8.89 -3.58
N GLY A 86 14.39 8.29 -3.40
CA GLY A 86 14.82 7.03 -3.99
C GLY A 86 13.98 5.85 -3.51
N LEU A 87 14.40 5.19 -2.42
CA LEU A 87 13.64 4.04 -1.89
C LEU A 87 12.28 4.44 -1.29
N GLY A 88 12.18 5.69 -0.82
CA GLY A 88 10.97 6.34 -0.32
C GLY A 88 9.79 6.30 -1.31
N GLY A 89 8.62 5.89 -0.80
CA GLY A 89 7.38 5.69 -1.55
C GLY A 89 7.29 4.28 -2.12
N ASP A 90 8.38 3.50 -2.13
CA ASP A 90 8.41 2.24 -2.86
C ASP A 90 7.74 1.09 -2.09
N THR A 91 7.03 0.21 -2.79
CA THR A 91 6.09 -0.78 -2.26
C THR A 91 6.56 -2.22 -2.47
N HIS A 92 6.59 -3.00 -1.39
CA HIS A 92 7.18 -4.34 -1.35
C HIS A 92 6.29 -5.39 -0.64
N PHE A 93 5.63 -6.22 -1.45
CA PHE A 93 4.60 -7.15 -0.99
C PHE A 93 5.23 -8.49 -0.62
N ASP A 94 4.99 -8.92 0.60
CA ASP A 94 5.60 -10.10 1.17
C ASP A 94 5.10 -11.38 0.47
N ASN A 95 6.01 -12.10 -0.21
CA ASN A 95 5.67 -13.27 -1.02
C ASN A 95 5.84 -14.63 -0.29
N ALA A 96 6.39 -14.67 0.93
CA ALA A 96 6.58 -15.92 1.69
C ALA A 96 5.29 -16.61 2.17
N GLU A 97 4.14 -16.16 1.69
CA GLU A 97 2.80 -16.47 2.16
C GLU A 97 1.72 -16.51 1.07
N LYS A 98 0.47 -16.73 1.51
CA LYS A 98 -0.71 -16.81 0.66
C LYS A 98 -1.31 -15.46 0.29
N TRP A 99 -1.87 -15.42 -0.92
CA TRP A 99 -2.70 -14.34 -1.41
C TRP A 99 -3.96 -14.93 -2.05
N THR A 100 -5.11 -14.38 -1.69
CA THR A 100 -6.41 -14.68 -2.32
C THR A 100 -7.35 -13.46 -2.27
N MET A 101 -8.61 -13.70 -2.64
CA MET A 101 -9.78 -12.82 -2.50
C MET A 101 -10.89 -13.56 -1.73
N GLY A 102 -10.53 -14.53 -0.86
CA GLY A 102 -11.44 -15.38 -0.09
C GLY A 102 -10.98 -15.57 1.37
N THR A 103 -11.93 -15.65 2.30
CA THR A 103 -11.75 -15.60 3.78
C THR A 103 -10.76 -16.57 4.40
N ASN A 104 -10.42 -17.66 3.70
CA ASN A 104 -9.30 -18.54 4.07
C ASN A 104 -8.01 -17.72 4.32
N GLY A 105 -7.40 -17.20 3.24
CA GLY A 105 -6.13 -16.47 3.27
C GLY A 105 -6.27 -14.94 3.33
N PHE A 106 -5.19 -14.23 2.95
CA PHE A 106 -5.06 -12.77 3.04
C PHE A 106 -5.50 -12.06 1.75
N ASN A 107 -6.05 -10.84 1.89
CA ASN A 107 -6.56 -10.04 0.76
C ASN A 107 -5.55 -8.97 0.32
N LEU A 108 -5.17 -8.98 -0.96
CA LEU A 108 -4.29 -7.96 -1.53
C LEU A 108 -4.88 -6.55 -1.36
N PHE A 109 -6.14 -6.34 -1.75
CA PHE A 109 -6.84 -5.04 -1.61
C PHE A 109 -6.72 -4.44 -0.20
N THR A 110 -7.06 -5.22 0.84
CA THR A 110 -7.01 -4.80 2.25
C THR A 110 -5.59 -4.49 2.76
N VAL A 111 -4.54 -5.21 2.34
CA VAL A 111 -3.14 -4.82 2.69
C VAL A 111 -2.63 -3.63 1.84
N ALA A 112 -3.10 -3.48 0.60
CA ALA A 112 -2.57 -2.53 -0.38
C ALA A 112 -2.91 -1.09 0.00
N ALA A 113 -4.13 -0.83 0.47
CA ALA A 113 -4.47 0.48 0.99
C ALA A 113 -3.58 0.87 2.18
N HIS A 114 -3.21 -0.09 3.04
CA HIS A 114 -2.32 0.15 4.16
C HIS A 114 -0.85 0.36 3.72
N GLU A 115 -0.30 -0.44 2.79
CA GLU A 115 1.04 -0.19 2.20
C GLU A 115 1.12 1.24 1.63
N PHE A 116 0.14 1.62 0.79
CA PHE A 116 0.09 2.97 0.24
C PHE A 116 0.06 4.02 1.33
N GLY A 117 -0.65 3.76 2.43
CA GLY A 117 -0.70 4.55 3.67
C GLY A 117 0.67 4.98 4.20
N HIS A 118 1.66 4.11 4.06
CA HIS A 118 3.04 4.40 4.45
C HIS A 118 3.76 5.24 3.39
N ALA A 119 3.47 5.01 2.11
CA ALA A 119 4.09 5.75 1.01
C ALA A 119 3.56 7.19 0.89
N LEU A 120 2.50 7.54 1.63
CA LEU A 120 1.97 8.89 1.83
C LEU A 120 2.77 9.70 2.85
N GLY A 121 3.09 9.06 3.98
CA GLY A 121 3.66 9.65 5.20
C GLY A 121 3.20 9.05 6.54
N LEU A 122 2.23 8.14 6.55
CA LEU A 122 1.68 7.58 7.80
C LEU A 122 2.50 6.42 8.38
N ALA A 123 2.20 6.12 9.65
CA ALA A 123 2.79 5.10 10.52
C ALA A 123 1.68 4.31 11.28
N HIS A 124 2.04 3.32 12.11
CA HIS A 124 1.08 2.42 12.77
C HIS A 124 0.25 3.08 13.89
N SER A 125 -0.94 3.58 13.54
CA SER A 125 -1.86 4.30 14.39
C SER A 125 -2.58 3.35 15.36
N THR A 126 -2.44 3.53 16.67
CA THR A 126 -2.98 2.63 17.72
C THR A 126 -4.47 2.84 17.99
N ASP A 127 -5.22 3.08 16.92
CA ASP A 127 -6.61 3.55 16.97
C ASP A 127 -7.72 2.45 16.96
N PRO A 128 -8.88 2.66 17.63
CA PRO A 128 -10.05 1.78 17.49
C PRO A 128 -10.79 1.92 16.14
N SER A 129 -10.33 2.80 15.26
CA SER A 129 -10.79 2.97 13.87
C SER A 129 -9.65 3.49 12.97
N ALA A 130 -8.52 2.76 12.93
CA ALA A 130 -7.46 2.98 11.94
C ALA A 130 -7.32 1.76 11.03
N LEU A 131 -6.87 2.03 9.80
CA LEU A 131 -6.40 1.03 8.85
C LEU A 131 -4.94 0.75 9.12
N MET A 132 -4.16 1.79 9.45
CA MET A 132 -2.73 1.67 9.73
C MET A 132 -2.45 0.93 11.04
N TYR A 133 -3.50 0.57 11.79
CA TYR A 133 -3.36 -0.27 13.00
C TYR A 133 -2.44 -1.49 12.76
N PRO A 134 -1.50 -1.78 13.68
CA PRO A 134 -0.51 -2.84 13.49
C PRO A 134 -1.10 -4.25 13.78
N THR A 135 -1.89 -4.80 12.84
CA THR A 135 -2.40 -6.20 12.85
C THR A 135 -3.12 -6.56 11.55
N TYR A 136 -3.44 -7.83 11.34
CA TYR A 136 -4.33 -8.28 10.25
C TYR A 136 -5.81 -8.13 10.62
N LYS A 137 -6.59 -7.56 9.69
CA LYS A 137 -8.03 -7.39 9.75
C LYS A 137 -8.70 -7.64 8.36
N TYR A 138 -9.85 -8.35 8.43
CA TYR A 138 -10.82 -8.48 7.40
C TYR A 138 -11.81 -7.30 7.37
N LYS A 139 -11.54 -6.31 6.48
CA LYS A 139 -12.56 -5.33 6.12
C LYS A 139 -13.46 -5.88 5.00
N ASN A 140 -14.78 -5.71 5.13
CA ASN A 140 -15.74 -6.04 4.08
C ASN A 140 -15.53 -5.04 2.92
N PRO A 141 -15.19 -5.50 1.69
CA PRO A 141 -14.75 -4.64 0.59
C PRO A 141 -15.90 -3.95 -0.17
N TYR A 142 -16.90 -3.39 0.55
CA TYR A 142 -18.13 -2.83 -0.04
C TYR A 142 -18.10 -1.28 -0.03
N GLY A 143 -16.88 -0.78 -0.34
CA GLY A 143 -16.56 0.64 -0.45
C GLY A 143 -16.06 1.32 0.84
N PHE A 144 -15.80 0.53 1.89
CA PHE A 144 -15.45 0.90 3.26
C PHE A 144 -14.33 1.96 3.46
N HIS A 145 -13.49 2.14 2.46
CA HIS A 145 -12.32 3.02 2.42
C HIS A 145 -11.47 2.97 3.69
N LEU A 146 -11.09 4.11 4.25
CA LEU A 146 -10.40 4.16 5.54
C LEU A 146 -11.44 4.16 6.65
N PRO A 147 -11.23 3.42 7.76
CA PRO A 147 -12.16 3.40 8.88
C PRO A 147 -12.37 4.80 9.46
N LYS A 148 -11.29 5.54 9.76
CA LYS A 148 -11.37 6.91 10.30
C LYS A 148 -10.03 7.62 10.47
N ASP A 149 -9.20 7.22 11.44
CA ASP A 149 -8.09 8.06 11.90
C ASP A 149 -7.00 8.34 10.84
N ASP A 150 -6.95 7.45 9.85
CA ASP A 150 -6.15 7.58 8.64
C ASP A 150 -6.62 8.72 7.73
N VAL A 151 -7.91 9.11 7.76
CA VAL A 151 -8.46 10.19 6.91
C VAL A 151 -7.97 11.57 7.38
N LYS A 152 -8.10 11.87 8.69
CA LYS A 152 -7.52 13.12 9.22
C LYS A 152 -5.99 13.12 9.16
N GLY A 153 -5.35 11.94 9.06
CA GLY A 153 -3.93 11.77 8.82
C GLY A 153 -3.55 12.15 7.39
N ILE A 154 -4.11 11.49 6.36
CA ILE A 154 -3.78 11.82 4.97
C ILE A 154 -4.12 13.27 4.57
N GLN A 155 -5.23 13.83 5.07
CA GLN A 155 -5.56 15.21 4.72
C GLN A 155 -4.53 16.22 5.25
N ALA A 156 -3.81 15.88 6.32
CA ALA A 156 -2.70 16.68 6.83
C ALA A 156 -1.43 16.65 5.94
N LEU A 157 -1.40 15.77 4.92
CA LEU A 157 -0.31 15.59 3.97
C LEU A 157 -0.66 16.19 2.60
N TYR A 158 -1.80 15.82 2.03
CA TYR A 158 -2.21 16.27 0.69
C TYR A 158 -2.97 17.60 0.71
N GLY A 159 -3.39 18.06 1.89
CA GLY A 159 -3.98 19.40 2.10
C GLY A 159 -3.01 20.56 1.77
N PRO A 160 -1.84 20.66 2.44
CA PRO A 160 -0.89 21.78 2.30
C PRO A 160 0.08 21.67 1.10
CA CA B . 5.97 -11.84 5.34
CA CA C . 10.64 6.35 -5.04
ZN ZN D . 11.43 -4.18 1.33
ZN ZN E . 1.94 -0.95 8.37
C1 NGH F . -0.46 -4.85 9.07
C2 NGH F . -1.71 -4.41 8.66
C3 NGH F . -2.09 -4.48 7.32
C4 NGH F . -1.17 -4.94 6.38
C5 NGH F . 0.09 -5.36 6.79
C6 NGH F . 0.44 -5.33 8.13
O1 NGH F . -3.35 -4.08 6.88
C7 NGH F . -4.49 -4.01 7.77
S1 NGH F . 2.01 -5.95 8.64
O2 NGH F . 2.72 -6.39 7.44
O3 NGH F . 1.85 -6.92 9.72
N NGH F . 2.92 -4.72 9.23
C9 NGH F . 2.65 -4.13 10.59
C10 NGH F . 3.93 -4.03 8.37
C11 NGH F . 3.45 -2.81 7.64
N1 NGH F . 2.43 -3.00 6.79
O4 NGH F . 1.79 -2.02 6.33
O5 NGH F . 3.93 -1.72 7.82
C12 NGH F . 3.07 -5.11 11.73
C13 NGH F . 1.86 -5.54 12.58
C14 NGH F . 4.15 -4.45 12.61
H1 NGH F . -0.20 -4.86 10.12
H2 NGH F . -2.40 -4.02 9.40
H4 NGH F . -1.41 -5.00 5.33
H5 NGH F . 0.78 -5.74 6.04
H71 NGH F . -4.63 -4.98 8.26
H72 NGH F . -5.38 -3.77 7.17
H73 NGH F . -4.33 -3.23 8.52
H91 NGH F . 1.60 -3.85 10.69
H92 NGH F . 3.18 -3.18 10.69
H101 NGH F . 4.30 -4.70 7.59
H102 NGH F . 4.79 -3.76 8.97
HN1 NGH F . 2.32 -3.93 6.37
H12 NGH F . 3.47 -6.04 11.32
H131 NGH F . 1.07 -5.97 11.93
H132 NGH F . 1.45 -4.68 13.08
H133 NGH F . 2.16 -6.29 13.31
H141 NGH F . 5.02 -4.19 12.01
H142 NGH F . 4.47 -5.14 13.38
H143 NGH F . 3.76 -3.54 13.09
N GLY A 1 11.54 20.18 8.12
CA GLY A 1 10.78 18.93 8.21
C GLY A 1 10.01 18.70 6.93
N GLU A 2 8.80 18.16 7.04
CA GLU A 2 7.84 17.95 5.94
C GLU A 2 8.48 17.16 4.76
N PRO A 3 8.65 15.82 4.89
CA PRO A 3 9.16 14.98 3.79
C PRO A 3 8.09 14.60 2.77
N LYS A 4 6.81 14.67 3.16
CA LYS A 4 5.68 14.24 2.35
C LYS A 4 5.45 15.12 1.11
N TRP A 5 4.65 14.60 0.18
CA TRP A 5 4.49 15.13 -1.17
C TRP A 5 4.07 16.60 -1.24
N LYS A 6 4.84 17.39 -2.01
CA LYS A 6 4.51 18.79 -2.33
C LYS A 6 3.35 18.93 -3.34
N LYS A 7 3.04 17.85 -4.08
CA LYS A 7 2.00 17.80 -5.12
C LYS A 7 1.08 16.60 -4.94
N ASN A 8 -0.05 16.64 -5.65
CA ASN A 8 -1.18 15.73 -5.48
C ASN A 8 -1.16 14.52 -6.43
N THR A 9 -0.43 14.65 -7.54
CA THR A 9 -0.36 13.66 -8.61
C THR A 9 0.93 12.86 -8.48
N LEU A 10 0.81 11.55 -8.29
CA LEU A 10 1.96 10.64 -8.26
C LEU A 10 1.97 9.57 -9.35
N THR A 11 3.19 9.18 -9.73
CA THR A 11 3.54 8.17 -10.74
C THR A 11 3.87 6.86 -10.06
N TYR A 12 3.27 5.77 -10.51
CA TYR A 12 3.48 4.40 -10.03
C TYR A 12 3.92 3.46 -11.14
N ARG A 13 4.40 2.25 -10.84
CA ARG A 13 4.68 1.26 -11.89
C ARG A 13 4.56 -0.18 -11.36
N ILE A 14 3.72 -0.98 -12.00
CA ILE A 14 3.62 -2.42 -11.81
C ILE A 14 4.37 -3.11 -12.95
N SER A 15 5.12 -4.15 -12.61
CA SER A 15 5.61 -5.14 -13.56
C SER A 15 5.54 -6.57 -13.01
N LYS A 16 5.31 -6.70 -11.70
CA LYS A 16 5.29 -7.95 -10.96
C LYS A 16 4.01 -8.06 -10.12
N TYR A 17 3.46 -9.27 -10.11
CA TYR A 17 2.25 -9.65 -9.39
C TYR A 17 2.56 -10.72 -8.33
N THR A 18 1.53 -11.30 -7.72
CA THR A 18 1.61 -12.52 -6.90
C THR A 18 1.05 -13.69 -7.75
N PRO A 19 1.56 -14.92 -7.64
CA PRO A 19 0.96 -16.08 -8.31
C PRO A 19 -0.43 -16.44 -7.76
N SER A 20 -0.79 -15.91 -6.59
CA SER A 20 -1.97 -16.30 -5.83
C SER A 20 -3.34 -15.84 -6.39
N MET A 21 -3.39 -14.70 -7.06
CA MET A 21 -4.56 -14.10 -7.72
C MET A 21 -4.21 -13.81 -9.21
N SER A 22 -5.20 -13.73 -10.11
CA SER A 22 -4.93 -13.33 -11.48
C SER A 22 -4.38 -11.91 -11.56
N SER A 23 -3.56 -11.61 -12.58
CA SER A 23 -3.04 -10.24 -12.76
C SER A 23 -4.14 -9.19 -12.81
N VAL A 24 -5.28 -9.49 -13.44
CA VAL A 24 -6.39 -8.54 -13.53
C VAL A 24 -7.01 -8.29 -12.14
N GLU A 25 -6.98 -9.31 -11.28
CA GLU A 25 -7.45 -9.32 -9.90
C GLU A 25 -6.49 -8.57 -9.00
N VAL A 26 -5.18 -8.77 -9.17
CA VAL A 26 -4.14 -7.99 -8.45
C VAL A 26 -4.20 -6.51 -8.89
N ASP A 27 -4.31 -6.23 -10.20
CA ASP A 27 -4.57 -4.89 -10.73
C ASP A 27 -5.81 -4.27 -10.08
N LYS A 28 -7.01 -4.86 -10.26
CA LYS A 28 -8.19 -4.27 -9.60
C LYS A 28 -8.11 -4.22 -8.07
N ALA A 29 -7.45 -5.18 -7.42
CA ALA A 29 -7.22 -5.13 -5.97
C ALA A 29 -6.41 -3.90 -5.57
N VAL A 30 -5.30 -3.58 -6.26
CA VAL A 30 -4.50 -2.39 -5.91
C VAL A 30 -5.21 -1.08 -6.22
N GLU A 31 -6.06 -1.02 -7.27
CA GLU A 31 -6.73 0.22 -7.68
C GLU A 31 -7.69 0.70 -6.61
N MET A 32 -8.36 -0.26 -5.95
CA MET A 32 -9.36 0.10 -4.96
C MET A 32 -8.73 0.76 -3.72
N ALA A 33 -7.45 0.45 -3.48
CA ALA A 33 -6.65 1.10 -2.48
C ALA A 33 -6.32 2.57 -2.85
N LEU A 34 -6.12 2.89 -4.13
CA LEU A 34 -5.97 4.25 -4.63
C LEU A 34 -7.26 5.07 -4.45
N GLN A 35 -8.37 4.44 -4.78
CA GLN A 35 -9.73 4.97 -4.66
C GLN A 35 -10.10 5.31 -3.21
N ALA A 36 -9.60 4.57 -2.22
CA ALA A 36 -9.83 4.89 -0.82
C ALA A 36 -9.22 6.26 -0.45
N TRP A 37 -7.98 6.54 -0.88
CA TRP A 37 -7.26 7.76 -0.51
C TRP A 37 -7.69 8.96 -1.36
N SER A 38 -8.01 8.75 -2.64
CA SER A 38 -8.60 9.80 -3.48
C SER A 38 -10.05 10.16 -3.08
N SER A 39 -10.64 9.46 -2.10
CA SER A 39 -11.89 9.85 -1.43
C SER A 39 -11.64 10.63 -0.12
N ALA A 40 -10.51 10.41 0.55
CA ALA A 40 -10.10 11.23 1.70
C ALA A 40 -9.59 12.63 1.32
N VAL A 41 -9.05 12.80 0.09
CA VAL A 41 -8.43 14.07 -0.35
C VAL A 41 -8.33 14.18 -1.89
N PRO A 42 -8.15 15.41 -2.41
CA PRO A 42 -7.84 15.68 -3.80
C PRO A 42 -6.40 15.27 -4.13
N LEU A 43 -6.26 14.05 -4.63
CA LEU A 43 -5.03 13.47 -5.16
C LEU A 43 -5.24 12.44 -6.27
N SER A 44 -4.16 12.07 -6.94
CA SER A 44 -4.19 11.14 -8.05
C SER A 44 -2.98 10.20 -7.98
N PHE A 45 -3.22 8.92 -8.22
CA PHE A 45 -2.17 7.89 -8.28
C PHE A 45 -2.21 7.20 -9.65
N VAL A 46 -1.28 7.56 -10.54
CA VAL A 46 -1.27 7.13 -11.96
C VAL A 46 -0.14 6.15 -12.22
N ARG A 47 -0.53 4.90 -12.46
CA ARG A 47 0.40 3.79 -12.68
C ARG A 47 0.88 3.71 -14.11
N ILE A 48 2.05 4.29 -14.37
CA ILE A 48 2.59 4.48 -15.74
C ILE A 48 2.79 3.17 -16.51
N ASN A 49 3.01 2.05 -15.82
CA ASN A 49 3.35 0.73 -16.38
C ASN A 49 4.69 0.66 -17.18
N SER A 50 5.26 1.80 -17.56
CA SER A 50 6.43 1.79 -18.46
C SER A 50 7.42 2.90 -18.12
N GLY A 51 8.55 2.56 -17.47
CA GLY A 51 9.64 3.49 -17.14
C GLY A 51 9.90 3.61 -15.64
N GLU A 52 10.15 4.85 -15.21
CA GLU A 52 10.58 5.20 -13.86
C GLU A 52 9.56 6.10 -13.19
N ALA A 53 8.99 5.58 -12.10
CA ALA A 53 7.87 6.10 -11.33
C ALA A 53 8.17 5.99 -9.84
N ASP A 54 7.47 6.73 -8.99
CA ASP A 54 7.90 6.90 -7.61
C ASP A 54 7.34 5.84 -6.72
N ILE A 55 6.25 5.21 -7.10
CA ILE A 55 5.61 4.14 -6.37
C ILE A 55 5.59 2.89 -7.24
N MET A 56 6.76 2.28 -7.19
CA MET A 56 6.99 0.96 -7.80
C MET A 56 6.55 -0.08 -6.80
N ILE A 57 5.71 -1.01 -7.26
CA ILE A 57 5.26 -2.16 -6.47
C ILE A 57 5.77 -3.44 -7.12
N SER A 58 6.32 -4.34 -6.32
CA SER A 58 6.65 -5.70 -6.77
C SER A 58 6.69 -6.69 -5.59
N PHE A 59 6.37 -7.96 -5.88
CA PHE A 59 6.40 -9.05 -4.91
C PHE A 59 7.76 -9.75 -4.97
N GLU A 60 8.44 -9.79 -3.84
CA GLU A 60 9.80 -10.32 -3.68
C GLU A 60 9.83 -11.47 -2.69
N ASN A 61 10.99 -12.12 -2.59
CA ASN A 61 11.26 -13.20 -1.63
C ASN A 61 12.11 -12.70 -0.43
N GLY A 62 12.72 -13.62 0.35
CA GLY A 62 13.53 -13.29 1.53
C GLY A 62 14.79 -12.49 1.19
N ASP A 63 14.90 -11.33 1.84
CA ASP A 63 16.04 -10.40 1.81
C ASP A 63 16.09 -9.58 0.50
N HIS A 64 15.08 -8.71 0.30
CA HIS A 64 14.96 -7.89 -0.92
C HIS A 64 15.96 -6.69 -1.01
N GLY A 65 17.10 -6.78 -0.32
CA GLY A 65 18.17 -5.80 -0.28
C GLY A 65 17.81 -4.52 0.46
N ASP A 66 17.48 -4.60 1.76
CA ASP A 66 16.97 -3.45 2.52
C ASP A 66 17.13 -3.70 4.05
N SER A 67 17.22 -2.63 4.86
CA SER A 67 17.27 -2.72 6.33
C SER A 67 16.03 -3.38 6.96
N TYR A 68 14.99 -3.62 6.15
CA TYR A 68 13.76 -4.34 6.51
C TYR A 68 13.44 -5.37 5.41
N PRO A 69 13.94 -6.61 5.55
CA PRO A 69 13.60 -7.74 4.67
C PRO A 69 12.21 -8.31 5.03
N PHE A 70 11.93 -9.55 4.63
CA PHE A 70 10.75 -10.29 5.12
C PHE A 70 11.12 -11.38 6.16
N ASP A 71 10.32 -12.45 6.29
CA ASP A 71 10.34 -13.36 7.45
C ASP A 71 9.55 -14.66 7.24
N GLY A 72 9.55 -15.23 6.03
CA GLY A 72 8.83 -16.50 5.76
C GLY A 72 7.31 -16.35 5.96
N PRO A 73 6.55 -17.42 6.25
CA PRO A 73 5.07 -17.44 6.24
C PRO A 73 4.31 -16.65 7.29
N ARG A 74 4.95 -15.73 8.02
CA ARG A 74 4.36 -14.99 9.10
C ARG A 74 4.79 -13.53 9.22
N GLY A 75 4.40 -12.97 10.36
CA GLY A 75 4.79 -11.63 10.83
C GLY A 75 4.58 -10.54 9.80
N THR A 76 5.66 -9.98 9.27
CA THR A 76 5.65 -8.94 8.23
C THR A 76 5.00 -9.49 6.97
N LEU A 77 3.75 -9.10 6.74
CA LEU A 77 3.02 -9.36 5.50
C LEU A 77 3.36 -8.37 4.41
N ALA A 78 3.59 -7.11 4.78
CA ALA A 78 3.88 -6.06 3.82
C ALA A 78 4.84 -5.02 4.39
N HIS A 79 5.42 -4.18 3.53
CA HIS A 79 6.17 -3.00 3.94
C HIS A 79 6.37 -2.05 2.75
N ALA A 80 6.06 -0.80 2.98
CA ALA A 80 6.35 0.34 2.15
C ALA A 80 7.39 1.26 2.79
N PHE A 81 8.07 2.03 1.94
CA PHE A 81 8.92 3.13 2.36
C PHE A 81 8.09 4.34 2.80
N ALA A 82 8.75 5.29 3.47
CA ALA A 82 8.21 6.62 3.69
C ALA A 82 8.38 7.45 2.38
N PRO A 83 7.70 8.60 2.25
CA PRO A 83 8.00 9.57 1.21
C PRO A 83 9.45 10.03 1.30
N GLY A 84 10.15 10.04 0.15
CA GLY A 84 11.56 10.43 0.06
C GLY A 84 11.99 10.81 -1.35
N GLU A 85 13.04 10.15 -1.84
CA GLU A 85 13.66 10.47 -3.14
C GLU A 85 14.06 9.25 -3.98
N GLY A 86 14.66 8.21 -3.38
CA GLY A 86 15.11 6.99 -4.11
C GLY A 86 14.08 5.87 -4.00
N LEU A 87 14.46 4.87 -3.18
CA LEU A 87 13.59 3.79 -2.68
C LEU A 87 12.29 4.31 -1.98
N GLY A 88 12.34 5.55 -1.51
CA GLY A 88 11.21 6.29 -0.92
C GLY A 88 9.92 6.08 -1.71
N GLY A 89 8.80 5.79 -1.05
CA GLY A 89 7.52 5.53 -1.73
C GLY A 89 7.44 4.19 -2.47
N ASP A 90 8.54 3.47 -2.73
CA ASP A 90 8.45 2.15 -3.36
C ASP A 90 8.00 1.13 -2.31
N THR A 91 7.15 0.17 -2.72
CA THR A 91 6.44 -0.76 -1.83
C THR A 91 6.80 -2.19 -2.16
N HIS A 92 7.10 -2.95 -1.11
CA HIS A 92 7.70 -4.29 -1.19
C HIS A 92 6.87 -5.34 -0.43
N PHE A 93 6.36 -6.36 -1.13
CA PHE A 93 5.46 -7.38 -0.57
C PHE A 93 6.11 -8.76 -0.54
N ASP A 94 5.76 -9.57 0.46
CA ASP A 94 6.28 -10.93 0.58
C ASP A 94 5.54 -11.95 -0.32
N ASN A 95 6.32 -12.74 -1.06
CA ASN A 95 5.86 -13.86 -1.89
C ASN A 95 5.84 -15.22 -1.14
N ALA A 96 6.37 -15.28 0.09
CA ALA A 96 6.33 -16.47 0.93
C ALA A 96 4.90 -16.87 1.36
N GLU A 97 3.95 -15.92 1.36
CA GLU A 97 2.56 -16.11 1.76
C GLU A 97 1.57 -16.04 0.60
N LYS A 98 0.48 -16.78 0.79
CA LYS A 98 -0.74 -16.74 -0.01
C LYS A 98 -1.53 -15.44 0.12
N TRP A 99 -1.96 -15.00 -1.04
CA TRP A 99 -2.73 -13.78 -1.25
C TRP A 99 -4.08 -14.14 -1.89
N THR A 100 -5.13 -14.21 -1.07
CA THR A 100 -6.49 -14.53 -1.50
C THR A 100 -7.41 -13.35 -1.25
N MET A 101 -8.50 -13.27 -1.99
CA MET A 101 -9.52 -12.24 -1.79
C MET A 101 -10.76 -12.77 -1.05
N GLY A 102 -10.66 -13.95 -0.43
CA GLY A 102 -11.65 -14.52 0.49
C GLY A 102 -11.19 -14.54 1.96
N THR A 103 -12.05 -15.09 2.85
CA THR A 103 -11.75 -15.30 4.27
C THR A 103 -10.95 -16.59 4.49
N ASN A 104 -9.63 -16.45 4.39
CA ASN A 104 -8.72 -17.57 4.61
C ASN A 104 -7.28 -17.12 4.89
N GLY A 105 -6.61 -16.67 3.83
CA GLY A 105 -5.20 -16.27 3.79
C GLY A 105 -5.06 -14.77 4.05
N PHE A 106 -3.97 -14.16 3.58
CA PHE A 106 -3.79 -12.71 3.66
C PHE A 106 -4.39 -12.04 2.42
N ASN A 107 -4.93 -10.83 2.58
CA ASN A 107 -5.78 -10.17 1.60
C ASN A 107 -5.16 -8.92 0.97
N LEU A 108 -4.89 -9.00 -0.35
CA LEU A 108 -4.10 -8.01 -1.08
C LEU A 108 -4.67 -6.60 -0.97
N PHE A 109 -5.85 -6.31 -1.54
CA PHE A 109 -6.48 -4.98 -1.46
C PHE A 109 -6.49 -4.44 -0.01
N THR A 110 -6.89 -5.30 0.94
CA THR A 110 -6.94 -4.99 2.37
C THR A 110 -5.57 -4.65 2.98
N VAL A 111 -4.45 -5.19 2.49
CA VAL A 111 -3.10 -4.69 2.89
C VAL A 111 -2.59 -3.54 1.99
N ALA A 112 -3.02 -3.45 0.72
CA ALA A 112 -2.51 -2.51 -0.27
C ALA A 112 -2.79 -1.06 0.15
N ALA A 113 -3.98 -0.80 0.69
CA ALA A 113 -4.33 0.54 1.18
C ALA A 113 -3.47 0.95 2.37
N HIS A 114 -3.29 0.07 3.36
CA HIS A 114 -2.40 0.32 4.50
C HIS A 114 -0.98 0.70 4.01
N GLU A 115 -0.31 -0.12 3.18
CA GLU A 115 1.03 0.17 2.70
C GLU A 115 1.15 1.38 1.77
N PHE A 116 0.13 1.71 0.98
CA PHE A 116 0.14 2.98 0.27
C PHE A 116 0.17 4.14 1.26
N GLY A 117 -0.58 4.06 2.37
CA GLY A 117 -0.60 4.98 3.50
C GLY A 117 0.77 5.42 4.02
N HIS A 118 1.75 4.52 3.99
CA HIS A 118 3.13 4.82 4.39
C HIS A 118 3.85 5.70 3.36
N ALA A 119 3.67 5.41 2.07
CA ALA A 119 4.35 6.11 0.98
C ALA A 119 3.87 7.56 0.87
N LEU A 120 2.73 7.86 1.47
CA LEU A 120 2.17 9.19 1.61
C LEU A 120 2.96 10.09 2.58
N GLY A 121 3.25 9.49 3.75
CA GLY A 121 3.82 10.08 4.99
C GLY A 121 3.44 9.42 6.32
N LEU A 122 2.41 8.57 6.33
CA LEU A 122 1.85 7.91 7.53
C LEU A 122 2.63 6.65 8.03
N ALA A 123 2.08 5.99 9.06
CA ALA A 123 2.62 4.80 9.74
C ALA A 123 1.52 4.13 10.60
N HIS A 124 1.82 3.00 11.27
CA HIS A 124 0.82 2.19 11.99
C HIS A 124 0.15 2.95 13.17
N SER A 125 -1.10 3.36 13.01
CA SER A 125 -1.73 4.33 13.94
C SER A 125 -1.90 3.78 15.36
N THR A 126 -2.77 2.76 15.55
CA THR A 126 -3.24 2.16 16.83
C THR A 126 -4.59 2.72 17.25
N ASP A 127 -5.20 3.59 16.45
CA ASP A 127 -6.58 4.01 16.67
C ASP A 127 -7.59 2.87 16.44
N PRO A 128 -8.63 2.75 17.30
CA PRO A 128 -9.68 1.75 17.17
C PRO A 128 -10.64 2.01 15.99
N SER A 129 -10.39 3.02 15.16
CA SER A 129 -11.17 3.43 13.99
C SER A 129 -10.24 3.64 12.75
N ALA A 130 -9.24 2.75 12.60
CA ALA A 130 -8.17 2.78 11.60
C ALA A 130 -8.06 1.54 10.66
N LEU A 131 -7.23 1.71 9.62
CA LEU A 131 -6.74 0.72 8.65
C LEU A 131 -5.26 0.43 8.88
N MET A 132 -4.50 1.46 9.25
CA MET A 132 -3.13 1.32 9.71
C MET A 132 -3.04 0.86 11.18
N TYR A 133 -4.14 0.51 11.87
CA TYR A 133 -3.99 -0.19 13.15
C TYR A 133 -2.92 -1.34 13.05
N PRO A 134 -1.86 -1.35 13.89
CA PRO A 134 -0.77 -2.31 13.77
C PRO A 134 -1.24 -3.72 14.14
N THR A 135 -1.43 -4.53 13.09
CA THR A 135 -1.84 -5.96 13.03
C THR A 135 -2.27 -6.29 11.61
N TYR A 136 -2.64 -7.54 11.36
CA TYR A 136 -3.38 -7.95 10.17
C TYR A 136 -4.86 -8.05 10.51
N LYS A 137 -5.72 -7.44 9.68
CA LYS A 137 -7.18 -7.51 9.84
C LYS A 137 -7.86 -7.74 8.49
N TYR A 138 -9.00 -8.42 8.52
CA TYR A 138 -9.82 -8.66 7.33
C TYR A 138 -10.94 -7.62 7.16
N LYS A 139 -10.79 -6.78 6.13
CA LYS A 139 -11.87 -5.96 5.59
C LYS A 139 -12.34 -6.69 4.31
N ASN A 140 -13.66 -6.79 4.11
CA ASN A 140 -14.31 -7.39 2.92
C ASN A 140 -13.91 -6.64 1.62
N PRO A 141 -13.37 -7.30 0.58
CA PRO A 141 -12.80 -6.62 -0.57
C PRO A 141 -13.82 -6.32 -1.70
N TYR A 142 -14.80 -5.45 -1.42
CA TYR A 142 -15.88 -5.05 -2.37
C TYR A 142 -15.89 -3.55 -2.73
N GLY A 143 -14.86 -2.79 -2.32
CA GLY A 143 -14.72 -1.35 -2.55
C GLY A 143 -14.82 -0.49 -1.28
N PHE A 144 -14.48 -1.06 -0.12
CA PHE A 144 -14.42 -0.35 1.16
C PHE A 144 -13.40 0.81 1.10
N HIS A 145 -13.73 1.95 1.71
CA HIS A 145 -12.77 3.03 1.93
C HIS A 145 -12.36 3.04 3.42
N LEU A 146 -11.28 3.75 3.78
CA LEU A 146 -10.73 3.74 5.13
C LEU A 146 -11.71 4.27 6.20
N PRO A 147 -11.74 3.65 7.40
CA PRO A 147 -12.77 3.88 8.42
C PRO A 147 -12.92 5.34 8.81
N LYS A 148 -11.87 5.96 9.32
CA LYS A 148 -11.85 7.36 9.77
C LYS A 148 -10.45 7.87 10.07
N ASP A 149 -9.71 7.17 10.93
CA ASP A 149 -8.44 7.66 11.47
C ASP A 149 -7.38 7.93 10.40
N ASP A 150 -7.45 7.16 9.31
CA ASP A 150 -6.49 7.26 8.23
C ASP A 150 -6.84 8.44 7.31
N VAL A 151 -8.11 8.88 7.31
CA VAL A 151 -8.62 10.04 6.56
C VAL A 151 -8.05 11.35 7.13
N LYS A 152 -8.20 11.55 8.45
CA LYS A 152 -7.54 12.64 9.17
C LYS A 152 -6.01 12.54 9.13
N GLY A 153 -5.44 11.37 8.79
CA GLY A 153 -4.01 11.20 8.52
C GLY A 153 -3.63 11.78 7.17
N ILE A 154 -4.14 11.27 6.06
CA ILE A 154 -3.74 11.74 4.72
C ILE A 154 -4.01 13.25 4.46
N GLN A 155 -5.03 13.85 5.08
CA GLN A 155 -5.28 15.29 4.96
C GLN A 155 -4.17 16.13 5.60
N ALA A 156 -3.44 15.56 6.56
CA ALA A 156 -2.29 16.24 7.19
C ALA A 156 -1.09 16.36 6.25
N LEU A 157 -1.15 15.69 5.09
CA LEU A 157 -0.09 15.61 4.10
C LEU A 157 -0.47 16.49 2.92
N TYR A 158 -1.61 16.19 2.28
CA TYR A 158 -2.08 16.89 1.07
C TYR A 158 -2.97 18.13 1.33
N GLY A 159 -3.60 18.29 2.51
CA GLY A 159 -4.25 19.55 2.94
C GLY A 159 -5.39 20.09 2.06
N PRO A 160 -6.66 19.69 2.29
CA PRO A 160 -7.85 20.17 1.59
C PRO A 160 -8.41 21.49 2.14
CA CA B . 6.01 -12.74 5.75
CA CA C . 10.37 5.56 -5.43
ZN ZN D . 11.92 -2.63 1.21
ZN ZN E . 2.73 -1.40 7.01
C1 NGH F . 1.22 -4.77 7.01
C2 NGH F . 0.08 -4.33 6.34
C3 NGH F . -1.18 -4.72 6.77
C4 NGH F . -1.29 -5.59 7.85
C5 NGH F . -0.15 -6.05 8.52
C6 NGH F . 1.09 -5.66 8.08
O1 NGH F . -2.29 -4.18 6.16
C7 NGH F . -3.63 -4.30 6.70
S1 NGH F . 2.53 -6.45 8.70
O2 NGH F . 3.42 -6.50 7.54
O3 NGH F . 2.22 -7.68 9.41
N NGH F . 3.28 -5.46 9.75
C9 NGH F . 2.53 -4.73 10.81
C10 NGH F . 4.46 -4.72 9.26
C11 NGH F . 4.11 -3.49 8.44
N1 NGH F . 5.08 -3.07 7.62
O4 NGH F . 5.04 -1.90 7.17
O5 NGH F . 3.08 -2.88 8.57
C12 NGH F . 2.85 -5.28 12.21
C13 NGH F . 2.10 -6.61 12.46
C14 NGH F . 2.47 -4.23 13.26
H1 NGH F . 2.20 -4.45 6.70
H2 NGH F . 0.20 -3.71 5.48
H4 NGH F . -2.24 -5.94 8.19
H5 NGH F . -0.23 -6.73 9.37
H71 NGH F . -3.95 -5.33 6.67
H72 NGH F . -4.31 -3.69 6.10
H73 NGH F . -3.63 -3.93 7.73
H91 NGH F . 1.44 -4.72 10.65
H92 NGH F . 2.80 -3.69 10.75
H101 NGH F . 5.10 -5.36 8.65
H102 NGH F . 5.05 -4.38 10.10
HN1 NGH F . 5.63 -3.78 7.14
H12 NGH F . 3.93 -5.47 12.30
H131 NGH F . 2.57 -7.42 11.90
H132 NGH F . 1.05 -6.53 12.14
H133 NGH F . 2.12 -6.88 13.52
H141 NGH F . 3.04 -3.31 13.10
H142 NGH F . 2.68 -4.58 14.27
H143 NGH F . 1.41 -4.00 13.19
N GLY A 1 12.10 22.68 2.75
CA GLY A 1 10.74 22.16 2.53
C GLY A 1 10.47 20.94 3.40
N GLU A 2 9.87 19.90 2.83
CA GLU A 2 9.27 18.78 3.55
C GLU A 2 9.08 17.60 2.58
N PRO A 3 9.25 16.34 3.03
CA PRO A 3 9.33 15.16 2.15
C PRO A 3 8.03 14.72 1.52
N LYS A 4 6.91 14.93 2.20
CA LYS A 4 5.61 14.57 1.64
C LYS A 4 5.31 15.31 0.33
N TRP A 5 4.33 14.78 -0.40
CA TRP A 5 4.09 15.24 -1.77
C TRP A 5 3.23 16.51 -1.81
N LYS A 6 3.56 17.42 -2.73
CA LYS A 6 2.86 18.70 -2.92
C LYS A 6 2.18 18.84 -4.30
N LYS A 7 2.25 17.80 -5.16
CA LYS A 7 1.63 17.86 -6.50
C LYS A 7 0.30 17.16 -6.66
N ASN A 8 0.03 16.23 -5.74
CA ASN A 8 -1.22 15.46 -5.62
C ASN A 8 -1.35 14.33 -6.69
N THR A 9 -0.75 14.51 -7.87
CA THR A 9 -0.59 13.51 -8.95
C THR A 9 0.67 12.64 -8.72
N LEU A 10 0.45 11.35 -8.47
CA LEU A 10 1.51 10.40 -8.13
C LEU A 10 1.61 9.21 -9.08
N THR A 11 2.87 8.88 -9.43
CA THR A 11 3.25 7.97 -10.50
C THR A 11 3.84 6.68 -9.95
N TYR A 12 3.30 5.56 -10.40
CA TYR A 12 3.69 4.21 -9.97
C TYR A 12 4.22 3.38 -11.12
N ARG A 13 4.98 2.34 -10.81
CA ARG A 13 5.39 1.31 -11.77
C ARG A 13 5.23 -0.08 -11.15
N ILE A 14 4.37 -0.91 -11.72
CA ILE A 14 4.35 -2.35 -11.39
C ILE A 14 5.61 -2.97 -11.98
N SER A 15 6.34 -3.74 -11.17
CA SER A 15 7.56 -4.43 -11.59
C SER A 15 7.47 -5.96 -11.43
N LYS A 16 6.55 -6.45 -10.61
CA LYS A 16 6.21 -7.86 -10.38
C LYS A 16 4.75 -8.00 -9.93
N TYR A 17 4.24 -9.22 -10.09
CA TYR A 17 3.02 -9.71 -9.46
C TYR A 17 3.30 -10.98 -8.63
N THR A 18 2.28 -11.43 -7.89
CA THR A 18 2.22 -12.73 -7.19
C THR A 18 1.40 -13.72 -8.02
N PRO A 19 1.73 -15.03 -8.07
CA PRO A 19 0.99 -16.04 -8.85
C PRO A 19 -0.34 -16.47 -8.20
N SER A 20 -0.55 -16.10 -6.94
CA SER A 20 -1.79 -16.36 -6.18
C SER A 20 -3.05 -15.69 -6.76
N MET A 21 -2.90 -14.65 -7.58
CA MET A 21 -3.98 -13.98 -8.29
C MET A 21 -3.58 -13.78 -9.75
N SER A 22 -4.56 -13.56 -10.63
CA SER A 22 -4.25 -13.07 -11.97
C SER A 22 -3.87 -11.58 -11.89
N SER A 23 -2.98 -11.11 -12.77
CA SER A 23 -2.46 -9.75 -12.78
C SER A 23 -3.57 -8.71 -12.78
N VAL A 24 -4.68 -8.98 -13.48
CA VAL A 24 -5.82 -8.06 -13.62
C VAL A 24 -6.64 -7.99 -12.33
N GLU A 25 -6.56 -9.02 -11.49
CA GLU A 25 -7.20 -9.09 -10.18
C GLU A 25 -6.36 -8.33 -9.17
N VAL A 26 -5.03 -8.36 -9.28
CA VAL A 26 -4.13 -7.51 -8.49
C VAL A 26 -4.40 -6.03 -8.84
N ASP A 27 -4.51 -5.71 -10.14
CA ASP A 27 -4.89 -4.39 -10.66
C ASP A 27 -6.27 -3.93 -10.15
N LYS A 28 -7.29 -4.80 -10.26
CA LYS A 28 -8.63 -4.54 -9.70
C LYS A 28 -8.63 -4.46 -8.15
N ALA A 29 -7.80 -5.24 -7.46
CA ALA A 29 -7.64 -5.14 -6.00
C ALA A 29 -7.05 -3.79 -5.59
N VAL A 30 -6.05 -3.27 -6.33
CA VAL A 30 -5.50 -1.95 -6.00
C VAL A 30 -6.44 -0.81 -6.33
N GLU A 31 -7.34 -0.92 -7.35
CA GLU A 31 -8.29 0.15 -7.68
C GLU A 31 -9.06 0.64 -6.45
N MET A 32 -9.37 -0.29 -5.54
CA MET A 32 -10.04 -0.03 -4.28
C MET A 32 -9.16 0.70 -3.26
N ALA A 33 -7.88 0.36 -3.16
CA ALA A 33 -6.94 1.01 -2.26
C ALA A 33 -6.64 2.46 -2.67
N LEU A 34 -6.64 2.72 -3.97
CA LEU A 34 -6.41 4.04 -4.54
C LEU A 34 -7.64 4.93 -4.29
N GLN A 35 -8.82 4.37 -4.52
CA GLN A 35 -10.11 5.01 -4.21
C GLN A 35 -10.28 5.35 -2.71
N ALA A 36 -9.74 4.54 -1.79
CA ALA A 36 -9.79 4.87 -0.37
C ALA A 36 -9.17 6.26 -0.07
N TRP A 37 -8.02 6.57 -0.69
CA TRP A 37 -7.31 7.83 -0.47
C TRP A 37 -7.81 8.98 -1.37
N SER A 38 -8.29 8.71 -2.59
CA SER A 38 -8.90 9.73 -3.44
C SER A 38 -10.29 10.18 -2.93
N SER A 39 -10.82 9.51 -1.91
CA SER A 39 -11.98 9.94 -1.12
C SER A 39 -11.54 10.89 -0.01
N ALA A 40 -10.42 10.57 0.66
CA ALA A 40 -9.90 11.31 1.79
C ALA A 40 -9.34 12.68 1.42
N VAL A 41 -8.88 12.84 0.16
CA VAL A 41 -8.26 14.09 -0.33
C VAL A 41 -8.22 14.20 -1.87
N PRO A 42 -8.10 15.43 -2.40
CA PRO A 42 -7.79 15.68 -3.79
C PRO A 42 -6.35 15.26 -4.05
N LEU A 43 -6.20 14.02 -4.50
CA LEU A 43 -5.00 13.41 -5.06
C LEU A 43 -5.36 12.43 -6.17
N SER A 44 -4.40 12.05 -7.00
CA SER A 44 -4.60 11.12 -8.10
C SER A 44 -3.40 10.18 -8.16
N PHE A 45 -3.66 8.89 -8.18
CA PHE A 45 -2.66 7.84 -8.34
C PHE A 45 -2.75 7.30 -9.76
N VAL A 46 -1.67 7.35 -10.53
CA VAL A 46 -1.61 6.78 -11.88
C VAL A 46 -0.48 5.75 -11.93
N ARG A 47 -0.75 4.59 -12.52
CA ARG A 47 0.23 3.55 -12.76
C ARG A 47 0.68 3.57 -14.22
N ILE A 48 1.98 3.82 -14.45
CA ILE A 48 2.59 3.83 -15.79
C ILE A 48 2.88 2.40 -16.29
N ASN A 49 2.73 2.17 -17.60
CA ASN A 49 3.07 0.87 -18.19
C ASN A 49 4.50 0.71 -18.72
N SER A 50 5.25 1.81 -18.92
CA SER A 50 6.60 1.76 -19.46
C SER A 50 7.43 2.89 -18.83
N GLY A 51 8.70 2.62 -18.51
CA GLY A 51 9.58 3.59 -17.85
C GLY A 51 9.58 3.49 -16.32
N GLU A 52 10.18 4.53 -15.76
CA GLU A 52 10.49 4.70 -14.34
C GLU A 52 9.63 5.82 -13.75
N ALA A 53 8.92 5.49 -12.68
CA ALA A 53 8.12 6.42 -11.89
C ALA A 53 8.52 6.39 -10.40
N ASP A 54 7.78 7.06 -9.50
CA ASP A 54 8.29 7.26 -8.15
C ASP A 54 7.77 6.23 -7.15
N ILE A 55 6.75 5.44 -7.50
CA ILE A 55 6.19 4.46 -6.58
C ILE A 55 6.20 3.06 -7.23
N MET A 56 7.28 2.31 -7.03
CA MET A 56 7.49 0.98 -7.56
C MET A 56 6.92 -0.08 -6.63
N ILE A 57 6.21 -1.07 -7.18
CA ILE A 57 5.71 -2.23 -6.41
C ILE A 57 6.25 -3.55 -6.96
N SER A 58 6.57 -4.48 -6.06
CA SER A 58 7.32 -5.71 -6.36
C SER A 58 7.00 -6.86 -5.37
N PHE A 59 7.37 -8.10 -5.74
CA PHE A 59 7.15 -9.32 -4.95
C PHE A 59 8.46 -10.12 -4.84
N GLU A 60 8.99 -10.11 -3.61
CA GLU A 60 10.33 -10.56 -3.20
C GLU A 60 10.23 -11.60 -2.06
N ASN A 61 11.34 -12.22 -1.67
CA ASN A 61 11.32 -13.35 -0.71
C ASN A 61 12.58 -13.36 0.19
N GLY A 62 12.36 -13.12 1.50
CA GLY A 62 13.43 -12.94 2.52
C GLY A 62 14.19 -11.63 2.29
N ASP A 63 15.53 -11.70 2.25
CA ASP A 63 16.38 -10.59 1.87
C ASP A 63 16.14 -10.18 0.42
N HIS A 64 16.16 -8.86 0.22
CA HIS A 64 15.89 -8.21 -1.07
C HIS A 64 16.51 -6.79 -1.14
N GLY A 65 17.56 -6.56 -0.33
CA GLY A 65 18.35 -5.33 -0.33
C GLY A 65 17.95 -4.25 0.67
N ASP A 66 17.56 -4.58 1.92
CA ASP A 66 17.39 -3.58 2.98
C ASP A 66 17.39 -4.17 4.41
N SER A 67 17.77 -3.34 5.39
CA SER A 67 17.75 -3.61 6.84
C SER A 67 16.34 -3.79 7.44
N TYR A 68 15.35 -4.16 6.63
CA TYR A 68 14.00 -4.58 7.01
C TYR A 68 13.51 -5.67 6.02
N PRO A 69 14.19 -6.85 6.02
CA PRO A 69 13.89 -7.97 5.12
C PRO A 69 12.57 -8.63 5.51
N PHE A 70 12.14 -9.65 4.75
CA PHE A 70 10.97 -10.47 5.10
C PHE A 70 11.25 -11.52 6.20
N ASP A 71 10.23 -12.32 6.51
CA ASP A 71 10.19 -13.18 7.69
C ASP A 71 9.56 -14.55 7.45
N GLY A 72 9.58 -15.03 6.21
CA GLY A 72 8.93 -16.28 5.82
C GLY A 72 7.40 -16.16 5.91
N PRO A 73 6.62 -17.24 6.00
CA PRO A 73 5.16 -17.16 6.11
C PRO A 73 4.73 -16.49 7.43
N ARG A 74 3.49 -15.98 7.45
CA ARG A 74 2.89 -15.24 8.57
C ARG A 74 3.57 -13.86 8.79
N GLY A 75 3.25 -13.24 9.92
CA GLY A 75 3.87 -12.03 10.48
C GLY A 75 3.68 -10.81 9.59
N THR A 76 4.81 -10.29 9.13
CA THR A 76 4.92 -9.15 8.20
C THR A 76 4.32 -9.54 6.88
N LEU A 77 3.11 -9.07 6.56
CA LEU A 77 2.48 -9.33 5.25
C LEU A 77 3.11 -8.48 4.16
N ALA A 78 3.36 -7.21 4.48
CA ALA A 78 3.95 -6.26 3.53
C ALA A 78 4.83 -5.21 4.20
N HIS A 79 5.57 -4.42 3.40
CA HIS A 79 6.28 -3.25 3.90
C HIS A 79 6.63 -2.21 2.82
N ALA A 80 6.51 -0.95 3.20
CA ALA A 80 6.68 0.19 2.31
C ALA A 80 7.64 1.24 2.86
N PHE A 81 8.29 1.98 1.95
CA PHE A 81 9.05 3.16 2.29
C PHE A 81 8.13 4.35 2.58
N ALA A 82 8.65 5.29 3.38
CA ALA A 82 8.07 6.62 3.60
C ALA A 82 8.12 7.44 2.29
N PRO A 83 7.43 8.59 2.15
CA PRO A 83 7.62 9.48 1.02
C PRO A 83 9.07 9.94 1.02
N GLY A 84 9.64 9.96 -0.18
CA GLY A 84 11.05 10.24 -0.38
C GLY A 84 11.51 9.94 -1.81
N GLU A 85 12.82 9.99 -1.93
CA GLU A 85 13.62 10.03 -3.16
C GLU A 85 13.77 8.65 -3.85
N GLY A 86 14.98 8.09 -3.82
CA GLY A 86 15.36 6.85 -4.51
C GLY A 86 14.38 5.72 -4.23
N LEU A 87 14.53 5.07 -3.07
CA LEU A 87 13.62 4.00 -2.59
C LEU A 87 12.35 4.53 -1.90
N GLY A 88 12.23 5.85 -1.70
CA GLY A 88 11.04 6.51 -1.14
C GLY A 88 9.74 6.14 -1.86
N GLY A 89 8.72 5.72 -1.10
CA GLY A 89 7.45 5.23 -1.60
C GLY A 89 7.50 3.85 -2.25
N ASP A 90 8.68 3.29 -2.55
CA ASP A 90 8.77 2.01 -3.23
C ASP A 90 8.47 0.89 -2.23
N THR A 91 7.54 0.02 -2.62
CA THR A 91 6.87 -0.91 -1.71
C THR A 91 7.07 -2.36 -2.08
N HIS A 92 7.43 -3.14 -1.06
CA HIS A 92 7.82 -4.54 -1.17
C HIS A 92 6.72 -5.42 -0.52
N PHE A 93 6.22 -6.44 -1.23
CA PHE A 93 5.21 -7.39 -0.74
C PHE A 93 5.80 -8.81 -0.58
N ASP A 94 5.45 -9.54 0.47
CA ASP A 94 6.00 -10.87 0.70
C ASP A 94 5.43 -11.98 -0.20
N ASN A 95 6.30 -12.66 -0.97
CA ASN A 95 5.94 -13.85 -1.75
C ASN A 95 5.83 -15.14 -0.91
N ALA A 96 6.33 -15.17 0.33
CA ALA A 96 6.40 -16.37 1.19
C ALA A 96 5.05 -16.84 1.75
N GLU A 97 3.95 -16.12 1.48
CA GLU A 97 2.58 -16.38 1.87
C GLU A 97 1.65 -16.11 0.68
N LYS A 98 0.40 -16.54 0.84
CA LYS A 98 -0.59 -16.63 -0.22
C LYS A 98 -1.62 -15.53 -0.14
N TRP A 99 -1.96 -15.10 -1.34
CA TRP A 99 -2.77 -13.92 -1.61
C TRP A 99 -4.13 -14.29 -2.19
N THR A 100 -5.13 -13.48 -1.83
CA THR A 100 -6.54 -13.64 -2.24
C THR A 100 -7.27 -12.31 -2.11
N MET A 101 -8.55 -12.32 -2.51
CA MET A 101 -9.55 -11.28 -2.27
C MET A 101 -10.77 -11.89 -1.53
N GLY A 102 -10.57 -13.03 -0.86
CA GLY A 102 -11.59 -13.78 -0.10
C GLY A 102 -11.40 -13.69 1.42
N THR A 103 -11.08 -14.82 2.06
CA THR A 103 -10.96 -14.96 3.52
C THR A 103 -9.82 -15.87 3.96
N ASN A 104 -9.67 -17.03 3.31
CA ASN A 104 -8.78 -18.11 3.76
C ASN A 104 -7.29 -17.73 3.62
N GLY A 105 -6.94 -17.25 2.43
CA GLY A 105 -5.64 -16.58 2.16
C GLY A 105 -5.58 -15.16 2.75
N PHE A 106 -4.55 -14.38 2.43
CA PHE A 106 -4.43 -12.99 2.91
C PHE A 106 -5.01 -11.98 1.89
N ASN A 107 -5.75 -10.98 2.39
CA ASN A 107 -6.52 -10.03 1.59
C ASN A 107 -5.64 -8.91 0.99
N LEU A 108 -5.36 -9.01 -0.30
CA LEU A 108 -4.41 -8.12 -0.97
C LEU A 108 -4.82 -6.66 -0.82
N PHE A 109 -6.07 -6.30 -1.12
CA PHE A 109 -6.62 -4.94 -0.94
C PHE A 109 -6.38 -4.36 0.47
N THR A 110 -6.79 -5.08 1.53
CA THR A 110 -6.62 -4.67 2.95
C THR A 110 -5.15 -4.39 3.30
N VAL A 111 -4.23 -5.23 2.80
CA VAL A 111 -2.78 -5.02 2.94
C VAL A 111 -2.25 -3.85 2.06
N ALA A 112 -2.74 -3.73 0.82
CA ALA A 112 -2.33 -2.72 -0.16
C ALA A 112 -2.55 -1.30 0.36
N ALA A 113 -3.77 -1.01 0.83
CA ALA A 113 -4.15 0.36 1.23
C ALA A 113 -3.36 0.86 2.46
N HIS A 114 -3.09 -0.02 3.43
CA HIS A 114 -2.18 0.25 4.54
C HIS A 114 -0.77 0.61 4.01
N GLU A 115 -0.11 -0.25 3.22
CA GLU A 115 1.25 0.01 2.76
C GLU A 115 1.35 1.15 1.73
N PHE A 116 0.28 1.49 1.02
CA PHE A 116 0.21 2.73 0.23
C PHE A 116 0.29 3.92 1.18
N GLY A 117 -0.43 3.87 2.30
CA GLY A 117 -0.39 4.82 3.41
C GLY A 117 1.00 5.31 3.82
N HIS A 118 1.99 4.41 3.76
CA HIS A 118 3.37 4.74 4.10
C HIS A 118 4.01 5.66 3.07
N ALA A 119 3.78 5.36 1.78
CA ALA A 119 4.38 6.06 0.66
C ALA A 119 3.83 7.49 0.53
N LEU A 120 2.76 7.80 1.25
CA LEU A 120 2.16 9.12 1.37
C LEU A 120 2.93 10.04 2.33
N GLY A 121 3.22 9.49 3.52
CA GLY A 121 3.73 10.15 4.73
C GLY A 121 3.42 9.42 6.04
N LEU A 122 2.49 8.46 6.05
CA LEU A 122 1.97 7.84 7.29
C LEU A 122 2.77 6.64 7.83
N ALA A 123 2.27 6.10 8.95
CA ALA A 123 2.74 4.93 9.69
C ALA A 123 1.59 4.37 10.54
N HIS A 124 1.83 3.48 11.49
CA HIS A 124 0.77 2.71 12.16
C HIS A 124 0.02 3.45 13.27
N SER A 125 -1.29 3.40 13.14
CA SER A 125 -2.29 4.13 13.89
C SER A 125 -3.03 3.13 14.80
N THR A 126 -2.61 3.03 16.07
CA THR A 126 -2.96 2.01 17.10
C THR A 126 -4.40 2.02 17.64
N ASP A 127 -5.35 2.41 16.78
CA ASP A 127 -6.74 2.73 16.99
C ASP A 127 -7.75 1.60 16.77
N PRO A 128 -8.85 1.50 17.53
CA PRO A 128 -9.90 0.49 17.37
C PRO A 128 -10.74 0.67 16.08
N SER A 129 -10.47 1.66 15.23
CA SER A 129 -11.09 1.86 13.91
C SER A 129 -10.14 2.71 13.03
N ALA A 130 -9.00 2.11 12.67
CA ALA A 130 -8.01 2.61 11.71
C ALA A 130 -7.74 1.58 10.59
N LEU A 131 -7.14 1.98 9.48
CA LEU A 131 -6.66 1.07 8.41
C LEU A 131 -5.17 0.77 8.54
N MET A 132 -4.38 1.78 8.96
CA MET A 132 -2.98 1.60 9.33
C MET A 132 -2.80 1.03 10.74
N TYR A 133 -3.89 0.52 11.34
CA TYR A 133 -3.73 -0.31 12.54
C TYR A 133 -2.55 -1.31 12.45
N PRO A 134 -1.61 -1.36 13.42
CA PRO A 134 -0.50 -2.31 13.40
C PRO A 134 -1.00 -3.69 13.83
N THR A 135 -1.42 -4.48 12.82
CA THR A 135 -1.82 -5.92 12.81
C THR A 135 -2.71 -6.21 11.60
N TYR A 136 -2.90 -7.50 11.28
CA TYR A 136 -3.93 -7.96 10.34
C TYR A 136 -5.34 -7.87 10.94
N LYS A 137 -5.94 -6.69 10.80
CA LYS A 137 -7.36 -6.45 11.07
C LYS A 137 -8.15 -6.66 9.78
N TYR A 138 -9.32 -7.24 9.92
CA TYR A 138 -10.17 -7.65 8.80
C TYR A 138 -11.08 -6.50 8.35
N LYS A 139 -11.07 -6.27 7.03
CA LYS A 139 -12.01 -5.40 6.32
C LYS A 139 -12.58 -6.20 5.14
N ASN A 140 -13.91 -6.23 5.06
CA ASN A 140 -14.69 -6.85 3.96
C ASN A 140 -14.22 -6.31 2.59
N PRO A 141 -13.65 -7.15 1.70
CA PRO A 141 -13.07 -6.69 0.44
C PRO A 141 -14.14 -6.55 -0.67
N TYR A 142 -15.12 -5.66 -0.44
CA TYR A 142 -16.30 -5.44 -1.26
C TYR A 142 -16.47 -3.98 -1.70
N GLY A 143 -15.38 -3.19 -1.72
CA GLY A 143 -15.42 -1.74 -1.98
C GLY A 143 -15.66 -0.90 -0.73
N PHE A 144 -15.00 -1.26 0.39
CA PHE A 144 -14.94 -0.42 1.60
C PHE A 144 -13.98 0.79 1.39
N HIS A 145 -13.89 1.72 2.35
CA HIS A 145 -12.85 2.77 2.36
C HIS A 145 -12.29 2.97 3.79
N LEU A 146 -11.37 3.93 4.02
CA LEU A 146 -10.77 4.11 5.35
C LEU A 146 -11.74 4.63 6.41
N PRO A 147 -11.69 4.13 7.66
CA PRO A 147 -12.71 4.39 8.69
C PRO A 147 -12.95 5.88 8.97
N LYS A 148 -11.93 6.59 9.47
CA LYS A 148 -11.97 8.03 9.81
C LYS A 148 -10.62 8.57 10.23
N ASP A 149 -9.89 7.81 11.04
CA ASP A 149 -8.51 8.11 11.52
C ASP A 149 -7.56 8.41 10.34
N ASP A 150 -7.58 7.53 9.34
CA ASP A 150 -6.57 7.59 8.29
C ASP A 150 -6.84 8.79 7.38
N VAL A 151 -8.08 9.32 7.42
CA VAL A 151 -8.50 10.53 6.72
C VAL A 151 -7.83 11.77 7.34
N LYS A 152 -7.85 11.93 8.68
CA LYS A 152 -7.08 13.00 9.32
C LYS A 152 -5.58 12.87 9.03
N GLY A 153 -5.07 11.64 8.82
CA GLY A 153 -3.67 11.38 8.48
C GLY A 153 -3.34 11.87 7.07
N ILE A 154 -4.02 11.39 6.02
CA ILE A 154 -3.63 11.79 4.67
C ILE A 154 -3.82 13.29 4.38
N GLN A 155 -4.85 13.95 4.94
CA GLN A 155 -4.99 15.37 4.69
C GLN A 155 -3.87 16.19 5.31
N ALA A 156 -3.14 15.67 6.30
CA ALA A 156 -1.98 16.39 6.87
C ALA A 156 -0.81 16.51 5.87
N LEU A 157 -0.83 15.71 4.81
CA LEU A 157 0.22 15.58 3.82
C LEU A 157 -0.15 16.40 2.58
N TYR A 158 -1.36 16.19 2.04
CA TYR A 158 -1.82 16.85 0.80
C TYR A 158 -2.64 18.14 1.02
N GLY A 159 -3.16 18.38 2.23
CA GLY A 159 -3.85 19.64 2.55
C GLY A 159 -2.97 20.91 2.46
N PRO A 160 -1.68 20.91 2.90
CA PRO A 160 -0.78 22.06 2.78
C PRO A 160 0.14 21.99 1.54
CA CA B . 5.63 -12.71 5.74
CA CA C . 10.91 6.36 -5.37
ZN ZN D . 12.28 -4.14 1.73
ZN ZN E . 3.17 -1.32 7.22
C1 NGH F . 0.60 -5.01 7.10
C2 NGH F . -0.68 -4.91 6.57
C3 NGH F . -1.72 -5.68 7.10
C4 NGH F . -1.44 -6.60 8.09
C5 NGH F . -0.16 -6.75 8.60
C6 NGH F . 0.85 -5.93 8.12
O1 NGH F . -3.02 -5.52 6.67
C7 NGH F . -3.62 -4.21 6.76
S1 NGH F . 2.52 -6.14 8.60
O2 NGH F . 3.13 -6.43 7.31
O3 NGH F . 2.70 -7.03 9.73
N NGH F . 3.03 -4.64 8.96
C9 NGH F . 2.46 -3.95 10.15
C10 NGH F . 4.45 -4.34 8.69
C11 NGH F . 4.73 -2.95 8.25
N1 NGH F . 5.22 -2.78 7.04
O4 NGH F . 5.59 -1.64 6.73
O5 NGH F . 4.62 -1.96 8.95
C12 NGH F . 3.06 -4.47 11.47
C13 NGH F . 2.03 -5.31 12.27
C14 NGH F . 3.57 -3.30 12.32
H1 NGH F . 1.41 -4.40 6.70
H2 NGH F . -0.81 -4.30 5.68
H4 NGH F . -2.22 -7.24 8.43
H5 NGH F . 0.08 -7.50 9.36
H71 NGH F . -3.56 -3.85 7.79
H72 NGH F . -4.67 -4.28 6.46
H73 NGH F . -3.09 -3.53 6.09
H91 NGH F . 1.37 -3.99 10.21
H92 NGH F . 2.67 -2.88 10.03
H101 NGH F . 4.82 -4.97 7.89
H102 NGH F . 5.07 -4.56 9.56
HN1 NGH F . 5.13 -3.52 6.33
H12 NGH F . 3.92 -5.14 11.28
H131 NGH F . 1.55 -6.04 11.63
H132 NGH F . 1.28 -4.67 12.70
H133 NGH F . 2.54 -5.86 13.08
H141 NGH F . 4.45 -2.85 11.85
H142 NGH F . 3.85 -3.64 13.32
H143 NGH F . 2.80 -2.53 12.42
N GLY A 1 12.61 17.81 6.94
CA GLY A 1 12.19 18.88 6.01
C GLY A 1 11.26 18.34 4.94
N GLU A 2 9.98 18.19 5.31
CA GLU A 2 8.81 17.75 4.55
C GLU A 2 9.10 16.68 3.48
N PRO A 3 9.33 15.43 3.92
CA PRO A 3 9.57 14.29 3.02
C PRO A 3 8.29 13.82 2.31
N LYS A 4 7.10 14.24 2.75
CA LYS A 4 5.85 14.00 2.01
C LYS A 4 5.79 14.83 0.71
N TRP A 5 4.83 14.45 -0.14
CA TRP A 5 4.76 14.93 -1.52
C TRP A 5 4.28 16.38 -1.70
N LYS A 6 4.85 17.02 -2.72
CA LYS A 6 4.47 18.35 -3.19
C LYS A 6 3.26 18.32 -4.15
N LYS A 7 3.12 17.23 -4.90
CA LYS A 7 2.06 17.09 -5.90
C LYS A 7 0.96 16.14 -5.41
N ASN A 8 -0.19 16.18 -6.09
CA ASN A 8 -1.34 15.31 -5.83
C ASN A 8 -1.46 14.14 -6.82
N THR A 9 -0.90 14.29 -8.01
CA THR A 9 -0.81 13.29 -9.09
C THR A 9 0.41 12.42 -8.91
N LEU A 10 0.21 11.27 -8.26
CA LEU A 10 1.24 10.27 -8.04
C LEU A 10 1.27 9.27 -9.18
N THR A 11 2.43 8.67 -9.38
CA THR A 11 2.67 7.68 -10.43
C THR A 11 2.92 6.33 -9.80
N TYR A 12 2.39 5.26 -10.42
CA TYR A 12 2.77 3.90 -10.03
C TYR A 12 3.08 2.98 -11.20
N ARG A 13 3.98 2.01 -10.96
CA ARG A 13 4.40 1.00 -11.95
C ARG A 13 4.52 -0.37 -11.28
N ILE A 14 3.90 -1.40 -11.85
CA ILE A 14 4.02 -2.79 -11.37
C ILE A 14 5.20 -3.42 -12.11
N SER A 15 6.23 -3.86 -11.39
CA SER A 15 7.29 -4.66 -12.01
C SER A 15 7.10 -6.14 -11.69
N LYS A 16 6.39 -6.48 -10.62
CA LYS A 16 6.13 -7.84 -10.22
C LYS A 16 4.76 -7.98 -9.57
N TYR A 17 3.98 -8.92 -10.09
CA TYR A 17 2.75 -9.43 -9.48
C TYR A 17 3.07 -10.63 -8.55
N THR A 18 2.06 -11.21 -7.89
CA THR A 18 2.18 -12.40 -7.02
C THR A 18 1.59 -13.63 -7.74
N PRO A 19 2.23 -14.82 -7.69
CA PRO A 19 1.87 -15.98 -8.51
C PRO A 19 0.55 -16.65 -8.12
N SER A 20 0.12 -16.48 -6.86
CA SER A 20 -1.23 -16.89 -6.40
C SER A 20 -2.38 -16.20 -7.16
N MET A 21 -2.15 -15.11 -7.90
CA MET A 21 -3.20 -14.32 -8.55
C MET A 21 -2.97 -14.12 -10.07
N SER A 22 -3.99 -13.60 -10.75
CA SER A 22 -3.94 -13.30 -12.19
C SER A 22 -3.78 -11.81 -12.37
N SER A 23 -2.82 -11.37 -13.20
CA SER A 23 -2.33 -9.98 -13.33
C SER A 23 -3.42 -8.92 -13.23
N VAL A 24 -4.56 -9.18 -13.86
CA VAL A 24 -5.65 -8.21 -13.97
C VAL A 24 -6.46 -8.09 -12.66
N GLU A 25 -6.67 -9.21 -11.97
CA GLU A 25 -7.43 -9.31 -10.72
C GLU A 25 -6.70 -8.61 -9.56
N VAL A 26 -5.37 -8.69 -9.62
CA VAL A 26 -4.46 -7.98 -8.73
C VAL A 26 -4.31 -6.49 -9.10
N ASP A 27 -4.37 -6.15 -10.39
CA ASP A 27 -4.57 -4.75 -10.85
C ASP A 27 -5.90 -4.20 -10.25
N LYS A 28 -7.00 -4.98 -10.24
CA LYS A 28 -8.22 -4.59 -9.51
C LYS A 28 -7.94 -4.42 -8.02
N ALA A 29 -7.29 -5.41 -7.39
CA ALA A 29 -7.04 -5.45 -5.96
C ALA A 29 -6.28 -4.21 -5.45
N VAL A 30 -5.33 -3.68 -6.21
CA VAL A 30 -4.67 -2.40 -5.86
C VAL A 30 -5.56 -1.18 -6.08
N GLU A 31 -6.43 -1.17 -7.11
CA GLU A 31 -7.34 -0.07 -7.47
C GLU A 31 -8.15 0.43 -6.27
N MET A 32 -8.77 -0.50 -5.55
CA MET A 32 -9.59 -0.21 -4.37
C MET A 32 -8.79 0.56 -3.29
N ALA A 33 -7.48 0.31 -3.19
CA ALA A 33 -6.58 1.03 -2.32
C ALA A 33 -6.27 2.46 -2.80
N LEU A 34 -5.96 2.65 -4.10
CA LEU A 34 -5.77 3.98 -4.70
C LEU A 34 -6.98 4.87 -4.44
N GLN A 35 -8.17 4.28 -4.64
CA GLN A 35 -9.43 4.99 -4.63
C GLN A 35 -9.78 5.49 -3.23
N ALA A 36 -9.47 4.75 -2.16
CA ALA A 36 -9.77 5.13 -0.79
C ALA A 36 -9.09 6.46 -0.38
N TRP A 37 -7.80 6.60 -0.68
CA TRP A 37 -7.07 7.85 -0.45
C TRP A 37 -7.55 8.98 -1.35
N SER A 38 -7.95 8.64 -2.58
CA SER A 38 -8.47 9.62 -3.54
C SER A 38 -9.91 10.07 -3.19
N SER A 39 -10.46 9.57 -2.07
CA SER A 39 -11.67 10.06 -1.41
C SER A 39 -11.36 10.97 -0.22
N ALA A 40 -10.25 10.75 0.52
CA ALA A 40 -9.86 11.63 1.63
C ALA A 40 -9.26 12.98 1.20
N VAL A 41 -8.62 12.97 0.03
CA VAL A 41 -7.87 14.13 -0.48
C VAL A 41 -8.00 14.21 -2.01
N PRO A 42 -7.73 15.39 -2.60
CA PRO A 42 -7.73 15.65 -4.04
C PRO A 42 -6.63 14.90 -4.84
N LEU A 43 -6.01 13.87 -4.26
CA LEU A 43 -4.94 13.10 -4.91
C LEU A 43 -5.46 12.03 -5.86
N SER A 44 -4.55 11.57 -6.71
CA SER A 44 -4.76 10.47 -7.63
C SER A 44 -3.46 9.67 -7.79
N PHE A 45 -3.59 8.37 -8.07
CA PHE A 45 -2.49 7.49 -8.47
C PHE A 45 -2.69 7.08 -9.93
N VAL A 46 -1.85 7.55 -10.85
CA VAL A 46 -1.91 7.20 -12.28
C VAL A 46 -0.89 6.13 -12.60
N ARG A 47 -1.33 5.07 -13.25
CA ARG A 47 -0.42 4.00 -13.66
C ARG A 47 0.44 4.39 -14.87
N ILE A 48 1.71 3.98 -14.88
CA ILE A 48 2.62 4.13 -16.02
C ILE A 48 3.09 2.74 -16.51
N ASN A 49 3.37 2.59 -17.81
CA ASN A 49 4.02 1.39 -18.40
C ASN A 49 5.44 1.66 -18.93
N SER A 50 5.91 2.91 -18.86
CA SER A 50 7.24 3.36 -19.32
C SER A 50 7.85 4.30 -18.27
N GLY A 51 9.17 4.27 -18.02
CA GLY A 51 9.81 5.20 -17.09
C GLY A 51 9.71 4.82 -15.61
N GLU A 52 10.26 5.73 -14.81
CA GLU A 52 10.23 5.65 -13.34
C GLU A 52 9.03 6.39 -12.72
N ALA A 53 8.44 5.72 -11.71
CA ALA A 53 7.40 6.18 -10.81
C ALA A 53 7.85 6.57 -9.38
N ASP A 54 6.95 7.28 -8.70
CA ASP A 54 7.01 7.63 -7.29
C ASP A 54 6.93 6.34 -6.48
N ILE A 55 5.99 5.47 -6.86
CA ILE A 55 5.66 4.19 -6.22
C ILE A 55 5.84 3.01 -7.18
N MET A 56 6.79 2.10 -6.90
CA MET A 56 6.94 0.84 -7.60
C MET A 56 6.54 -0.32 -6.67
N ILE A 57 5.87 -1.33 -7.24
CA ILE A 57 5.36 -2.50 -6.49
C ILE A 57 5.91 -3.85 -6.99
N SER A 58 6.13 -4.75 -6.03
CA SER A 58 6.77 -6.04 -6.27
C SER A 58 6.59 -7.04 -5.10
N PHE A 59 6.61 -8.34 -5.44
CA PHE A 59 6.54 -9.46 -4.49
C PHE A 59 7.92 -10.12 -4.45
N GLU A 60 8.60 -10.02 -3.31
CA GLU A 60 10.03 -10.34 -3.17
C GLU A 60 10.24 -11.29 -1.97
N ASN A 61 11.19 -12.23 -2.02
CA ASN A 61 11.31 -13.29 -0.98
C ASN A 61 12.47 -13.06 0.03
N GLY A 62 12.10 -12.69 1.26
CA GLY A 62 12.99 -12.43 2.40
C GLY A 62 13.94 -11.24 2.11
N ASP A 63 15.18 -11.54 1.79
CA ASP A 63 16.25 -10.55 1.61
C ASP A 63 16.25 -10.00 0.18
N HIS A 64 15.81 -8.74 0.04
CA HIS A 64 15.53 -8.03 -1.20
C HIS A 64 16.32 -6.70 -1.28
N GLY A 65 17.34 -6.54 -0.43
CA GLY A 65 18.16 -5.33 -0.29
C GLY A 65 17.50 -4.27 0.58
N ASP A 66 17.72 -4.38 1.90
CA ASP A 66 17.19 -3.52 2.98
C ASP A 66 17.59 -4.10 4.37
N SER A 67 17.84 -3.25 5.39
CA SER A 67 17.96 -3.69 6.80
C SER A 67 16.57 -3.91 7.42
N TYR A 68 15.60 -4.27 6.60
CA TYR A 68 14.26 -4.74 6.95
C TYR A 68 13.83 -5.72 5.85
N PRO A 69 14.34 -6.98 5.87
CA PRO A 69 13.84 -8.06 5.03
C PRO A 69 12.44 -8.51 5.51
N PHE A 70 12.00 -9.68 5.05
CA PHE A 70 10.82 -10.36 5.57
C PHE A 70 11.19 -11.46 6.59
N ASP A 71 10.23 -12.32 6.94
CA ASP A 71 10.28 -13.25 8.08
C ASP A 71 9.67 -14.66 7.83
N GLY A 72 9.49 -15.04 6.56
CA GLY A 72 8.89 -16.33 6.17
C GLY A 72 7.38 -16.35 6.43
N PRO A 73 6.76 -17.46 6.85
CA PRO A 73 5.30 -17.51 7.04
C PRO A 73 4.85 -16.91 8.38
N ARG A 74 3.82 -16.05 8.33
CA ARG A 74 3.27 -15.20 9.40
C ARG A 74 4.20 -14.01 9.77
N GLY A 75 3.84 -13.27 10.81
CA GLY A 75 4.55 -12.07 11.24
C GLY A 75 4.18 -10.91 10.34
N THR A 76 5.19 -10.27 9.76
CA THR A 76 5.07 -9.18 8.78
C THR A 76 4.45 -9.71 7.51
N LEU A 77 3.28 -9.20 7.15
CA LEU A 77 2.61 -9.46 5.86
C LEU A 77 3.10 -8.53 4.74
N ALA A 78 3.27 -7.25 5.09
CA ALA A 78 3.46 -6.17 4.14
C ALA A 78 4.49 -5.14 4.64
N HIS A 79 5.06 -4.33 3.74
CA HIS A 79 6.18 -3.45 4.02
C HIS A 79 6.42 -2.42 2.90
N ALA A 80 6.11 -1.17 3.21
CA ALA A 80 6.25 -0.04 2.30
C ALA A 80 7.21 1.03 2.82
N PHE A 81 7.82 1.75 1.87
CA PHE A 81 8.74 2.85 2.14
C PHE A 81 7.99 4.15 2.43
N ALA A 82 8.65 5.00 3.23
CA ALA A 82 8.23 6.39 3.45
C ALA A 82 8.29 7.16 2.11
N PRO A 83 7.62 8.30 1.95
CA PRO A 83 7.79 9.16 0.79
C PRO A 83 9.24 9.66 0.68
N GLY A 84 9.74 9.71 -0.55
CA GLY A 84 11.11 10.11 -0.88
C GLY A 84 11.29 10.16 -2.39
N GLU A 85 12.36 9.53 -2.89
CA GLU A 85 12.67 9.45 -4.32
C GLU A 85 12.85 7.98 -4.78
N GLY A 86 14.08 7.47 -4.73
CA GLY A 86 14.51 6.18 -5.32
C GLY A 86 13.73 5.00 -4.75
N LEU A 87 14.07 4.54 -3.54
CA LEU A 87 13.30 3.54 -2.77
C LEU A 87 12.03 4.13 -2.16
N GLY A 88 12.09 5.40 -1.75
CA GLY A 88 10.97 6.15 -1.20
C GLY A 88 9.71 6.07 -2.03
N GLY A 89 8.58 5.83 -1.38
CA GLY A 89 7.28 5.61 -1.99
C GLY A 89 7.05 4.20 -2.50
N ASP A 90 8.08 3.33 -2.50
CA ASP A 90 7.94 1.98 -3.09
C ASP A 90 7.46 0.94 -2.07
N THR A 91 6.63 0.00 -2.54
CA THR A 91 5.90 -0.95 -1.72
C THR A 91 6.33 -2.37 -2.07
N HIS A 92 6.61 -3.16 -1.04
CA HIS A 92 7.27 -4.47 -1.12
C HIS A 92 6.54 -5.54 -0.25
N PHE A 93 6.06 -6.58 -0.91
CA PHE A 93 5.21 -7.63 -0.33
C PHE A 93 6.02 -8.91 -0.08
N ASP A 94 5.66 -9.66 0.96
CA ASP A 94 6.33 -10.93 1.25
C ASP A 94 5.89 -12.09 0.33
N ASN A 95 6.77 -12.59 -0.54
CA ASN A 95 6.46 -13.75 -1.39
C ASN A 95 6.72 -15.12 -0.71
N ALA A 96 7.19 -15.17 0.55
CA ALA A 96 7.37 -16.39 1.35
C ALA A 96 6.07 -16.92 2.01
N GLU A 97 4.93 -16.30 1.72
CA GLU A 97 3.60 -16.72 2.18
C GLU A 97 2.49 -16.51 1.15
N LYS A 98 1.25 -16.84 1.55
CA LYS A 98 0.07 -16.86 0.68
C LYS A 98 -0.49 -15.47 0.34
N TRP A 99 -1.35 -15.46 -0.69
CA TRP A 99 -2.09 -14.31 -1.22
C TRP A 99 -3.43 -14.70 -1.87
N THR A 100 -4.43 -13.81 -1.78
CA THR A 100 -5.79 -14.00 -2.30
C THR A 100 -6.54 -12.69 -2.52
N MET A 101 -7.71 -12.77 -3.17
CA MET A 101 -8.72 -11.71 -3.30
C MET A 101 -10.01 -12.03 -2.50
N GLY A 102 -10.32 -13.32 -2.35
CA GLY A 102 -11.54 -13.78 -1.66
C GLY A 102 -11.37 -13.74 -0.15
N THR A 103 -10.82 -14.80 0.43
CA THR A 103 -10.65 -15.07 1.86
C THR A 103 -9.63 -16.19 2.04
N ASN A 104 -9.39 -16.60 3.29
CA ASN A 104 -8.65 -17.81 3.71
C ASN A 104 -7.16 -17.50 3.68
N GLY A 105 -6.61 -17.32 2.47
CA GLY A 105 -5.28 -16.70 2.22
C GLY A 105 -5.28 -15.20 2.61
N PHE A 106 -4.18 -14.49 2.35
CA PHE A 106 -4.02 -13.09 2.78
C PHE A 106 -4.53 -12.12 1.71
N ASN A 107 -5.46 -11.24 2.06
CA ASN A 107 -6.13 -10.37 1.08
C ASN A 107 -5.23 -9.20 0.66
N LEU A 108 -4.82 -9.20 -0.61
CA LEU A 108 -3.93 -8.19 -1.19
C LEU A 108 -4.48 -6.78 -0.98
N PHE A 109 -5.73 -6.51 -1.35
CA PHE A 109 -6.36 -5.20 -1.13
C PHE A 109 -6.23 -4.72 0.33
N THR A 110 -6.56 -5.59 1.30
CA THR A 110 -6.52 -5.28 2.75
C THR A 110 -5.13 -4.87 3.24
N VAL A 111 -4.03 -5.43 2.69
CA VAL A 111 -2.65 -4.95 2.96
C VAL A 111 -2.27 -3.72 2.12
N ALA A 112 -2.68 -3.69 0.85
CA ALA A 112 -2.26 -2.71 -0.14
C ALA A 112 -2.66 -1.28 0.27
N ALA A 113 -3.86 -1.09 0.82
CA ALA A 113 -4.30 0.24 1.27
C ALA A 113 -3.47 0.78 2.44
N HIS A 114 -3.05 -0.09 3.37
CA HIS A 114 -2.10 0.25 4.43
C HIS A 114 -0.74 0.68 3.83
N GLU A 115 -0.18 -0.08 2.89
CA GLU A 115 1.10 0.25 2.27
C GLU A 115 1.09 1.48 1.36
N PHE A 116 0.03 1.73 0.59
CA PHE A 116 -0.10 3.01 -0.11
C PHE A 116 -0.06 4.14 0.92
N GLY A 117 -0.69 3.96 2.09
CA GLY A 117 -0.58 4.82 3.26
C GLY A 117 0.84 5.18 3.71
N HIS A 118 1.80 4.27 3.58
CA HIS A 118 3.20 4.51 3.97
C HIS A 118 3.92 5.41 2.95
N ALA A 119 3.60 5.21 1.66
CA ALA A 119 4.19 5.96 0.56
C ALA A 119 3.69 7.41 0.49
N LEU A 120 2.69 7.76 1.30
CA LEU A 120 2.21 9.12 1.50
C LEU A 120 3.04 9.93 2.49
N GLY A 121 3.35 9.31 3.63
CA GLY A 121 3.93 9.90 4.85
C GLY A 121 3.39 9.38 6.19
N LEU A 122 2.43 8.44 6.18
CA LEU A 122 1.88 7.80 7.38
C LEU A 122 2.65 6.52 7.82
N ALA A 123 2.12 5.89 8.88
CA ALA A 123 2.50 4.61 9.51
C ALA A 123 1.36 4.17 10.47
N HIS A 124 1.51 3.04 11.19
CA HIS A 124 0.46 2.43 12.03
C HIS A 124 -0.17 3.39 13.05
N SER A 125 -1.49 3.56 13.00
CA SER A 125 -2.23 4.42 13.93
C SER A 125 -2.37 3.85 15.36
N THR A 126 -2.27 2.53 15.53
CA THR A 126 -2.44 1.79 16.80
C THR A 126 -3.74 2.14 17.53
N ASP A 127 -4.81 2.27 16.75
CA ASP A 127 -6.20 2.49 17.18
C ASP A 127 -7.13 1.39 16.65
N PRO A 128 -8.21 0.99 17.36
CA PRO A 128 -9.00 -0.20 17.05
C PRO A 128 -9.89 -0.09 15.79
N SER A 129 -9.97 1.09 15.17
CA SER A 129 -10.76 1.32 13.95
C SER A 129 -9.92 1.39 12.66
N ALA A 130 -8.84 2.20 12.73
CA ALA A 130 -7.94 2.74 11.70
C ALA A 130 -7.47 1.80 10.57
N LEU A 131 -7.24 2.39 9.39
CA LEU A 131 -6.70 1.69 8.21
C LEU A 131 -5.18 1.48 8.31
N MET A 132 -4.45 2.37 8.98
CA MET A 132 -3.05 2.11 9.33
C MET A 132 -2.98 1.17 10.53
N TYR A 133 -4.09 0.90 11.24
CA TYR A 133 -4.17 -0.16 12.25
C TYR A 133 -5.08 -1.38 11.97
N PRO A 134 -4.70 -2.14 10.91
CA PRO A 134 -5.23 -3.44 10.58
C PRO A 134 -4.65 -4.57 11.39
N THR A 135 -3.33 -4.59 11.68
CA THR A 135 -2.65 -5.62 12.49
C THR A 135 -3.12 -7.07 12.24
N TYR A 136 -3.37 -7.40 10.96
CA TYR A 136 -3.97 -8.65 10.47
C TYR A 136 -5.45 -8.80 10.86
N LYS A 137 -6.25 -7.83 10.40
CA LYS A 137 -7.72 -7.87 10.41
C LYS A 137 -8.24 -7.83 8.98
N TYR A 138 -9.23 -8.69 8.74
CA TYR A 138 -10.04 -8.69 7.53
C TYR A 138 -11.10 -7.58 7.61
N LYS A 139 -10.80 -6.46 6.99
CA LYS A 139 -11.79 -5.41 6.78
C LYS A 139 -12.55 -5.80 5.51
N ASN A 140 -13.88 -5.74 5.59
CA ASN A 140 -14.80 -6.21 4.55
C ASN A 140 -14.66 -5.30 3.31
N PRO A 141 -14.35 -5.83 2.11
CA PRO A 141 -13.98 -5.06 0.92
C PRO A 141 -15.22 -4.58 0.14
N TYR A 142 -16.15 -3.88 0.81
CA TYR A 142 -17.48 -3.53 0.31
C TYR A 142 -17.78 -2.01 0.22
N GLY A 143 -16.78 -1.17 0.57
CA GLY A 143 -16.82 0.29 0.49
C GLY A 143 -16.24 1.01 1.71
N PHE A 144 -15.58 0.26 2.60
CA PHE A 144 -15.15 0.72 3.94
C PHE A 144 -14.07 1.82 3.97
N HIS A 145 -13.22 1.89 2.91
CA HIS A 145 -12.10 2.81 2.75
C HIS A 145 -11.25 2.98 4.04
N LEU A 146 -11.00 4.22 4.50
CA LEU A 146 -10.43 4.53 5.80
C LEU A 146 -11.44 5.15 6.78
N PRO A 147 -11.52 4.69 8.04
CA PRO A 147 -12.59 5.02 8.99
C PRO A 147 -12.78 6.51 9.22
N LYS A 148 -11.71 7.22 9.64
CA LYS A 148 -11.76 8.65 9.97
C LYS A 148 -10.35 9.21 10.20
N ASP A 149 -9.62 8.53 11.08
CA ASP A 149 -8.34 9.00 11.61
C ASP A 149 -7.26 9.09 10.54
N ASP A 150 -7.35 8.24 9.52
CA ASP A 150 -6.39 8.18 8.45
C ASP A 150 -6.69 9.28 7.42
N VAL A 151 -7.97 9.72 7.31
CA VAL A 151 -8.44 10.82 6.45
C VAL A 151 -7.79 12.13 6.91
N LYS A 152 -7.91 12.43 8.21
CA LYS A 152 -7.23 13.56 8.84
C LYS A 152 -5.71 13.40 8.92
N GLY A 153 -5.17 12.21 8.62
CA GLY A 153 -3.75 11.96 8.43
C GLY A 153 -3.31 12.38 7.03
N ILE A 154 -3.92 11.84 5.96
CA ILE A 154 -3.47 12.17 4.60
C ILE A 154 -3.69 13.64 4.18
N GLN A 155 -4.78 14.29 4.61
CA GLN A 155 -4.99 15.72 4.33
C GLN A 155 -3.99 16.62 5.07
N ALA A 156 -3.35 16.12 6.13
CA ALA A 156 -2.26 16.86 6.78
C ALA A 156 -0.97 16.90 5.96
N LEU A 157 -0.89 16.09 4.88
CA LEU A 157 0.26 15.97 3.98
C LEU A 157 -0.02 16.71 2.66
N TYR A 158 -1.13 16.37 1.99
CA TYR A 158 -1.49 16.92 0.65
C TYR A 158 -2.35 18.19 0.69
N GLY A 159 -2.95 18.53 1.85
CA GLY A 159 -3.77 19.72 2.02
C GLY A 159 -5.26 19.55 1.66
N PRO A 160 -6.16 20.23 2.39
CA PRO A 160 -7.59 20.42 2.07
C PRO A 160 -7.86 21.69 1.21
CA CA B . 5.61 -13.05 6.55
CA CA C . 10.30 5.37 -5.74
ZN ZN D . 11.88 -3.21 1.08
ZN ZN E . 3.11 -0.57 8.28
C1 NGH F . -0.42 -5.62 9.19
C2 NGH F . -1.64 -5.40 8.56
C3 NGH F . -1.69 -5.06 7.22
C4 NGH F . -0.51 -4.89 6.50
C5 NGH F . 0.70 -5.18 7.09
C6 NGH F . 0.74 -5.60 8.41
O1 NGH F . -2.88 -4.68 6.66
C7 NGH F . -3.91 -5.66 6.50
S1 NGH F . 2.25 -6.26 9.03
O2 NGH F . 3.08 -6.54 7.86
O3 NGH F . 2.01 -7.34 9.98
N NGH F . 3.01 -5.07 9.83
C9 NGH F . 2.32 -4.41 10.97
C10 NGH F . 4.10 -4.33 9.16
C11 NGH F . 3.68 -3.25 8.18
N1 NGH F . 4.61 -2.82 7.33
O4 NGH F . 4.31 -1.83 6.61
O5 NGH F . 2.58 -2.76 8.12
C12 NGH F . 2.54 -5.23 12.27
C13 NGH F . 1.19 -5.77 12.78
C14 NGH F . 3.23 -4.36 13.34
H1 NGH F . -0.39 -5.80 10.26
H2 NGH F . -2.55 -5.47 9.14
H4 NGH F . -0.54 -4.58 5.45
H5 NGH F . 1.62 -5.09 6.52
H71 NGH F . -3.69 -6.29 5.64
H72 NGH F . -4.84 -5.11 6.35
H73 NGH F . -3.98 -6.27 7.41
H91 NGH F . 1.27 -4.16 10.80
H92 NGH F . 2.75 -3.43 11.10
H101 NGH F . 4.73 -5.03 8.59
H102 NGH F . 4.76 -3.88 9.89
HN1 NGH F . 5.30 -3.49 7.01
H12 NGH F . 3.18 -6.08 12.07
H131 NGH F . 0.74 -6.45 12.06
H132 NGH F . 0.48 -4.96 12.98
H133 NGH F . 1.33 -6.34 13.71
H141 NGH F . 4.20 -4.03 12.97
H142 NGH F . 3.39 -4.95 14.25
H143 NGH F . 2.63 -3.48 13.59
N GLY A 1 9.96 18.82 10.07
CA GLY A 1 10.27 19.48 8.79
C GLY A 1 9.13 19.34 7.82
N GLU A 2 9.27 18.42 6.87
CA GLU A 2 8.22 17.96 5.96
C GLU A 2 8.67 16.64 5.32
N PRO A 3 7.97 15.53 5.57
CA PRO A 3 8.27 14.25 4.93
C PRO A 3 7.36 13.96 3.75
N LYS A 4 6.26 14.73 3.60
CA LYS A 4 5.15 14.42 2.69
C LYS A 4 5.32 14.94 1.26
N TRP A 5 4.50 14.38 0.37
CA TRP A 5 4.53 14.72 -1.05
C TRP A 5 4.18 16.19 -1.32
N LYS A 6 4.97 16.82 -2.20
CA LYS A 6 4.76 18.19 -2.68
C LYS A 6 3.79 18.28 -3.89
N LYS A 7 3.32 17.13 -4.38
CA LYS A 7 2.36 17.06 -5.49
C LYS A 7 1.22 16.07 -5.18
N ASN A 8 0.07 16.25 -5.83
CA ASN A 8 -1.14 15.44 -5.65
C ASN A 8 -1.30 14.33 -6.72
N THR A 9 -0.45 14.35 -7.75
CA THR A 9 -0.41 13.46 -8.92
C THR A 9 0.72 12.44 -8.75
N LEU A 10 0.36 11.22 -8.34
CA LEU A 10 1.32 10.15 -8.07
C LEU A 10 1.44 9.14 -9.21
N THR A 11 2.67 8.69 -9.45
CA THR A 11 3.06 7.72 -10.48
C THR A 11 3.26 6.36 -9.83
N TYR A 12 2.68 5.33 -10.43
CA TYR A 12 2.89 3.95 -10.01
C TYR A 12 3.15 2.98 -11.16
N ARG A 13 3.86 1.87 -10.89
CA ARG A 13 4.17 0.87 -11.91
C ARG A 13 4.28 -0.55 -11.35
N ILE A 14 3.42 -1.47 -11.81
CA ILE A 14 3.53 -2.90 -11.52
C ILE A 14 4.32 -3.61 -12.61
N SER A 15 5.45 -4.18 -12.26
CA SER A 15 6.27 -5.00 -13.16
C SER A 15 6.73 -6.32 -12.54
N LYS A 16 6.17 -6.76 -11.41
CA LYS A 16 6.52 -8.03 -10.74
C LYS A 16 5.30 -8.94 -10.48
N TYR A 17 4.25 -8.39 -9.87
CA TYR A 17 2.98 -9.05 -9.51
C TYR A 17 3.16 -10.22 -8.52
N THR A 18 2.06 -10.90 -8.15
CA THR A 18 2.07 -12.19 -7.43
C THR A 18 1.70 -13.29 -8.44
N PRO A 19 2.14 -14.55 -8.24
CA PRO A 19 1.69 -15.70 -9.01
C PRO A 19 0.34 -16.27 -8.53
N SER A 20 -0.07 -15.96 -7.29
CA SER A 20 -1.27 -16.56 -6.65
C SER A 20 -2.58 -16.05 -7.24
N MET A 21 -2.66 -14.74 -7.47
CA MET A 21 -3.73 -14.06 -8.21
C MET A 21 -3.33 -13.88 -9.69
N SER A 22 -4.30 -13.55 -10.55
CA SER A 22 -3.95 -13.11 -11.91
C SER A 22 -3.40 -11.66 -11.86
N SER A 23 -2.49 -11.29 -12.76
CA SER A 23 -1.90 -9.96 -12.79
C SER A 23 -2.94 -8.85 -12.92
N VAL A 24 -4.03 -9.13 -13.63
CA VAL A 24 -5.16 -8.20 -13.82
C VAL A 24 -6.00 -8.09 -12.55
N GLU A 25 -6.09 -9.16 -11.76
CA GLU A 25 -6.79 -9.20 -10.48
C GLU A 25 -6.03 -8.42 -9.43
N VAL A 26 -4.70 -8.51 -9.42
CA VAL A 26 -3.83 -7.64 -8.62
C VAL A 26 -4.11 -6.17 -8.96
N ASP A 27 -4.06 -5.80 -10.24
CA ASP A 27 -4.42 -4.45 -10.75
C ASP A 27 -5.82 -4.00 -10.30
N LYS A 28 -6.83 -4.85 -10.53
CA LYS A 28 -8.23 -4.65 -10.11
C LYS A 28 -8.44 -4.65 -8.58
N ALA A 29 -7.55 -5.28 -7.80
CA ALA A 29 -7.53 -5.18 -6.35
C ALA A 29 -6.86 -3.88 -5.91
N VAL A 30 -5.83 -3.45 -6.64
CA VAL A 30 -5.04 -2.25 -6.41
C VAL A 30 -5.86 -0.99 -6.59
N GLU A 31 -6.73 -0.97 -7.59
CA GLU A 31 -7.47 0.22 -8.01
C GLU A 31 -8.33 0.80 -6.88
N MET A 32 -8.84 -0.10 -6.05
CA MET A 32 -9.66 0.18 -4.88
C MET A 32 -8.87 0.86 -3.76
N ALA A 33 -7.61 0.48 -3.59
CA ALA A 33 -6.72 1.08 -2.62
C ALA A 33 -6.31 2.50 -3.05
N LEU A 34 -6.22 2.79 -4.35
CA LEU A 34 -6.01 4.13 -4.87
C LEU A 34 -7.28 4.97 -4.62
N GLN A 35 -8.44 4.42 -4.97
CA GLN A 35 -9.75 5.04 -4.77
C GLN A 35 -9.94 5.46 -3.31
N ALA A 36 -9.64 4.59 -2.33
CA ALA A 36 -9.77 4.89 -0.91
C ALA A 36 -9.16 6.26 -0.55
N TRP A 37 -7.94 6.52 -1.02
CA TRP A 37 -7.25 7.79 -0.78
C TRP A 37 -7.82 8.96 -1.61
N SER A 38 -8.25 8.68 -2.85
CA SER A 38 -9.02 9.63 -3.66
C SER A 38 -10.38 9.97 -3.04
N SER A 39 -10.92 9.12 -2.17
CA SER A 39 -12.12 9.41 -1.37
C SER A 39 -11.80 10.26 -0.13
N ALA A 40 -10.61 10.10 0.46
CA ALA A 40 -10.18 10.87 1.62
C ALA A 40 -9.67 12.26 1.24
N VAL A 41 -9.11 12.39 0.03
CA VAL A 41 -8.34 13.56 -0.39
C VAL A 41 -8.43 13.78 -1.90
N PRO A 42 -8.50 15.04 -2.39
CA PRO A 42 -8.37 15.37 -3.79
C PRO A 42 -6.92 15.15 -4.29
N LEU A 43 -6.59 13.88 -4.57
CA LEU A 43 -5.33 13.42 -5.18
C LEU A 43 -5.68 12.38 -6.24
N SER A 44 -4.63 12.02 -7.00
CA SER A 44 -4.76 11.28 -8.28
C SER A 44 -3.60 10.29 -8.38
N PHE A 45 -3.85 8.98 -8.62
CA PHE A 45 -2.80 7.98 -8.93
C PHE A 45 -2.88 7.62 -10.41
N VAL A 46 -1.74 7.58 -11.09
CA VAL A 46 -1.62 7.23 -12.53
C VAL A 46 -0.56 6.19 -12.78
N ARG A 47 -0.95 5.10 -13.46
CA ARG A 47 0.03 4.10 -13.84
C ARG A 47 0.91 4.56 -15.01
N ILE A 48 2.21 4.30 -14.91
CA ILE A 48 3.20 4.46 -16.00
C ILE A 48 3.57 3.07 -16.60
N ASN A 49 3.81 3.02 -17.92
CA ASN A 49 4.26 1.83 -18.65
C ASN A 49 5.77 1.86 -18.96
N SER A 50 6.37 3.05 -18.81
CA SER A 50 7.80 3.36 -19.05
C SER A 50 8.20 4.51 -18.12
N GLY A 51 9.34 4.37 -17.42
CA GLY A 51 9.77 5.24 -16.32
C GLY A 51 9.97 4.56 -14.96
N GLU A 52 10.24 5.42 -14.00
CA GLU A 52 10.58 5.15 -12.60
C GLU A 52 9.53 5.86 -11.72
N ALA A 53 8.89 5.10 -10.82
CA ALA A 53 7.71 5.56 -10.10
C ALA A 53 7.95 6.12 -8.68
N ASP A 54 6.97 6.91 -8.23
CA ASP A 54 6.81 7.39 -6.88
C ASP A 54 6.57 6.12 -6.06
N ILE A 55 5.63 5.30 -6.52
CA ILE A 55 5.26 3.99 -6.00
C ILE A 55 5.61 2.85 -6.98
N MET A 56 6.69 2.10 -6.68
CA MET A 56 7.04 0.89 -7.41
C MET A 56 6.70 -0.34 -6.57
N ILE A 57 5.78 -1.16 -7.07
CA ILE A 57 5.13 -2.27 -6.34
C ILE A 57 5.68 -3.63 -6.81
N SER A 58 6.36 -4.34 -5.90
CA SER A 58 6.88 -5.68 -6.14
C SER A 58 6.55 -6.69 -5.02
N PHE A 59 6.55 -7.98 -5.36
CA PHE A 59 6.49 -9.11 -4.45
C PHE A 59 7.89 -9.75 -4.45
N GLU A 60 8.61 -9.55 -3.37
CA GLU A 60 10.02 -9.89 -3.14
C GLU A 60 10.11 -10.98 -2.07
N ASN A 61 11.31 -11.44 -1.71
CA ASN A 61 11.49 -12.46 -0.66
C ASN A 61 12.57 -12.07 0.37
N GLY A 62 13.05 -13.01 1.22
CA GLY A 62 13.89 -12.72 2.39
C GLY A 62 15.22 -12.03 2.00
N ASP A 63 15.47 -10.82 2.51
CA ASP A 63 16.69 -10.07 2.24
C ASP A 63 16.83 -9.54 0.79
N HIS A 64 15.78 -8.87 0.33
CA HIS A 64 15.72 -8.17 -0.97
C HIS A 64 16.55 -6.85 -1.00
N GLY A 65 17.72 -6.78 -0.34
CA GLY A 65 18.71 -5.69 -0.40
C GLY A 65 18.61 -4.62 0.71
N ASP A 66 17.51 -4.58 1.45
CA ASP A 66 17.43 -3.79 2.68
C ASP A 66 17.91 -4.61 3.89
N SER A 67 18.53 -3.93 4.85
CA SER A 67 18.82 -4.38 6.22
C SER A 67 17.53 -4.60 7.09
N TYR A 68 16.37 -4.68 6.45
CA TYR A 68 15.06 -5.04 6.98
C TYR A 68 14.41 -5.98 5.96
N PRO A 69 14.68 -7.30 6.06
CA PRO A 69 14.12 -8.34 5.20
C PRO A 69 12.66 -8.64 5.59
N PHE A 70 12.07 -9.71 5.01
CA PHE A 70 10.82 -10.28 5.51
C PHE A 70 11.10 -11.27 6.64
N ASP A 71 10.21 -12.22 6.91
CA ASP A 71 10.22 -13.02 8.14
C ASP A 71 9.53 -14.39 8.04
N GLY A 72 9.61 -15.02 6.87
CA GLY A 72 8.94 -16.29 6.57
C GLY A 72 7.42 -16.11 6.41
N PRO A 73 6.60 -17.14 6.58
CA PRO A 73 5.14 -17.01 6.59
C PRO A 73 4.65 -16.44 7.93
N ARG A 74 3.54 -15.69 7.91
CA ARG A 74 2.94 -14.91 9.00
C ARG A 74 3.70 -13.58 9.23
N GLY A 75 3.43 -12.93 10.37
CA GLY A 75 4.09 -11.74 10.90
C GLY A 75 3.89 -10.54 10.00
N THR A 76 5.00 -10.01 9.51
CA THR A 76 5.06 -8.93 8.51
C THR A 76 4.45 -9.45 7.21
N LEU A 77 3.26 -9.02 6.83
CA LEU A 77 2.73 -9.36 5.48
C LEU A 77 3.13 -8.35 4.41
N ALA A 78 3.16 -7.08 4.80
CA ALA A 78 3.38 -5.96 3.92
C ALA A 78 4.45 -5.04 4.51
N HIS A 79 5.14 -4.28 3.68
CA HIS A 79 6.27 -3.43 4.01
C HIS A 79 6.59 -2.44 2.85
N ALA A 80 5.81 -1.36 2.86
CA ALA A 80 6.01 -0.22 1.99
C ALA A 80 6.88 0.85 2.64
N PHE A 81 7.54 1.62 1.79
CA PHE A 81 8.41 2.70 2.17
C PHE A 81 7.61 3.99 2.42
N ALA A 82 8.15 4.80 3.32
CA ALA A 82 7.73 6.17 3.60
C ALA A 82 8.02 7.07 2.37
N PRO A 83 7.35 8.24 2.23
CA PRO A 83 7.54 9.17 1.12
C PRO A 83 9.01 9.57 0.95
N GLY A 84 9.46 9.55 -0.31
CA GLY A 84 10.83 9.86 -0.69
C GLY A 84 11.13 9.54 -2.15
N GLU A 85 12.42 9.39 -2.43
CA GLU A 85 13.01 9.28 -3.77
C GLU A 85 12.91 7.84 -4.33
N GLY A 86 14.04 7.13 -4.45
CA GLY A 86 14.17 5.83 -5.13
C GLY A 86 13.33 4.77 -4.46
N LEU A 87 13.82 4.18 -3.37
CA LEU A 87 13.06 3.29 -2.51
C LEU A 87 11.85 3.99 -1.88
N GLY A 88 11.98 5.26 -1.50
CA GLY A 88 10.89 6.08 -0.94
C GLY A 88 9.59 5.91 -1.71
N GLY A 89 8.48 5.63 -1.02
CA GLY A 89 7.16 5.42 -1.61
C GLY A 89 6.99 4.08 -2.33
N ASP A 90 8.05 3.26 -2.48
CA ASP A 90 7.92 1.91 -3.05
C ASP A 90 7.18 0.95 -2.12
N THR A 91 6.87 -0.25 -2.61
CA THR A 91 6.05 -1.24 -1.90
C THR A 91 6.56 -2.63 -2.20
N HIS A 92 6.87 -3.36 -1.13
CA HIS A 92 7.50 -4.69 -1.14
C HIS A 92 6.64 -5.68 -0.32
N PHE A 93 5.99 -6.64 -0.99
CA PHE A 93 5.18 -7.70 -0.36
C PHE A 93 5.97 -9.00 -0.20
N ASP A 94 5.64 -9.75 0.86
CA ASP A 94 6.12 -11.11 1.07
C ASP A 94 5.65 -12.08 -0.04
N ASN A 95 6.57 -12.47 -0.94
CA ASN A 95 6.37 -13.55 -1.91
C ASN A 95 6.59 -14.97 -1.28
N ALA A 96 6.31 -15.07 0.02
CA ALA A 96 6.65 -16.21 0.91
C ALA A 96 5.43 -16.94 1.49
N GLU A 97 4.20 -16.53 1.13
CA GLU A 97 2.93 -16.89 1.71
C GLU A 97 1.78 -16.61 0.71
N LYS A 98 0.52 -16.81 1.11
CA LYS A 98 -0.60 -16.91 0.18
C LYS A 98 -1.46 -15.66 0.10
N TRP A 99 -2.06 -15.54 -1.08
CA TRP A 99 -2.73 -14.33 -1.53
C TRP A 99 -4.00 -14.62 -2.35
N THR A 100 -5.05 -13.88 -2.01
CA THR A 100 -6.41 -13.96 -2.53
C THR A 100 -7.13 -12.60 -2.41
N MET A 101 -8.36 -12.51 -2.88
CA MET A 101 -9.28 -11.38 -2.62
C MET A 101 -10.42 -11.81 -1.68
N GLY A 102 -10.66 -13.12 -1.57
CA GLY A 102 -11.69 -13.75 -0.72
C GLY A 102 -11.11 -14.36 0.57
N THR A 103 -11.96 -15.05 1.34
CA THR A 103 -11.59 -15.70 2.61
C THR A 103 -10.74 -16.98 2.40
N ASN A 104 -10.10 -17.41 3.50
CA ASN A 104 -9.12 -18.48 3.67
C ASN A 104 -7.69 -17.88 3.81
N GLY A 105 -7.05 -17.57 2.66
CA GLY A 105 -5.76 -16.86 2.58
C GLY A 105 -5.88 -15.36 2.89
N PHE A 106 -4.83 -14.60 2.56
CA PHE A 106 -4.76 -13.17 2.86
C PHE A 106 -5.40 -12.38 1.72
N ASN A 107 -6.34 -11.49 2.04
CA ASN A 107 -6.86 -10.53 1.06
C ASN A 107 -5.73 -9.64 0.48
N LEU A 108 -5.96 -9.07 -0.71
CA LEU A 108 -5.09 -8.05 -1.31
C LEU A 108 -5.55 -6.63 -0.93
N PHE A 109 -6.73 -6.19 -1.38
CA PHE A 109 -7.17 -4.78 -1.28
C PHE A 109 -6.98 -4.17 0.13
N THR A 110 -7.51 -4.79 1.20
CA THR A 110 -7.45 -4.24 2.57
C THR A 110 -6.02 -3.97 3.00
N VAL A 111 -5.08 -4.92 2.80
CA VAL A 111 -3.65 -4.66 3.09
C VAL A 111 -2.98 -3.73 2.06
N ALA A 112 -3.39 -3.73 0.78
CA ALA A 112 -2.80 -2.88 -0.27
C ALA A 112 -2.98 -1.38 0.02
N ALA A 113 -4.13 -0.99 0.56
CA ALA A 113 -4.42 0.41 0.93
C ALA A 113 -3.51 0.89 2.06
N HIS A 114 -3.34 0.08 3.10
CA HIS A 114 -2.42 0.34 4.21
C HIS A 114 -0.99 0.61 3.69
N GLU A 115 -0.51 -0.18 2.72
CA GLU A 115 0.82 0.04 2.13
C GLU A 115 0.98 1.37 1.39
N PHE A 116 -0.02 1.81 0.61
CA PHE A 116 0.05 3.17 0.07
C PHE A 116 0.13 4.18 1.20
N GLY A 117 -0.62 3.98 2.28
CA GLY A 117 -0.57 4.74 3.52
C GLY A 117 0.86 5.02 3.99
N HIS A 118 1.77 4.05 3.89
CA HIS A 118 3.19 4.28 4.18
C HIS A 118 3.80 5.32 3.21
N ALA A 119 3.66 5.05 1.90
CA ALA A 119 4.17 5.90 0.82
C ALA A 119 3.60 7.32 0.81
N LEU A 120 2.36 7.52 1.29
CA LEU A 120 1.72 8.82 1.49
C LEU A 120 2.47 9.68 2.50
N GLY A 121 2.84 9.05 3.62
CA GLY A 121 3.35 9.68 4.84
C GLY A 121 2.60 9.27 6.09
N LEU A 122 1.72 8.26 6.04
CA LEU A 122 1.07 7.70 7.23
C LEU A 122 1.96 6.63 7.90
N ALA A 123 1.65 6.31 9.16
CA ALA A 123 2.43 5.38 9.98
C ALA A 123 1.52 4.47 10.82
N HIS A 124 2.09 3.55 11.60
CA HIS A 124 1.33 2.69 12.52
C HIS A 124 0.75 3.46 13.72
N SER A 125 -0.33 4.21 13.52
CA SER A 125 -1.12 4.82 14.61
C SER A 125 -1.58 3.72 15.59
N THR A 126 -1.72 4.06 16.86
CA THR A 126 -2.31 3.16 17.88
C THR A 126 -3.79 3.47 18.06
N ASP A 127 -4.45 3.99 17.02
CA ASP A 127 -5.89 4.25 17.05
C ASP A 127 -6.71 2.96 16.82
N PRO A 128 -7.80 2.72 17.58
CA PRO A 128 -8.76 1.67 17.28
C PRO A 128 -9.61 2.02 16.05
N SER A 129 -9.53 3.25 15.54
CA SER A 129 -10.18 3.69 14.30
C SER A 129 -9.16 4.06 13.19
N ALA A 130 -8.07 3.31 13.11
CA ALA A 130 -7.07 3.36 12.04
C ALA A 130 -6.95 2.02 11.33
N LEU A 131 -6.79 2.00 10.00
CA LEU A 131 -6.43 0.80 9.22
C LEU A 131 -4.91 0.63 9.07
N MET A 132 -4.13 1.70 9.27
CA MET A 132 -2.67 1.59 9.44
C MET A 132 -2.31 1.06 10.85
N TYR A 133 -3.27 0.85 11.74
CA TYR A 133 -3.03 0.24 13.05
C TYR A 133 -2.10 -1.01 12.98
N PRO A 134 -1.20 -1.23 13.96
CA PRO A 134 -0.24 -2.33 13.93
C PRO A 134 -0.88 -3.71 14.23
N THR A 135 -1.63 -4.23 13.25
CA THR A 135 -2.12 -5.61 13.17
C THR A 135 -2.72 -5.88 11.81
N TYR A 136 -2.55 -7.11 11.30
CA TYR A 136 -3.30 -7.55 10.14
C TYR A 136 -4.78 -7.70 10.51
N LYS A 137 -5.66 -7.14 9.67
CA LYS A 137 -7.11 -7.23 9.88
C LYS A 137 -7.88 -7.50 8.59
N TYR A 138 -8.94 -8.30 8.72
CA TYR A 138 -9.81 -8.66 7.63
C TYR A 138 -11.05 -7.76 7.57
N LYS A 139 -10.85 -6.56 7.03
CA LYS A 139 -11.98 -5.71 6.60
C LYS A 139 -12.45 -6.24 5.24
N ASN A 140 -13.75 -6.28 5.00
CA ASN A 140 -14.36 -6.85 3.79
C ASN A 140 -13.96 -6.05 2.54
N PRO A 141 -13.19 -6.65 1.60
CA PRO A 141 -12.65 -5.96 0.43
C PRO A 141 -13.71 -5.80 -0.67
N TYR A 142 -14.79 -5.08 -0.39
CA TYR A 142 -15.90 -4.82 -1.33
C TYR A 142 -16.22 -3.31 -1.53
N GLY A 143 -15.31 -2.43 -1.08
CA GLY A 143 -15.48 -0.97 -1.05
C GLY A 143 -15.94 -0.47 0.32
N PHE A 144 -15.23 -0.86 1.39
CA PHE A 144 -15.64 -0.67 2.79
C PHE A 144 -15.42 0.73 3.39
N HIS A 145 -14.69 1.63 2.70
CA HIS A 145 -14.26 2.95 3.15
C HIS A 145 -13.17 2.94 4.26
N LEU A 146 -12.39 4.02 4.41
CA LEU A 146 -11.49 4.16 5.57
C LEU A 146 -12.26 4.43 6.88
N PRO A 147 -11.68 4.03 8.03
CA PRO A 147 -12.31 4.25 9.33
C PRO A 147 -12.30 5.74 9.69
N LYS A 148 -11.14 6.38 9.83
CA LYS A 148 -11.00 7.73 10.38
C LYS A 148 -9.56 8.24 10.32
N ASP A 149 -8.65 7.60 11.08
CA ASP A 149 -7.27 8.08 11.26
C ASP A 149 -6.60 8.32 9.90
N ASP A 150 -6.86 7.40 8.99
CA ASP A 150 -6.38 7.36 7.63
C ASP A 150 -6.70 8.67 6.91
N VAL A 151 -7.95 9.11 7.02
CA VAL A 151 -8.54 10.23 6.28
C VAL A 151 -8.02 11.58 6.81
N LYS A 152 -8.06 11.81 8.13
CA LYS A 152 -7.42 12.99 8.70
C LYS A 152 -5.89 12.99 8.43
N GLY A 153 -5.24 11.82 8.48
CA GLY A 153 -3.81 11.69 8.22
C GLY A 153 -3.44 12.15 6.82
N ILE A 154 -4.02 11.52 5.79
CA ILE A 154 -3.77 11.89 4.39
C ILE A 154 -4.23 13.33 4.03
N GLN A 155 -5.33 13.79 4.62
CA GLN A 155 -5.81 15.17 4.45
C GLN A 155 -4.78 16.20 4.88
N ALA A 156 -3.97 15.87 5.89
CA ALA A 156 -2.96 16.79 6.41
C ALA A 156 -1.74 16.91 5.48
N LEU A 157 -1.61 15.97 4.53
CA LEU A 157 -0.48 15.86 3.59
C LEU A 157 -0.78 16.57 2.26
N TYR A 158 -1.93 16.34 1.62
CA TYR A 158 -2.18 16.99 0.33
C TYR A 158 -3.17 18.15 0.43
N GLY A 159 -3.74 18.38 1.63
CA GLY A 159 -4.61 19.51 1.91
C GLY A 159 -3.89 20.86 1.98
N PRO A 160 -2.64 20.97 2.47
CA PRO A 160 -1.87 22.23 2.55
C PRO A 160 -0.69 22.32 1.53
CA CA B . 5.76 -12.70 6.09
CA CA C . 9.97 5.64 -5.46
ZN ZN D . 12.02 -3.55 1.37
ZN ZN E . 2.25 -0.85 8.09
C1 NGH F . -0.10 -4.85 9.39
C2 NGH F . -1.34 -4.38 8.97
C3 NGH F . -1.74 -4.56 7.64
C4 NGH F . -0.87 -5.14 6.74
C5 NGH F . 0.39 -5.56 7.14
C6 NGH F . 0.78 -5.42 8.48
O1 NGH F . -2.99 -4.18 7.17
C7 NGH F . -4.14 -4.01 8.03
S1 NGH F . 2.42 -6.01 8.91
O2 NGH F . 3.05 -6.32 7.65
O3 NGH F . 2.36 -7.07 9.89
N NGH F . 3.34 -4.80 9.57
C9 NGH F . 2.95 -4.04 10.79
C10 NGH F . 4.36 -4.14 8.71
C11 NGH F . 3.82 -3.06 7.81
N1 NGH F . 2.84 -3.41 6.98
O4 NGH F . 1.87 -2.64 6.80
O5 NGH F . 4.18 -1.91 7.88
C12 NGH F . 3.12 -4.89 12.08
C13 NGH F . 1.76 -5.45 12.57
C14 NGH F . 3.76 -4.04 13.19
H1 NGH F . 0.18 -4.76 10.44
H2 NGH F . -2.01 -3.88 9.66
H4 NGH F . -1.13 -5.28 5.69
H5 NGH F . 1.05 -6.01 6.41
H71 NGH F . -4.31 -4.93 8.59
H72 NGH F . -5.00 -3.80 7.40
H73 NGH F . -3.97 -3.18 8.72
H91 NGH F . 1.95 -3.63 10.72
H92 NGH F . 3.59 -3.17 10.90
H101 NGH F . 4.87 -4.87 8.09
H102 NGH F . 5.11 -3.69 9.35
HN1 NGH F . 2.88 -4.35 6.59
H12 NGH F . 3.78 -5.74 11.89
H131 NGH F . 1.34 -6.16 11.86
H132 NGH F . 1.07 -4.63 12.71
H133 NGH F . 1.88 -5.97 13.53
H141 NGH F . 4.76 -3.70 12.88
H142 NGH F . 3.88 -4.61 14.11
H143 NGH F . 3.15 -3.15 13.40
N GLY A 1 8.98 21.82 5.62
CA GLY A 1 7.88 21.22 6.41
C GLY A 1 7.99 19.70 6.37
N GLU A 2 6.96 18.96 6.81
CA GLU A 2 6.91 17.48 6.75
C GLU A 2 7.19 16.94 5.33
N PRO A 3 7.90 15.79 5.21
CA PRO A 3 8.47 15.24 3.98
C PRO A 3 7.49 14.65 2.97
N LYS A 4 6.18 14.71 3.25
CA LYS A 4 5.13 14.27 2.35
C LYS A 4 5.18 14.89 0.94
N TRP A 5 4.52 14.21 0.01
CA TRP A 5 4.64 14.43 -1.42
C TRP A 5 4.33 15.87 -1.86
N LYS A 6 5.21 16.35 -2.76
CA LYS A 6 5.25 17.73 -3.24
C LYS A 6 4.26 18.03 -4.38
N LYS A 7 3.43 17.06 -4.76
CA LYS A 7 2.38 17.21 -5.77
C LYS A 7 1.17 16.27 -5.48
N ASN A 8 0.04 16.48 -6.16
CA ASN A 8 -1.18 15.67 -5.97
C ASN A 8 -1.32 14.55 -7.03
N THR A 9 -0.57 14.64 -8.14
CA THR A 9 -0.47 13.71 -9.28
C THR A 9 0.77 12.82 -9.13
N LEU A 10 0.61 11.68 -8.48
CA LEU A 10 1.69 10.70 -8.28
C LEU A 10 1.80 9.72 -9.45
N THR A 11 3.01 9.19 -9.69
CA THR A 11 3.27 8.13 -10.66
C THR A 11 3.36 6.79 -9.97
N TYR A 12 2.81 5.73 -10.57
CA TYR A 12 2.99 4.38 -10.02
C TYR A 12 3.37 3.34 -11.07
N ARG A 13 4.20 2.38 -10.64
CA ARG A 13 4.73 1.36 -11.53
C ARG A 13 4.79 0.00 -10.84
N ILE A 14 4.03 -0.95 -11.37
CA ILE A 14 4.13 -2.37 -11.04
C ILE A 14 5.24 -2.95 -11.93
N SER A 15 6.12 -3.77 -11.37
CA SER A 15 7.06 -4.58 -12.19
C SER A 15 6.92 -6.08 -11.91
N LYS A 16 5.96 -6.48 -11.05
CA LYS A 16 5.81 -7.84 -10.54
C LYS A 16 4.41 -8.14 -9.96
N TYR A 17 4.00 -9.41 -10.10
CA TYR A 17 2.78 -10.01 -9.55
C TYR A 17 3.07 -11.10 -8.49
N THR A 18 2.02 -11.81 -8.03
CA THR A 18 2.04 -13.02 -7.18
C THR A 18 1.40 -14.18 -7.96
N PRO A 19 1.74 -15.47 -7.72
CA PRO A 19 1.10 -16.62 -8.40
C PRO A 19 -0.21 -17.08 -7.73
N SER A 20 -0.44 -16.70 -6.47
CA SER A 20 -1.62 -17.12 -5.67
C SER A 20 -2.94 -16.49 -6.12
N MET A 21 -2.81 -15.28 -6.66
CA MET A 21 -3.88 -14.57 -7.36
C MET A 21 -3.52 -14.42 -8.85
N SER A 22 -4.45 -13.92 -9.65
CA SER A 22 -4.26 -13.81 -11.11
C SER A 22 -3.84 -12.38 -11.43
N SER A 23 -2.99 -12.12 -12.43
CA SER A 23 -2.48 -10.77 -12.79
C SER A 23 -3.56 -9.67 -12.69
N VAL A 24 -4.79 -9.95 -13.15
CA VAL A 24 -5.91 -9.00 -13.21
C VAL A 24 -6.62 -8.84 -11.87
N GLU A 25 -6.63 -9.89 -11.05
CA GLU A 25 -7.18 -9.91 -9.70
C GLU A 25 -6.29 -9.14 -8.74
N VAL A 26 -4.99 -9.41 -8.76
CA VAL A 26 -4.00 -8.60 -8.06
C VAL A 26 -4.00 -7.15 -8.58
N ASP A 27 -3.99 -6.89 -9.89
CA ASP A 27 -4.15 -5.55 -10.46
C ASP A 27 -5.41 -4.84 -9.91
N LYS A 28 -6.62 -5.38 -10.10
CA LYS A 28 -7.83 -4.71 -9.59
C LYS A 28 -7.85 -4.60 -8.06
N ALA A 29 -7.35 -5.59 -7.32
CA ALA A 29 -7.22 -5.49 -5.87
C ALA A 29 -6.29 -4.35 -5.45
N VAL A 30 -5.11 -4.18 -6.08
CA VAL A 30 -4.22 -3.04 -5.75
C VAL A 30 -4.74 -1.70 -6.27
N GLU A 31 -5.53 -1.67 -7.37
CA GLU A 31 -6.09 -0.43 -7.88
C GLU A 31 -7.04 0.24 -6.87
N MET A 32 -7.74 -0.57 -6.06
CA MET A 32 -8.61 -0.09 -5.00
C MET A 32 -7.85 0.61 -3.87
N ALA A 33 -6.59 0.26 -3.63
CA ALA A 33 -5.73 0.90 -2.65
C ALA A 33 -5.41 2.34 -3.04
N LEU A 34 -5.08 2.57 -4.32
CA LEU A 34 -4.98 3.91 -4.91
C LEU A 34 -6.26 4.71 -4.62
N GLN A 35 -7.41 4.10 -4.91
CA GLN A 35 -8.68 4.80 -4.86
C GLN A 35 -9.14 5.16 -3.45
N ALA A 36 -8.93 4.27 -2.48
CA ALA A 36 -9.25 4.52 -1.08
C ALA A 36 -8.53 5.76 -0.52
N TRP A 37 -7.34 6.12 -1.02
CA TRP A 37 -6.68 7.38 -0.70
C TRP A 37 -7.19 8.56 -1.57
N SER A 38 -7.50 8.33 -2.85
CA SER A 38 -8.22 9.31 -3.66
C SER A 38 -9.68 9.54 -3.20
N SER A 39 -10.13 8.78 -2.18
CA SER A 39 -11.37 9.02 -1.44
C SER A 39 -11.16 9.96 -0.23
N ALA A 40 -10.05 9.86 0.49
CA ALA A 40 -9.77 10.71 1.64
C ALA A 40 -9.27 12.08 1.23
N VAL A 41 -8.65 12.18 0.05
CA VAL A 41 -8.01 13.40 -0.45
C VAL A 41 -8.15 13.51 -1.96
N PRO A 42 -8.36 14.72 -2.52
CA PRO A 42 -8.26 14.99 -3.95
C PRO A 42 -6.80 14.89 -4.42
N LEU A 43 -6.35 13.65 -4.57
CA LEU A 43 -5.09 13.29 -5.19
C LEU A 43 -5.32 12.14 -6.16
N SER A 44 -4.35 11.90 -7.03
CA SER A 44 -4.46 10.99 -8.16
C SER A 44 -3.18 10.20 -8.40
N PHE A 45 -3.42 8.95 -8.79
CA PHE A 45 -2.38 7.99 -9.16
C PHE A 45 -2.40 7.78 -10.68
N VAL A 46 -1.34 8.21 -11.37
CA VAL A 46 -1.12 7.96 -12.80
C VAL A 46 -0.23 6.76 -12.91
N ARG A 47 -0.64 5.76 -13.69
CA ARG A 47 0.27 4.68 -14.02
C ARG A 47 1.26 5.12 -15.09
N ILE A 48 2.52 4.69 -14.97
CA ILE A 48 3.49 4.80 -16.06
C ILE A 48 3.68 3.42 -16.69
N ASN A 49 3.69 3.31 -18.03
CA ASN A 49 3.96 2.02 -18.73
C ASN A 49 5.47 1.78 -19.01
N SER A 50 6.36 2.72 -18.65
CA SER A 50 7.77 2.75 -19.04
C SER A 50 8.46 3.81 -18.16
N GLY A 51 9.62 3.50 -17.54
CA GLY A 51 10.27 4.36 -16.55
C GLY A 51 10.12 3.95 -15.08
N GLU A 52 10.86 4.67 -14.24
CA GLU A 52 10.86 4.59 -12.77
C GLU A 52 10.01 5.72 -12.14
N ALA A 53 9.16 5.33 -11.17
CA ALA A 53 8.12 6.16 -10.55
C ALA A 53 8.39 6.69 -9.11
N ASP A 54 7.46 7.54 -8.67
CA ASP A 54 7.32 7.98 -7.28
C ASP A 54 7.13 6.71 -6.43
N ILE A 55 6.28 5.81 -6.92
CA ILE A 55 5.83 4.57 -6.30
C ILE A 55 6.09 3.36 -7.22
N MET A 56 7.09 2.54 -6.90
CA MET A 56 7.52 1.34 -7.65
C MET A 56 7.23 0.11 -6.80
N ILE A 57 6.36 -0.80 -7.26
CA ILE A 57 5.80 -1.85 -6.38
C ILE A 57 5.92 -3.30 -6.89
N SER A 58 6.05 -4.24 -5.95
CA SER A 58 6.43 -5.65 -6.20
C SER A 58 6.12 -6.62 -5.04
N PHE A 59 6.02 -7.93 -5.35
CA PHE A 59 5.81 -9.04 -4.40
C PHE A 59 7.11 -9.82 -4.27
N GLU A 60 7.73 -9.87 -3.08
CA GLU A 60 9.10 -10.35 -2.91
C GLU A 60 9.25 -11.05 -1.54
N ASN A 61 10.38 -11.74 -1.32
CA ASN A 61 10.59 -12.62 -0.16
C ASN A 61 12.05 -12.63 0.32
N GLY A 62 12.40 -11.87 1.36
CA GLY A 62 13.76 -11.84 1.96
C GLY A 62 14.88 -11.21 1.11
N ASP A 63 14.67 -11.01 -0.19
CA ASP A 63 15.48 -10.23 -1.13
C ASP A 63 14.50 -9.24 -1.79
N HIS A 64 14.97 -8.04 -2.18
CA HIS A 64 14.25 -6.95 -2.90
C HIS A 64 14.90 -5.54 -2.76
N GLY A 65 16.22 -5.45 -2.52
CA GLY A 65 16.95 -4.17 -2.49
C GLY A 65 16.58 -3.26 -1.31
N ASP A 66 16.37 -3.83 -0.12
CA ASP A 66 16.09 -3.12 1.12
C ASP A 66 17.39 -3.14 1.96
N SER A 67 17.61 -2.14 2.81
CA SER A 67 18.72 -2.11 3.81
C SER A 67 18.47 -3.06 5.01
N TYR A 68 17.32 -3.71 4.99
CA TYR A 68 16.67 -4.45 6.06
C TYR A 68 15.62 -5.40 5.44
N PRO A 69 15.99 -6.26 4.47
CA PRO A 69 15.03 -7.10 3.78
C PRO A 69 14.68 -8.29 4.67
N PHE A 70 13.49 -8.84 4.42
CA PHE A 70 12.84 -9.94 5.13
C PHE A 70 11.46 -10.22 4.50
N ASP A 71 10.75 -11.20 5.07
CA ASP A 71 9.34 -11.56 4.81
C ASP A 71 8.74 -12.25 6.06
N GLY A 72 9.34 -13.38 6.47
CA GLY A 72 8.90 -14.25 7.56
C GLY A 72 7.60 -15.00 7.23
N PRO A 73 7.44 -16.27 7.64
CA PRO A 73 6.16 -16.97 7.50
C PRO A 73 5.10 -16.22 8.30
N ARG A 74 4.07 -15.71 7.61
CA ARG A 74 2.96 -14.96 8.20
C ARG A 74 3.41 -13.59 8.75
N GLY A 75 2.81 -13.11 9.85
CA GLY A 75 3.18 -11.89 10.56
C GLY A 75 2.92 -10.68 9.68
N THR A 76 4.01 -10.06 9.22
CA THR A 76 4.00 -9.02 8.18
C THR A 76 3.31 -9.52 6.94
N LEU A 77 2.28 -8.81 6.50
CA LEU A 77 1.58 -9.01 5.24
C LEU A 77 2.01 -8.00 4.19
N ALA A 78 2.40 -6.80 4.62
CA ALA A 78 2.95 -5.77 3.74
C ALA A 78 4.06 -4.93 4.38
N HIS A 79 4.96 -4.36 3.56
CA HIS A 79 6.16 -3.67 4.02
C HIS A 79 6.59 -2.61 2.98
N ALA A 80 6.27 -1.35 3.28
CA ALA A 80 6.44 -0.18 2.41
C ALA A 80 7.44 0.84 2.99
N PHE A 81 7.96 1.70 2.12
CA PHE A 81 8.87 2.81 2.48
C PHE A 81 8.14 4.07 3.02
N ALA A 82 8.90 5.05 3.52
CA ALA A 82 8.39 6.39 3.83
C ALA A 82 8.31 7.28 2.55
N PRO A 83 7.65 8.44 2.57
CA PRO A 83 7.73 9.43 1.48
C PRO A 83 9.16 9.91 1.28
N GLY A 84 9.58 10.03 0.01
CA GLY A 84 10.96 10.36 -0.37
C GLY A 84 11.15 10.45 -1.88
N GLU A 85 12.32 10.05 -2.38
CA GLU A 85 12.72 10.11 -3.79
C GLU A 85 12.93 8.68 -4.30
N GLY A 86 14.16 8.16 -4.16
CA GLY A 86 14.64 6.88 -4.70
C GLY A 86 13.80 5.69 -4.24
N LEU A 87 14.07 5.14 -3.04
CA LEU A 87 13.30 4.05 -2.40
C LEU A 87 11.99 4.53 -1.78
N GLY A 88 12.00 5.80 -1.36
CA GLY A 88 10.83 6.53 -0.90
C GLY A 88 9.59 6.28 -1.74
N GLY A 89 8.47 6.01 -1.03
CA GLY A 89 7.18 5.69 -1.62
C GLY A 89 7.11 4.34 -2.28
N ASP A 90 8.17 3.51 -2.27
CA ASP A 90 8.11 2.23 -2.94
C ASP A 90 7.64 1.15 -1.96
N THR A 91 6.83 0.22 -2.47
CA THR A 91 6.07 -0.71 -1.62
C THR A 91 6.23 -2.15 -2.05
N HIS A 92 6.33 -3.00 -1.05
CA HIS A 92 6.73 -4.41 -1.17
C HIS A 92 5.75 -5.34 -0.42
N PHE A 93 5.47 -6.53 -0.99
CA PHE A 93 4.52 -7.52 -0.47
C PHE A 93 5.14 -8.90 -0.23
N ASP A 94 4.59 -9.62 0.73
CA ASP A 94 5.11 -10.85 1.32
C ASP A 94 4.70 -12.14 0.57
N ASN A 95 5.66 -12.83 -0.06
CA ASN A 95 5.40 -14.04 -0.84
C ASN A 95 5.54 -15.39 -0.07
N ALA A 96 6.07 -15.40 1.15
CA ALA A 96 6.21 -16.62 1.96
C ALA A 96 4.87 -17.36 2.25
N GLU A 97 3.73 -16.72 1.98
CA GLU A 97 2.38 -17.08 2.36
C GLU A 97 1.37 -16.77 1.22
N LYS A 98 0.09 -16.87 1.56
CA LYS A 98 -1.02 -16.96 0.60
C LYS A 98 -1.90 -15.72 0.51
N TRP A 99 -2.48 -15.60 -0.67
CA TRP A 99 -3.24 -14.44 -1.15
C TRP A 99 -4.48 -14.88 -1.94
N THR A 100 -5.66 -14.35 -1.55
CA THR A 100 -6.95 -14.70 -2.14
C THR A 100 -8.02 -13.80 -1.56
N MET A 101 -8.85 -13.23 -2.44
CA MET A 101 -9.93 -12.29 -2.13
C MET A 101 -11.25 -13.02 -1.76
N GLY A 102 -11.14 -14.26 -1.27
CA GLY A 102 -12.21 -15.18 -0.90
C GLY A 102 -12.23 -15.61 0.57
N THR A 103 -11.63 -14.79 1.47
CA THR A 103 -11.70 -14.90 2.96
C THR A 103 -10.77 -15.96 3.57
N ASN A 104 -10.35 -16.98 2.80
CA ASN A 104 -9.42 -18.03 3.26
C ASN A 104 -8.03 -17.48 3.64
N GLY A 105 -7.43 -16.78 2.67
CA GLY A 105 -6.08 -16.18 2.75
C GLY A 105 -6.08 -14.67 2.93
N PHE A 106 -4.93 -14.04 2.68
CA PHE A 106 -4.74 -12.62 2.95
C PHE A 106 -5.35 -11.75 1.85
N ASN A 107 -6.12 -10.77 2.30
CA ASN A 107 -6.86 -9.83 1.46
C ASN A 107 -5.91 -8.72 0.97
N LEU A 108 -5.49 -8.88 -0.29
CA LEU A 108 -4.57 -7.98 -0.98
C LEU A 108 -5.00 -6.51 -0.85
N PHE A 109 -6.19 -6.15 -1.33
CA PHE A 109 -6.73 -4.77 -1.18
C PHE A 109 -6.65 -4.23 0.27
N THR A 110 -7.06 -5.03 1.27
CA THR A 110 -7.04 -4.68 2.70
C THR A 110 -5.64 -4.36 3.21
N VAL A 111 -4.65 -5.20 2.89
CA VAL A 111 -3.26 -4.91 3.28
C VAL A 111 -2.66 -3.76 2.45
N ALA A 112 -3.07 -3.63 1.19
CA ALA A 112 -2.57 -2.66 0.23
C ALA A 112 -2.87 -1.21 0.64
N ALA A 113 -4.15 -0.88 0.92
CA ALA A 113 -4.45 0.51 1.32
C ALA A 113 -3.62 0.94 2.54
N HIS A 114 -3.40 0.04 3.50
CA HIS A 114 -2.50 0.28 4.63
C HIS A 114 -1.03 0.55 4.18
N GLU A 115 -0.40 -0.26 3.31
CA GLU A 115 1.01 -0.02 2.90
C GLU A 115 1.18 1.24 2.05
N PHE A 116 0.19 1.61 1.22
CA PHE A 116 0.18 2.92 0.57
C PHE A 116 0.25 4.02 1.62
N GLY A 117 -0.51 3.90 2.72
CA GLY A 117 -0.47 4.81 3.87
C GLY A 117 0.94 5.07 4.40
N HIS A 118 1.87 4.12 4.31
CA HIS A 118 3.26 4.35 4.71
C HIS A 118 4.04 5.18 3.68
N ALA A 119 3.82 4.90 2.38
CA ALA A 119 4.34 5.72 1.29
C ALA A 119 3.87 7.19 1.36
N LEU A 120 2.69 7.48 1.94
CA LEU A 120 2.16 8.84 2.17
C LEU A 120 2.90 9.61 3.28
N GLY A 121 3.35 8.87 4.31
CA GLY A 121 3.98 9.37 5.53
C GLY A 121 3.32 8.93 6.83
N LEU A 122 2.28 8.08 6.76
CA LEU A 122 1.57 7.61 7.95
C LEU A 122 2.30 6.46 8.67
N ALA A 123 1.91 6.21 9.93
CA ALA A 123 2.49 5.22 10.85
C ALA A 123 1.41 4.26 11.41
N HIS A 124 1.82 3.15 12.06
CA HIS A 124 0.89 2.23 12.71
C HIS A 124 0.18 2.92 13.87
N SER A 125 -1.09 3.29 13.68
CA SER A 125 -1.85 3.85 14.79
C SER A 125 -2.30 2.74 15.76
N THR A 126 -2.76 3.15 16.94
CA THR A 126 -3.38 2.30 17.97
C THR A 126 -4.86 2.67 18.16
N ASP A 127 -5.45 3.34 17.17
CA ASP A 127 -6.82 3.83 17.18
C ASP A 127 -7.83 2.68 17.12
N PRO A 128 -8.94 2.67 17.93
CA PRO A 128 -9.90 1.55 17.95
C PRO A 128 -10.55 1.34 16.58
N SER A 129 -10.43 2.28 15.63
CA SER A 129 -10.80 2.14 14.24
C SER A 129 -9.85 2.98 13.34
N ALA A 130 -8.68 2.39 13.12
CA ALA A 130 -7.71 2.80 12.10
C ALA A 130 -7.43 1.67 11.09
N LEU A 131 -7.11 2.03 9.85
CA LEU A 131 -6.59 1.11 8.83
C LEU A 131 -5.11 0.78 9.06
N MET A 132 -4.31 1.78 9.45
CA MET A 132 -2.91 1.63 9.81
C MET A 132 -2.72 0.83 11.10
N TYR A 133 -3.81 0.52 11.83
CA TYR A 133 -3.75 -0.38 12.99
C TYR A 133 -2.92 -1.67 12.74
N PRO A 134 -1.96 -2.02 13.62
CA PRO A 134 -1.09 -3.18 13.44
C PRO A 134 -1.74 -4.47 13.93
N THR A 135 -1.67 -5.48 13.04
CA THR A 135 -2.03 -6.91 13.11
C THR A 135 -2.83 -7.30 11.88
N TYR A 136 -2.92 -8.59 11.57
CA TYR A 136 -3.83 -9.03 10.51
C TYR A 136 -5.28 -8.65 10.83
N LYS A 137 -5.85 -7.76 10.02
CA LYS A 137 -7.27 -7.40 10.08
C LYS A 137 -7.97 -7.76 8.77
N TYR A 138 -9.25 -8.07 8.88
CA TYR A 138 -10.14 -8.28 7.74
C TYR A 138 -10.99 -7.05 7.46
N LYS A 139 -11.18 -6.76 6.17
CA LYS A 139 -12.16 -5.84 5.63
C LYS A 139 -12.77 -6.51 4.40
N ASN A 140 -14.09 -6.42 4.33
CA ASN A 140 -14.94 -6.87 3.23
C ASN A 140 -14.50 -6.17 1.92
N PRO A 141 -13.90 -6.89 0.95
CA PRO A 141 -13.22 -6.25 -0.15
C PRO A 141 -14.17 -5.85 -1.29
N TYR A 142 -15.00 -4.82 -1.09
CA TYR A 142 -15.94 -4.31 -2.11
C TYR A 142 -15.68 -2.82 -2.46
N GLY A 143 -14.48 -2.32 -2.17
CA GLY A 143 -14.08 -0.92 -2.38
C GLY A 143 -14.29 0.00 -1.16
N PHE A 144 -14.31 -0.57 0.05
CA PHE A 144 -14.45 0.14 1.32
C PHE A 144 -13.47 1.33 1.41
N HIS A 145 -13.92 2.49 1.86
CA HIS A 145 -13.03 3.58 2.24
C HIS A 145 -12.58 3.52 3.73
N LEU A 146 -11.73 4.46 4.15
CA LEU A 146 -11.01 4.40 5.43
C LEU A 146 -11.90 4.57 6.64
N PRO A 147 -11.55 3.95 7.79
CA PRO A 147 -12.37 4.02 9.01
C PRO A 147 -12.44 5.46 9.53
N LYS A 148 -11.31 6.14 9.77
CA LYS A 148 -11.30 7.50 10.32
C LYS A 148 -9.89 8.10 10.47
N ASP A 149 -9.09 7.60 11.41
CA ASP A 149 -7.81 8.20 11.84
C ASP A 149 -6.80 8.44 10.70
N ASP A 150 -6.90 7.57 9.71
CA ASP A 150 -6.10 7.54 8.50
C ASP A 150 -6.51 8.64 7.52
N VAL A 151 -7.77 9.08 7.50
CA VAL A 151 -8.29 10.13 6.60
C VAL A 151 -7.78 11.52 7.03
N LYS A 152 -7.97 11.90 8.30
CA LYS A 152 -7.41 13.14 8.83
C LYS A 152 -5.86 13.21 8.71
N GLY A 153 -5.18 12.05 8.82
CA GLY A 153 -3.75 11.88 8.54
C GLY A 153 -3.34 12.20 7.09
N ILE A 154 -3.92 11.57 6.05
CA ILE A 154 -3.59 11.93 4.66
C ILE A 154 -4.03 13.34 4.26
N GLN A 155 -5.18 13.83 4.75
CA GLN A 155 -5.66 15.15 4.37
C GLN A 155 -4.81 16.26 5.03
N ALA A 156 -3.95 15.93 6.01
CA ALA A 156 -2.93 16.87 6.53
C ALA A 156 -1.68 16.97 5.63
N LEU A 157 -1.57 16.09 4.64
CA LEU A 157 -0.46 16.07 3.68
C LEU A 157 -0.79 16.92 2.46
N TYR A 158 -2.00 16.78 1.89
CA TYR A 158 -2.34 17.57 0.71
C TYR A 158 -3.38 18.67 0.98
N GLY A 159 -3.92 18.76 2.21
CA GLY A 159 -4.96 19.75 2.60
C GLY A 159 -4.84 20.49 3.96
N PRO A 160 -3.66 20.95 4.42
CA PRO A 160 -3.50 21.72 5.67
C PRO A 160 -3.98 23.18 5.59
CA CA B . 5.18 -12.49 5.63
CA CA C . 10.36 5.93 -5.57
ZN ZN D . 11.63 -3.54 1.45
ZN ZN E . 1.97 -0.81 8.62
C1 NGH F . -0.77 -5.12 9.56
C2 NGH F . -2.02 -4.59 9.26
C3 NGH F . -2.41 -4.43 7.93
C4 NGH F . -1.52 -4.72 6.91
C5 NGH F . -0.26 -5.21 7.20
C6 NGH F . 0.11 -5.43 8.53
O1 NGH F . -3.66 -3.98 7.57
C7 NGH F . -4.74 -3.89 8.54
S1 NGH F . 1.71 -6.15 8.86
O2 NGH F . 2.32 -6.32 7.55
O3 NGH F . 1.58 -7.32 9.71
N NGH F . 2.70 -5.13 9.68
C9 NGH F . 2.40 -4.65 11.06
C10 NGH F . 3.38 -4.16 8.84
C11 NGH F . 2.43 -3.15 8.25
N1 NGH F . 2.68 -2.72 7.01
O4 NGH F . 1.92 -1.86 6.51
O5 NGH F . 1.40 -2.79 8.80
C12 NGH F . 2.83 -5.70 12.12
C13 NGH F . 1.62 -6.37 12.80
C14 NGH F . 3.74 -5.05 13.19
H1 NGH F . -0.46 -5.31 10.59
H2 NGH F . -2.70 -4.35 10.07
H4 NGH F . -1.77 -4.61 5.86
H5 NGH F . 0.43 -5.43 6.38
H71 NGH F . -4.85 -4.86 9.04
H72 NGH F . -5.66 -3.62 8.03
H73 NGH F . -4.49 -3.13 9.29
H91 NGH F . 1.36 -4.37 11.19
H92 NGH F . 2.95 -3.73 11.25
H101 NGH F . 3.88 -4.67 8.02
H102 NGH F . 4.18 -3.66 9.41
HN1 NGH F . 3.37 -3.19 6.43
H12 NGH F . 3.41 -6.47 11.62
H131 NGH F . 0.93 -6.78 12.06
H132 NGH F . 1.07 -5.64 13.39
H133 NGH F . 1.95 -7.18 13.46
H141 NGH F . 4.62 -4.62 12.71
H142 NGH F . 4.08 -5.79 13.92
H143 NGH F . 3.20 -4.25 13.71
N GLY A 1 12.72 18.78 7.79
CA GLY A 1 11.28 18.95 8.11
C GLY A 1 10.47 18.57 6.89
N GLU A 2 9.27 18.02 7.06
CA GLU A 2 8.31 17.66 6.01
C GLU A 2 8.82 16.52 5.09
N PRO A 3 8.51 15.26 5.42
CA PRO A 3 8.83 14.13 4.55
C PRO A 3 7.77 13.90 3.47
N LYS A 4 6.57 14.45 3.63
CA LYS A 4 5.46 14.19 2.73
C LYS A 4 5.58 14.93 1.39
N TRP A 5 4.84 14.42 0.42
CA TRP A 5 4.97 14.79 -1.00
C TRP A 5 4.66 16.26 -1.32
N LYS A 6 5.41 16.80 -2.27
CA LYS A 6 5.15 18.12 -2.88
C LYS A 6 3.95 18.14 -3.84
N LYS A 7 3.42 17.00 -4.28
CA LYS A 7 2.35 16.93 -5.29
C LYS A 7 1.23 15.93 -4.94
N ASN A 8 0.17 15.94 -5.75
CA ASN A 8 -1.07 15.20 -5.52
C ASN A 8 -1.24 14.04 -6.53
N THR A 9 -0.53 14.11 -7.66
CA THR A 9 -0.42 13.10 -8.74
C THR A 9 0.79 12.20 -8.52
N LEU A 10 0.55 10.97 -8.05
CA LEU A 10 1.62 9.99 -7.80
C LEU A 10 1.74 8.92 -8.91
N THR A 11 2.97 8.56 -9.31
CA THR A 11 3.22 7.67 -10.47
C THR A 11 3.81 6.33 -10.03
N TYR A 12 3.22 5.24 -10.51
CA TYR A 12 3.57 3.85 -10.13
C TYR A 12 4.09 2.99 -11.29
N ARG A 13 4.85 1.95 -10.95
CA ARG A 13 5.41 0.95 -11.88
C ARG A 13 5.12 -0.47 -11.41
N ILE A 14 4.18 -1.17 -12.06
CA ILE A 14 4.00 -2.62 -11.85
C ILE A 14 5.11 -3.35 -12.58
N SER A 15 5.77 -4.33 -11.95
CA SER A 15 6.79 -5.13 -12.64
C SER A 15 6.90 -6.60 -12.19
N LYS A 16 6.18 -7.01 -11.15
CA LYS A 16 6.08 -8.39 -10.66
C LYS A 16 4.76 -8.58 -9.93
N TYR A 17 4.19 -9.78 -10.02
CA TYR A 17 2.88 -10.13 -9.46
C TYR A 17 3.06 -11.24 -8.39
N THR A 18 1.94 -11.88 -8.02
CA THR A 18 1.87 -13.12 -7.24
C THR A 18 1.28 -14.19 -8.17
N PRO A 19 1.68 -15.48 -8.08
CA PRO A 19 1.05 -16.57 -8.84
C PRO A 19 -0.30 -17.01 -8.23
N SER A 20 -0.59 -16.58 -6.99
CA SER A 20 -1.74 -17.05 -6.21
C SER A 20 -3.06 -16.34 -6.54
N MET A 21 -2.97 -15.08 -6.96
CA MET A 21 -4.07 -14.33 -7.55
C MET A 21 -3.91 -14.27 -9.08
N SER A 22 -4.94 -13.83 -9.79
CA SER A 22 -4.83 -13.54 -11.23
C SER A 22 -4.23 -12.14 -11.43
N SER A 23 -3.58 -11.88 -12.56
CA SER A 23 -2.99 -10.55 -12.82
C SER A 23 -4.04 -9.45 -12.81
N VAL A 24 -5.24 -9.75 -13.29
CA VAL A 24 -6.36 -8.80 -13.34
C VAL A 24 -6.96 -8.60 -11.95
N GLU A 25 -6.85 -9.61 -11.09
CA GLU A 25 -7.37 -9.63 -9.72
C GLU A 25 -6.46 -8.87 -8.78
N VAL A 26 -5.15 -9.12 -8.85
CA VAL A 26 -4.15 -8.39 -8.05
C VAL A 26 -4.11 -6.93 -8.50
N ASP A 27 -4.24 -6.66 -9.82
CA ASP A 27 -4.44 -5.32 -10.34
C ASP A 27 -5.74 -4.71 -9.81
N LYS A 28 -6.92 -5.31 -10.06
CA LYS A 28 -8.21 -4.83 -9.51
C LYS A 28 -8.11 -4.51 -8.01
N ALA A 29 -7.44 -5.38 -7.25
CA ALA A 29 -7.21 -5.22 -5.82
C ALA A 29 -6.37 -3.98 -5.45
N VAL A 30 -5.27 -3.67 -6.16
CA VAL A 30 -4.54 -2.41 -5.89
C VAL A 30 -5.33 -1.17 -6.30
N GLU A 31 -6.17 -1.24 -7.34
CA GLU A 31 -6.81 -0.06 -7.93
C GLU A 31 -7.86 0.49 -6.97
N MET A 32 -8.59 -0.43 -6.33
CA MET A 32 -9.65 -0.05 -5.41
C MET A 32 -9.07 0.67 -4.18
N ALA A 33 -7.85 0.31 -3.78
CA ALA A 33 -7.10 0.94 -2.70
C ALA A 33 -6.66 2.38 -3.04
N LEU A 34 -6.46 2.70 -4.32
CA LEU A 34 -6.22 4.07 -4.78
C LEU A 34 -7.43 4.96 -4.51
N GLN A 35 -8.62 4.41 -4.78
CA GLN A 35 -9.86 5.13 -4.64
C GLN A 35 -10.25 5.37 -3.18
N ALA A 36 -9.75 4.54 -2.25
CA ALA A 36 -9.95 4.73 -0.82
C ALA A 36 -9.30 6.04 -0.33
N TRP A 37 -8.02 6.31 -0.64
CA TRP A 37 -7.39 7.57 -0.25
C TRP A 37 -7.87 8.76 -1.07
N SER A 38 -8.18 8.54 -2.36
CA SER A 38 -8.75 9.57 -3.22
C SER A 38 -10.18 9.95 -2.80
N SER A 39 -10.81 9.24 -1.85
CA SER A 39 -12.04 9.70 -1.19
C SER A 39 -11.65 10.63 -0.03
N ALA A 40 -10.61 10.29 0.74
CA ALA A 40 -10.14 11.08 1.88
C ALA A 40 -9.55 12.45 1.49
N VAL A 41 -8.95 12.54 0.30
CA VAL A 41 -8.22 13.73 -0.17
C VAL A 41 -8.27 13.89 -1.70
N PRO A 42 -8.12 15.15 -2.19
CA PRO A 42 -7.92 15.45 -3.61
C PRO A 42 -6.49 15.06 -4.01
N LEU A 43 -6.27 13.75 -4.19
CA LEU A 43 -5.07 13.17 -4.78
C LEU A 43 -5.44 12.14 -5.84
N SER A 44 -4.47 11.80 -6.67
CA SER A 44 -4.59 10.88 -7.78
C SER A 44 -3.39 9.95 -7.77
N PHE A 45 -3.62 8.65 -7.72
CA PHE A 45 -2.59 7.66 -7.96
C PHE A 45 -2.74 7.20 -9.41
N VAL A 46 -1.68 7.22 -10.22
CA VAL A 46 -1.73 6.75 -11.62
C VAL A 46 -0.57 5.80 -11.89
N ARG A 47 -0.85 4.67 -12.55
CA ARG A 47 0.18 3.70 -12.93
C ARG A 47 0.65 3.91 -14.37
N ILE A 48 1.97 3.90 -14.56
CA ILE A 48 2.64 4.08 -15.87
C ILE A 48 3.12 2.75 -16.44
N ASN A 49 3.29 2.69 -17.76
CA ASN A 49 3.93 1.58 -18.47
C ASN A 49 5.35 1.96 -18.94
N SER A 50 5.63 3.27 -19.12
CA SER A 50 6.80 3.80 -19.81
C SER A 50 7.62 4.76 -18.94
N GLY A 51 8.92 4.52 -18.75
CA GLY A 51 9.73 5.28 -17.79
C GLY A 51 9.83 4.62 -16.42
N GLU A 52 10.59 5.27 -15.54
CA GLU A 52 10.63 4.90 -14.12
C GLU A 52 9.72 5.81 -13.29
N ALA A 53 8.84 5.17 -12.51
CA ALA A 53 7.89 5.81 -11.63
C ALA A 53 8.47 5.95 -10.22
N ASP A 54 7.70 6.60 -9.34
CA ASP A 54 8.10 6.82 -7.97
C ASP A 54 7.61 5.72 -7.04
N ILE A 55 6.54 5.00 -7.42
CA ILE A 55 6.02 3.93 -6.58
C ILE A 55 6.08 2.63 -7.38
N MET A 56 7.22 1.96 -7.29
CA MET A 56 7.37 0.62 -7.83
C MET A 56 6.61 -0.37 -6.94
N ILE A 57 6.00 -1.40 -7.54
CA ILE A 57 5.45 -2.53 -6.80
C ILE A 57 6.02 -3.84 -7.37
N SER A 58 6.81 -4.53 -6.56
CA SER A 58 7.33 -5.86 -6.83
C SER A 58 7.28 -6.70 -5.54
N PHE A 59 6.93 -7.99 -5.70
CA PHE A 59 6.84 -8.92 -4.59
C PHE A 59 8.24 -9.31 -4.13
N GLU A 60 8.44 -9.31 -2.82
CA GLU A 60 9.69 -9.36 -2.09
C GLU A 60 9.87 -10.68 -1.31
N ASN A 61 11.11 -11.08 -1.02
CA ASN A 61 11.39 -12.17 -0.06
C ASN A 61 12.59 -11.77 0.81
N GLY A 62 12.98 -12.50 1.85
CA GLY A 62 14.05 -12.03 2.75
C GLY A 62 15.35 -11.70 2.03
N ASP A 63 15.95 -10.57 2.45
CA ASP A 63 17.23 -9.98 2.01
C ASP A 63 17.22 -9.20 0.67
N HIS A 64 16.02 -8.89 0.16
CA HIS A 64 15.80 -8.02 -0.99
C HIS A 64 16.34 -6.56 -0.91
N GLY A 65 17.13 -6.19 0.10
CA GLY A 65 17.89 -4.93 0.14
C GLY A 65 17.18 -3.72 0.76
N ASP A 66 16.71 -3.82 2.02
CA ASP A 66 16.17 -2.69 2.77
C ASP A 66 16.37 -2.86 4.30
N SER A 67 15.82 -1.95 5.11
CA SER A 67 15.96 -1.94 6.58
C SER A 67 15.37 -3.17 7.29
N TYR A 68 14.44 -3.84 6.62
CA TYR A 68 13.61 -4.97 7.05
C TYR A 68 13.88 -6.15 6.06
N PRO A 69 15.11 -6.72 6.08
CA PRO A 69 15.63 -7.66 5.07
C PRO A 69 15.15 -9.10 5.28
N PHE A 70 13.86 -9.24 5.45
CA PHE A 70 13.15 -10.47 5.78
C PHE A 70 11.77 -10.50 5.11
N ASP A 71 11.08 -11.63 5.22
CA ASP A 71 9.69 -11.86 4.80
C ASP A 71 9.02 -12.75 5.85
N GLY A 72 9.50 -13.99 6.02
CA GLY A 72 8.97 -15.02 6.94
C GLY A 72 7.60 -15.54 6.48
N PRO A 73 7.25 -16.82 6.75
CA PRO A 73 6.06 -17.46 6.17
C PRO A 73 4.69 -16.98 6.70
N ARG A 74 4.68 -15.90 7.50
CA ARG A 74 3.52 -15.33 8.21
C ARG A 74 3.80 -13.84 8.54
N GLY A 75 3.02 -13.29 9.49
CA GLY A 75 3.25 -12.02 10.19
C GLY A 75 3.06 -10.83 9.27
N THR A 76 4.19 -10.23 8.87
CA THR A 76 4.30 -9.21 7.83
C THR A 76 3.54 -9.69 6.60
N LEU A 77 2.48 -8.99 6.21
CA LEU A 77 1.76 -9.28 4.96
C LEU A 77 2.18 -8.36 3.83
N ALA A 78 2.52 -7.12 4.17
CA ALA A 78 3.07 -6.18 3.21
C ALA A 78 3.88 -5.11 3.92
N HIS A 79 4.78 -4.44 3.21
CA HIS A 79 5.41 -3.23 3.72
C HIS A 79 5.91 -2.32 2.62
N ALA A 80 5.65 -1.03 2.80
CA ALA A 80 6.22 0.03 1.99
C ALA A 80 7.27 0.85 2.75
N PHE A 81 7.84 1.81 2.04
CA PHE A 81 8.68 2.86 2.59
C PHE A 81 7.88 4.11 2.95
N ALA A 82 8.46 4.94 3.82
CA ALA A 82 7.97 6.31 4.03
C ALA A 82 8.29 7.15 2.76
N PRO A 83 7.60 8.27 2.47
CA PRO A 83 7.83 9.07 1.27
C PRO A 83 9.30 9.52 1.16
N GLY A 84 9.79 9.62 -0.08
CA GLY A 84 11.17 9.95 -0.39
C GLY A 84 11.55 9.64 -1.85
N GLU A 85 12.85 9.69 -2.13
CA GLU A 85 13.37 9.73 -3.51
C GLU A 85 13.58 8.33 -4.09
N GLY A 86 14.64 7.65 -3.65
CA GLY A 86 15.00 6.30 -4.05
C GLY A 86 14.02 5.27 -3.50
N LEU A 87 14.47 4.51 -2.52
CA LEU A 87 13.65 3.54 -1.77
C LEU A 87 12.39 4.20 -1.16
N GLY A 88 12.51 5.46 -0.73
CA GLY A 88 11.41 6.35 -0.35
C GLY A 88 10.17 6.22 -1.23
N GLY A 89 8.99 6.03 -0.65
CA GLY A 89 7.74 5.88 -1.37
C GLY A 89 7.58 4.59 -2.17
N ASP A 90 8.58 3.68 -2.17
CA ASP A 90 8.47 2.40 -2.89
C ASP A 90 7.71 1.37 -2.06
N THR A 91 6.89 0.54 -2.72
CA THR A 91 6.01 -0.46 -2.05
C THR A 91 6.40 -1.89 -2.41
N HIS A 92 6.50 -2.72 -1.36
CA HIS A 92 6.87 -4.13 -1.41
C HIS A 92 5.77 -5.04 -0.81
N PHE A 93 5.78 -6.32 -1.21
CA PHE A 93 4.78 -7.32 -0.82
C PHE A 93 5.36 -8.72 -0.60
N ASP A 94 5.03 -9.33 0.53
CA ASP A 94 5.57 -10.61 0.96
C ASP A 94 5.26 -11.80 -0.01
N ASN A 95 6.29 -12.35 -0.66
CA ASN A 95 6.18 -13.36 -1.72
C ASN A 95 6.15 -14.80 -1.20
N ALA A 96 6.64 -15.05 0.04
CA ALA A 96 6.74 -16.40 0.60
C ALA A 96 5.37 -17.11 0.81
N GLU A 97 4.27 -16.36 0.81
CA GLU A 97 2.94 -16.81 1.24
C GLU A 97 1.83 -16.63 0.19
N LYS A 98 0.58 -16.64 0.64
CA LYS A 98 -0.62 -16.74 -0.20
C LYS A 98 -1.48 -15.49 -0.26
N TRP A 99 -2.03 -15.29 -1.45
CA TRP A 99 -2.87 -14.18 -1.83
C TRP A 99 -4.12 -14.73 -2.51
N THR A 100 -5.24 -14.65 -1.81
CA THR A 100 -6.59 -14.91 -2.34
C THR A 100 -7.52 -13.75 -1.95
N MET A 101 -8.78 -13.88 -2.32
CA MET A 101 -9.89 -12.96 -1.99
C MET A 101 -11.13 -13.71 -1.49
N GLY A 102 -11.12 -15.06 -1.52
CA GLY A 102 -12.24 -15.94 -1.15
C GLY A 102 -12.22 -16.40 0.32
N THR A 103 -11.61 -15.61 1.22
CA THR A 103 -11.35 -15.91 2.64
C THR A 103 -10.24 -16.98 2.79
N ASN A 104 -10.04 -17.55 3.99
CA ASN A 104 -8.94 -18.47 4.37
C ASN A 104 -7.56 -17.77 4.37
N GLY A 105 -6.95 -17.56 3.20
CA GLY A 105 -5.69 -16.82 3.00
C GLY A 105 -5.84 -15.29 3.07
N PHE A 106 -4.76 -14.56 2.74
CA PHE A 106 -4.65 -13.11 2.91
C PHE A 106 -5.07 -12.31 1.66
N ASN A 107 -5.60 -11.10 1.90
CA ASN A 107 -6.28 -10.27 0.89
C ASN A 107 -5.43 -9.06 0.46
N LEU A 108 -5.16 -8.91 -0.85
CA LEU A 108 -4.30 -7.83 -1.32
C LEU A 108 -4.91 -6.43 -1.10
N PHE A 109 -6.12 -6.15 -1.60
CA PHE A 109 -6.80 -4.84 -1.49
C PHE A 109 -6.67 -4.21 -0.09
N THR A 110 -6.98 -5.03 0.93
CA THR A 110 -6.95 -4.72 2.35
C THR A 110 -5.57 -4.39 2.91
N VAL A 111 -4.48 -4.95 2.37
CA VAL A 111 -3.08 -4.55 2.70
C VAL A 111 -2.56 -3.41 1.79
N ALA A 112 -2.99 -3.37 0.52
CA ALA A 112 -2.48 -2.44 -0.49
C ALA A 112 -2.80 -0.98 -0.14
N ALA A 113 -4.03 -0.70 0.32
CA ALA A 113 -4.37 0.63 0.81
C ALA A 113 -3.47 1.05 1.97
N HIS A 114 -3.26 0.17 2.96
CA HIS A 114 -2.40 0.45 4.11
C HIS A 114 -0.96 0.82 3.68
N GLU A 115 -0.34 0.04 2.77
CA GLU A 115 1.03 0.30 2.34
C GLU A 115 1.20 1.58 1.54
N PHE A 116 0.21 1.99 0.74
CA PHE A 116 0.23 3.34 0.16
C PHE A 116 0.27 4.36 1.29
N GLY A 117 -0.55 4.18 2.33
CA GLY A 117 -0.56 4.93 3.58
C GLY A 117 0.83 5.18 4.15
N HIS A 118 1.77 4.27 4.00
CA HIS A 118 3.15 4.51 4.39
C HIS A 118 3.91 5.41 3.41
N ALA A 119 3.81 5.15 2.12
CA ALA A 119 4.37 5.98 1.06
C ALA A 119 3.70 7.37 0.92
N LEU A 120 2.53 7.61 1.52
CA LEU A 120 1.87 8.92 1.67
C LEU A 120 2.66 9.79 2.66
N GLY A 121 3.06 9.17 3.76
CA GLY A 121 3.63 9.80 4.95
C GLY A 121 3.09 9.28 6.28
N LEU A 122 2.17 8.31 6.28
CA LEU A 122 1.61 7.81 7.54
C LEU A 122 2.47 6.73 8.23
N ALA A 123 2.25 6.57 9.54
CA ALA A 123 2.95 5.62 10.42
C ALA A 123 1.99 4.53 10.91
N HIS A 124 2.44 3.47 11.61
CA HIS A 124 1.50 2.58 12.28
C HIS A 124 0.76 3.33 13.40
N SER A 125 -0.56 3.45 13.30
CA SER A 125 -1.41 4.24 14.19
C SER A 125 -1.94 3.36 15.35
N THR A 126 -1.65 3.64 16.63
CA THR A 126 -2.19 2.87 17.79
C THR A 126 -3.63 3.27 18.20
N ASP A 127 -4.43 3.59 17.18
CA ASP A 127 -5.75 4.22 17.23
C ASP A 127 -6.90 3.20 17.24
N PRO A 128 -7.98 3.34 18.06
CA PRO A 128 -9.02 2.30 18.28
C PRO A 128 -9.81 1.91 17.01
N SER A 129 -9.61 2.65 15.92
CA SER A 129 -10.03 2.27 14.57
C SER A 129 -9.26 3.11 13.55
N ALA A 130 -8.08 2.59 13.20
CA ALA A 130 -7.24 3.05 12.10
C ALA A 130 -6.99 1.87 11.15
N LEU A 131 -6.82 2.14 9.84
CA LEU A 131 -6.34 1.14 8.89
C LEU A 131 -4.85 0.88 9.10
N MET A 132 -4.10 1.93 9.44
CA MET A 132 -2.67 1.86 9.71
C MET A 132 -2.40 1.23 11.09
N TYR A 133 -3.44 0.83 11.82
CA TYR A 133 -3.24 -0.02 12.99
C TYR A 133 -2.34 -1.26 12.69
N PRO A 134 -1.27 -1.49 13.49
CA PRO A 134 -0.36 -2.58 13.26
C PRO A 134 -1.01 -3.90 13.72
N THR A 135 -1.63 -4.65 12.77
CA THR A 135 -2.20 -5.98 13.06
C THR A 135 -2.65 -6.81 11.84
N TYR A 136 -3.14 -6.13 10.81
CA TYR A 136 -3.91 -6.70 9.70
C TYR A 136 -5.34 -7.11 10.15
N LYS A 137 -6.32 -6.89 9.27
CA LYS A 137 -7.73 -7.17 9.48
C LYS A 137 -8.45 -7.55 8.16
N TYR A 138 -9.64 -8.12 8.31
CA TYR A 138 -10.51 -8.52 7.19
C TYR A 138 -11.64 -7.51 6.98
N LYS A 139 -11.33 -6.41 6.30
CA LYS A 139 -12.32 -5.45 5.81
C LYS A 139 -12.90 -5.90 4.46
N ASN A 140 -14.22 -5.74 4.33
CA ASN A 140 -15.11 -6.15 3.24
C ASN A 140 -14.67 -5.58 1.86
N PRO A 141 -14.34 -6.43 0.85
CA PRO A 141 -13.85 -5.99 -0.45
C PRO A 141 -14.99 -5.69 -1.45
N TYR A 142 -15.65 -4.54 -1.29
CA TYR A 142 -16.83 -4.15 -2.08
C TYR A 142 -16.93 -2.64 -2.44
N GLY A 143 -15.88 -1.88 -2.12
CA GLY A 143 -15.89 -0.41 -2.15
C GLY A 143 -16.00 0.20 -0.74
N PHE A 144 -15.37 -0.46 0.25
CA PHE A 144 -15.19 0.11 1.58
C PHE A 144 -14.19 1.28 1.53
N HIS A 145 -14.07 2.05 2.60
CA HIS A 145 -13.07 3.09 2.76
C HIS A 145 -12.54 3.06 4.20
N LEU A 146 -11.69 4.01 4.58
CA LEU A 146 -10.98 4.02 5.86
C LEU A 146 -11.93 4.14 7.07
N PRO A 147 -11.49 3.67 8.25
CA PRO A 147 -12.24 3.82 9.47
C PRO A 147 -12.34 5.29 9.90
N LYS A 148 -11.21 6.01 10.09
CA LYS A 148 -11.24 7.39 10.56
C LYS A 148 -9.87 8.09 10.58
N ASP A 149 -8.95 7.74 11.48
CA ASP A 149 -7.77 8.61 11.73
C ASP A 149 -6.85 8.76 10.51
N ASP A 150 -6.82 7.72 9.69
CA ASP A 150 -6.11 7.67 8.42
C ASP A 150 -6.60 8.78 7.48
N VAL A 151 -7.89 9.15 7.56
CA VAL A 151 -8.50 10.14 6.64
C VAL A 151 -8.01 11.56 6.99
N LYS A 152 -8.07 11.94 8.27
CA LYS A 152 -7.55 13.24 8.69
C LYS A 152 -6.00 13.28 8.65
N GLY A 153 -5.31 12.13 8.73
CA GLY A 153 -3.85 12.03 8.68
C GLY A 153 -3.31 12.32 7.27
N ILE A 154 -3.85 11.64 6.26
CA ILE A 154 -3.52 11.96 4.85
C ILE A 154 -3.90 13.39 4.45
N GLN A 155 -4.95 13.96 5.03
CA GLN A 155 -5.45 15.28 4.67
C GLN A 155 -4.48 16.39 5.08
N ALA A 156 -3.63 16.14 6.09
CA ALA A 156 -2.55 17.02 6.53
C ALA A 156 -1.28 16.97 5.66
N LEU A 157 -1.27 16.11 4.64
CA LEU A 157 -0.17 15.95 3.68
C LEU A 157 -0.50 16.58 2.32
N TYR A 158 -1.70 16.30 1.81
CA TYR A 158 -2.16 16.75 0.49
C TYR A 158 -3.04 18.01 0.56
N GLY A 159 -3.50 18.38 1.77
CA GLY A 159 -4.30 19.59 2.03
C GLY A 159 -3.75 20.49 3.13
N PRO A 160 -2.49 20.98 3.04
CA PRO A 160 -1.97 21.98 3.99
C PRO A 160 -2.84 23.25 4.04
CA CA B . 5.74 -12.34 5.30
CA CA C . 10.66 6.30 -5.00
ZN ZN D . 10.71 -4.73 1.46
ZN ZN E . 2.12 -0.80 8.10
C1 NGH F . -0.05 -5.37 6.91
C2 NGH F . -1.29 -4.84 6.63
C3 NGH F . -2.05 -4.28 7.65
C4 NGH F . -1.56 -4.24 8.95
C5 NGH F . -0.33 -4.82 9.24
C6 NGH F . 0.44 -5.38 8.21
O1 NGH F . -3.33 -3.83 7.44
C7 NGH F . -4.18 -4.63 6.63
S1 NGH F . 2.06 -6.07 8.48
O2 NGH F . 2.58 -6.39 7.15
O3 NGH F . 2.04 -7.17 9.43
N NGH F . 3.10 -4.96 9.10
C9 NGH F . 2.83 -4.25 10.39
C10 NGH F . 4.04 -4.27 8.19
C11 NGH F . 3.49 -3.02 7.54
N1 NGH F . 2.33 -3.16 6.91
O4 NGH F . 1.31 -2.63 7.43
O5 NGH F . 4.01 -1.93 7.71
C12 NGH F . 2.93 -5.24 11.58
C13 NGH F . 1.56 -5.65 12.14
C14 NGH F . 3.81 -4.61 12.68
H1 NGH F . 0.55 -5.76 6.09
H2 NGH F . -1.59 -4.85 5.60
H4 NGH F . -2.16 -3.79 9.73
H5 NGH F . 0.04 -4.82 10.25
H71 NGH F . -3.88 -4.52 5.59
H72 NGH F . -5.21 -4.30 6.76
H73 NGH F . -4.07 -5.67 6.94
H91 NGH F . 1.86 -3.76 10.37
H92 NGH F . 3.54 -3.44 10.56
H101 NGH F . 4.37 -4.95 7.42
H102 NGH F . 4.92 -4.00 8.75
HN1 NGH F . 2.22 -4.00 6.33
H12 NGH F . 3.43 -6.15 11.25
H131 NGH F . 1.00 -6.26 11.43
H132 NGH F . 0.98 -4.75 12.33
H133 NGH F . 1.65 -6.22 13.05
H141 NGH F . 4.80 -4.39 12.27
H142 NGH F . 3.93 -5.31 13.52
H143 NGH F . 3.38 -3.68 13.05
N GLY A 1 10.99 22.25 5.69
CA GLY A 1 10.82 20.85 6.12
C GLY A 1 10.09 20.09 5.02
N GLU A 2 8.94 19.49 5.34
CA GLU A 2 7.99 18.87 4.41
C GLU A 2 8.58 17.58 3.78
N PRO A 3 8.48 16.41 4.45
CA PRO A 3 9.04 15.15 3.94
C PRO A 3 8.20 14.53 2.83
N LYS A 4 6.97 15.01 2.62
CA LYS A 4 5.95 14.43 1.75
C LYS A 4 6.20 14.66 0.24
N TRP A 5 5.18 14.35 -0.58
CA TRP A 5 5.20 14.67 -2.03
C TRP A 5 4.78 16.12 -2.30
N LYS A 6 5.55 16.86 -3.12
CA LYS A 6 5.23 18.24 -3.52
C LYS A 6 3.97 18.38 -4.38
N LYS A 7 3.54 17.28 -5.00
CA LYS A 7 2.40 17.19 -5.93
C LYS A 7 1.44 16.07 -5.55
N ASN A 8 0.17 16.19 -5.98
CA ASN A 8 -0.93 15.28 -5.67
C ASN A 8 -1.04 14.10 -6.69
N THR A 9 -0.38 14.25 -7.82
CA THR A 9 -0.40 13.30 -8.96
C THR A 9 0.81 12.39 -8.86
N LEU A 10 0.56 11.10 -8.60
CA LEU A 10 1.62 10.11 -8.35
C LEU A 10 1.57 8.89 -9.27
N THR A 11 2.76 8.49 -9.72
CA THR A 11 2.97 7.45 -10.73
C THR A 11 3.47 6.17 -10.09
N TYR A 12 3.07 5.00 -10.61
CA TYR A 12 3.57 3.72 -10.13
C TYR A 12 4.22 2.89 -11.22
N ARG A 13 4.97 1.85 -10.87
CA ARG A 13 5.55 0.90 -11.84
C ARG A 13 5.48 -0.52 -11.29
N ILE A 14 4.58 -1.33 -11.85
CA ILE A 14 4.54 -2.78 -11.61
C ILE A 14 5.74 -3.40 -12.30
N SER A 15 6.46 -4.22 -11.55
CA SER A 15 7.54 -5.04 -12.09
C SER A 15 7.21 -6.53 -11.97
N LYS A 16 6.69 -6.93 -10.81
CA LYS A 16 6.48 -8.32 -10.40
C LYS A 16 5.12 -8.49 -9.71
N TYR A 17 4.65 -9.74 -9.62
CA TYR A 17 3.34 -10.17 -9.11
C TYR A 17 3.45 -11.43 -8.21
N THR A 18 2.34 -11.87 -7.61
CA THR A 18 2.20 -13.15 -6.89
C THR A 18 1.59 -14.21 -7.82
N PRO A 19 1.80 -15.52 -7.61
CA PRO A 19 1.09 -16.59 -8.32
C PRO A 19 -0.36 -16.74 -7.84
N SER A 20 -0.69 -16.24 -6.64
CA SER A 20 -1.97 -16.47 -5.94
C SER A 20 -3.22 -15.97 -6.70
N MET A 21 -3.05 -14.95 -7.54
CA MET A 21 -4.06 -14.24 -8.35
C MET A 21 -3.38 -13.70 -9.61
N SER A 22 -4.08 -13.60 -10.73
CA SER A 22 -3.41 -13.06 -11.94
C SER A 22 -3.11 -11.53 -11.83
N SER A 23 -2.32 -11.05 -12.78
CA SER A 23 -1.98 -9.66 -12.98
C SER A 23 -3.19 -8.74 -12.88
N VAL A 24 -4.31 -9.21 -13.43
CA VAL A 24 -5.48 -8.34 -13.62
C VAL A 24 -6.23 -8.27 -12.29
N GLU A 25 -6.28 -9.40 -11.58
CA GLU A 25 -6.93 -9.56 -10.24
C GLU A 25 -6.13 -8.81 -9.15
N VAL A 26 -4.80 -8.85 -9.21
CA VAL A 26 -3.88 -8.04 -8.45
C VAL A 26 -4.12 -6.55 -8.73
N ASP A 27 -4.10 -6.11 -10.00
CA ASP A 27 -4.17 -4.66 -10.31
C ASP A 27 -5.53 -4.14 -9.87
N LYS A 28 -6.63 -4.88 -10.12
CA LYS A 28 -7.94 -4.42 -9.63
C LYS A 28 -8.06 -4.57 -8.10
N ALA A 29 -7.38 -5.55 -7.49
CA ALA A 29 -7.29 -5.63 -6.02
C ALA A 29 -6.56 -4.43 -5.40
N VAL A 30 -5.60 -3.80 -6.09
CA VAL A 30 -5.05 -2.51 -5.63
C VAL A 30 -5.99 -1.35 -5.94
N GLU A 31 -6.83 -1.42 -6.99
CA GLU A 31 -7.63 -0.27 -7.45
C GLU A 31 -8.52 0.30 -6.34
N MET A 32 -9.11 -0.60 -5.55
CA MET A 32 -10.02 -0.26 -4.47
C MET A 32 -9.34 0.56 -3.37
N ALA A 33 -8.05 0.28 -3.11
CA ALA A 33 -7.23 0.96 -2.12
C ALA A 33 -6.85 2.37 -2.57
N LEU A 34 -6.48 2.50 -3.85
CA LEU A 34 -6.10 3.77 -4.48
C LEU A 34 -7.30 4.73 -4.46
N GLN A 35 -8.46 4.22 -4.90
CA GLN A 35 -9.72 4.97 -4.91
C GLN A 35 -10.16 5.39 -3.50
N ALA A 36 -9.87 4.63 -2.45
CA ALA A 36 -10.17 5.02 -1.06
C ALA A 36 -9.36 6.28 -0.62
N TRP A 37 -8.06 6.36 -0.93
CA TRP A 37 -7.25 7.55 -0.62
C TRP A 37 -7.69 8.76 -1.45
N SER A 38 -8.06 8.53 -2.71
CA SER A 38 -8.61 9.56 -3.56
C SER A 38 -10.00 10.06 -3.10
N SER A 39 -10.59 9.50 -2.05
CA SER A 39 -11.77 10.05 -1.37
C SER A 39 -11.44 10.84 -0.11
N ALA A 40 -10.32 10.52 0.57
CA ALA A 40 -9.87 11.23 1.77
C ALA A 40 -9.10 12.54 1.45
N VAL A 41 -8.54 12.63 0.23
CA VAL A 41 -7.93 13.85 -0.35
C VAL A 41 -8.11 13.85 -1.87
N PRO A 42 -8.01 15.03 -2.52
CA PRO A 42 -7.95 15.17 -3.97
C PRO A 42 -6.54 14.84 -4.51
N LEU A 43 -6.08 13.58 -4.36
CA LEU A 43 -4.85 13.08 -5.00
C LEU A 43 -5.14 12.27 -6.26
N SER A 44 -4.13 11.65 -6.88
CA SER A 44 -4.32 10.68 -7.95
C SER A 44 -3.18 9.68 -8.04
N PHE A 45 -3.53 8.45 -8.40
CA PHE A 45 -2.62 7.31 -8.48
C PHE A 45 -2.71 6.59 -9.85
N VAL A 46 -1.68 6.67 -10.69
CA VAL A 46 -1.68 5.91 -11.97
C VAL A 46 -0.42 5.09 -12.12
N ARG A 47 -0.51 3.84 -12.56
CA ARG A 47 0.66 3.11 -13.01
C ARG A 47 1.11 3.63 -14.37
N ILE A 48 2.41 3.62 -14.60
CA ILE A 48 3.02 3.82 -15.92
C ILE A 48 3.60 2.52 -16.52
N ASN A 49 3.39 2.31 -17.83
CA ASN A 49 3.96 1.18 -18.61
C ASN A 49 5.16 1.62 -19.48
N SER A 50 5.42 2.93 -19.48
CA SER A 50 6.57 3.60 -20.08
C SER A 50 7.17 4.52 -19.01
N GLY A 51 8.46 4.34 -18.67
CA GLY A 51 9.16 5.17 -17.69
C GLY A 51 9.36 4.51 -16.35
N GLU A 52 10.12 5.22 -15.51
CA GLU A 52 10.37 4.90 -14.11
C GLU A 52 9.59 5.88 -13.24
N ALA A 53 8.91 5.34 -12.22
CA ALA A 53 7.87 6.02 -11.47
C ALA A 53 8.24 6.60 -10.09
N ASP A 54 7.27 7.27 -9.48
CA ASP A 54 7.36 7.74 -8.11
C ASP A 54 7.23 6.50 -7.19
N ILE A 55 6.41 5.49 -7.56
CA ILE A 55 6.16 4.31 -6.73
C ILE A 55 6.40 2.99 -7.52
N MET A 56 7.61 2.44 -7.44
CA MET A 56 7.97 1.14 -8.00
C MET A 56 7.48 0.03 -7.06
N ILE A 57 6.84 -1.01 -7.60
CA ILE A 57 6.17 -2.05 -6.80
C ILE A 57 6.45 -3.47 -7.28
N SER A 58 6.63 -4.38 -6.32
CA SER A 58 7.16 -5.72 -6.51
C SER A 58 6.83 -6.64 -5.33
N PHE A 59 6.90 -7.96 -5.57
CA PHE A 59 6.72 -9.00 -4.56
C PHE A 59 8.03 -9.79 -4.44
N GLU A 60 8.75 -9.59 -3.35
CA GLU A 60 10.09 -10.16 -3.09
C GLU A 60 9.99 -11.30 -2.09
N ASN A 61 10.86 -12.31 -2.16
CA ASN A 61 10.76 -13.51 -1.30
C ASN A 61 11.75 -13.46 -0.13
N GLY A 62 11.35 -12.90 1.01
CA GLY A 62 12.25 -12.77 2.17
C GLY A 62 13.14 -11.52 2.07
N ASP A 63 14.40 -11.68 1.70
CA ASP A 63 15.32 -10.56 1.45
C ASP A 63 15.17 -9.93 0.05
N HIS A 64 15.96 -8.88 -0.23
CA HIS A 64 15.97 -8.15 -1.50
C HIS A 64 17.09 -7.11 -1.58
N GLY A 65 17.04 -6.09 -0.71
CA GLY A 65 17.97 -4.95 -0.80
C GLY A 65 17.82 -3.84 0.24
N ASP A 66 17.44 -4.21 1.47
CA ASP A 66 17.33 -3.28 2.58
C ASP A 66 17.42 -3.92 3.99
N SER A 67 17.91 -3.12 4.94
CA SER A 67 18.13 -3.42 6.37
C SER A 67 16.86 -3.72 7.19
N TYR A 68 15.74 -4.02 6.52
CA TYR A 68 14.45 -4.42 7.07
C TYR A 68 13.74 -5.36 6.06
N PRO A 69 14.27 -6.60 5.89
CA PRO A 69 13.72 -7.59 4.96
C PRO A 69 12.43 -8.20 5.51
N PHE A 70 11.95 -9.26 4.88
CA PHE A 70 10.82 -10.05 5.38
C PHE A 70 11.26 -11.32 6.14
N ASP A 71 10.34 -12.29 6.24
CA ASP A 71 10.37 -13.43 7.16
C ASP A 71 9.73 -14.74 6.64
N GLY A 72 9.13 -14.76 5.44
CA GLY A 72 8.54 -15.99 4.89
C GLY A 72 7.02 -16.05 5.13
N PRO A 73 6.44 -17.17 5.58
CA PRO A 73 5.00 -17.32 5.75
C PRO A 73 4.48 -16.50 6.93
N ARG A 74 3.31 -15.85 6.75
CA ARG A 74 2.68 -14.90 7.69
C ARG A 74 3.65 -13.79 8.18
N GLY A 75 3.36 -13.30 9.39
CA GLY A 75 4.24 -12.42 10.17
C GLY A 75 4.17 -11.00 9.63
N THR A 76 5.22 -10.57 8.90
CA THR A 76 5.27 -9.32 8.12
C THR A 76 4.75 -9.60 6.72
N LEU A 77 3.47 -9.36 6.48
CA LEU A 77 2.85 -9.64 5.18
C LEU A 77 3.23 -8.57 4.15
N ALA A 78 3.43 -7.32 4.59
CA ALA A 78 3.77 -6.21 3.70
C ALA A 78 4.73 -5.19 4.34
N HIS A 79 5.32 -4.30 3.53
CA HIS A 79 6.09 -3.14 3.98
C HIS A 79 6.36 -2.13 2.83
N ALA A 80 5.89 -0.90 3.00
CA ALA A 80 6.24 0.22 2.15
C ALA A 80 7.19 1.19 2.82
N PHE A 81 7.78 2.04 2.00
CA PHE A 81 8.61 3.15 2.41
C PHE A 81 7.77 4.40 2.71
N ALA A 82 8.31 5.24 3.60
CA ALA A 82 7.81 6.60 3.80
C ALA A 82 8.06 7.44 2.52
N PRO A 83 7.42 8.61 2.34
CA PRO A 83 7.80 9.54 1.29
C PRO A 83 9.24 10.00 1.51
N GLY A 84 9.97 10.13 0.40
CA GLY A 84 11.36 10.53 0.41
C GLY A 84 11.82 10.89 -0.99
N GLU A 85 12.88 10.21 -1.44
CA GLU A 85 13.46 10.31 -2.79
C GLU A 85 13.52 8.94 -3.53
N GLY A 86 14.57 8.12 -3.29
CA GLY A 86 14.86 6.90 -4.07
C GLY A 86 13.86 5.78 -3.83
N LEU A 87 14.20 4.85 -2.92
CA LEU A 87 13.28 3.83 -2.41
C LEU A 87 12.07 4.44 -1.69
N GLY A 88 12.14 5.71 -1.25
CA GLY A 88 11.00 6.48 -0.73
C GLY A 88 9.74 6.35 -1.56
N GLY A 89 8.62 6.09 -0.89
CA GLY A 89 7.30 5.83 -1.45
C GLY A 89 7.12 4.45 -2.06
N ASP A 90 8.19 3.67 -2.28
CA ASP A 90 8.07 2.39 -2.98
C ASP A 90 7.42 1.30 -2.11
N THR A 91 6.65 0.42 -2.77
CA THR A 91 5.78 -0.58 -2.13
C THR A 91 6.38 -1.96 -2.34
N HIS A 92 6.80 -2.60 -1.25
CA HIS A 92 7.34 -3.97 -1.26
C HIS A 92 6.36 -4.93 -0.54
N PHE A 93 6.19 -6.15 -1.05
CA PHE A 93 5.29 -7.17 -0.48
C PHE A 93 6.04 -8.50 -0.36
N ASP A 94 5.72 -9.32 0.64
CA ASP A 94 6.34 -10.65 0.77
C ASP A 94 5.62 -11.72 -0.09
N ASN A 95 6.32 -12.25 -1.08
CA ASN A 95 5.79 -13.29 -1.98
C ASN A 95 5.77 -14.68 -1.33
N ALA A 96 6.36 -14.85 -0.13
CA ALA A 96 6.43 -16.13 0.59
C ALA A 96 5.15 -16.54 1.33
N GLU A 97 4.04 -15.85 1.06
CA GLU A 97 2.73 -16.15 1.57
C GLU A 97 1.64 -16.01 0.49
N LYS A 98 0.43 -16.44 0.82
CA LYS A 98 -0.75 -16.41 -0.05
C LYS A 98 -1.49 -15.08 -0.10
N TRP A 99 -2.13 -14.84 -1.24
CA TRP A 99 -2.76 -13.57 -1.57
C TRP A 99 -4.10 -13.78 -2.29
N THR A 100 -5.20 -13.76 -1.51
CA THR A 100 -6.58 -13.91 -1.98
C THR A 100 -7.38 -12.60 -1.83
N MET A 101 -8.67 -12.69 -2.14
CA MET A 101 -9.67 -11.67 -1.80
C MET A 101 -10.74 -12.31 -0.89
N GLY A 102 -10.79 -13.64 -0.78
CA GLY A 102 -11.76 -14.41 0.03
C GLY A 102 -11.40 -14.51 1.52
N THR A 103 -12.44 -14.58 2.36
CA THR A 103 -12.44 -14.56 3.85
C THR A 103 -11.80 -15.78 4.47
N ASN A 104 -10.47 -15.86 4.36
CA ASN A 104 -9.68 -17.05 4.68
C ASN A 104 -8.17 -16.75 4.64
N GLY A 105 -7.66 -16.48 3.44
CA GLY A 105 -6.26 -16.12 3.20
C GLY A 105 -5.95 -14.64 3.47
N PHE A 106 -4.70 -14.25 3.19
CA PHE A 106 -4.24 -12.89 3.41
C PHE A 106 -4.66 -12.05 2.21
N ASN A 107 -5.32 -10.92 2.49
CA ASN A 107 -6.02 -10.11 1.48
C ASN A 107 -5.14 -9.01 0.92
N LEU A 108 -4.83 -9.09 -0.38
CA LEU A 108 -3.93 -8.13 -1.03
C LEU A 108 -4.46 -6.70 -0.90
N PHE A 109 -5.68 -6.43 -1.35
CA PHE A 109 -6.39 -5.15 -1.16
C PHE A 109 -6.28 -4.62 0.28
N THR A 110 -6.56 -5.49 1.26
CA THR A 110 -6.58 -5.12 2.69
C THR A 110 -5.21 -4.74 3.24
N VAL A 111 -4.11 -5.26 2.70
CA VAL A 111 -2.74 -4.77 3.02
C VAL A 111 -2.29 -3.61 2.10
N ALA A 112 -2.82 -3.52 0.88
CA ALA A 112 -2.45 -2.52 -0.13
C ALA A 112 -2.73 -1.09 0.36
N ALA A 113 -3.95 -0.83 0.84
CA ALA A 113 -4.29 0.51 1.35
C ALA A 113 -3.44 0.89 2.57
N HIS A 114 -3.17 -0.02 3.51
CA HIS A 114 -2.26 0.22 4.63
C HIS A 114 -0.87 0.67 4.11
N GLU A 115 -0.20 -0.14 3.28
CA GLU A 115 1.16 0.18 2.86
C GLU A 115 1.25 1.42 1.97
N PHE A 116 0.25 1.69 1.12
CA PHE A 116 0.18 2.98 0.44
C PHE A 116 0.18 4.14 1.42
N GLY A 117 -0.51 4.00 2.57
CA GLY A 117 -0.56 4.96 3.67
C GLY A 117 0.82 5.47 4.11
N HIS A 118 1.82 4.58 4.13
CA HIS A 118 3.18 4.94 4.51
C HIS A 118 3.77 5.90 3.48
N ALA A 119 3.56 5.58 2.20
CA ALA A 119 4.19 6.25 1.06
C ALA A 119 3.64 7.67 0.86
N LEU A 120 2.49 7.97 1.44
CA LEU A 120 1.92 9.32 1.53
C LEU A 120 2.71 10.23 2.48
N GLY A 121 2.98 9.66 3.66
CA GLY A 121 3.49 10.30 4.87
C GLY A 121 3.04 9.67 6.19
N LEU A 122 2.10 8.71 6.20
CA LEU A 122 1.58 8.07 7.43
C LEU A 122 2.42 6.87 7.96
N ALA A 123 1.87 6.10 8.90
CA ALA A 123 2.50 4.99 9.65
C ALA A 123 1.46 4.18 10.50
N HIS A 124 1.90 3.18 11.27
CA HIS A 124 1.01 2.24 11.98
C HIS A 124 0.27 2.86 13.17
N SER A 125 -1.06 2.96 13.08
CA SER A 125 -1.86 3.61 14.13
C SER A 125 -2.32 2.65 15.25
N THR A 126 -2.11 2.99 16.53
CA THR A 126 -2.58 2.25 17.72
C THR A 126 -4.06 2.57 18.04
N ASP A 127 -4.85 2.73 17.00
CA ASP A 127 -6.21 3.25 17.02
C ASP A 127 -7.29 2.13 17.14
N PRO A 128 -8.50 2.39 17.67
CA PRO A 128 -9.58 1.39 17.68
C PRO A 128 -10.34 1.24 16.35
N SER A 129 -10.02 2.02 15.31
CA SER A 129 -10.72 2.02 14.02
C SER A 129 -9.80 1.90 12.78
N ALA A 130 -8.62 2.51 12.83
CA ALA A 130 -7.69 2.74 11.70
C ALA A 130 -7.27 1.51 10.91
N LEU A 131 -7.15 1.67 9.58
CA LEU A 131 -6.72 0.59 8.69
C LEU A 131 -5.19 0.39 8.69
N MET A 132 -4.39 1.40 9.06
CA MET A 132 -2.93 1.22 9.17
C MET A 132 -2.53 0.52 10.47
N TYR A 133 -3.48 0.19 11.34
CA TYR A 133 -3.22 -0.54 12.58
C TYR A 133 -2.13 -1.64 12.46
N PRO A 134 -1.20 -1.74 13.45
CA PRO A 134 -0.08 -2.68 13.44
C PRO A 134 -0.53 -4.13 13.74
N THR A 135 -1.30 -4.73 12.82
CA THR A 135 -1.77 -6.13 12.86
C THR A 135 -2.55 -6.50 11.61
N TYR A 136 -2.77 -7.81 11.42
CA TYR A 136 -3.66 -8.33 10.39
C TYR A 136 -5.13 -8.16 10.82
N LYS A 137 -5.81 -7.13 10.29
CA LYS A 137 -7.26 -6.93 10.45
C LYS A 137 -8.00 -7.09 9.12
N TYR A 138 -9.13 -7.77 9.21
CA TYR A 138 -9.93 -8.24 8.07
C TYR A 138 -11.20 -7.43 7.84
N LYS A 139 -11.24 -6.91 6.61
CA LYS A 139 -12.22 -5.95 6.16
C LYS A 139 -12.83 -6.48 4.86
N ASN A 140 -14.15 -6.54 4.82
CA ASN A 140 -14.93 -7.09 3.69
C ASN A 140 -14.65 -6.29 2.39
N PRO A 141 -14.13 -6.93 1.34
CA PRO A 141 -13.71 -6.25 0.13
C PRO A 141 -14.89 -6.04 -0.84
N TYR A 142 -15.73 -5.05 -0.53
CA TYR A 142 -16.93 -4.67 -1.32
C TYR A 142 -17.01 -3.17 -1.64
N GLY A 143 -15.93 -2.39 -1.42
CA GLY A 143 -15.89 -0.93 -1.58
C GLY A 143 -15.91 -0.13 -0.24
N PHE A 144 -15.35 -0.73 0.82
CA PHE A 144 -15.14 -0.04 2.10
C PHE A 144 -14.14 1.13 1.91
N HIS A 145 -14.55 2.38 2.18
CA HIS A 145 -13.59 3.49 2.28
C HIS A 145 -12.88 3.48 3.67
N LEU A 146 -12.07 4.49 3.99
CA LEU A 146 -11.33 4.49 5.27
C LEU A 146 -12.28 4.56 6.50
N PRO A 147 -11.84 4.03 7.66
CA PRO A 147 -12.59 4.11 8.92
C PRO A 147 -12.80 5.57 9.35
N LYS A 148 -11.73 6.32 9.61
CA LYS A 148 -11.78 7.64 10.23
C LYS A 148 -10.42 8.28 10.37
N ASP A 149 -9.63 7.84 11.35
CA ASP A 149 -8.39 8.54 11.75
C ASP A 149 -7.34 8.69 10.64
N ASP A 150 -7.36 7.70 9.72
CA ASP A 150 -6.50 7.67 8.54
C ASP A 150 -6.83 8.84 7.58
N VAL A 151 -8.10 9.28 7.54
CA VAL A 151 -8.56 10.38 6.67
C VAL A 151 -8.00 11.71 7.17
N LYS A 152 -8.13 12.01 8.47
CA LYS A 152 -7.55 13.22 9.07
C LYS A 152 -6.00 13.19 9.11
N GLY A 153 -5.41 12.03 8.80
CA GLY A 153 -3.97 11.86 8.55
C GLY A 153 -3.62 12.28 7.12
N ILE A 154 -4.12 11.62 6.07
CA ILE A 154 -3.84 11.99 4.67
C ILE A 154 -4.26 13.43 4.28
N GLN A 155 -5.32 13.97 4.87
CA GLN A 155 -5.72 15.39 4.77
C GLN A 155 -4.60 16.37 5.14
N ALA A 156 -3.67 15.95 6.01
CA ALA A 156 -2.53 16.80 6.42
C ALA A 156 -1.42 16.90 5.35
N LEU A 157 -1.51 16.07 4.31
CA LEU A 157 -0.40 15.86 3.36
C LEU A 157 -0.68 16.60 2.05
N TYR A 158 -1.84 16.31 1.46
CA TYR A 158 -2.16 16.79 0.11
C TYR A 158 -3.01 18.07 0.14
N GLY A 159 -3.82 18.24 1.19
CA GLY A 159 -4.61 19.45 1.45
C GLY A 159 -5.91 19.51 0.62
N PRO A 160 -7.04 19.86 1.25
CA PRO A 160 -8.32 20.02 0.58
C PRO A 160 -8.37 21.30 -0.25
CA CA B . 5.77 -12.60 5.49
CA CA C . 10.23 5.86 -5.30
ZN ZN D . 11.99 -3.56 1.32
ZN ZN E . 3.08 -1.30 6.93
C1 NGH F . -0.24 -6.30 8.73
C2 NGH F . -1.42 -5.87 8.14
C3 NGH F . -1.38 -4.97 7.07
C4 NGH F . -0.15 -4.56 6.57
C5 NGH F . 1.01 -4.95 7.20
C6 NGH F . 0.97 -5.84 8.26
O1 NGH F . -2.54 -4.44 6.53
C7 NGH F . -3.77 -4.37 7.28
S1 NGH F . 2.49 -6.56 8.76
O2 NGH F . 3.18 -6.82 7.50
O3 NGH F . 2.30 -7.64 9.71
N NGH F . 3.36 -5.42 9.53
C9 NGH F . 2.79 -4.66 10.67
C10 NGH F . 4.46 -4.76 8.83
C11 NGH F . 4.11 -3.49 8.11
N1 NGH F . 5.09 -3.07 7.33
O4 NGH F . 5.35 -1.83 7.19
O5 NGH F . 3.10 -2.87 8.37
C12 NGH F . 3.23 -5.28 12.02
C13 NGH F . 2.16 -6.27 12.53
C14 NGH F . 3.49 -4.14 13.01
H1 NGH F . -0.26 -7.05 9.53
H2 NGH F . -2.34 -6.29 8.48
H4 NGH F . -0.06 -3.95 5.69
H5 NGH F . 1.98 -4.60 6.85
H71 NGH F . -4.16 -5.38 7.44
H72 NGH F . -4.49 -3.79 6.72
H73 NGH F . -3.58 -3.89 8.24
H91 NGH F . 1.70 -4.54 10.62
H92 NGH F . 3.17 -3.65 10.57
H101 NGH F . 4.92 -5.42 8.10
H102 NGH F . 5.25 -4.49 9.55
HN1 NGH F . 5.63 -3.76 6.82
H12 NGH F . 4.17 -5.82 11.90
H131 NGH F . 2.28 -7.25 12.08
H132 NGH F . 1.15 -5.92 12.29
H133 NGH F . 2.23 -6.41 13.61
H141 NGH F . 4.35 -3.55 12.71
H142 NGH F . 3.68 -4.53 14.02
H143 NGH F . 2.63 -3.48 13.04
N GLY A 1 10.50 21.62 4.49
CA GLY A 1 9.32 21.31 5.33
C GLY A 1 9.11 19.80 5.46
N GLU A 2 7.93 19.39 5.96
CA GLU A 2 7.60 17.97 6.15
C GLU A 2 7.91 17.08 4.92
N PRO A 3 8.39 15.83 5.11
CA PRO A 3 8.96 14.95 4.07
C PRO A 3 7.99 14.38 3.04
N LYS A 4 6.69 14.70 3.11
CA LYS A 4 5.68 14.29 2.14
C LYS A 4 5.83 14.98 0.77
N TRP A 5 4.95 14.58 -0.15
CA TRP A 5 4.95 15.08 -1.54
C TRP A 5 4.46 16.53 -1.67
N LYS A 6 5.12 17.37 -2.48
CA LYS A 6 4.60 18.70 -2.82
C LYS A 6 3.48 18.65 -3.89
N LYS A 7 3.49 17.64 -4.75
CA LYS A 7 2.46 17.46 -5.78
C LYS A 7 1.40 16.42 -5.35
N ASN A 8 0.21 16.52 -5.96
CA ASN A 8 -0.92 15.63 -5.67
C ASN A 8 -1.02 14.46 -6.67
N THR A 9 -0.47 14.67 -7.88
CA THR A 9 -0.41 13.73 -9.01
C THR A 9 0.74 12.74 -8.82
N LEU A 10 0.44 11.50 -8.43
CA LEU A 10 1.42 10.46 -8.12
C LEU A 10 1.36 9.26 -9.08
N THR A 11 2.57 8.74 -9.39
CA THR A 11 2.82 7.77 -10.47
C THR A 11 3.37 6.47 -9.93
N TYR A 12 2.89 5.38 -10.51
CA TYR A 12 3.32 4.01 -10.19
C TYR A 12 3.90 3.25 -11.38
N ARG A 13 4.66 2.19 -11.09
CA ARG A 13 5.17 1.21 -12.04
C ARG A 13 4.90 -0.21 -11.54
N ILE A 14 4.09 -1.00 -12.25
CA ILE A 14 4.02 -2.45 -12.05
C ILE A 14 5.14 -3.07 -12.86
N SER A 15 5.79 -4.09 -12.30
CA SER A 15 6.74 -4.92 -13.05
C SER A 15 6.72 -6.41 -12.65
N LYS A 16 6.07 -6.76 -11.54
CA LYS A 16 6.11 -8.07 -10.90
C LYS A 16 4.79 -8.32 -10.16
N TYR A 17 4.35 -9.58 -10.22
CA TYR A 17 3.10 -10.13 -9.69
C TYR A 17 3.39 -11.24 -8.66
N THR A 18 2.35 -11.87 -8.12
CA THR A 18 2.40 -13.09 -7.28
C THR A 18 1.48 -14.15 -7.91
N PRO A 19 1.90 -15.43 -8.00
CA PRO A 19 1.12 -16.50 -8.64
C PRO A 19 -0.07 -16.95 -7.80
N SER A 20 -0.12 -16.58 -6.50
CA SER A 20 -1.19 -16.92 -5.57
C SER A 20 -2.57 -16.31 -5.92
N MET A 21 -2.55 -15.12 -6.50
CA MET A 21 -3.75 -14.45 -6.97
C MET A 21 -3.91 -14.67 -8.46
N SER A 22 -5.01 -14.21 -9.04
CA SER A 22 -5.07 -14.12 -10.49
C SER A 22 -4.51 -12.75 -10.87
N SER A 23 -3.80 -12.63 -12.00
CA SER A 23 -3.15 -11.40 -12.47
C SER A 23 -4.09 -10.19 -12.47
N VAL A 24 -5.37 -10.43 -12.82
CA VAL A 24 -6.42 -9.41 -12.90
C VAL A 24 -6.97 -9.06 -11.52
N GLU A 25 -7.03 -10.04 -10.61
CA GLU A 25 -7.42 -9.84 -9.22
C GLU A 25 -6.39 -8.95 -8.51
N VAL A 26 -5.10 -9.20 -8.73
CA VAL A 26 -4.01 -8.44 -8.08
C VAL A 26 -3.84 -7.05 -8.72
N ASP A 27 -4.06 -6.91 -10.05
CA ASP A 27 -4.20 -5.62 -10.72
C ASP A 27 -5.38 -4.86 -10.05
N LYS A 28 -6.60 -5.41 -10.09
CA LYS A 28 -7.75 -4.69 -9.52
C LYS A 28 -7.63 -4.44 -8.01
N ALA A 29 -6.95 -5.33 -7.27
CA ALA A 29 -6.70 -5.14 -5.84
C ALA A 29 -5.88 -3.88 -5.52
N VAL A 30 -4.83 -3.56 -6.30
CA VAL A 30 -4.09 -2.31 -6.07
C VAL A 30 -4.91 -1.07 -6.47
N GLU A 31 -5.74 -1.13 -7.53
CA GLU A 31 -6.54 0.00 -8.02
C GLU A 31 -7.46 0.53 -6.93
N MET A 32 -8.15 -0.40 -6.27
CA MET A 32 -9.14 -0.06 -5.29
C MET A 32 -8.50 0.59 -4.05
N ALA A 33 -7.24 0.25 -3.80
CA ALA A 33 -6.42 0.88 -2.77
C ALA A 33 -6.01 2.31 -3.14
N LEU A 34 -5.86 2.66 -4.43
CA LEU A 34 -5.70 4.05 -4.86
C LEU A 34 -6.96 4.85 -4.55
N GLN A 35 -8.10 4.28 -4.93
CA GLN A 35 -9.39 4.94 -4.83
C GLN A 35 -9.78 5.23 -3.38
N ALA A 36 -9.39 4.38 -2.43
CA ALA A 36 -9.59 4.57 -1.01
C ALA A 36 -9.00 5.91 -0.52
N TRP A 37 -7.77 6.26 -0.91
CA TRP A 37 -7.11 7.51 -0.49
C TRP A 37 -7.63 8.70 -1.32
N SER A 38 -7.87 8.46 -2.60
CA SER A 38 -8.56 9.41 -3.49
C SER A 38 -10.02 9.70 -3.07
N SER A 39 -10.56 9.05 -2.03
CA SER A 39 -11.82 9.41 -1.38
C SER A 39 -11.67 10.14 -0.04
N ALA A 40 -10.52 10.04 0.63
CA ALA A 40 -10.17 10.79 1.82
C ALA A 40 -9.55 12.17 1.47
N VAL A 41 -8.96 12.29 0.28
CA VAL A 41 -8.22 13.47 -0.21
C VAL A 41 -8.35 13.60 -1.73
N PRO A 42 -8.45 14.84 -2.26
CA PRO A 42 -8.38 15.16 -3.69
C PRO A 42 -6.96 15.03 -4.27
N LEU A 43 -6.31 13.87 -4.08
CA LEU A 43 -5.07 13.51 -4.78
C LEU A 43 -5.33 12.62 -5.97
N SER A 44 -4.30 12.25 -6.72
CA SER A 44 -4.46 11.34 -7.87
C SER A 44 -3.33 10.32 -7.91
N PHE A 45 -3.69 9.09 -8.32
CA PHE A 45 -2.80 7.97 -8.45
C PHE A 45 -3.02 7.34 -9.84
N VAL A 46 -1.96 7.32 -10.66
CA VAL A 46 -1.97 6.74 -12.01
C VAL A 46 -0.77 5.81 -12.18
N ARG A 47 -0.94 4.70 -12.90
CA ARG A 47 0.15 3.72 -13.09
C ARG A 47 0.65 3.75 -14.54
N ILE A 48 1.94 4.04 -14.68
CA ILE A 48 2.61 4.18 -15.99
C ILE A 48 3.26 2.84 -16.38
N ASN A 49 3.32 2.59 -17.68
CA ASN A 49 3.99 1.44 -18.29
C ASN A 49 5.22 1.87 -19.12
N SER A 50 5.49 3.17 -19.29
CA SER A 50 6.73 3.72 -19.91
C SER A 50 7.27 4.94 -19.14
N GLY A 51 8.54 4.86 -18.75
CA GLY A 51 9.17 5.79 -17.82
C GLY A 51 9.37 5.21 -16.44
N GLU A 52 9.96 6.01 -15.57
CA GLU A 52 10.08 5.70 -14.16
C GLU A 52 9.13 6.52 -13.30
N ALA A 53 8.47 5.78 -12.40
CA ALA A 53 7.43 6.25 -11.51
C ALA A 53 7.92 6.37 -10.08
N ASP A 54 7.09 6.96 -9.22
CA ASP A 54 7.50 7.23 -7.85
C ASP A 54 7.24 6.03 -6.96
N ILE A 55 6.26 5.18 -7.32
CA ILE A 55 5.88 4.03 -6.51
C ILE A 55 5.98 2.76 -7.35
N MET A 56 7.10 2.06 -7.24
CA MET A 56 7.23 0.72 -7.81
C MET A 56 6.59 -0.28 -6.85
N ILE A 57 5.90 -1.27 -7.40
CA ILE A 57 5.32 -2.39 -6.63
C ILE A 57 5.86 -3.72 -7.15
N SER A 58 6.14 -4.65 -6.24
CA SER A 58 6.86 -5.89 -6.53
C SER A 58 6.77 -6.91 -5.38
N PHE A 59 7.00 -8.18 -5.72
CA PHE A 59 6.93 -9.30 -4.77
C PHE A 59 8.33 -9.92 -4.59
N GLU A 60 8.75 -10.04 -3.32
CA GLU A 60 10.12 -10.34 -2.89
C GLU A 60 10.20 -11.19 -1.59
N ASN A 61 11.39 -11.74 -1.31
CA ASN A 61 11.68 -12.61 -0.16
C ASN A 61 12.49 -11.88 0.94
N GLY A 62 12.93 -12.63 1.96
CA GLY A 62 13.77 -12.17 3.06
C GLY A 62 15.16 -11.81 2.58
N ASP A 63 15.33 -10.54 2.18
CA ASP A 63 16.53 -9.83 1.69
C ASP A 63 16.02 -8.62 0.88
N HIS A 64 15.87 -8.80 -0.44
CA HIS A 64 15.70 -7.77 -1.48
C HIS A 64 16.60 -6.50 -1.28
N GLY A 65 17.85 -6.71 -0.83
CA GLY A 65 18.87 -5.67 -0.59
C GLY A 65 18.64 -4.73 0.60
N ASP A 66 17.42 -4.65 1.15
CA ASP A 66 17.12 -3.87 2.34
C ASP A 66 17.87 -4.54 3.50
N SER A 67 18.58 -3.78 4.36
CA SER A 67 19.11 -4.29 5.65
C SER A 67 17.97 -4.42 6.70
N TYR A 68 16.76 -4.63 6.20
CA TYR A 68 15.52 -4.82 6.96
C TYR A 68 14.59 -5.73 6.13
N PRO A 69 14.94 -7.04 6.02
CA PRO A 69 14.18 -8.02 5.27
C PRO A 69 12.82 -8.30 5.92
N PHE A 70 12.02 -9.16 5.27
CA PHE A 70 10.77 -9.67 5.83
C PHE A 70 11.02 -10.73 6.92
N ASP A 71 10.16 -11.73 7.03
CA ASP A 71 10.16 -12.64 8.21
C ASP A 71 9.62 -14.04 7.93
N GLY A 72 9.55 -14.46 6.65
CA GLY A 72 9.15 -15.81 6.26
C GLY A 72 7.62 -15.92 6.33
N PRO A 73 7.00 -17.01 6.80
CA PRO A 73 5.54 -17.18 6.82
C PRO A 73 4.87 -16.19 7.78
N ARG A 74 3.74 -15.60 7.30
CA ARG A 74 2.86 -14.59 7.90
C ARG A 74 3.55 -13.44 8.67
N GLY A 75 2.89 -12.83 9.64
CA GLY A 75 3.52 -11.81 10.51
C GLY A 75 3.55 -10.50 9.76
N THR A 76 4.69 -10.07 9.25
CA THR A 76 4.77 -8.96 8.29
C THR A 76 4.31 -9.47 6.94
N LEU A 77 3.11 -9.06 6.55
CA LEU A 77 2.56 -9.26 5.21
C LEU A 77 3.27 -8.38 4.19
N ALA A 78 3.38 -7.09 4.51
CA ALA A 78 3.90 -6.09 3.58
C ALA A 78 4.70 -4.96 4.24
N HIS A 79 5.60 -4.35 3.47
CA HIS A 79 6.31 -3.13 3.87
C HIS A 79 6.50 -2.14 2.72
N ALA A 80 5.96 -0.93 2.91
CA ALA A 80 6.21 0.25 2.11
C ALA A 80 7.12 1.24 2.83
N PHE A 81 7.82 2.06 2.05
CA PHE A 81 8.66 3.12 2.56
C PHE A 81 7.85 4.36 2.96
N ALA A 82 8.46 5.23 3.79
CA ALA A 82 7.97 6.60 3.98
C ALA A 82 8.07 7.34 2.62
N PRO A 83 7.38 8.48 2.38
CA PRO A 83 7.56 9.28 1.17
C PRO A 83 9.03 9.66 0.98
N GLY A 84 9.48 9.71 -0.28
CA GLY A 84 10.83 10.19 -0.59
C GLY A 84 11.30 10.01 -2.04
N GLU A 85 12.63 10.00 -2.17
CA GLU A 85 13.32 10.07 -3.47
C GLU A 85 13.47 8.67 -4.09
N GLY A 86 14.57 7.96 -3.77
CA GLY A 86 14.84 6.62 -4.34
C GLY A 86 13.87 5.59 -3.77
N LEU A 87 14.35 4.75 -2.82
CA LEU A 87 13.50 3.79 -2.08
C LEU A 87 12.24 4.41 -1.43
N GLY A 88 12.34 5.67 -1.02
CA GLY A 88 11.21 6.49 -0.54
C GLY A 88 9.96 6.45 -1.42
N GLY A 89 8.84 6.05 -0.82
CA GLY A 89 7.54 5.96 -1.48
C GLY A 89 7.32 4.65 -2.18
N ASP A 90 8.33 3.77 -2.27
CA ASP A 90 8.16 2.50 -3.00
C ASP A 90 7.67 1.37 -2.05
N THR A 91 7.05 0.33 -2.64
CA THR A 91 6.29 -0.67 -1.89
C THR A 91 6.63 -2.11 -2.25
N HIS A 92 6.94 -2.90 -1.22
CA HIS A 92 7.46 -4.28 -1.34
C HIS A 92 6.61 -5.31 -0.55
N PHE A 93 6.24 -6.46 -1.15
CA PHE A 93 5.36 -7.49 -0.57
C PHE A 93 6.08 -8.83 -0.36
N ASP A 94 5.74 -9.58 0.72
CA ASP A 94 6.33 -10.91 1.00
C ASP A 94 5.73 -12.06 0.15
N ASN A 95 6.57 -12.88 -0.47
CA ASN A 95 6.18 -14.08 -1.26
C ASN A 95 6.10 -15.40 -0.46
N ALA A 96 6.48 -15.43 0.84
CA ALA A 96 6.40 -16.64 1.69
C ALA A 96 4.96 -17.12 2.02
N GLU A 97 3.97 -16.24 1.88
CA GLU A 97 2.56 -16.40 2.18
C GLU A 97 1.69 -16.40 0.91
N LYS A 98 0.47 -16.92 1.08
CA LYS A 98 -0.62 -16.88 0.09
C LYS A 98 -1.26 -15.51 -0.02
N TRP A 99 -1.92 -15.31 -1.15
CA TRP A 99 -2.65 -14.10 -1.48
C TRP A 99 -3.91 -14.50 -2.27
N THR A 100 -5.09 -14.20 -1.74
CA THR A 100 -6.37 -14.33 -2.47
C THR A 100 -7.46 -13.38 -1.99
N MET A 101 -8.40 -13.07 -2.89
CA MET A 101 -9.61 -12.30 -2.61
C MET A 101 -10.78 -13.17 -2.14
N GLY A 102 -10.72 -14.50 -2.35
CA GLY A 102 -11.83 -15.43 -2.16
C GLY A 102 -12.05 -15.92 -0.73
N THR A 103 -12.01 -15.00 0.26
CA THR A 103 -12.25 -15.19 1.71
C THR A 103 -11.64 -16.50 2.28
N ASN A 104 -10.32 -16.58 2.28
CA ASN A 104 -9.59 -17.77 2.73
C ASN A 104 -8.15 -17.40 3.10
N GLY A 105 -7.29 -17.21 2.10
CA GLY A 105 -5.97 -16.60 2.26
C GLY A 105 -6.07 -15.07 2.40
N PHE A 106 -4.92 -14.38 2.39
CA PHE A 106 -4.84 -12.97 2.75
C PHE A 106 -5.20 -12.02 1.59
N ASN A 107 -5.95 -10.96 1.87
CA ASN A 107 -6.37 -9.98 0.85
C ASN A 107 -5.25 -8.99 0.51
N LEU A 108 -4.88 -8.87 -0.78
CA LEU A 108 -3.98 -7.81 -1.21
C LEU A 108 -4.60 -6.41 -1.05
N PHE A 109 -5.84 -6.18 -1.50
CA PHE A 109 -6.51 -4.85 -1.45
C PHE A 109 -6.43 -4.21 -0.04
N THR A 110 -6.84 -4.97 0.98
CA THR A 110 -6.82 -4.57 2.40
C THR A 110 -5.42 -4.19 2.89
N VAL A 111 -4.35 -4.94 2.50
CA VAL A 111 -2.96 -4.57 2.86
C VAL A 111 -2.38 -3.44 1.98
N ALA A 112 -2.69 -3.40 0.68
CA ALA A 112 -2.15 -2.45 -0.28
C ALA A 112 -2.51 -1.01 0.08
N ALA A 113 -3.71 -0.80 0.66
CA ALA A 113 -4.09 0.49 1.20
C ALA A 113 -3.27 0.88 2.44
N HIS A 114 -3.01 -0.03 3.39
CA HIS A 114 -2.12 0.20 4.52
C HIS A 114 -0.69 0.57 4.06
N GLU A 115 -0.07 -0.22 3.18
CA GLU A 115 1.22 0.08 2.58
C GLU A 115 1.26 1.43 1.86
N PHE A 116 0.30 1.71 0.98
CA PHE A 116 0.24 3.01 0.32
C PHE A 116 0.19 4.15 1.32
N GLY A 117 -0.49 3.96 2.46
CA GLY A 117 -0.54 4.87 3.60
C GLY A 117 0.83 5.33 4.07
N HIS A 118 1.82 4.43 4.09
CA HIS A 118 3.19 4.77 4.48
C HIS A 118 3.85 5.66 3.44
N ALA A 119 3.60 5.41 2.16
CA ALA A 119 4.25 6.14 1.08
C ALA A 119 3.71 7.56 0.93
N LEU A 120 2.58 7.88 1.59
CA LEU A 120 2.02 9.22 1.69
C LEU A 120 2.81 10.15 2.64
N GLY A 121 3.12 9.60 3.81
CA GLY A 121 3.65 10.25 5.01
C GLY A 121 3.24 9.62 6.34
N LEU A 122 2.33 8.63 6.35
CA LEU A 122 1.82 8.00 7.58
C LEU A 122 2.67 6.80 8.11
N ALA A 123 2.22 6.17 9.20
CA ALA A 123 2.79 4.96 9.82
C ALA A 123 1.76 4.23 10.72
N HIS A 124 2.16 3.19 11.49
CA HIS A 124 1.21 2.36 12.25
C HIS A 124 0.47 3.12 13.35
N SER A 125 -0.83 3.35 13.14
CA SER A 125 -1.76 3.93 14.09
C SER A 125 -2.03 2.98 15.25
N THR A 126 -2.06 3.46 16.49
CA THR A 126 -2.46 2.67 17.67
C THR A 126 -3.96 2.86 17.97
N ASP A 127 -4.73 3.33 16.97
CA ASP A 127 -6.11 3.75 17.16
C ASP A 127 -7.08 2.56 17.11
N PRO A 128 -8.14 2.53 17.96
CA PRO A 128 -9.12 1.44 17.96
C PRO A 128 -9.92 1.32 16.65
N SER A 129 -9.83 2.31 15.76
CA SER A 129 -10.34 2.21 14.39
C SER A 129 -9.52 3.02 13.38
N ALA A 130 -8.39 2.41 12.99
CA ALA A 130 -7.50 2.85 11.93
C ALA A 130 -7.24 1.71 10.92
N LEU A 131 -6.88 2.07 9.70
CA LEU A 131 -6.42 1.16 8.63
C LEU A 131 -4.93 0.88 8.75
N MET A 132 -4.14 1.86 9.19
CA MET A 132 -2.71 1.67 9.50
C MET A 132 -2.52 0.95 10.85
N TYR A 133 -3.61 0.60 11.54
CA TYR A 133 -3.52 -0.28 12.72
C TYR A 133 -2.65 -1.52 12.45
N PRO A 134 -1.63 -1.81 13.29
CA PRO A 134 -0.70 -2.91 13.08
C PRO A 134 -1.38 -4.23 13.45
N THR A 135 -2.02 -4.85 12.45
CA THR A 135 -2.62 -6.21 12.43
C THR A 135 -3.42 -6.46 11.14
N TYR A 136 -3.31 -7.68 10.59
CA TYR A 136 -4.20 -8.15 9.52
C TYR A 136 -5.68 -8.24 9.96
N LYS A 137 -6.59 -7.60 9.22
CA LYS A 137 -8.05 -7.73 9.37
C LYS A 137 -8.76 -7.99 8.04
N TYR A 138 -9.94 -8.61 8.10
CA TYR A 138 -10.88 -8.72 6.97
C TYR A 138 -11.82 -7.52 7.06
N LYS A 139 -11.86 -6.76 5.99
CA LYS A 139 -12.82 -5.68 5.78
C LYS A 139 -13.61 -6.02 4.51
N ASN A 140 -14.91 -5.80 4.54
CA ASN A 140 -15.82 -6.01 3.41
C ASN A 140 -15.33 -5.19 2.20
N PRO A 141 -14.84 -5.80 1.08
CA PRO A 141 -14.21 -5.08 -0.02
C PRO A 141 -15.26 -4.51 -1.00
N TYR A 142 -16.24 -3.80 -0.44
CA TYR A 142 -17.46 -3.34 -1.08
C TYR A 142 -17.67 -1.85 -0.79
N GLY A 143 -16.59 -1.06 -0.81
CA GLY A 143 -16.60 0.38 -0.52
C GLY A 143 -16.32 0.77 0.95
N PHE A 144 -15.86 -0.13 1.82
CA PHE A 144 -15.60 0.18 3.26
C PHE A 144 -14.64 1.37 3.51
N HIS A 145 -13.80 1.69 2.52
CA HIS A 145 -12.73 2.67 2.53
C HIS A 145 -11.96 2.77 3.86
N LEU A 146 -11.61 3.97 4.31
CA LEU A 146 -10.93 4.14 5.60
C LEU A 146 -11.92 4.21 6.75
N PRO A 147 -11.51 3.78 7.96
CA PRO A 147 -12.30 3.94 9.16
C PRO A 147 -12.38 5.42 9.57
N LYS A 148 -11.26 6.10 9.88
CA LYS A 148 -11.30 7.44 10.47
C LYS A 148 -9.95 8.15 10.53
N ASP A 149 -9.04 7.76 11.45
CA ASP A 149 -7.83 8.55 11.73
C ASP A 149 -6.85 8.62 10.53
N ASP A 150 -6.91 7.62 9.66
CA ASP A 150 -6.18 7.60 8.41
C ASP A 150 -6.65 8.73 7.49
N VAL A 151 -7.96 9.07 7.49
CA VAL A 151 -8.54 10.10 6.61
C VAL A 151 -8.02 11.49 6.99
N LYS A 152 -8.17 11.87 8.27
CA LYS A 152 -7.60 13.13 8.77
C LYS A 152 -6.06 13.12 8.89
N GLY A 153 -5.42 11.96 8.71
CA GLY A 153 -3.97 11.83 8.55
C GLY A 153 -3.55 12.24 7.14
N ILE A 154 -4.12 11.63 6.10
CA ILE A 154 -3.80 12.01 4.71
C ILE A 154 -4.21 13.45 4.34
N GLN A 155 -5.34 13.95 4.86
CA GLN A 155 -5.81 15.32 4.64
C GLN A 155 -4.83 16.37 5.20
N ALA A 156 -4.04 15.98 6.20
CA ALA A 156 -3.00 16.87 6.75
C ALA A 156 -1.80 17.04 5.79
N LEU A 157 -1.62 16.10 4.85
CA LEU A 157 -0.48 16.04 3.94
C LEU A 157 -0.75 16.82 2.66
N TYR A 158 -1.88 16.57 1.96
CA TYR A 158 -2.18 17.29 0.72
C TYR A 158 -3.11 18.51 0.95
N GLY A 159 -3.68 18.65 2.15
CA GLY A 159 -4.53 19.77 2.55
C GLY A 159 -4.08 20.57 3.77
N PRO A 160 -2.84 21.11 3.80
CA PRO A 160 -2.42 22.07 4.82
C PRO A 160 -3.21 23.39 4.68
CA CA B . 5.73 -12.67 6.02
CA CA C . 10.27 6.77 -5.19
ZN ZN D . 12.09 -3.33 1.04
ZN ZN E . 2.52 -0.34 8.70
C1 NGH F . -0.56 -5.09 8.95
C2 NGH F . -1.77 -4.58 8.48
C3 NGH F . -1.96 -4.36 7.11
C4 NGH F . -0.91 -4.60 6.22
C5 NGH F . 0.31 -5.06 6.69
C6 NGH F . 0.46 -5.34 8.03
O1 NGH F . -3.15 -3.88 6.59
C7 NGH F . -4.35 -3.72 7.38
S1 NGH F . 1.95 -6.15 8.54
O2 NGH F . 2.74 -6.46 7.35
O3 NGH F . 1.62 -7.24 9.44
N NGH F . 2.83 -5.07 9.41
C9 NGH F . 2.40 -4.59 10.75
C10 NGH F . 3.58 -4.08 8.62
C11 NGH F . 2.75 -2.96 8.06
N1 NGH F . 3.12 -2.44 6.90
O4 NGH F . 2.69 -1.28 6.67
O5 NGH F . 1.82 -2.46 8.66
C12 NGH F . 2.72 -5.66 11.82
C13 NGH F . 1.45 -6.23 12.47
C14 NGH F . 3.67 -5.08 12.90
H1 NGH F . -0.39 -5.32 10.00
H2 NGH F . -2.56 -4.39 9.18
H4 NGH F . -0.98 -4.45 5.16
H5 NGH F . 1.12 -5.21 5.97
H71 NGH F . -4.63 -4.70 7.82
H72 NGH F . -5.16 -3.37 6.74
H73 NGH F . -4.18 -3.00 8.18
H91 NGH F . 1.36 -4.24 10.79
H92 NGH F . 2.94 -3.67 10.99
H101 NGH F . 4.08 -4.58 7.81
H102 NGH F . 4.37 -3.64 9.22
HN1 NGH F . 3.59 -2.97 6.15
H12 NGH F . 3.27 -6.49 11.34
H131 NGH F . 0.74 -6.56 11.72
H132 NGH F . 0.97 -5.48 13.10
H133 NGH F . 1.70 -7.08 13.10
H141 NGH F . 4.59 -4.75 12.43
H142 NGH F . 3.91 -5.84 13.63
H143 NGH F . 3.21 -4.22 13.40
N GLY A 1 10.26 21.09 6.68
CA GLY A 1 8.90 20.60 6.42
C GLY A 1 8.78 19.13 6.83
N GLU A 2 7.64 18.50 6.62
CA GLU A 2 7.49 17.04 6.74
C GLU A 2 8.15 16.33 5.53
N PRO A 3 8.49 15.02 5.65
CA PRO A 3 9.05 14.24 4.56
C PRO A 3 8.05 13.86 3.45
N LYS A 4 6.76 14.19 3.58
CA LYS A 4 5.75 13.89 2.57
C LYS A 4 5.93 14.61 1.22
N TRP A 5 5.19 14.12 0.22
CA TRP A 5 5.22 14.64 -1.14
C TRP A 5 4.71 16.09 -1.24
N LYS A 6 5.29 16.86 -2.15
CA LYS A 6 4.88 18.26 -2.40
C LYS A 6 3.59 18.36 -3.23
N LYS A 7 3.37 17.41 -4.13
CA LYS A 7 2.30 17.44 -5.12
C LYS A 7 1.15 16.46 -4.79
N ASN A 8 0.16 16.39 -5.68
CA ASN A 8 -1.02 15.52 -5.51
C ASN A 8 -1.07 14.40 -6.57
N THR A 9 -0.24 14.51 -7.63
CA THR A 9 -0.11 13.55 -8.71
C THR A 9 1.06 12.60 -8.41
N LEU A 10 0.74 11.42 -7.90
CA LEU A 10 1.72 10.39 -7.57
C LEU A 10 1.80 9.32 -8.66
N THR A 11 3.02 8.90 -8.99
CA THR A 11 3.31 7.99 -10.10
C THR A 11 3.60 6.61 -9.55
N TYR A 12 3.07 5.59 -10.23
CA TYR A 12 3.31 4.20 -9.86
C TYR A 12 3.58 3.28 -11.06
N ARG A 13 4.34 2.19 -10.82
CA ARG A 13 4.63 1.18 -11.85
C ARG A 13 4.75 -0.22 -11.24
N ILE A 14 4.14 -1.20 -11.90
CA ILE A 14 4.23 -2.63 -11.55
C ILE A 14 5.55 -3.23 -12.09
N SER A 15 6.35 -3.81 -11.20
CA SER A 15 7.49 -4.65 -11.59
C SER A 15 7.02 -6.08 -11.84
N LYS A 16 6.25 -6.64 -10.90
CA LYS A 16 5.82 -8.03 -10.89
C LYS A 16 4.44 -8.22 -10.24
N TYR A 17 3.80 -9.34 -10.58
CA TYR A 17 2.59 -9.84 -9.92
C TYR A 17 2.96 -10.79 -8.76
N THR A 18 2.03 -11.69 -8.36
CA THR A 18 2.29 -12.78 -7.41
C THR A 18 1.61 -14.05 -7.96
N PRO A 19 2.19 -15.26 -7.85
CA PRO A 19 1.72 -16.46 -8.55
C PRO A 19 0.43 -17.07 -7.97
N SER A 20 0.12 -16.77 -6.71
CA SER A 20 -1.11 -17.19 -6.02
C SER A 20 -2.38 -16.56 -6.61
N MET A 21 -2.21 -15.39 -7.22
CA MET A 21 -3.26 -14.63 -7.91
C MET A 21 -3.04 -14.62 -9.43
N SER A 22 -3.99 -14.05 -10.14
CA SER A 22 -3.84 -13.71 -11.55
C SER A 22 -3.54 -12.22 -11.67
N SER A 23 -2.74 -11.78 -12.65
CA SER A 23 -2.37 -10.38 -12.84
C SER A 23 -3.57 -9.42 -12.82
N VAL A 24 -4.68 -9.83 -13.41
CA VAL A 24 -5.90 -9.00 -13.48
C VAL A 24 -6.54 -8.85 -12.10
N GLU A 25 -6.43 -9.88 -11.25
CA GLU A 25 -6.98 -9.85 -9.90
C GLU A 25 -6.18 -8.88 -9.03
N VAL A 26 -4.86 -8.84 -9.20
CA VAL A 26 -3.98 -7.84 -8.56
C VAL A 26 -4.32 -6.42 -9.05
N ASP A 27 -4.49 -6.21 -10.37
CA ASP A 27 -4.91 -4.90 -10.92
C ASP A 27 -6.25 -4.45 -10.35
N LYS A 28 -7.28 -5.31 -10.43
CA LYS A 28 -8.63 -5.00 -9.92
C LYS A 28 -8.71 -4.97 -8.37
N ALA A 29 -7.74 -5.55 -7.67
CA ALA A 29 -7.59 -5.35 -6.22
C ALA A 29 -7.06 -3.95 -5.91
N VAL A 30 -5.98 -3.53 -6.57
CA VAL A 30 -5.44 -2.18 -6.34
C VAL A 30 -6.37 -1.07 -6.84
N GLU A 31 -7.22 -1.31 -7.86
CA GLU A 31 -8.10 -0.29 -8.40
C GLU A 31 -9.10 0.27 -7.35
N MET A 32 -9.39 -0.50 -6.28
CA MET A 32 -10.12 -0.02 -5.10
C MET A 32 -9.30 0.91 -4.19
N ALA A 33 -8.03 0.54 -3.92
CA ALA A 33 -7.17 1.12 -2.92
C ALA A 33 -6.68 2.55 -3.26
N LEU A 34 -6.51 2.81 -4.55
CA LEU A 34 -6.12 4.11 -5.08
C LEU A 34 -7.24 5.12 -4.83
N GLN A 35 -8.46 4.70 -5.15
CA GLN A 35 -9.70 5.44 -5.01
C GLN A 35 -10.04 5.74 -3.54
N ALA A 36 -9.66 4.85 -2.62
CA ALA A 36 -9.88 5.01 -1.19
C ALA A 36 -9.18 6.27 -0.65
N TRP A 37 -7.91 6.52 -1.00
CA TRP A 37 -7.22 7.75 -0.63
C TRP A 37 -7.68 8.97 -1.44
N SER A 38 -8.11 8.81 -2.70
CA SER A 38 -8.79 9.90 -3.44
C SER A 38 -10.12 10.32 -2.80
N SER A 39 -10.68 9.49 -1.90
CA SER A 39 -11.89 9.75 -1.11
C SER A 39 -11.63 10.53 0.19
N ALA A 40 -10.42 10.46 0.73
CA ALA A 40 -9.95 11.31 1.85
C ALA A 40 -9.28 12.62 1.43
N VAL A 41 -8.84 12.75 0.17
CA VAL A 41 -8.14 13.95 -0.36
C VAL A 41 -8.20 14.01 -1.89
N PRO A 42 -8.09 15.21 -2.49
CA PRO A 42 -8.01 15.40 -3.95
C PRO A 42 -6.64 15.00 -4.54
N LEU A 43 -6.05 13.88 -4.09
CA LEU A 43 -4.87 13.30 -4.73
C LEU A 43 -5.23 12.29 -5.84
N SER A 44 -4.24 12.01 -6.68
CA SER A 44 -4.35 11.11 -7.82
C SER A 44 -3.14 10.18 -7.88
N PHE A 45 -3.39 8.88 -8.01
CA PHE A 45 -2.36 7.90 -8.34
C PHE A 45 -2.51 7.56 -9.82
N VAL A 46 -1.47 7.81 -10.62
CA VAL A 46 -1.45 7.49 -12.06
C VAL A 46 -0.41 6.40 -12.30
N ARG A 47 -0.72 5.46 -13.20
CA ARG A 47 0.21 4.40 -13.57
C ARG A 47 0.94 4.72 -14.87
N ILE A 48 2.27 4.66 -14.82
CA ILE A 48 3.18 4.76 -15.98
C ILE A 48 3.40 3.37 -16.56
N ASN A 49 3.78 3.24 -17.84
CA ASN A 49 4.03 1.90 -18.45
C ASN A 49 5.45 1.78 -19.05
N SER A 50 6.26 2.80 -18.86
CA SER A 50 7.69 2.84 -19.24
C SER A 50 8.51 3.60 -18.18
N GLY A 51 9.65 3.03 -17.74
CA GLY A 51 10.51 3.61 -16.75
C GLY A 51 10.16 3.20 -15.33
N GLU A 52 10.69 4.03 -14.45
CA GLU A 52 10.62 3.95 -13.00
C GLU A 52 9.82 5.09 -12.37
N ALA A 53 8.84 4.70 -11.55
CA ALA A 53 7.99 5.58 -10.79
C ALA A 53 8.60 5.91 -9.42
N ASP A 54 7.85 6.67 -8.62
CA ASP A 54 8.20 6.84 -7.21
C ASP A 54 7.57 5.79 -6.31
N ILE A 55 6.37 5.33 -6.66
CA ILE A 55 5.72 4.18 -6.05
C ILE A 55 5.89 2.95 -6.96
N MET A 56 6.93 2.17 -6.72
CA MET A 56 7.18 0.94 -7.46
C MET A 56 6.58 -0.22 -6.66
N ILE A 57 5.72 -1.06 -7.27
CA ILE A 57 5.12 -2.23 -6.57
C ILE A 57 5.72 -3.58 -7.03
N SER A 58 5.92 -4.47 -6.07
CA SER A 58 6.61 -5.75 -6.28
C SER A 58 6.32 -6.80 -5.18
N PHE A 59 6.55 -8.08 -5.48
CA PHE A 59 6.43 -9.15 -4.46
C PHE A 59 7.79 -9.80 -4.16
N GLU A 60 8.19 -9.96 -2.89
CA GLU A 60 9.57 -10.35 -2.51
C GLU A 60 9.64 -11.36 -1.35
N ASN A 61 10.64 -12.25 -1.34
CA ASN A 61 10.84 -13.26 -0.29
C ASN A 61 12.24 -13.10 0.35
N GLY A 62 12.24 -12.74 1.63
CA GLY A 62 13.41 -12.31 2.43
C GLY A 62 14.04 -11.01 1.93
N ASP A 63 15.31 -11.00 1.53
CA ASP A 63 15.96 -9.80 1.01
C ASP A 63 15.33 -9.27 -0.29
N HIS A 64 15.58 -8.00 -0.56
CA HIS A 64 15.09 -7.27 -1.74
C HIS A 64 15.68 -5.84 -1.90
N GLY A 65 16.99 -5.70 -1.64
CA GLY A 65 17.73 -4.46 -1.96
C GLY A 65 17.45 -3.27 -1.05
N ASP A 66 17.08 -3.52 0.21
CA ASP A 66 16.69 -2.50 1.18
C ASP A 66 17.02 -2.93 2.63
N SER A 67 16.64 -2.09 3.60
CA SER A 67 16.90 -2.29 5.05
C SER A 67 16.27 -3.54 5.68
N TYR A 68 15.41 -4.25 4.96
CA TYR A 68 14.67 -5.42 5.41
C TYR A 68 15.17 -6.65 4.61
N PRO A 69 16.35 -7.22 4.96
CA PRO A 69 16.93 -8.44 4.35
C PRO A 69 16.21 -9.69 4.87
N PHE A 70 14.90 -9.59 4.89
CA PHE A 70 13.93 -10.45 5.54
C PHE A 70 12.51 -10.08 5.14
N ASP A 71 11.60 -11.00 5.45
CA ASP A 71 10.16 -10.83 5.38
C ASP A 71 9.48 -11.75 6.44
N GLY A 72 10.00 -12.97 6.63
CA GLY A 72 9.58 -13.97 7.62
C GLY A 72 8.33 -14.74 7.14
N PRO A 73 8.17 -16.05 7.38
CA PRO A 73 7.12 -16.88 6.76
C PRO A 73 5.67 -16.60 7.22
N ARG A 74 5.46 -15.50 7.96
CA ARG A 74 4.19 -15.06 8.54
C ARG A 74 4.34 -13.57 8.96
N GLY A 75 3.56 -13.12 9.96
CA GLY A 75 3.74 -11.84 10.65
C GLY A 75 3.38 -10.69 9.74
N THR A 76 4.42 -9.96 9.32
CA THR A 76 4.34 -8.94 8.27
C THR A 76 3.72 -9.57 7.03
N LEU A 77 2.47 -9.25 6.73
CA LEU A 77 1.81 -9.60 5.47
C LEU A 77 2.20 -8.64 4.35
N ALA A 78 2.33 -7.37 4.71
CA ALA A 78 2.57 -6.28 3.77
C ALA A 78 3.56 -5.26 4.34
N HIS A 79 4.36 -4.64 3.48
CA HIS A 79 5.39 -3.69 3.89
C HIS A 79 5.90 -2.80 2.73
N ALA A 80 5.49 -1.53 2.74
CA ALA A 80 5.99 -0.45 1.89
C ALA A 80 6.86 0.56 2.66
N PHE A 81 7.52 1.42 1.91
CA PHE A 81 8.38 2.49 2.41
C PHE A 81 7.59 3.76 2.77
N ALA A 82 8.19 4.58 3.63
CA ALA A 82 7.77 5.94 3.88
C ALA A 82 8.02 6.78 2.60
N PRO A 83 7.45 7.98 2.44
CA PRO A 83 7.83 8.89 1.37
C PRO A 83 9.33 9.22 1.43
N GLY A 84 9.92 9.45 0.26
CA GLY A 84 11.31 9.79 0.08
C GLY A 84 11.61 9.87 -1.41
N GLU A 85 12.79 9.40 -1.83
CA GLU A 85 13.26 9.55 -3.22
C GLU A 85 13.61 8.19 -3.84
N GLY A 86 14.69 7.54 -3.37
CA GLY A 86 15.10 6.22 -3.78
C GLY A 86 14.10 5.17 -3.28
N LEU A 87 14.49 4.41 -2.25
CA LEU A 87 13.61 3.43 -1.59
C LEU A 87 12.25 4.02 -1.11
N GLY A 88 12.27 5.30 -0.73
CA GLY A 88 11.07 6.06 -0.41
C GLY A 88 9.95 5.97 -1.45
N GLY A 89 8.73 5.74 -0.99
CA GLY A 89 7.55 5.49 -1.82
C GLY A 89 7.42 4.05 -2.29
N ASP A 90 8.46 3.21 -2.18
CA ASP A 90 8.45 1.89 -2.83
C ASP A 90 7.70 0.82 -2.01
N THR A 91 6.77 0.11 -2.64
CA THR A 91 5.81 -0.80 -1.99
C THR A 91 6.10 -2.26 -2.27
N HIS A 92 6.31 -3.03 -1.20
CA HIS A 92 6.69 -4.45 -1.26
C HIS A 92 5.64 -5.34 -0.56
N PHE A 93 5.39 -6.53 -1.11
CA PHE A 93 4.47 -7.52 -0.55
C PHE A 93 5.17 -8.87 -0.41
N ASP A 94 4.84 -9.58 0.65
CA ASP A 94 5.60 -10.75 1.09
C ASP A 94 5.27 -12.04 0.34
N ASN A 95 6.28 -12.59 -0.35
CA ASN A 95 6.19 -13.75 -1.26
C ASN A 95 6.55 -15.10 -0.58
N ALA A 96 6.83 -15.10 0.73
CA ALA A 96 6.97 -16.30 1.58
C ALA A 96 5.62 -16.94 1.98
N GLU A 97 4.50 -16.33 1.58
CA GLU A 97 3.12 -16.65 1.98
C GLU A 97 2.07 -16.46 0.86
N LYS A 98 0.78 -16.61 1.18
CA LYS A 98 -0.31 -16.67 0.20
C LYS A 98 -0.93 -15.32 -0.13
N TRP A 99 -1.54 -15.29 -1.30
CA TRP A 99 -2.31 -14.16 -1.76
C TRP A 99 -3.63 -14.64 -2.37
N THR A 100 -4.72 -14.25 -1.73
CA THR A 100 -6.09 -14.41 -2.21
C THR A 100 -6.84 -13.07 -2.17
N MET A 101 -8.02 -13.06 -2.79
CA MET A 101 -9.02 -11.99 -2.65
C MET A 101 -10.33 -12.53 -2.04
N GLY A 102 -10.36 -13.81 -1.67
CA GLY A 102 -11.55 -14.57 -1.25
C GLY A 102 -11.50 -15.14 0.17
N THR A 103 -11.06 -14.34 1.16
CA THR A 103 -11.16 -14.64 2.60
C THR A 103 -10.19 -15.77 2.97
N ASN A 104 -10.27 -16.28 4.21
CA ASN A 104 -9.48 -17.39 4.83
C ASN A 104 -8.00 -17.05 4.99
N GLY A 105 -7.33 -16.86 3.86
CA GLY A 105 -5.93 -16.43 3.69
C GLY A 105 -5.74 -14.91 3.86
N PHE A 106 -4.73 -14.37 3.17
CA PHE A 106 -4.35 -12.95 3.26
C PHE A 106 -4.91 -12.21 2.04
N ASN A 107 -5.75 -11.20 2.32
CA ASN A 107 -6.58 -10.53 1.32
C ASN A 107 -5.93 -9.26 0.75
N LEU A 108 -5.61 -9.27 -0.56
CA LEU A 108 -4.77 -8.24 -1.21
C LEU A 108 -5.31 -6.82 -1.04
N PHE A 109 -6.49 -6.47 -1.59
CA PHE A 109 -7.09 -5.12 -1.47
C PHE A 109 -7.01 -4.56 -0.04
N THR A 110 -7.43 -5.37 0.95
CA THR A 110 -7.45 -5.03 2.37
C THR A 110 -6.10 -4.58 2.91
N VAL A 111 -4.99 -5.17 2.46
CA VAL A 111 -3.62 -4.73 2.80
C VAL A 111 -3.05 -3.66 1.84
N ALA A 112 -3.56 -3.59 0.59
CA ALA A 112 -3.07 -2.69 -0.45
C ALA A 112 -3.33 -1.21 -0.14
N ALA A 113 -4.51 -0.89 0.41
CA ALA A 113 -4.80 0.47 0.84
C ALA A 113 -3.88 0.91 1.98
N HIS A 114 -3.64 0.04 2.97
CA HIS A 114 -2.78 0.36 4.10
C HIS A 114 -1.36 0.69 3.62
N GLU A 115 -0.78 -0.07 2.68
CA GLU A 115 0.56 0.21 2.16
C GLU A 115 0.68 1.45 1.26
N PHE A 116 -0.36 1.88 0.54
CA PHE A 116 -0.31 3.21 -0.06
C PHE A 116 -0.08 4.26 1.04
N GLY A 117 -0.84 4.12 2.12
CA GLY A 117 -0.70 4.84 3.39
C GLY A 117 0.74 4.92 3.88
N HIS A 118 1.57 3.89 3.70
CA HIS A 118 2.98 3.98 4.08
C HIS A 118 3.69 4.99 3.16
N ALA A 119 3.52 4.88 1.84
CA ALA A 119 4.15 5.78 0.86
C ALA A 119 3.64 7.22 0.92
N LEU A 120 2.45 7.48 1.48
CA LEU A 120 1.87 8.82 1.71
C LEU A 120 2.62 9.63 2.77
N GLY A 121 3.10 8.94 3.80
CA GLY A 121 3.65 9.50 5.03
C GLY A 121 2.95 8.97 6.29
N LEU A 122 2.03 8.03 6.15
CA LEU A 122 1.39 7.43 7.31
C LEU A 122 2.22 6.24 7.81
N ALA A 123 2.02 5.90 9.08
CA ALA A 123 2.76 4.84 9.79
C ALA A 123 1.83 4.13 10.79
N HIS A 124 2.31 3.10 11.49
CA HIS A 124 1.43 2.23 12.26
C HIS A 124 0.74 2.92 13.44
N SER A 125 -0.58 3.12 13.35
CA SER A 125 -1.37 3.86 14.32
C SER A 125 -1.87 2.97 15.48
N THR A 126 -1.62 3.36 16.75
CA THR A 126 -2.07 2.60 17.94
C THR A 126 -3.57 2.68 18.29
N ASP A 127 -4.39 3.02 17.29
CA ASP A 127 -5.80 3.51 17.40
C ASP A 127 -6.86 2.48 17.00
N PRO A 128 -7.99 2.20 17.70
CA PRO A 128 -8.96 1.13 17.36
C PRO A 128 -9.95 1.42 16.20
N SER A 129 -9.71 2.48 15.40
CA SER A 129 -10.48 2.83 14.18
C SER A 129 -9.63 3.60 13.15
N ALA A 130 -8.36 3.19 13.10
CA ALA A 130 -7.38 3.51 12.08
C ALA A 130 -7.14 2.23 11.28
N LEU A 131 -6.96 2.32 9.97
CA LEU A 131 -6.52 1.16 9.15
C LEU A 131 -5.05 0.84 9.38
N MET A 132 -4.27 1.89 9.65
CA MET A 132 -2.83 1.75 9.80
C MET A 132 -2.50 1.05 11.13
N TYR A 133 -3.53 0.67 11.88
CA TYR A 133 -3.31 -0.27 13.01
C TYR A 133 -2.29 -1.42 12.73
N PRO A 134 -1.25 -1.66 13.58
CA PRO A 134 -0.27 -2.73 13.36
C PRO A 134 -0.87 -4.09 13.75
N THR A 135 -1.82 -4.58 12.94
CA THR A 135 -2.41 -5.92 12.96
C THR A 135 -3.37 -6.06 11.80
N TYR A 136 -3.34 -7.22 11.15
CA TYR A 136 -4.32 -7.62 10.16
C TYR A 136 -5.73 -7.78 10.76
N LYS A 137 -6.68 -7.07 10.16
CA LYS A 137 -8.12 -7.23 10.37
C LYS A 137 -8.85 -7.35 9.03
N TYR A 138 -9.87 -8.20 9.00
CA TYR A 138 -10.65 -8.46 7.77
C TYR A 138 -11.73 -7.41 7.55
N LYS A 139 -11.46 -6.46 6.65
CA LYS A 139 -12.48 -5.53 6.17
C LYS A 139 -13.19 -6.16 4.97
N ASN A 140 -14.50 -6.07 4.96
CA ASN A 140 -15.36 -6.53 3.87
C ASN A 140 -14.98 -5.76 2.57
N PRO A 141 -14.49 -6.44 1.51
CA PRO A 141 -13.89 -5.79 0.34
C PRO A 141 -14.92 -5.27 -0.66
N TYR A 142 -16.11 -4.84 -0.22
CA TYR A 142 -17.28 -4.51 -1.06
C TYR A 142 -17.36 -3.00 -1.33
N GLY A 143 -16.18 -2.36 -1.47
CA GLY A 143 -16.03 -0.93 -1.77
C GLY A 143 -15.60 -0.05 -0.58
N PHE A 144 -15.11 -0.65 0.51
CA PHE A 144 -14.80 0.10 1.73
C PHE A 144 -13.72 1.17 1.49
N HIS A 145 -14.05 2.43 1.81
CA HIS A 145 -13.07 3.48 1.93
C HIS A 145 -12.37 3.39 3.30
N LEU A 146 -11.59 4.39 3.70
CA LEU A 146 -10.86 4.33 4.98
C LEU A 146 -11.80 4.28 6.19
N PRO A 147 -11.38 3.65 7.31
CA PRO A 147 -12.10 3.72 8.58
C PRO A 147 -12.31 5.18 9.00
N LYS A 148 -11.23 5.95 9.27
CA LYS A 148 -11.33 7.27 9.93
C LYS A 148 -10.00 7.98 10.12
N ASP A 149 -9.14 7.43 10.98
CA ASP A 149 -7.94 8.12 11.47
C ASP A 149 -6.99 8.49 10.32
N ASP A 150 -6.97 7.62 9.33
CA ASP A 150 -6.35 7.70 8.04
C ASP A 150 -6.64 9.04 7.35
N VAL A 151 -7.91 9.46 7.39
CA VAL A 151 -8.45 10.59 6.63
C VAL A 151 -7.90 11.90 7.19
N LYS A 152 -7.87 12.07 8.54
CA LYS A 152 -7.22 13.23 9.14
C LYS A 152 -5.67 13.17 9.05
N GLY A 153 -5.05 11.99 8.91
CA GLY A 153 -3.61 11.91 8.68
C GLY A 153 -3.22 12.30 7.26
N ILE A 154 -3.83 11.71 6.23
CA ILE A 154 -3.59 12.09 4.83
C ILE A 154 -4.03 13.53 4.46
N GLN A 155 -5.19 13.99 4.94
CA GLN A 155 -5.66 15.32 4.55
C GLN A 155 -4.83 16.44 5.18
N ALA A 156 -4.06 16.16 6.24
CA ALA A 156 -3.06 17.10 6.75
C ALA A 156 -1.89 17.34 5.77
N LEU A 157 -1.69 16.45 4.78
CA LEU A 157 -0.52 16.44 3.87
C LEU A 157 -0.83 17.08 2.50
N TYR A 158 -2.06 16.93 2.02
CA TYR A 158 -2.50 17.43 0.70
C TYR A 158 -3.61 18.49 0.81
N GLY A 159 -4.48 18.40 1.83
CA GLY A 159 -5.56 19.35 2.08
C GLY A 159 -6.89 19.11 1.33
N PRO A 160 -8.05 19.28 2.01
CA PRO A 160 -9.42 19.26 1.45
C PRO A 160 -10.00 20.63 1.03
CA CA B . 6.21 -12.03 5.78
CA CA C . 10.93 5.92 -5.17
ZN ZN D . 11.07 -3.87 1.66
ZN ZN E . 1.80 -1.13 8.02
C1 NGH F . -0.44 -5.89 7.33
C2 NGH F . -1.64 -5.31 6.97
C3 NGH F . -2.42 -4.67 7.93
C4 NGH F . -1.98 -4.63 9.25
C5 NGH F . -0.78 -5.23 9.62
C6 NGH F . 0.01 -5.85 8.65
O1 NGH F . -3.60 -4.10 7.53
C7 NGH F . -4.58 -3.64 8.49
S1 NGH F . 1.64 -6.46 8.99
O2 NGH F . 2.22 -6.72 7.68
O3 NGH F . 1.61 -7.56 9.95
N NGH F . 2.64 -5.32 9.65
C9 NGH F . 2.46 -4.78 11.03
C10 NGH F . 3.05 -4.27 8.73
C11 NGH F . 1.88 -3.40 8.34
N1 NGH F . 1.59 -3.29 7.04
O4 NGH F . 0.56 -2.62 6.80
O5 NGH F . 1.13 -2.90 9.15
C12 NGH F . 2.97 -5.79 12.07
C13 NGH F . 1.80 -6.43 12.84
C14 NGH F . 3.97 -5.13 13.03
H1 NGH F . 0.17 -6.34 6.54
H2 NGH F . -1.92 -5.34 5.92
H4 NGH F . -2.56 -4.11 10.01
H5 NGH F . -0.42 -5.18 10.64
H71 NGH F . -4.90 -4.48 9.11
H72 NGH F . -5.44 -3.22 7.94
H73 NGH F . -4.14 -2.86 9.12
H91 NGH F . 1.45 -4.45 11.25
H92 NGH F . 3.09 -3.88 11.13
H101 NGH F . 3.48 -4.73 7.85
H102 NGH F . 3.85 -3.69 9.18
HN1 NGH F . 2.16 -3.67 6.27
H12 NGH F . 3.51 -6.54 11.51
H131 NGH F . 0.96 -6.69 12.19
H132 NGH F . 1.42 -5.72 13.58
H133 NGH F . 2.12 -7.32 13.38
H141 NGH F . 4.81 -4.71 12.46
H142 NGH F . 4.38 -5.86 13.74
H143 NGH F . 3.50 -4.32 13.58
#